data_8XUZ
#
_entry.id   8XUZ
#
_cell.length_a   1.00
_cell.length_b   1.00
_cell.length_c   1.00
_cell.angle_alpha   90.00
_cell.angle_beta   90.00
_cell.angle_gamma   90.00
#
_symmetry.space_group_name_H-M   'P 1'
#
loop_
_entity.id
_entity.type
_entity.pdbx_description
1 polymer 'Spike glycoprotein'
2 polymer 'Processed angiotensin-converting enzyme 2'
3 branched 2-acetamido-2-deoxy-beta-D-glucopyranose-(1-4)-2-acetamido-2-deoxy-beta-D-glucopyranose
4 branched beta-D-mannopyranose-(1-4)-2-acetamido-2-deoxy-beta-D-glucopyranose-(1-4)-2-acetamido-2-deoxy-beta-D-glucopyranose
5 branched 2-acetamido-2-deoxy-beta-D-glucopyranose-(1-4)-2-acetamido-2-deoxy-beta-D-glucopyranose-(1-4)-2-acetamido-2-deoxy-beta-D-glucopyranose
6 branched alpha-D-mannopyranose-(1-3)-[alpha-D-mannopyranose-(1-6)]beta-D-mannopyranose-(1-4)-2-acetamido-2-deoxy-beta-D-glucopyranose-(1-4)-2-acetamido-2-deoxy-beta-D-glucopyranose
7 non-polymer 2-acetamido-2-deoxy-beta-D-glucopyranose
#
loop_
_entity_poly.entity_id
_entity_poly.type
_entity_poly.pdbx_seq_one_letter_code
_entity_poly.pdbx_strand_id
1 'polypeptide(L)'
;SSQCVMPLFNLITTTQSYTNSFTRGVYYPDKVFRSSVLHLTQDLFLPFFSNVTWFHAISGTNGTKRFDNPVLPFNDGVYF
ASTEKSNIIRGWIFGTTLDSKTQSLLIVNNATNVFIKVCEFQFCNDPFLDVYHKNNKSWMESESGVYSSANNCTFEYVSQ
PFLMDLEGKQGNFKNLREFVFKNIDGYFKIYSKHTPIIGRDFPQGFSALEPLVDLPIGINITRFQTLLALNRSYLTPGDS
SSGWTAGAADYYVGYLQPRTFLLKYNENGTITDAVDCALDPLSETKCTLKSFTVEKGIYQTSNFRVQPTESIVRFPNVTN
LCPFHEVFNATRFASVYAWNRTRISNCVADYSVLYNFAPFFAFKCYGVSPTKLNDLCFTNVYADSFVIKGNEVSQIAPGQ
TGNIADYNYKLPDDFTGCVIAWNSNKLDSKHSGNYDYWYRLFRKSKLKPFERDISTEIYQAGNKPCKGKGPNCYFPLQSY
GFRPTYGVGHQPYRVVVLSFELLHAPATVCGPKKSTNLVKNKCVNFNFNGLTGTGVLTKSNKKFLPFQQFGRDIVDTTDA
VRDPQTLEILDITPCSFGGVSVITPGTNTSNQVAVLYQGVNCTEVSVAIHADQLTPTWRVYSTGSNVFQTRAGCLIGAEY
VNNSYECDIPIGAGICASYQTQTKSRGSAGSVASQSIIAYTMSLGAENSVAYSNNSIAIPTNFTISVTTEILPVSMTKTS
VDCTMYICGDSTECSNLLLQYGSFCTQLKRALTGIAVEQDKNTQEVFAQVKQIYKTPPIKYFGGFNFSQILPDPSKPSKR
SPIEDLLFNKVTLADAGFIKQYGDCLGDIAARDLICAQKFNGLTVLPPLLTDEMIAQYTSALLAGTITSGWTFGAGPALQ
IPFPMQMAYRFNGIGVTQNVLYENQKLIANQFNSAIGKIQDSLFSTPSALGKLQDVVNHNAQALNTLVKQLSSKFGAISS
VLNDILSRLDPPEAEVQIDRLITGRLQSLQTYVTQQLIRAAEIRASANLAATKMSECVLGQSKRVDFCGKGYHLMSFPQS
APHGVVFLHVTYVPAQEKNFTTAPAICHDGKAHFPREGVFVSNGTHWFVTQRNFYEPQIITTDNTFVSGNCDVVIGIVNN
TVYDPLQLELDSFKEELDKYFKNHTSPDVDLGDISGINASVVNIQKEIDRLNEVAKNLNESLIDLQELGKYEQYIASSGY
IPEAPRDGQAYVRKDGEWVLLSTFLEGTKHHHHHH
;
A,B,C
2 'polypeptide(L)'
;STIEEQAKTFLDKFNHEAEDLFYQSSLASWNYNTNITEENVQNMNNAGDKWSAFLKEQSTLAQMYPLQEIQNLTVKLQLQ
ALQQNGSSVLSEDKSKRLNTILNTMSTIYSTGKVCNPDNPQECLLLEPGLNEIMANSLDYNERLWAWESWRSEVGKQLRP
LYEEYVVLKNEMARANHYEDYGDYWRGDYEVNGVDGYDYSRGQLIEDVEHTFEEIKPLYEHLHAYVRAKLMNAYPSYISP
IGCLPAHLLGDMWGRFWTNLYSLTVPFGQKPNIDVTDAMVDQAWDAQRIFKEAEKFFVSVGLPNMTQGFWENSMLTDPGN
VQKAVCHPTAWDLGKGDFRILMCTKVTMDDFLTAHHEMGHIQYDMAYAAQPFLLRNGANEGFHEAVGEIMSLSAATPKHL
KSIGLLSPDFQEDNETEINFLLKQALTIVGTLPFTYMLEKWRWMVFKGEIPKDQWMKKWWEMKREIVGVVEPVPHDETYC
DPASLFHVSNDYSFIRYYTRTLYQFQFQEALCQAAKHEGPLHKCDISNSTEAGQKLFNMLRLGKSEPWTLALENVVGAKN
MNVRPLLNYFEPLFTWLKDQNKNSFVGWSTDWSPYADQSGTKHHHHHH
;
L
#
# COMPACT_ATOMS: atom_id res chain seq x y z
N THR A 15 6.62 42.86 43.43
CA THR A 15 6.91 43.62 42.22
C THR A 15 7.07 42.69 41.03
N GLN A 16 6.64 43.16 39.85
CA GLN A 16 6.71 42.37 38.63
C GLN A 16 7.29 43.19 37.51
N SER A 17 8.03 42.53 36.62
CA SER A 17 8.61 43.15 35.44
C SER A 17 8.70 42.08 34.35
N TYR A 18 9.42 42.39 33.28
CA TYR A 18 9.58 41.46 32.17
C TYR A 18 10.98 41.58 31.60
N THR A 19 11.59 40.43 31.33
CA THR A 19 12.92 40.36 30.74
C THR A 19 12.92 39.31 29.63
N ASN A 20 13.83 39.48 28.69
CA ASN A 20 13.95 38.51 27.60
C ASN A 20 14.50 37.19 28.10
N SER A 21 13.94 36.09 27.61
CA SER A 21 14.37 34.77 28.04
C SER A 21 15.67 34.33 27.40
N PHE A 22 16.06 34.94 26.29
CA PHE A 22 17.33 34.65 25.59
C PHE A 22 17.30 33.18 25.16
N THR A 23 18.41 32.46 25.31
CA THR A 23 18.51 31.09 24.81
C THR A 23 18.78 30.11 25.95
N ARG A 24 18.04 30.24 27.05
CA ARG A 24 18.24 29.41 28.22
C ARG A 24 17.00 28.54 28.45
N GLY A 25 17.23 27.35 29.00
CA GLY A 25 16.14 26.45 29.30
C GLY A 25 16.20 25.14 28.51
N VAL A 26 17.40 24.68 28.20
CA VAL A 26 17.61 23.45 27.45
C VAL A 26 18.11 22.37 28.40
N TYR A 27 17.49 21.19 28.34
CA TYR A 27 17.83 20.07 29.18
C TYR A 27 17.95 18.81 28.35
N TYR A 28 18.65 17.82 28.89
CA TYR A 28 18.80 16.53 28.21
C TYR A 28 17.46 15.82 28.17
N PRO A 29 16.93 15.48 27.00
CA PRO A 29 15.60 14.84 26.95
C PRO A 29 15.59 13.39 27.37
N ASP A 30 16.73 12.72 27.40
CA ASP A 30 16.79 11.30 27.76
C ASP A 30 18.22 10.97 28.15
N LYS A 31 18.49 9.68 28.37
CA LYS A 31 19.81 9.20 28.77
C LYS A 31 20.52 8.45 27.66
N VAL A 32 20.12 8.66 26.41
CA VAL A 32 20.70 7.96 25.27
C VAL A 32 21.94 8.71 24.80
N PHE A 33 23.07 8.01 24.75
CA PHE A 33 24.31 8.60 24.29
C PHE A 33 24.30 8.79 22.78
N ARG A 34 24.84 9.92 22.34
CA ARG A 34 24.98 10.23 20.91
C ARG A 34 26.32 10.92 20.70
N SER A 35 26.89 10.73 19.51
CA SER A 35 28.22 11.25 19.20
C SER A 35 28.18 11.94 17.84
N SER A 36 28.44 13.24 17.83
CA SER A 36 28.49 14.05 16.62
C SER A 36 27.20 13.90 15.81
N VAL A 37 26.09 14.18 16.48
CA VAL A 37 24.77 14.04 15.89
C VAL A 37 24.07 15.39 15.93
N LEU A 38 23.15 15.60 14.98
CA LEU A 38 22.32 16.79 14.94
C LEU A 38 20.87 16.39 15.17
N HIS A 39 20.65 15.55 16.18
CA HIS A 39 19.34 14.94 16.41
C HIS A 39 18.25 16.00 16.60
N LEU A 40 17.08 15.72 16.03
CA LEU A 40 15.93 16.60 16.10
C LEU A 40 14.88 16.00 17.02
N THR A 41 14.49 16.74 18.05
CA THR A 41 13.56 16.26 19.05
C THR A 41 12.31 17.13 19.07
N GLN A 42 11.17 16.47 19.34
CA GLN A 42 9.89 17.15 19.51
C GLN A 42 9.42 16.90 20.93
N ASP A 43 9.51 17.92 21.78
CA ASP A 43 9.18 17.78 23.20
C ASP A 43 8.87 19.16 23.75
N LEU A 44 8.54 19.19 25.04
CA LEU A 44 8.24 20.46 25.72
C LEU A 44 9.52 21.20 26.04
N PHE A 45 9.55 22.49 25.73
CA PHE A 45 10.72 23.33 25.98
C PHE A 45 10.26 24.73 26.34
N LEU A 46 11.22 25.61 26.59
CA LEU A 46 10.94 27.02 26.82
C LEU A 46 11.27 27.79 25.55
N PRO A 47 10.29 28.38 24.88
CA PRO A 47 10.56 29.03 23.58
C PRO A 47 11.59 30.14 23.72
N PHE A 48 12.43 30.27 22.70
CA PHE A 48 13.48 31.27 22.70
C PHE A 48 12.88 32.68 22.66
N PHE A 49 13.50 33.58 23.42
CA PHE A 49 13.10 34.99 23.46
C PHE A 49 11.62 35.13 23.84
N SER A 50 11.30 34.65 25.04
CA SER A 50 9.96 34.74 25.59
C SER A 50 9.96 35.68 26.79
N ASN A 51 8.80 35.83 27.41
CA ASN A 51 8.63 36.72 28.56
C ASN A 51 8.68 35.89 29.83
N VAL A 52 9.63 36.21 30.70
CA VAL A 52 9.75 35.58 32.02
C VAL A 52 9.45 36.63 33.08
N THR A 53 8.53 36.30 33.98
CA THR A 53 8.10 37.26 35.00
C THR A 53 9.16 37.33 36.10
N TRP A 54 9.78 38.50 36.24
CA TRP A 54 10.84 38.72 37.22
C TRP A 54 10.19 39.16 38.53
N PHE A 55 10.13 38.25 39.50
CA PHE A 55 9.61 38.55 40.84
C PHE A 55 10.80 38.98 41.70
N HIS A 56 10.95 40.28 41.89
CA HIS A 56 12.06 40.85 42.63
C HIS A 56 11.55 41.74 43.76
N ALA A 57 12.21 41.63 44.91
CA ALA A 57 11.91 42.47 46.08
C ALA A 57 10.45 42.34 46.51
N ILE A 58 10.09 41.14 46.92
CA ILE A 58 8.76 40.84 47.46
C ILE A 58 8.94 40.45 48.92
N SER A 59 8.28 41.20 49.81
CA SER A 59 8.39 40.96 51.24
C SER A 59 7.12 40.42 51.87
N GLY A 60 5.95 40.77 51.36
CA GLY A 60 4.69 40.28 51.89
C GLY A 60 4.41 40.77 53.29
N PRO A 70 2.81 34.83 45.08
CA PRO A 70 1.40 35.19 45.02
C PRO A 70 0.53 33.95 44.77
N VAL A 71 0.29 33.65 43.50
CA VAL A 71 -0.49 32.48 43.09
C VAL A 71 0.33 31.53 42.24
N LEU A 72 0.91 32.03 41.14
CA LEU A 72 1.74 31.26 40.22
C LEU A 72 1.03 29.99 39.76
N PRO A 73 0.03 30.11 38.88
CA PRO A 73 -0.68 28.91 38.42
C PRO A 73 0.27 27.92 37.75
N PHE A 74 -0.01 26.64 37.96
CA PHE A 74 0.82 25.56 37.43
C PHE A 74 0.21 24.98 36.16
N ASN A 75 1.06 24.75 35.17
CA ASN A 75 0.65 24.16 33.90
C ASN A 75 1.51 22.94 33.61
N ASP A 76 1.47 22.43 32.37
CA ASP A 76 2.21 21.22 32.03
C ASP A 76 3.69 21.33 32.35
N GLY A 77 4.25 22.54 32.31
CA GLY A 77 5.64 22.73 32.66
C GLY A 77 5.90 24.15 33.11
N VAL A 78 6.87 24.31 34.01
CA VAL A 78 7.27 25.60 34.55
C VAL A 78 8.78 25.68 34.55
N TYR A 79 9.29 26.85 34.94
CA TYR A 79 10.72 27.13 34.97
C TYR A 79 11.04 27.88 36.26
N PHE A 80 12.31 27.80 36.67
CA PHE A 80 12.73 28.48 37.89
C PHE A 80 14.24 28.69 37.85
N ALA A 81 14.68 29.86 38.29
CA ALA A 81 16.10 30.17 38.38
C ALA A 81 16.30 31.26 39.42
N SER A 82 17.40 31.17 40.16
CA SER A 82 17.70 32.15 41.19
C SER A 82 19.20 32.15 41.45
N THR A 83 19.67 33.23 42.08
CA THR A 83 21.09 33.39 42.37
C THR A 83 21.38 33.95 43.75
N GLU A 84 20.37 34.17 44.59
CA GLU A 84 20.60 34.76 45.90
C GLU A 84 21.25 33.75 46.84
N LYS A 85 22.08 34.27 47.75
CA LYS A 85 22.77 33.46 48.74
C LYS A 85 22.12 33.53 50.11
N SER A 86 20.96 34.20 50.23
CA SER A 86 20.31 34.34 51.53
C SER A 86 19.71 33.04 52.02
N ASN A 87 19.52 32.06 51.14
CA ASN A 87 19.00 30.73 51.48
C ASN A 87 17.58 30.79 52.03
N ILE A 88 16.94 31.97 51.94
CA ILE A 88 15.55 32.07 52.36
C ILE A 88 14.62 31.42 51.36
N ILE A 89 15.09 31.15 50.15
CA ILE A 89 14.30 30.48 49.12
C ILE A 89 14.55 28.98 49.21
N ARG A 90 13.48 28.21 49.37
CA ARG A 90 13.59 26.76 49.53
C ARG A 90 12.18 26.17 49.49
N GLY A 91 12.10 24.94 48.99
CA GLY A 91 10.85 24.20 49.02
C GLY A 91 9.78 24.69 48.07
N TRP A 92 8.88 23.79 47.69
CA TRP A 92 7.78 24.13 46.80
C TRP A 92 6.56 23.31 47.21
N ILE A 93 5.38 23.83 46.85
CA ILE A 93 4.11 23.17 47.16
C ILE A 93 3.35 22.96 45.86
N PHE A 94 2.76 21.78 45.71
CA PHE A 94 1.95 21.45 44.55
C PHE A 94 0.63 20.83 45.00
N GLY A 95 -0.42 21.11 44.25
CA GLY A 95 -1.73 20.61 44.60
C GLY A 95 -2.79 21.19 43.69
N THR A 96 -4.05 20.88 44.03
CA THR A 96 -5.20 21.33 43.25
C THR A 96 -5.87 22.54 43.88
N THR A 97 -6.30 22.44 45.14
CA THR A 97 -6.98 23.52 45.81
C THR A 97 -6.29 23.95 47.11
N LEU A 98 -5.17 23.32 47.47
CA LEU A 98 -4.40 23.68 48.66
C LEU A 98 -5.26 23.58 49.92
N ASP A 99 -6.14 22.58 49.95
CA ASP A 99 -7.11 22.41 51.02
C ASP A 99 -6.99 21.00 51.58
N SER A 100 -7.75 20.74 52.65
CA SER A 100 -7.76 19.44 53.31
C SER A 100 -8.68 18.44 52.62
N LYS A 101 -9.40 18.86 51.58
CA LYS A 101 -10.28 17.96 50.83
C LYS A 101 -9.61 17.35 49.61
N THR A 102 -8.41 17.80 49.24
CA THR A 102 -7.69 17.28 48.09
C THR A 102 -6.23 17.09 48.44
N GLN A 103 -5.64 16.01 47.92
CA GLN A 103 -4.24 15.71 48.20
C GLN A 103 -3.32 16.74 47.53
N SER A 104 -2.26 17.11 48.25
CA SER A 104 -1.30 18.09 47.77
C SER A 104 0.11 17.56 47.98
N LEU A 105 0.98 17.80 47.01
CA LEU A 105 2.37 17.37 47.07
C LEU A 105 3.22 18.52 47.62
N LEU A 106 3.87 18.28 48.76
CA LEU A 106 4.72 19.26 49.41
C LEU A 106 6.16 18.76 49.37
N ILE A 107 7.06 19.57 48.81
CA ILE A 107 8.47 19.24 48.71
C ILE A 107 9.26 20.33 49.43
N VAL A 108 10.05 19.94 50.42
CA VAL A 108 10.91 20.86 51.15
C VAL A 108 12.33 20.31 51.09
N ASN A 109 13.24 21.08 50.52
CA ASN A 109 14.64 20.71 50.39
C ASN A 109 15.43 21.49 51.44
N ASN A 110 15.49 20.94 52.65
CA ASN A 110 16.21 21.60 53.73
C ASN A 110 17.68 21.16 53.71
N ALA A 111 18.42 21.49 54.77
CA ALA A 111 19.88 21.34 54.74
C ALA A 111 20.30 19.88 54.62
N THR A 112 19.66 18.98 55.34
CA THR A 112 20.16 17.62 55.45
C THR A 112 19.53 16.65 54.45
N ASN A 113 18.25 16.80 54.16
CA ASN A 113 17.55 15.88 53.26
C ASN A 113 16.43 16.64 52.57
N VAL A 114 15.48 15.90 51.99
CA VAL A 114 14.32 16.48 51.34
C VAL A 114 13.08 15.73 51.81
N PHE A 115 12.01 16.48 52.11
CA PHE A 115 10.74 15.91 52.56
C PHE A 115 9.76 15.88 51.41
N ILE A 116 9.19 14.70 51.15
CA ILE A 116 8.16 14.52 50.14
C ILE A 116 7.00 13.78 50.77
N LYS A 117 5.80 14.35 50.69
CA LYS A 117 4.61 13.71 51.25
C LYS A 117 3.39 14.15 50.47
N VAL A 118 2.36 13.30 50.51
CA VAL A 118 1.08 13.57 49.88
C VAL A 118 0.04 13.55 50.99
N CYS A 119 -0.39 14.73 51.43
CA CYS A 119 -1.27 14.85 52.57
C CYS A 119 -2.31 15.94 52.32
N GLU A 120 -3.41 15.86 53.07
CA GLU A 120 -4.49 16.83 52.99
C GLU A 120 -4.56 17.60 54.30
N PHE A 121 -4.49 18.93 54.22
CA PHE A 121 -4.60 19.77 55.39
C PHE A 121 -4.95 21.19 54.95
N GLN A 122 -5.38 22.00 55.91
CA GLN A 122 -5.75 23.38 55.66
C GLN A 122 -4.56 24.33 55.66
N PHE A 123 -3.34 23.80 55.84
CA PHE A 123 -2.12 24.60 55.92
C PHE A 123 -2.20 25.60 57.08
N CYS A 124 -1.36 26.62 57.05
CA CYS A 124 -1.34 27.68 58.05
C CYS A 124 -1.85 28.97 57.43
N ASN A 125 -1.76 30.07 58.19
CA ASN A 125 -2.16 31.36 57.67
C ASN A 125 -1.37 31.73 56.42
N ASP A 126 -0.06 31.50 56.44
CA ASP A 126 0.79 31.62 55.27
C ASP A 126 1.82 30.50 55.35
N PRO A 127 1.91 29.64 54.33
CA PRO A 127 2.88 28.55 54.38
C PRO A 127 4.31 29.05 54.42
N PHE A 128 5.00 28.83 55.55
CA PHE A 128 6.36 29.32 55.73
C PHE A 128 7.08 28.43 56.73
N LEU A 129 8.41 28.38 56.60
CA LEU A 129 9.24 27.61 57.52
C LEU A 129 9.61 28.51 58.69
N ASP A 130 9.09 28.18 59.87
CA ASP A 130 9.29 28.99 61.07
C ASP A 130 10.71 28.77 61.59
N VAL A 131 11.65 29.51 61.01
CA VAL A 131 13.05 29.42 61.40
C VAL A 131 13.26 30.03 62.78
N GLU A 141 12.91 26.33 62.56
CA GLU A 141 12.78 25.48 61.39
C GLU A 141 11.56 24.57 61.53
N SER A 142 10.48 25.14 62.07
CA SER A 142 9.27 24.37 62.33
C SER A 142 8.54 24.11 61.02
N GLU A 143 8.58 22.86 60.56
CA GLU A 143 7.81 22.47 59.38
C GLU A 143 6.32 22.56 59.63
N SER A 144 5.89 22.54 60.89
CA SER A 144 4.48 22.73 61.21
C SER A 144 3.98 24.13 60.94
N GLY A 145 4.88 25.07 60.65
CA GLY A 145 4.47 26.40 60.24
C GLY A 145 3.89 26.47 58.84
N VAL A 146 3.95 25.37 58.09
CA VAL A 146 3.36 25.29 56.76
C VAL A 146 2.04 24.53 56.86
N TYR A 147 2.10 23.30 57.36
CA TYR A 147 0.92 22.44 57.46
C TYR A 147 0.41 22.42 58.90
N SER A 148 -0.92 22.39 59.04
CA SER A 148 -1.54 22.39 60.36
C SER A 148 -1.77 20.98 60.88
N SER A 149 -2.23 20.06 60.03
CA SER A 149 -2.54 18.71 60.46
C SER A 149 -2.23 17.77 59.30
N ALA A 150 -2.74 16.54 59.37
CA ALA A 150 -2.49 15.54 58.35
C ALA A 150 -3.73 14.67 58.17
N ASN A 151 -3.64 13.74 57.21
CA ASN A 151 -4.72 12.82 56.89
C ASN A 151 -4.07 11.48 56.58
N ASN A 152 -4.79 10.59 55.90
CA ASN A 152 -4.17 9.36 55.42
C ASN A 152 -2.97 9.70 54.55
N CYS A 153 -1.77 9.38 55.03
CA CYS A 153 -0.51 9.83 54.44
C CYS A 153 0.45 8.65 54.29
N THR A 154 -0.05 7.58 53.67
CA THR A 154 0.74 6.34 53.55
C THR A 154 2.08 6.59 52.87
N PHE A 155 2.10 7.41 51.83
CA PHE A 155 3.34 7.67 51.11
C PHE A 155 4.17 8.73 51.82
N GLU A 156 5.48 8.49 51.90
CA GLU A 156 6.43 9.45 52.46
C GLU A 156 7.82 9.05 52.00
N TYR A 157 8.53 9.99 51.38
CA TYR A 157 9.82 9.71 50.75
C TYR A 157 10.85 10.75 51.20
N VAL A 158 12.06 10.29 51.45
CA VAL A 158 13.17 11.15 51.87
C VAL A 158 14.37 10.82 50.99
N SER A 159 15.05 11.85 50.49
CA SER A 159 16.18 11.66 49.60
C SER A 159 17.23 12.74 49.87
N GLN A 160 18.27 12.75 49.04
CA GLN A 160 19.38 13.69 49.20
C GLN A 160 18.93 15.10 48.81
N PRO A 161 19.27 16.10 49.62
CA PRO A 161 18.79 17.46 49.33
C PRO A 161 19.44 18.03 48.08
N PHE A 162 18.68 18.90 47.41
CA PHE A 162 19.16 19.49 46.16
C PHE A 162 20.33 20.44 46.38
N LEU A 163 20.36 21.12 47.53
CA LEU A 163 21.49 21.99 47.84
C LEU A 163 22.74 21.15 48.06
N MET A 164 23.87 21.68 47.58
CA MET A 164 25.14 20.97 47.72
C MET A 164 26.32 21.95 47.80
N LYS A 174 27.22 35.27 42.52
CA LYS A 174 28.44 34.52 42.23
C LYS A 174 28.12 33.20 41.54
N ASN A 175 26.96 32.63 41.88
CA ASN A 175 26.51 31.38 41.30
C ASN A 175 25.05 31.49 40.90
N LEU A 176 24.66 30.72 39.90
CA LEU A 176 23.29 30.68 39.41
C LEU A 176 22.74 29.26 39.49
N ARG A 177 21.52 29.14 39.98
CA ARG A 177 20.85 27.85 40.14
C ARG A 177 19.64 27.82 39.21
N GLU A 178 19.59 26.81 38.33
CA GLU A 178 18.49 26.64 37.40
C GLU A 178 17.77 25.33 37.69
N PHE A 179 16.44 25.35 37.56
CA PHE A 179 15.62 24.17 37.81
C PHE A 179 14.50 24.11 36.78
N VAL A 180 14.06 22.88 36.49
CA VAL A 180 12.92 22.64 35.62
C VAL A 180 12.01 21.64 36.31
N PHE A 181 10.75 22.03 36.53
CA PHE A 181 9.77 21.18 37.20
C PHE A 181 8.65 20.87 36.21
N LYS A 182 8.54 19.62 35.80
CA LYS A 182 7.46 19.17 34.92
C LYS A 182 6.92 17.84 35.42
N ASN A 183 5.63 17.62 35.18
CA ASN A 183 4.94 16.41 35.62
C ASN A 183 4.26 15.79 34.40
N ILE A 184 4.75 14.64 33.95
CA ILE A 184 4.25 13.95 32.79
C ILE A 184 3.84 12.55 33.20
N ASP A 185 2.64 12.12 32.76
CA ASP A 185 2.04 10.82 33.06
C ASP A 185 2.25 10.41 34.50
N GLY A 186 2.11 11.35 35.43
CA GLY A 186 2.32 11.11 36.84
C GLY A 186 3.75 11.22 37.30
N TYR A 187 4.70 10.83 36.46
CA TYR A 187 6.11 10.88 36.84
C TYR A 187 6.56 12.32 37.03
N PHE A 188 7.21 12.59 38.16
CA PHE A 188 7.71 13.91 38.49
C PHE A 188 9.21 13.95 38.21
N LYS A 189 9.61 14.80 37.27
CA LYS A 189 11.00 14.92 36.86
C LYS A 189 11.52 16.31 37.22
N ILE A 190 12.71 16.36 37.80
CA ILE A 190 13.34 17.60 38.20
C ILE A 190 14.73 17.65 37.58
N TYR A 191 14.96 18.64 36.71
CA TYR A 191 16.26 18.87 36.11
C TYR A 191 16.89 20.10 36.73
N SER A 192 18.19 20.03 37.01
CA SER A 192 18.86 21.12 37.70
C SER A 192 20.31 21.20 37.26
N LYS A 193 20.90 22.39 37.47
CA LYS A 193 22.31 22.62 37.18
C LYS A 193 22.75 23.85 37.95
N HIS A 194 23.98 23.82 38.45
CA HIS A 194 24.58 24.93 39.17
C HIS A 194 25.73 25.49 38.36
N THR A 195 25.69 26.80 38.09
CA THR A 195 26.71 27.47 37.31
C THR A 195 27.15 28.75 38.00
N PRO A 196 28.43 29.12 37.86
CA PRO A 196 28.89 30.38 38.45
C PRO A 196 28.42 31.59 37.68
N ILE A 197 27.52 32.37 38.28
CA ILE A 197 27.00 33.56 37.62
C ILE A 197 27.98 34.72 37.77
N ILE A 198 27.81 35.72 36.91
CA ILE A 198 28.59 36.95 36.96
C ILE A 198 27.64 38.08 37.33
N GLY A 199 28.01 38.86 38.35
CA GLY A 199 27.12 39.89 38.83
C GLY A 199 25.90 39.30 39.50
N ARG A 200 24.76 39.99 39.34
CA ARG A 200 23.50 39.55 39.90
C ARG A 200 22.35 39.60 38.91
N ASP A 201 22.57 40.08 37.69
CA ASP A 201 21.53 40.16 36.69
C ASP A 201 21.51 38.89 35.85
N PHE A 202 20.51 38.77 34.98
CA PHE A 202 20.38 37.58 34.14
C PHE A 202 21.45 37.61 33.06
N PRO A 203 22.34 36.62 32.99
CA PRO A 203 23.42 36.65 32.00
C PRO A 203 23.04 35.99 30.68
N GLN A 204 23.99 35.93 29.76
CA GLN A 204 23.87 35.23 28.50
C GLN A 204 24.74 33.97 28.52
N GLY A 205 24.79 33.27 27.41
CA GLY A 205 25.54 32.04 27.28
C GLY A 205 24.62 30.83 27.19
N PHE A 206 25.25 29.68 26.96
CA PHE A 206 24.54 28.42 26.78
C PHE A 206 24.99 27.41 27.83
N SER A 207 24.01 26.71 28.41
CA SER A 207 24.29 25.67 29.38
C SER A 207 23.09 24.73 29.44
N ALA A 208 23.35 23.43 29.37
CA ALA A 208 22.30 22.42 29.40
C ALA A 208 22.15 21.85 30.80
N LEU A 209 20.94 21.39 31.11
CA LEU A 209 20.59 20.91 32.45
C LEU A 209 20.48 19.39 32.43
N GLU A 210 21.13 18.75 33.40
CA GLU A 210 21.11 17.30 33.55
C GLU A 210 19.99 16.87 34.49
N PRO A 211 19.34 15.75 34.21
CA PRO A 211 18.33 15.23 35.15
C PRO A 211 18.96 14.76 36.45
N LEU A 212 18.21 14.90 37.54
CA LEU A 212 18.68 14.49 38.85
C LEU A 212 17.82 13.42 39.49
N VAL A 213 16.51 13.64 39.61
CA VAL A 213 15.63 12.75 40.35
C VAL A 213 14.36 12.49 39.54
N ASP A 214 13.64 11.44 39.96
CA ASP A 214 12.36 11.10 39.38
C ASP A 214 11.52 10.41 40.44
N LEU A 215 10.20 10.47 40.27
CA LEU A 215 9.28 9.81 41.21
C LEU A 215 7.94 9.53 40.56
N PRO A 216 7.46 8.29 40.62
CA PRO A 216 6.15 7.94 40.01
C PRO A 216 4.98 8.09 40.98
N ILE A 217 4.68 9.34 41.33
CA ILE A 217 3.53 9.67 42.16
C ILE A 217 2.58 10.52 41.35
N GLY A 218 1.37 10.01 41.12
CA GLY A 218 0.42 10.70 40.27
C GLY A 218 -0.77 11.28 41.01
N ILE A 219 -0.84 12.60 41.09
CA ILE A 219 -1.94 13.29 41.75
C ILE A 219 -2.34 14.51 40.93
N ASN A 220 -3.52 15.03 41.24
CA ASN A 220 -4.07 16.19 40.54
C ASN A 220 -3.32 17.45 40.98
N ILE A 221 -2.46 17.97 40.11
CA ILE A 221 -1.68 19.17 40.39
C ILE A 221 -2.13 20.27 39.44
N THR A 222 -2.54 21.41 40.01
CA THR A 222 -3.04 22.51 39.20
C THR A 222 -2.36 23.83 39.55
N ARG A 223 -1.95 23.99 40.80
CA ARG A 223 -1.35 25.23 41.27
C ARG A 223 -0.10 24.93 42.08
N PHE A 224 0.92 25.79 41.95
CA PHE A 224 2.14 25.66 42.72
C PHE A 224 2.51 27.01 43.30
N GLN A 225 3.24 26.98 44.42
CA GLN A 225 3.66 28.19 45.09
C GLN A 225 4.95 27.92 45.85
N THR A 226 5.91 28.84 45.74
CA THR A 226 7.18 28.69 46.41
C THR A 226 7.03 28.93 47.91
N LEU A 227 8.09 28.61 48.65
CA LEU A 227 8.10 28.73 50.09
C LEU A 227 9.25 29.63 50.54
N LEU A 228 8.96 30.52 51.48
CA LEU A 228 9.96 31.41 52.07
C LEU A 228 10.05 31.14 53.56
N ALA A 229 11.27 30.97 54.05
CA ALA A 229 11.50 30.65 55.46
C ALA A 229 11.69 31.94 56.26
N LEU A 230 10.83 32.15 57.24
CA LEU A 230 10.91 33.32 58.11
C LEU A 230 10.14 33.08 59.40
N THR A 245 11.14 42.36 60.94
CA THR A 245 11.93 41.47 60.10
C THR A 245 11.43 41.48 58.66
N ALA A 246 12.06 42.30 57.83
CA ALA A 246 11.71 42.42 56.42
C ALA A 246 12.89 41.98 55.56
N GLY A 247 12.71 42.08 54.25
CA GLY A 247 13.77 41.68 53.34
C GLY A 247 13.28 41.73 51.90
N ALA A 248 14.06 41.10 51.02
CA ALA A 248 13.75 41.07 49.60
C ALA A 248 14.29 39.79 49.00
N ALA A 249 13.73 39.40 47.86
CA ALA A 249 14.15 38.20 47.15
C ALA A 249 13.91 38.40 45.66
N ASP A 250 14.60 37.59 44.86
CA ASP A 250 14.51 37.67 43.41
C ASP A 250 14.55 36.29 42.79
N TYR A 251 13.62 36.02 41.87
CA TYR A 251 13.58 34.77 41.15
C TYR A 251 12.78 34.97 39.87
N TYR A 252 12.95 34.03 38.93
CA TYR A 252 12.33 34.12 37.62
C TYR A 252 11.43 32.92 37.38
N VAL A 253 10.34 33.13 36.66
CA VAL A 253 9.35 32.10 36.38
C VAL A 253 9.08 32.08 34.87
N GLY A 254 9.14 30.88 34.28
CA GLY A 254 8.83 30.72 32.88
C GLY A 254 7.86 29.58 32.67
N TYR A 255 7.24 29.58 31.50
CA TYR A 255 6.25 28.58 31.13
C TYR A 255 6.71 27.80 29.91
N LEU A 256 6.53 26.49 29.96
CA LEU A 256 6.97 25.60 28.88
C LEU A 256 5.82 25.29 27.94
N GLN A 257 6.15 25.12 26.67
CA GLN A 257 5.20 24.83 25.60
C GLN A 257 5.74 23.72 24.73
N PRO A 258 4.86 22.99 24.04
CA PRO A 258 5.31 21.93 23.12
C PRO A 258 5.89 22.52 21.83
N ARG A 259 7.19 22.35 21.65
CA ARG A 259 7.87 22.87 20.47
C ARG A 259 8.75 21.81 19.82
N THR A 260 9.52 22.21 18.81
CA THR A 260 10.45 21.32 18.14
C THR A 260 11.82 22.00 18.09
N PHE A 261 12.87 21.25 18.39
CA PHE A 261 14.22 21.78 18.47
C PHE A 261 15.16 20.96 17.60
N LEU A 262 16.40 21.43 17.49
CA LEU A 262 17.46 20.75 16.75
C LEU A 262 18.71 20.79 17.62
N LEU A 263 18.88 19.77 18.46
CA LEU A 263 20.00 19.72 19.37
C LEU A 263 21.28 19.33 18.63
N LYS A 264 22.41 19.68 19.23
CA LYS A 264 23.73 19.34 18.68
C LYS A 264 24.54 18.65 19.75
N TYR A 265 25.06 17.46 19.43
CA TYR A 265 25.93 16.71 20.31
C TYR A 265 27.34 16.71 19.74
N ASN A 266 28.33 17.00 20.58
CA ASN A 266 29.72 16.98 20.16
C ASN A 266 30.24 15.53 20.24
N GLU A 267 31.54 15.35 20.03
CA GLU A 267 32.13 14.02 20.06
C GLU A 267 32.05 13.37 21.44
N ASN A 268 31.94 14.16 22.50
CA ASN A 268 31.83 13.65 23.85
C ASN A 268 30.39 13.32 24.24
N GLY A 269 29.41 13.76 23.46
CA GLY A 269 28.02 13.56 23.80
C GLY A 269 27.40 14.67 24.62
N THR A 270 28.04 15.83 24.71
CA THR A 270 27.52 16.96 25.47
C THR A 270 26.80 17.93 24.55
N ILE A 271 25.66 18.43 25.00
CA ILE A 271 24.88 19.37 24.22
C ILE A 271 25.62 20.69 24.14
N THR A 272 25.79 21.21 22.93
CA THR A 272 26.54 22.43 22.69
C THR A 272 25.71 23.57 22.11
N ASP A 273 24.70 23.27 21.29
CA ASP A 273 23.90 24.32 20.69
C ASP A 273 22.53 23.74 20.33
N ALA A 274 21.58 24.65 20.09
CA ALA A 274 20.23 24.25 19.73
C ALA A 274 19.63 25.30 18.81
N VAL A 275 18.63 24.88 18.03
CA VAL A 275 17.92 25.75 17.10
C VAL A 275 16.43 25.61 17.37
N ASP A 276 15.76 26.74 17.57
CA ASP A 276 14.32 26.76 17.85
C ASP A 276 13.58 26.92 16.53
N CYS A 277 13.00 25.83 16.04
CA CYS A 277 12.21 25.88 14.82
C CYS A 277 10.95 26.71 15.04
N ALA A 278 10.41 27.23 13.93
CA ALA A 278 9.20 28.04 13.94
C ALA A 278 9.35 29.29 14.80
N LEU A 279 10.52 29.92 14.74
CA LEU A 279 10.77 31.20 15.36
C LEU A 279 10.98 32.31 14.35
N ASP A 280 11.90 32.11 13.41
CA ASP A 280 12.13 33.00 12.28
C ASP A 280 12.45 32.13 11.07
N PRO A 281 12.30 32.67 9.86
CA PRO A 281 12.49 31.83 8.67
C PRO A 281 13.84 31.14 8.59
N LEU A 282 14.90 31.77 9.08
CA LEU A 282 16.21 31.14 9.07
C LEU A 282 16.22 29.87 9.92
N SER A 283 15.55 29.90 11.07
CA SER A 283 15.46 28.70 11.90
C SER A 283 14.71 27.58 11.20
N GLU A 284 13.62 27.92 10.50
CA GLU A 284 12.89 26.91 9.76
C GLU A 284 13.75 26.31 8.65
N THR A 285 14.52 27.15 7.96
CA THR A 285 15.42 26.64 6.93
C THR A 285 16.46 25.70 7.53
N LYS A 286 17.04 26.08 8.67
CA LYS A 286 18.02 25.22 9.34
C LYS A 286 17.40 23.89 9.75
N CYS A 287 16.18 23.93 10.30
CA CYS A 287 15.53 22.70 10.73
C CYS A 287 15.20 21.80 9.53
N THR A 288 14.79 22.40 8.41
CA THR A 288 14.52 21.63 7.21
C THR A 288 15.79 20.98 6.67
N LEU A 289 16.89 21.73 6.64
CA LEU A 289 18.15 21.17 6.15
C LEU A 289 18.87 20.31 7.17
N LYS A 290 18.47 20.37 8.44
CA LYS A 290 19.14 19.64 9.52
C LYS A 290 20.63 19.98 9.58
N SER A 291 20.93 21.28 9.52
CA SER A 291 22.30 21.74 9.56
C SER A 291 22.35 23.12 10.21
N PHE A 292 23.53 23.48 10.70
CA PHE A 292 23.74 24.76 11.36
C PHE A 292 24.35 25.81 10.44
N THR A 293 24.82 25.42 9.26
CA THR A 293 25.40 26.34 8.30
C THR A 293 24.70 26.17 6.97
N VAL A 294 24.29 27.30 6.37
CA VAL A 294 23.51 27.30 5.13
C VAL A 294 24.29 28.07 4.07
N GLU A 295 24.43 27.46 2.89
CA GLU A 295 25.06 28.13 1.77
C GLU A 295 24.06 29.04 1.06
N LYS A 296 24.58 29.86 0.15
CA LYS A 296 23.74 30.79 -0.59
C LYS A 296 22.80 30.03 -1.53
N GLY A 297 21.55 30.45 -1.57
CA GLY A 297 20.58 29.84 -2.44
C GLY A 297 19.17 30.12 -1.95
N ILE A 298 18.21 29.46 -2.62
CA ILE A 298 16.79 29.58 -2.30
C ILE A 298 16.25 28.20 -1.95
N TYR A 299 15.50 28.12 -0.86
CA TYR A 299 15.02 26.85 -0.34
C TYR A 299 13.51 26.91 -0.14
N GLN A 300 12.85 25.75 -0.29
CA GLN A 300 11.42 25.62 -0.08
C GLN A 300 11.19 25.05 1.31
N THR A 301 10.53 25.84 2.17
CA THR A 301 10.43 25.51 3.59
C THR A 301 9.08 24.91 3.98
N SER A 302 7.99 25.62 3.72
CA SER A 302 6.69 25.22 4.25
C SER A 302 5.61 25.67 3.27
N ASN A 303 4.37 25.70 3.74
CA ASN A 303 3.22 26.00 2.89
C ASN A 303 2.43 27.15 3.47
N PHE A 304 1.68 27.82 2.60
CA PHE A 304 0.86 28.98 2.92
C PHE A 304 -0.61 28.64 2.74
N ARG A 305 -1.46 29.21 3.59
CA ARG A 305 -2.88 28.85 3.56
C ARG A 305 -3.68 29.95 4.25
N VAL A 306 -4.67 30.50 3.55
CA VAL A 306 -5.55 31.50 4.12
C VAL A 306 -6.68 30.80 4.87
N GLN A 307 -6.88 31.17 6.13
CA GLN A 307 -7.84 30.51 6.99
C GLN A 307 -9.26 31.04 6.76
N PRO A 308 -10.27 30.22 7.02
CA PRO A 308 -11.64 30.73 7.03
C PRO A 308 -11.88 31.66 8.21
N THR A 309 -12.85 32.56 8.04
CA THR A 309 -13.14 33.59 9.05
C THR A 309 -14.34 33.21 9.93
N GLU A 310 -15.51 32.99 9.32
CA GLU A 310 -16.71 32.65 10.08
C GLU A 310 -17.45 31.55 9.34
N SER A 311 -18.65 31.23 9.81
CA SER A 311 -19.49 30.18 9.23
C SER A 311 -20.83 30.76 8.80
N ILE A 312 -21.29 30.35 7.63
CA ILE A 312 -22.56 30.82 7.07
C ILE A 312 -23.42 29.59 6.79
N VAL A 313 -24.66 29.63 7.28
CA VAL A 313 -25.63 28.57 7.04
C VAL A 313 -26.89 29.19 6.43
N ARG A 314 -27.39 28.57 5.37
CA ARG A 314 -28.57 29.05 4.66
C ARG A 314 -29.60 27.92 4.60
N PHE A 315 -30.84 28.25 4.94
CA PHE A 315 -31.92 27.27 4.96
C PHE A 315 -33.16 27.89 4.33
N PRO A 316 -33.89 27.14 3.49
CA PRO A 316 -35.09 27.65 2.82
C PRO A 316 -36.18 28.06 3.79
N SER A 515 -30.30 29.84 10.26
CA SER A 515 -30.54 30.89 9.27
C SER A 515 -29.62 32.09 9.50
N THR A 516 -28.71 32.32 8.56
CA THR A 516 -27.78 33.43 8.66
C THR A 516 -27.80 34.28 7.39
N ASN A 517 -26.88 35.22 7.28
CA ASN A 517 -26.77 36.08 6.11
C ASN A 517 -25.60 35.62 5.25
N LEU A 518 -25.35 36.37 4.17
CA LEU A 518 -24.29 36.03 3.23
C LEU A 518 -23.25 37.15 3.19
N VAL A 519 -22.00 36.77 2.94
CA VAL A 519 -20.90 37.72 2.79
C VAL A 519 -20.15 37.37 1.52
N LYS A 520 -19.46 38.37 0.97
CA LYS A 520 -18.79 38.24 -0.31
C LYS A 520 -17.33 38.67 -0.19
N ASN A 521 -16.50 38.13 -1.07
CA ASN A 521 -15.07 38.45 -1.13
C ASN A 521 -14.37 38.16 0.18
N LYS A 522 -14.74 37.04 0.81
CA LYS A 522 -14.11 36.62 2.05
C LYS A 522 -14.05 35.09 2.09
N CYS A 523 -12.92 34.56 2.53
CA CYS A 523 -12.76 33.11 2.68
C CYS A 523 -13.61 32.66 3.85
N VAL A 524 -14.80 32.13 3.56
CA VAL A 524 -15.80 31.85 4.58
C VAL A 524 -16.39 30.47 4.35
N ASN A 525 -16.94 29.91 5.43
CA ASN A 525 -17.66 28.66 5.35
C ASN A 525 -19.07 28.90 4.79
N PHE A 526 -19.60 27.92 4.07
CA PHE A 526 -20.98 27.97 3.61
C PHE A 526 -21.62 26.60 3.72
N ASN A 527 -22.93 26.60 3.95
CA ASN A 527 -23.75 25.40 4.09
C ASN A 527 -25.04 25.57 3.30
N PHE A 528 -24.92 25.99 2.05
CA PHE A 528 -26.08 26.32 1.22
C PHE A 528 -27.04 25.14 1.09
N ASN A 529 -28.21 25.26 1.71
CA ASN A 529 -29.29 24.25 1.62
C ASN A 529 -28.76 22.84 1.89
N GLY A 530 -27.90 22.72 2.90
CA GLY A 530 -27.32 21.44 3.24
C GLY A 530 -26.12 21.04 2.42
N LEU A 531 -25.65 21.88 1.50
CA LEU A 531 -24.47 21.61 0.70
C LEU A 531 -23.28 22.30 1.37
N THR A 532 -22.39 21.50 1.95
CA THR A 532 -21.23 22.06 2.64
C THR A 532 -20.17 22.51 1.64
N GLY A 533 -19.08 23.07 2.16
CA GLY A 533 -17.98 23.54 1.33
C GLY A 533 -17.39 24.83 1.86
N THR A 534 -16.12 25.09 1.49
CA THR A 534 -15.41 26.28 1.90
C THR A 534 -14.90 27.04 0.68
N GLY A 535 -14.88 28.36 0.78
CA GLY A 535 -14.37 29.17 -0.31
C GLY A 535 -14.86 30.59 -0.22
N VAL A 536 -14.83 31.27 -1.37
CA VAL A 536 -15.20 32.68 -1.49
C VAL A 536 -16.43 32.78 -2.39
N LEU A 537 -17.45 33.48 -1.90
CA LEU A 537 -18.69 33.67 -2.63
C LEU A 537 -18.69 35.02 -3.34
N THR A 538 -19.36 35.08 -4.48
CA THR A 538 -19.47 36.31 -5.26
C THR A 538 -20.68 36.20 -6.18
N LYS A 539 -20.82 37.17 -7.07
CA LYS A 539 -21.93 37.16 -8.02
C LYS A 539 -21.71 36.09 -9.09
N SER A 540 -22.80 35.75 -9.79
CA SER A 540 -22.77 34.74 -10.83
C SER A 540 -23.53 35.25 -12.04
N ASN A 541 -22.86 35.26 -13.19
CA ASN A 541 -23.48 35.63 -14.46
C ASN A 541 -23.96 34.41 -15.23
N LYS A 542 -23.87 33.22 -14.64
CA LYS A 542 -24.32 32.01 -15.31
C LYS A 542 -25.84 32.04 -15.51
N LYS A 543 -26.28 31.46 -16.63
CA LYS A 543 -27.69 31.40 -16.97
C LYS A 543 -28.23 30.03 -16.56
N PHE A 544 -28.58 29.91 -15.28
CA PHE A 544 -29.14 28.68 -14.77
C PHE A 544 -30.53 28.43 -15.33
N LEU A 545 -30.98 27.20 -15.22
CA LEU A 545 -32.33 26.87 -15.63
C LEU A 545 -33.22 26.71 -14.41
N PRO A 546 -34.53 26.95 -14.54
CA PRO A 546 -35.42 26.94 -13.37
C PRO A 546 -35.46 25.62 -12.61
N PHE A 547 -34.81 24.58 -13.13
CA PHE A 547 -34.71 23.30 -12.44
C PHE A 547 -33.27 22.95 -12.08
N GLN A 548 -32.34 23.89 -12.23
CA GLN A 548 -30.92 23.65 -11.96
C GLN A 548 -30.51 24.35 -10.68
N GLN A 549 -29.89 23.60 -9.77
CA GLN A 549 -29.47 24.13 -8.48
C GLN A 549 -27.96 24.32 -8.39
N PHE A 550 -27.18 23.27 -8.65
CA PHE A 550 -25.73 23.34 -8.50
C PHE A 550 -25.06 23.62 -9.83
N GLY A 551 -23.73 23.64 -9.81
CA GLY A 551 -22.94 23.78 -11.02
C GLY A 551 -21.67 22.98 -10.88
N ARG A 552 -21.14 22.54 -12.01
CA ARG A 552 -19.96 21.69 -12.03
C ARG A 552 -19.10 22.02 -13.23
N ASP A 553 -17.84 21.61 -13.16
CA ASP A 553 -16.87 21.83 -14.23
C ASP A 553 -16.38 20.47 -14.76
N ILE A 554 -15.33 20.51 -15.57
CA ILE A 554 -14.86 19.31 -16.26
C ILE A 554 -14.43 18.25 -15.27
N VAL A 555 -13.74 18.63 -14.20
CA VAL A 555 -13.17 17.67 -13.27
C VAL A 555 -14.10 17.45 -12.08
N ASP A 556 -15.37 17.83 -12.26
CA ASP A 556 -16.43 17.57 -11.28
C ASP A 556 -16.12 18.21 -9.92
N THR A 557 -15.97 19.54 -9.95
CA THR A 557 -15.83 20.34 -8.75
C THR A 557 -16.86 21.45 -8.79
N THR A 558 -17.60 21.63 -7.71
CA THR A 558 -18.65 22.64 -7.67
C THR A 558 -18.07 24.03 -7.85
N ASP A 559 -18.69 24.82 -8.74
CA ASP A 559 -18.25 26.19 -8.96
C ASP A 559 -19.42 27.16 -9.12
N ALA A 560 -20.63 26.75 -8.73
CA ALA A 560 -21.81 27.61 -8.80
C ALA A 560 -22.94 27.02 -7.96
N VAL A 561 -23.51 27.82 -7.06
CA VAL A 561 -24.57 27.37 -6.17
C VAL A 561 -25.70 28.39 -6.19
N ARG A 562 -26.92 27.91 -6.15
CA ARG A 562 -28.11 28.75 -6.10
C ARG A 562 -28.57 28.89 -4.65
N ASP A 563 -28.81 30.13 -4.22
CA ASP A 563 -29.21 30.37 -2.84
C ASP A 563 -30.62 29.82 -2.60
N PRO A 564 -30.85 29.11 -1.49
CA PRO A 564 -32.19 28.57 -1.23
C PRO A 564 -33.23 29.63 -0.93
N GLN A 565 -32.92 30.56 -0.03
CA GLN A 565 -33.89 31.56 0.40
C GLN A 565 -34.33 32.44 -0.76
N THR A 566 -33.37 33.04 -1.45
CA THR A 566 -33.63 33.91 -2.59
C THR A 566 -33.04 33.30 -3.84
N LEU A 567 -33.75 33.46 -4.97
CA LEU A 567 -33.33 32.84 -6.23
C LEU A 567 -32.14 33.62 -6.78
N GLU A 568 -30.98 33.38 -6.18
CA GLU A 568 -29.73 34.00 -6.59
C GLU A 568 -28.65 32.94 -6.70
N ILE A 569 -27.75 33.13 -7.66
CA ILE A 569 -26.69 32.17 -7.95
C ILE A 569 -25.39 32.68 -7.36
N LEU A 570 -24.67 31.81 -6.66
CA LEU A 570 -23.42 32.16 -6.01
C LEU A 570 -22.26 31.42 -6.67
N ASP A 571 -21.23 32.17 -7.05
CA ASP A 571 -20.02 31.62 -7.65
C ASP A 571 -18.99 31.41 -6.56
N ILE A 572 -18.41 30.22 -6.49
CA ILE A 572 -17.50 29.83 -5.42
C ILE A 572 -16.12 29.56 -6.00
N THR A 573 -15.09 30.02 -5.28
CA THR A 573 -13.70 29.78 -5.62
C THR A 573 -12.95 29.37 -4.37
N PRO A 574 -11.96 28.48 -4.49
CA PRO A 574 -11.20 28.06 -3.31
C PRO A 574 -10.35 29.18 -2.75
N CYS A 575 -10.06 29.08 -1.45
CA CYS A 575 -9.23 30.07 -0.78
C CYS A 575 -7.77 29.90 -1.20
N SER A 576 -6.98 30.92 -0.89
CA SER A 576 -5.60 30.97 -1.37
C SER A 576 -4.71 29.96 -0.67
N PHE A 577 -3.73 29.44 -1.40
CA PHE A 577 -2.71 28.58 -0.85
C PHE A 577 -1.50 28.61 -1.77
N GLY A 578 -0.36 28.15 -1.26
CA GLY A 578 0.85 28.11 -2.05
C GLY A 578 2.05 27.82 -1.19
N GLY A 579 3.19 27.65 -1.86
CA GLY A 579 4.43 27.39 -1.17
C GLY A 579 5.08 28.64 -0.63
N VAL A 580 6.09 28.43 0.21
CA VAL A 580 6.85 29.51 0.83
C VAL A 580 8.33 29.21 0.65
N SER A 581 9.07 30.17 0.11
CA SER A 581 10.49 30.02 -0.13
C SER A 581 11.26 31.09 0.65
N VAL A 582 12.46 30.72 1.09
CA VAL A 582 13.34 31.61 1.85
C VAL A 582 14.59 31.86 1.02
N ILE A 583 14.88 33.13 0.77
CA ILE A 583 16.04 33.54 -0.01
C ILE A 583 17.07 34.09 0.96
N THR A 584 18.23 33.44 1.03
CA THR A 584 19.27 33.85 1.96
C THR A 584 20.64 33.76 1.28
N PRO A 585 21.57 34.61 1.68
CA PRO A 585 22.98 34.35 1.40
C PRO A 585 23.52 33.37 2.42
N GLY A 586 24.81 33.05 2.28
CA GLY A 586 25.43 32.14 3.23
C GLY A 586 25.45 32.71 4.63
N THR A 587 25.30 31.81 5.62
CA THR A 587 25.36 32.23 7.01
C THR A 587 26.73 32.80 7.37
N ASN A 588 27.77 32.43 6.64
CA ASN A 588 29.09 33.01 6.84
C ASN A 588 29.14 34.48 6.44
N THR A 589 28.17 34.93 5.64
CA THR A 589 28.14 36.31 5.17
C THR A 589 27.28 37.21 6.05
N SER A 590 26.02 36.82 6.27
CA SER A 590 25.10 37.62 7.07
C SER A 590 24.01 36.70 7.60
N ASN A 591 22.97 37.30 8.19
CA ASN A 591 21.83 36.56 8.72
C ASN A 591 20.50 37.12 8.23
N GLN A 592 20.53 37.92 7.16
CA GLN A 592 19.32 38.50 6.62
C GLN A 592 18.71 37.59 5.56
N VAL A 593 17.38 37.52 5.54
CA VAL A 593 16.66 36.64 4.63
C VAL A 593 15.50 37.40 4.01
N ALA A 594 14.98 36.84 2.92
CA ALA A 594 13.79 37.35 2.26
C ALA A 594 12.84 36.19 2.00
N VAL A 595 11.55 36.48 1.97
CA VAL A 595 10.52 35.46 1.87
C VAL A 595 9.72 35.68 0.58
N LEU A 596 9.39 34.59 -0.10
CA LEU A 596 8.60 34.63 -1.33
C LEU A 596 7.36 33.77 -1.14
N TYR A 597 6.19 34.37 -1.35
CA TYR A 597 4.92 33.66 -1.31
C TYR A 597 4.52 33.34 -2.75
N GLN A 598 4.58 32.06 -3.10
CA GLN A 598 4.41 31.66 -4.50
C GLN A 598 2.96 31.79 -4.94
N GLY A 599 2.75 32.49 -6.06
CA GLY A 599 1.44 32.55 -6.68
C GLY A 599 0.35 33.17 -5.82
N VAL A 600 0.67 34.23 -5.10
CA VAL A 600 -0.29 34.93 -4.25
C VAL A 600 -0.15 36.43 -4.48
N ASN A 601 -1.29 37.11 -4.63
CA ASN A 601 -1.28 38.56 -4.77
C ASN A 601 -0.82 39.21 -3.47
N CYS A 602 -0.11 40.34 -3.61
CA CYS A 602 0.47 40.99 -2.43
C CYS A 602 -0.59 41.60 -1.54
N THR A 603 -1.69 42.09 -2.13
CA THR A 603 -2.75 42.70 -1.33
C THR A 603 -3.40 41.68 -0.40
N GLU A 604 -3.60 40.45 -0.89
CA GLU A 604 -4.17 39.40 -0.04
C GLU A 604 -3.24 39.09 1.13
N VAL A 605 -1.93 39.01 0.87
CA VAL A 605 -0.98 38.75 1.94
C VAL A 605 -0.99 39.87 2.97
N SER A 606 -1.01 41.12 2.50
CA SER A 606 -1.04 42.25 3.42
C SER A 606 -2.31 42.25 4.27
N VAL A 607 -3.46 41.98 3.64
CA VAL A 607 -4.72 41.94 4.38
C VAL A 607 -4.70 40.83 5.41
N ALA A 608 -4.18 39.65 5.03
CA ALA A 608 -4.12 38.53 5.96
C ALA A 608 -3.19 38.84 7.13
N ILE A 609 -2.06 39.50 6.86
CA ILE A 609 -1.15 39.88 7.94
C ILE A 609 -1.82 40.88 8.88
N HIS A 610 -2.52 41.86 8.31
CA HIS A 610 -3.19 42.86 9.13
C HIS A 610 -4.30 42.23 9.98
N ALA A 611 -5.05 41.29 9.40
CA ALA A 611 -6.14 40.63 10.10
C ALA A 611 -5.67 39.57 11.08
N ASP A 612 -4.37 39.52 11.38
CA ASP A 612 -3.80 38.58 12.33
C ASP A 612 -4.08 37.13 11.94
N GLN A 613 -5.14 36.55 12.49
CA GLN A 613 -5.43 35.13 12.28
C GLN A 613 -5.99 34.88 10.89
N LEU A 614 -5.16 35.09 9.86
CA LEU A 614 -5.58 34.74 8.50
C LEU A 614 -4.40 34.14 7.72
N THR A 615 -3.35 33.72 8.42
CA THR A 615 -2.14 33.14 7.83
C THR A 615 -1.32 32.43 8.90
N PRO A 616 -0.81 31.22 8.62
CA PRO A 616 0.13 30.60 9.56
C PRO A 616 1.47 31.29 9.53
N THR A 617 1.78 32.06 10.57
CA THR A 617 2.96 32.91 10.60
C THR A 617 3.75 32.66 11.87
N TRP A 618 5.05 32.99 11.81
CA TRP A 618 5.96 32.82 12.93
C TRP A 618 6.14 34.13 13.71
N ARG A 619 6.54 35.20 13.01
CA ARG A 619 6.75 36.50 13.64
C ARG A 619 6.22 37.60 12.73
N VAL A 620 5.05 37.39 12.14
CA VAL A 620 4.37 38.35 11.27
C VAL A 620 5.25 38.64 10.06
N TYR A 621 6.38 39.32 10.28
CA TYR A 621 7.36 39.63 9.24
C TYR A 621 6.72 40.44 8.10
N SER A 622 6.29 41.65 8.44
CA SER A 622 5.79 42.58 7.45
C SER A 622 6.88 43.47 6.88
N THR A 623 7.92 43.75 7.66
CA THR A 623 9.11 44.50 7.22
C THR A 623 8.75 45.86 6.65
N GLY A 624 7.63 46.44 7.07
CA GLY A 624 7.27 47.77 6.62
C GLY A 624 7.05 47.82 5.12
N SER A 625 7.74 48.77 4.47
CA SER A 625 7.57 49.01 3.04
C SER A 625 8.68 48.29 2.28
N ASN A 626 8.53 46.97 2.17
CA ASN A 626 9.40 46.16 1.33
C ASN A 626 8.61 45.23 0.42
N VAL A 627 7.29 45.37 0.38
CA VAL A 627 6.47 44.52 -0.48
C VAL A 627 6.79 44.81 -1.94
N PHE A 628 6.92 43.75 -2.72
CA PHE A 628 7.19 43.87 -4.14
C PHE A 628 6.52 42.72 -4.87
N GLN A 629 5.64 43.04 -5.81
CA GLN A 629 4.85 42.04 -6.52
C GLN A 629 5.53 41.68 -7.83
N THR A 630 5.76 40.38 -8.03
CA THR A 630 6.36 39.84 -9.25
C THR A 630 5.39 38.86 -9.89
N ARG A 631 5.81 38.29 -11.02
CA ARG A 631 4.99 37.29 -11.70
C ARG A 631 5.01 35.95 -10.96
N ALA A 632 6.01 35.71 -10.12
CA ALA A 632 6.10 34.47 -9.37
C ALA A 632 5.37 34.53 -8.04
N GLY A 633 5.16 35.71 -7.49
CA GLY A 633 4.47 35.86 -6.23
C GLY A 633 4.89 37.14 -5.54
N CYS A 634 4.55 37.21 -4.25
CA CYS A 634 4.85 38.38 -3.44
C CYS A 634 6.21 38.21 -2.76
N LEU A 635 7.16 39.08 -3.08
CA LEU A 635 8.49 39.03 -2.51
C LEU A 635 8.60 40.09 -1.42
N ILE A 636 8.99 39.65 -0.22
CA ILE A 636 9.06 40.52 0.95
C ILE A 636 10.47 40.47 1.53
N GLY A 637 11.03 41.63 1.83
CA GLY A 637 12.34 41.74 2.42
C GLY A 637 13.45 42.16 1.46
N ALA A 638 13.12 42.46 0.21
CA ALA A 638 14.10 42.90 -0.77
C ALA A 638 13.59 44.15 -1.46
N GLU A 639 14.50 45.06 -1.79
CA GLU A 639 14.15 46.31 -2.45
C GLU A 639 14.50 46.23 -3.93
N TYR A 640 13.52 46.53 -4.78
CA TYR A 640 13.70 46.44 -6.21
C TYR A 640 14.52 47.61 -6.72
N VAL A 641 15.52 47.32 -7.54
CA VAL A 641 16.33 48.33 -8.21
C VAL A 641 16.21 48.14 -9.70
N ASN A 642 16.48 49.21 -10.44
CA ASN A 642 16.34 49.20 -11.90
C ASN A 642 17.66 48.99 -12.62
N ASN A 643 18.72 48.66 -11.90
CA ASN A 643 19.97 48.27 -12.54
C ASN A 643 19.90 46.82 -12.99
N SER A 644 20.89 46.41 -13.78
CA SER A 644 20.94 45.05 -14.31
C SER A 644 22.32 44.47 -14.08
N TYR A 645 22.36 43.26 -13.52
CA TYR A 645 23.62 42.56 -13.30
C TYR A 645 23.50 41.11 -13.76
N GLU A 646 24.51 40.31 -13.48
CA GLU A 646 24.44 38.87 -13.75
C GLU A 646 23.64 38.19 -12.65
N CYS A 647 22.81 37.22 -13.04
CA CYS A 647 21.93 36.56 -12.08
C CYS A 647 22.72 35.80 -11.03
N ASP A 648 22.29 35.94 -9.77
CA ASP A 648 22.94 35.29 -8.65
C ASP A 648 22.04 34.24 -8.02
N ILE A 649 20.84 34.61 -7.61
CA ILE A 649 19.86 33.70 -7.05
C ILE A 649 18.57 33.80 -7.85
N PRO A 650 18.30 32.82 -8.72
CA PRO A 650 17.07 32.87 -9.52
C PRO A 650 15.83 32.84 -8.64
N ILE A 651 14.81 33.58 -9.05
CA ILE A 651 13.58 33.70 -8.29
C ILE A 651 12.38 33.30 -9.15
N GLY A 652 12.23 33.95 -10.30
CA GLY A 652 11.08 33.72 -11.14
C GLY A 652 11.28 34.14 -12.58
N ALA A 653 10.27 34.78 -13.16
CA ALA A 653 10.27 35.15 -14.57
C ALA A 653 11.20 36.33 -14.78
N GLY A 654 12.49 36.01 -14.93
CA GLY A 654 13.48 37.03 -15.21
C GLY A 654 13.85 37.90 -14.02
N ILE A 655 13.63 37.42 -12.80
CA ILE A 655 13.93 38.17 -11.59
C ILE A 655 14.95 37.40 -10.78
N CYS A 656 16.01 38.09 -10.34
CA CYS A 656 17.06 37.50 -9.53
C CYS A 656 17.29 38.36 -8.30
N ALA A 657 18.03 37.82 -7.35
CA ALA A 657 18.35 38.51 -6.11
C ALA A 657 19.84 38.34 -5.79
N SER A 658 20.38 39.30 -5.05
CA SER A 658 21.80 39.27 -4.70
C SER A 658 22.02 40.12 -3.47
N TYR A 659 23.17 39.89 -2.82
CA TYR A 659 23.57 40.63 -1.63
C TYR A 659 24.59 41.69 -2.04
N GLN A 660 24.12 42.92 -2.17
CA GLN A 660 25.00 44.03 -2.59
C GLN A 660 24.91 45.19 -1.62
N THR A 661 25.57 46.30 -1.96
CA THR A 661 25.56 47.48 -1.12
C THR A 661 24.63 48.56 -1.67
N SER A 674 25.66 50.55 3.23
CA SER A 674 25.26 49.36 3.98
C SER A 674 24.83 48.24 3.04
N GLN A 675 25.22 47.01 3.38
CA GLN A 675 24.85 45.86 2.58
C GLN A 675 23.38 45.53 2.77
N SER A 676 22.73 45.10 1.68
CA SER A 676 21.32 44.76 1.72
C SER A 676 21.05 43.71 0.65
N ILE A 677 19.78 43.32 0.53
CA ILE A 677 19.34 42.33 -0.45
C ILE A 677 18.50 43.07 -1.49
N ILE A 678 18.91 42.97 -2.76
CA ILE A 678 18.25 43.68 -3.84
C ILE A 678 17.69 42.67 -4.84
N ALA A 679 16.60 43.04 -5.48
CA ALA A 679 15.98 42.25 -6.53
C ALA A 679 15.97 43.07 -7.81
N TYR A 680 16.48 42.49 -8.89
CA TYR A 680 16.63 43.19 -10.16
C TYR A 680 16.19 42.28 -11.30
N THR A 681 16.37 42.76 -12.52
CA THR A 681 16.12 42.00 -13.72
C THR A 681 17.47 41.55 -14.30
N MET A 682 17.60 40.25 -14.54
CA MET A 682 18.87 39.69 -14.98
C MET A 682 19.26 40.25 -16.35
N SER A 683 20.56 40.36 -16.58
CA SER A 683 21.11 40.87 -17.82
C SER A 683 21.75 39.74 -18.61
N LEU A 684 21.47 39.69 -19.90
CA LEU A 684 21.97 38.59 -20.72
C LEU A 684 23.46 38.72 -21.00
N GLY A 685 23.98 39.93 -21.05
CA GLY A 685 25.40 40.13 -21.28
C GLY A 685 25.68 41.50 -21.83
N ALA A 686 26.95 41.73 -22.12
CA ALA A 686 27.40 43.01 -22.65
C ALA A 686 27.01 43.13 -24.12
N GLU A 687 26.43 44.27 -24.47
CA GLU A 687 25.99 44.51 -25.84
C GLU A 687 27.17 44.84 -26.73
N ASN A 688 27.21 44.22 -27.90
CA ASN A 688 28.28 44.44 -28.87
C ASN A 688 27.68 44.62 -30.25
N SER A 689 28.39 45.35 -31.11
CA SER A 689 27.94 45.61 -32.47
C SER A 689 29.16 45.50 -33.39
N VAL A 690 29.30 44.34 -34.04
CA VAL A 690 30.40 44.15 -34.98
C VAL A 690 30.21 45.07 -36.18
N ALA A 691 31.29 45.72 -36.60
CA ALA A 691 31.23 46.73 -37.65
C ALA A 691 31.31 46.04 -39.01
N TYR A 692 30.15 45.60 -39.50
CA TYR A 692 30.09 44.93 -40.80
C TYR A 692 30.26 45.93 -41.93
N SER A 693 31.06 45.55 -42.92
CA SER A 693 31.20 46.29 -44.15
C SER A 693 31.50 45.30 -45.27
N ASN A 694 31.21 45.72 -46.50
CA ASN A 694 31.30 44.84 -47.66
C ASN A 694 32.54 45.11 -48.51
N ASN A 695 33.56 45.76 -47.95
CA ASN A 695 34.91 45.69 -48.49
C ASN A 695 35.95 45.64 -47.37
N SER A 696 35.59 45.08 -46.21
CA SER A 696 36.46 45.08 -45.04
C SER A 696 36.53 43.68 -44.44
N ILE A 697 37.68 43.36 -43.85
CA ILE A 697 37.91 42.06 -43.24
C ILE A 697 38.85 42.24 -42.05
N ALA A 698 38.83 41.26 -41.14
CA ALA A 698 39.69 41.25 -39.97
C ALA A 698 40.49 39.96 -39.94
N ILE A 699 41.79 40.07 -39.68
CA ILE A 699 42.68 38.91 -39.67
C ILE A 699 43.54 38.93 -38.40
N PRO A 700 43.59 37.85 -37.64
CA PRO A 700 44.40 37.86 -36.41
C PRO A 700 45.89 37.85 -36.71
N THR A 701 46.66 38.39 -35.76
CA THR A 701 48.11 38.45 -35.86
C THR A 701 48.82 37.73 -34.72
N ASN A 702 48.07 37.07 -33.84
CA ASN A 702 48.65 36.37 -32.71
C ASN A 702 47.65 35.32 -32.23
N PHE A 703 48.12 34.39 -31.40
CA PHE A 703 47.27 33.30 -30.95
C PHE A 703 47.40 33.06 -29.45
N THR A 704 46.76 32.01 -28.96
CA THR A 704 46.77 31.69 -27.54
C THR A 704 46.51 30.20 -27.37
N ILE A 705 47.18 29.60 -26.38
CA ILE A 705 46.97 28.21 -26.02
C ILE A 705 46.28 28.18 -24.66
N SER A 706 45.14 27.51 -24.59
CA SER A 706 44.33 27.46 -23.37
C SER A 706 43.95 26.02 -23.06
N VAL A 707 43.84 25.72 -21.77
CA VAL A 707 43.52 24.39 -21.29
C VAL A 707 42.28 24.48 -20.41
N THR A 708 41.29 23.65 -20.71
CA THR A 708 40.05 23.58 -19.95
C THR A 708 39.93 22.20 -19.29
N THR A 709 38.79 21.97 -18.64
CA THR A 709 38.54 20.71 -17.95
C THR A 709 37.11 20.28 -18.20
N GLU A 710 36.85 19.00 -17.93
CA GLU A 710 35.53 18.42 -18.08
C GLU A 710 35.41 17.18 -17.21
N ILE A 711 34.30 17.06 -16.50
CA ILE A 711 34.07 15.97 -15.54
C ILE A 711 32.82 15.22 -15.96
N LEU A 712 32.91 13.88 -15.98
CA LEU A 712 31.80 13.03 -16.37
C LEU A 712 31.70 11.82 -15.46
N PRO A 713 30.54 11.56 -14.86
CA PRO A 713 30.36 10.32 -14.10
C PRO A 713 30.37 9.11 -15.02
N VAL A 714 30.79 7.97 -14.48
CA VAL A 714 30.91 6.75 -15.26
C VAL A 714 30.09 5.62 -14.66
N SER A 715 30.31 5.34 -13.37
CA SER A 715 29.67 4.22 -12.71
C SER A 715 29.09 4.68 -11.36
N MET A 716 28.46 3.76 -10.66
CA MET A 716 27.88 4.04 -9.36
C MET A 716 27.93 2.79 -8.50
N THR A 717 27.37 2.88 -7.30
CA THR A 717 27.48 1.81 -6.32
C THR A 717 26.59 0.62 -6.70
N LYS A 718 27.11 -0.58 -6.45
CA LYS A 718 26.38 -1.83 -6.66
C LYS A 718 25.90 -2.35 -5.31
N THR A 719 24.63 -2.74 -5.25
CA THR A 719 24.03 -3.20 -4.00
C THR A 719 23.20 -4.46 -4.27
N SER A 720 23.02 -5.24 -3.21
CA SER A 720 22.19 -6.44 -3.25
C SER A 720 21.28 -6.46 -2.03
N VAL A 721 20.09 -7.01 -2.19
CA VAL A 721 19.07 -7.00 -1.16
C VAL A 721 18.58 -8.42 -0.89
N ASP A 722 18.38 -8.74 0.38
CA ASP A 722 17.79 -9.99 0.82
C ASP A 722 16.39 -9.70 1.36
N CYS A 723 15.37 -10.27 0.73
CA CYS A 723 13.99 -9.95 1.10
C CYS A 723 13.64 -10.45 2.50
N THR A 724 13.92 -11.72 2.77
CA THR A 724 13.46 -12.32 4.03
C THR A 724 14.13 -11.65 5.23
N MET A 725 15.43 -11.37 5.12
CA MET A 725 16.13 -10.70 6.22
C MET A 725 15.59 -9.29 6.44
N TYR A 726 15.34 -8.56 5.35
CA TYR A 726 14.90 -7.17 5.48
C TYR A 726 13.48 -7.08 6.02
N ILE A 727 12.56 -7.84 5.45
CA ILE A 727 11.14 -7.69 5.77
C ILE A 727 10.80 -8.39 7.08
N CYS A 728 11.26 -9.62 7.26
CA CYS A 728 10.90 -10.44 8.41
C CYS A 728 11.99 -10.50 9.47
N GLY A 729 13.20 -10.88 9.08
CA GLY A 729 14.28 -11.02 10.04
C GLY A 729 14.50 -12.48 10.44
N ASP A 730 14.02 -12.84 11.62
CA ASP A 730 14.13 -14.21 12.14
C ASP A 730 12.79 -14.67 12.68
N SER A 731 11.73 -14.43 11.92
CA SER A 731 10.38 -14.83 12.30
C SER A 731 9.85 -15.85 11.29
N THR A 732 9.41 -17.00 11.78
CA THR A 732 8.88 -18.03 10.90
C THR A 732 7.48 -17.68 10.41
N GLU A 733 6.65 -17.10 11.28
CA GLU A 733 5.30 -16.73 10.87
C GLU A 733 5.33 -15.67 9.79
N CYS A 734 6.24 -14.70 9.91
CA CYS A 734 6.35 -13.66 8.88
C CYS A 734 6.76 -14.26 7.54
N SER A 735 7.70 -15.22 7.55
CA SER A 735 8.10 -15.86 6.31
C SER A 735 6.95 -16.66 5.70
N ASN A 736 6.19 -17.37 6.54
CA ASN A 736 5.05 -18.13 6.02
C ASN A 736 4.01 -17.21 5.42
N LEU A 737 3.74 -16.07 6.06
CA LEU A 737 2.79 -15.10 5.49
C LEU A 737 3.31 -14.50 4.20
N LEU A 738 4.60 -14.16 4.14
CA LEU A 738 5.18 -13.57 2.94
C LEU A 738 5.18 -14.56 1.78
N LEU A 739 5.23 -15.87 2.07
CA LEU A 739 5.23 -16.87 1.02
C LEU A 739 3.97 -16.82 0.17
N GLN A 740 2.89 -16.21 0.68
CA GLN A 740 1.63 -16.17 -0.05
C GLN A 740 1.60 -15.11 -1.15
N TYR A 741 2.63 -14.28 -1.26
CA TYR A 741 2.66 -13.24 -2.29
C TYR A 741 3.29 -13.71 -3.60
N GLY A 742 3.86 -14.90 -3.63
CA GLY A 742 4.38 -15.45 -4.87
C GLY A 742 5.83 -15.06 -5.12
N SER A 743 6.07 -14.39 -6.24
CA SER A 743 7.44 -14.13 -6.70
C SER A 743 7.73 -12.65 -6.86
N PHE A 744 7.38 -11.84 -5.86
CA PHE A 744 7.69 -10.42 -5.92
C PHE A 744 9.17 -10.10 -5.72
N CYS A 745 9.99 -11.09 -5.33
CA CYS A 745 11.37 -10.83 -4.98
C CYS A 745 12.39 -11.33 -5.99
N THR A 746 12.07 -12.35 -6.77
CA THR A 746 12.98 -12.77 -7.84
C THR A 746 13.18 -11.64 -8.84
N GLN A 747 12.13 -10.87 -9.11
CA GLN A 747 12.24 -9.73 -10.01
C GLN A 747 13.19 -8.67 -9.45
N LEU A 748 13.06 -8.37 -8.15
CA LEU A 748 13.96 -7.39 -7.53
C LEU A 748 15.40 -7.86 -7.57
N LYS A 749 15.63 -9.14 -7.26
CA LYS A 749 16.98 -9.68 -7.29
C LYS A 749 17.56 -9.61 -8.70
N ARG A 750 16.77 -9.96 -9.71
CA ARG A 750 17.24 -9.90 -11.09
C ARG A 750 17.57 -8.48 -11.51
N ALA A 751 16.72 -7.52 -11.14
CA ALA A 751 16.98 -6.13 -11.50
C ALA A 751 18.27 -5.63 -10.86
N LEU A 752 18.47 -5.93 -9.58
CA LEU A 752 19.69 -5.49 -8.91
C LEU A 752 20.93 -6.15 -9.53
N THR A 753 20.84 -7.44 -9.87
CA THR A 753 21.96 -8.12 -10.50
C THR A 753 22.30 -7.49 -11.86
N GLY A 754 21.27 -7.16 -12.65
CA GLY A 754 21.50 -6.52 -13.92
C GLY A 754 22.17 -5.17 -13.78
N ILE A 755 21.72 -4.38 -12.80
CA ILE A 755 22.37 -3.09 -12.54
C ILE A 755 23.83 -3.29 -12.17
N ALA A 756 24.11 -4.27 -11.31
CA ALA A 756 25.48 -4.53 -10.90
C ALA A 756 26.37 -4.90 -12.08
N VAL A 757 25.87 -5.75 -12.97
CA VAL A 757 26.66 -6.14 -14.14
C VAL A 757 26.90 -4.95 -15.06
N GLU A 758 25.85 -4.15 -15.29
CA GLU A 758 26.00 -2.97 -16.16
C GLU A 758 27.01 -1.98 -15.61
N GLN A 759 27.11 -1.88 -14.28
CA GLN A 759 28.09 -0.96 -13.70
C GLN A 759 29.51 -1.34 -14.07
N ASP A 760 29.84 -2.64 -14.03
CA ASP A 760 31.17 -3.06 -14.46
C ASP A 760 31.36 -2.89 -15.96
N LYS A 761 30.30 -3.17 -16.73
CA LYS A 761 30.40 -3.02 -18.18
C LYS A 761 30.72 -1.59 -18.58
N ASN A 762 30.16 -0.62 -17.86
CA ASN A 762 30.39 0.79 -18.18
C ASN A 762 31.87 1.13 -18.07
N THR A 763 32.50 0.79 -16.94
CA THR A 763 33.92 1.10 -16.77
C THR A 763 34.78 0.33 -17.77
N GLN A 764 34.45 -0.94 -18.01
CA GLN A 764 35.20 -1.72 -18.98
C GLN A 764 35.14 -1.07 -20.37
N GLU A 765 33.97 -0.53 -20.73
CA GLU A 765 33.84 0.12 -22.04
C GLU A 765 34.59 1.44 -22.08
N VAL A 766 34.57 2.21 -20.99
CA VAL A 766 35.17 3.54 -21.01
C VAL A 766 36.69 3.45 -21.03
N PHE A 767 37.27 2.64 -20.14
CA PHE A 767 38.72 2.72 -19.94
C PHE A 767 39.52 1.71 -20.77
N ALA A 768 39.03 0.48 -20.90
CA ALA A 768 39.76 -0.57 -21.60
C ALA A 768 39.62 -0.38 -23.12
N GLN A 769 40.30 0.64 -23.63
CA GLN A 769 40.28 0.95 -25.05
C GLN A 769 41.46 0.36 -25.81
N VAL A 770 42.61 0.20 -25.17
CA VAL A 770 43.80 -0.34 -25.81
C VAL A 770 44.10 -1.72 -25.23
N LYS A 771 44.95 -2.45 -25.93
CA LYS A 771 45.40 -3.77 -25.50
C LYS A 771 46.85 -3.80 -25.07
N GLN A 772 47.73 -3.07 -25.75
CA GLN A 772 49.12 -2.95 -25.34
C GLN A 772 49.25 -1.96 -24.20
N ILE A 773 50.10 -2.29 -23.23
CA ILE A 773 50.38 -1.40 -22.10
C ILE A 773 51.70 -0.71 -22.42
N TYR A 774 51.60 0.46 -23.06
CA TYR A 774 52.78 1.20 -23.44
C TYR A 774 53.46 1.81 -22.21
N LYS A 775 54.74 2.15 -22.37
CA LYS A 775 55.53 2.74 -21.31
C LYS A 775 56.28 3.95 -21.84
N THR A 776 56.59 4.89 -20.93
CA THR A 776 57.28 6.11 -21.31
C THR A 776 58.78 5.97 -21.08
N PRO A 777 59.60 6.59 -21.93
CA PRO A 777 61.05 6.45 -21.78
C PRO A 777 61.52 7.10 -20.49
N PRO A 778 62.61 6.62 -19.90
CA PRO A 778 63.10 7.21 -18.64
C PRO A 778 63.49 8.68 -18.76
N ILE A 779 64.03 9.09 -19.91
CA ILE A 779 64.46 10.47 -20.11
C ILE A 779 63.26 11.26 -20.61
N LYS A 780 62.79 12.20 -19.79
CA LYS A 780 61.58 12.96 -20.08
C LYS A 780 61.95 14.32 -20.66
N TYR A 781 62.33 14.32 -21.94
CA TYR A 781 62.52 15.54 -22.70
C TYR A 781 61.65 15.46 -23.95
N PHE A 782 60.83 16.49 -24.18
CA PHE A 782 59.92 16.52 -25.31
C PHE A 782 59.93 17.89 -25.96
N GLY A 783 61.11 18.46 -26.13
CA GLY A 783 61.25 19.75 -26.79
C GLY A 783 60.64 20.92 -26.02
N GLY A 784 60.75 20.89 -24.69
CA GLY A 784 60.29 21.99 -23.86
C GLY A 784 58.93 21.78 -23.22
N PHE A 785 58.19 20.77 -23.63
CA PHE A 785 56.88 20.50 -23.05
C PHE A 785 57.04 19.68 -21.78
N ASN A 786 56.42 20.13 -20.69
CA ASN A 786 56.60 19.55 -19.37
C ASN A 786 55.31 18.84 -18.98
N PHE A 787 55.38 17.51 -18.85
CA PHE A 787 54.22 16.68 -18.54
C PHE A 787 54.27 16.13 -17.12
N SER A 788 54.99 16.79 -16.21
CA SER A 788 55.17 16.25 -14.87
C SER A 788 53.85 16.14 -14.12
N GLN A 789 52.96 17.12 -14.28
CA GLN A 789 51.71 17.13 -13.53
C GLN A 789 50.73 16.06 -13.96
N ILE A 790 50.96 15.38 -15.08
CA ILE A 790 50.04 14.35 -15.56
C ILE A 790 50.67 12.97 -15.64
N LEU A 791 51.98 12.86 -15.72
CA LEU A 791 52.62 11.55 -15.75
C LEU A 791 52.65 10.95 -14.34
N PRO A 792 52.68 9.63 -14.23
CA PRO A 792 52.70 9.00 -12.90
C PRO A 792 53.96 9.36 -12.11
N ASP A 793 53.81 9.44 -10.79
CA ASP A 793 54.90 9.80 -9.91
C ASP A 793 55.50 8.55 -9.30
N PRO A 794 56.76 8.23 -9.59
CA PRO A 794 57.35 6.98 -9.05
C PRO A 794 57.45 6.96 -7.54
N SER A 795 57.63 8.11 -6.89
CA SER A 795 57.87 8.13 -5.45
C SER A 795 56.66 7.62 -4.68
N LYS A 796 55.46 8.05 -5.06
CA LYS A 796 54.27 7.65 -4.34
C LYS A 796 53.97 6.18 -4.57
N PRO A 797 53.66 5.40 -3.54
CA PRO A 797 53.28 3.99 -3.75
C PRO A 797 52.01 3.84 -4.58
N SER A 798 51.11 4.83 -4.53
CA SER A 798 49.86 4.73 -5.29
C SER A 798 50.09 4.81 -6.79
N LYS A 799 51.25 5.30 -7.24
CA LYS A 799 51.58 5.41 -8.66
C LYS A 799 50.55 6.26 -9.40
N ARG A 800 50.32 7.47 -8.89
CA ARG A 800 49.34 8.38 -9.46
C ARG A 800 49.98 9.73 -9.73
N SER A 801 49.45 10.44 -10.72
CA SER A 801 49.89 11.79 -11.00
C SER A 801 49.44 12.73 -9.90
N PRO A 802 50.12 13.88 -9.76
CA PRO A 802 49.70 14.84 -8.71
C PRO A 802 48.25 15.28 -8.83
N ILE A 803 47.74 15.46 -10.06
CA ILE A 803 46.37 15.90 -10.23
C ILE A 803 45.40 14.80 -9.79
N GLU A 804 45.73 13.55 -10.09
CA GLU A 804 44.90 12.44 -9.61
C GLU A 804 44.90 12.38 -8.09
N ASP A 805 46.05 12.64 -7.47
CA ASP A 805 46.11 12.71 -6.01
C ASP A 805 45.22 13.82 -5.47
N LEU A 806 45.24 14.98 -6.12
CA LEU A 806 44.39 16.09 -5.70
C LEU A 806 42.92 15.69 -5.79
N LEU A 807 42.52 15.08 -6.90
CA LEU A 807 41.12 14.68 -7.07
C LEU A 807 40.71 13.65 -6.02
N PHE A 808 41.55 12.65 -5.79
CA PHE A 808 41.22 11.60 -4.82
C PHE A 808 41.13 12.17 -3.41
N ASN A 809 42.04 13.05 -3.03
CA ASN A 809 42.00 13.65 -1.70
C ASN A 809 40.91 14.72 -1.57
N LYS A 810 40.37 15.21 -2.68
CA LYS A 810 39.30 16.20 -2.62
C LYS A 810 37.92 15.59 -2.57
N VAL A 811 37.66 14.54 -3.37
CA VAL A 811 36.31 13.99 -3.46
C VAL A 811 35.89 13.39 -2.12
N THR A 812 36.75 12.56 -1.53
CA THR A 812 36.49 11.87 -0.25
C THR A 812 35.19 11.07 -0.39
N LEU A 813 34.52 10.81 0.72
CA LEU A 813 33.27 10.06 0.71
C LEU A 813 32.19 10.78 1.52
N ALA A 814 31.06 10.12 1.71
CA ALA A 814 29.96 10.70 2.48
C ALA A 814 29.43 9.71 3.51
N GLN A 838 28.39 -0.09 7.54
CA GLN A 838 28.67 -0.98 6.41
C GLN A 838 27.58 -2.03 6.25
N LYS A 839 27.19 -2.65 7.36
CA LYS A 839 26.23 -3.75 7.35
C LYS A 839 24.88 -3.24 7.84
N PHE A 840 23.92 -3.13 6.92
CA PHE A 840 22.55 -2.80 7.25
C PHE A 840 21.76 -4.09 7.48
N ASN A 841 20.44 -3.98 7.57
CA ASN A 841 19.58 -5.14 7.78
C ASN A 841 19.30 -5.79 6.44
N GLY A 842 20.18 -6.68 6.02
CA GLY A 842 20.03 -7.37 4.76
C GLY A 842 20.51 -6.61 3.54
N LEU A 843 21.29 -5.54 3.73
CA LEU A 843 21.75 -4.71 2.62
C LEU A 843 23.27 -4.77 2.56
N THR A 844 23.80 -5.11 1.37
CA THR A 844 25.23 -5.26 1.17
C THR A 844 25.67 -4.44 -0.03
N VAL A 845 26.95 -4.10 -0.05
CA VAL A 845 27.57 -3.35 -1.15
C VAL A 845 28.70 -4.21 -1.73
N LEU A 846 28.68 -4.39 -3.05
CA LEU A 846 29.67 -5.23 -3.69
C LEU A 846 30.83 -4.39 -4.23
N PRO A 847 32.05 -4.90 -4.18
CA PRO A 847 33.20 -4.14 -4.68
C PRO A 847 33.27 -4.18 -6.19
N PRO A 848 33.86 -3.16 -6.81
CA PRO A 848 34.00 -3.17 -8.28
C PRO A 848 35.00 -4.21 -8.73
N LEU A 849 34.85 -4.63 -10.00
CA LEU A 849 35.74 -5.64 -10.56
C LEU A 849 37.15 -5.09 -10.76
N LEU A 850 37.27 -3.87 -11.26
CA LEU A 850 38.56 -3.26 -11.54
C LEU A 850 38.95 -2.36 -10.37
N THR A 851 40.17 -2.54 -9.86
CA THR A 851 40.65 -1.73 -8.76
C THR A 851 41.08 -0.34 -9.26
N ASP A 852 41.57 0.48 -8.33
CA ASP A 852 42.03 1.81 -8.70
C ASP A 852 43.37 1.76 -9.41
N GLU A 853 44.25 0.85 -9.00
CA GLU A 853 45.56 0.74 -9.61
C GLU A 853 45.45 0.33 -11.08
N MET A 854 44.52 -0.57 -11.39
CA MET A 854 44.33 -0.99 -12.77
C MET A 854 43.84 0.17 -13.65
N ILE A 855 42.92 0.98 -13.13
CA ILE A 855 42.44 2.13 -13.87
C ILE A 855 43.56 3.13 -14.08
N ALA A 856 44.38 3.36 -13.05
CA ALA A 856 45.53 4.25 -13.20
C ALA A 856 46.52 3.71 -14.23
N GLN A 857 46.71 2.40 -14.26
CA GLN A 857 47.58 1.78 -15.26
C GLN A 857 47.05 2.00 -16.66
N TYR A 858 45.73 1.84 -16.84
CA TYR A 858 45.12 2.09 -18.14
C TYR A 858 45.33 3.53 -18.57
N THR A 859 45.11 4.47 -17.65
CA THR A 859 45.28 5.89 -17.98
C THR A 859 46.74 6.20 -18.34
N SER A 860 47.68 5.64 -17.58
CA SER A 860 49.10 5.87 -17.87
C SER A 860 49.48 5.28 -19.22
N ALA A 861 48.94 4.11 -19.55
CA ALA A 861 49.20 3.51 -20.86
C ALA A 861 48.66 4.39 -21.98
N LEU A 862 47.46 4.93 -21.80
CA LEU A 862 46.90 5.83 -22.81
C LEU A 862 47.76 7.08 -22.98
N LEU A 863 48.21 7.66 -21.86
CA LEU A 863 49.06 8.85 -21.94
C LEU A 863 50.37 8.56 -22.65
N ALA A 864 51.01 7.43 -22.30
CA ALA A 864 52.26 7.06 -22.95
C ALA A 864 52.06 6.78 -24.43
N GLY A 865 50.93 6.19 -24.81
CA GLY A 865 50.64 5.98 -26.21
C GLY A 865 50.41 7.27 -26.98
N THR A 866 49.72 8.23 -26.37
CA THR A 866 49.41 9.47 -27.06
C THR A 866 50.55 10.49 -27.03
N ILE A 867 51.57 10.28 -26.20
CA ILE A 867 52.70 11.20 -26.21
C ILE A 867 53.76 10.79 -27.23
N THR A 868 54.10 9.50 -27.28
CA THR A 868 55.19 9.02 -28.11
C THR A 868 54.76 8.50 -29.48
N SER A 869 53.46 8.52 -29.80
CA SER A 869 53.01 7.96 -31.06
C SER A 869 52.00 8.81 -31.82
N GLY A 870 51.47 9.89 -31.25
CA GLY A 870 50.43 10.63 -31.94
C GLY A 870 49.13 9.86 -31.97
N TRP A 871 48.42 9.94 -33.08
CA TRP A 871 47.18 9.20 -33.26
C TRP A 871 47.41 7.86 -33.95
N THR A 872 48.65 7.49 -34.22
CA THR A 872 48.94 6.29 -34.99
C THR A 872 48.60 5.01 -34.23
N PHE A 873 48.60 5.05 -32.89
CA PHE A 873 48.34 3.85 -32.11
C PHE A 873 46.86 3.53 -31.97
N GLY A 874 45.98 4.41 -32.44
CA GLY A 874 44.56 4.16 -32.42
C GLY A 874 44.00 3.49 -33.65
N ALA A 875 44.85 3.19 -34.65
CA ALA A 875 44.38 2.57 -35.88
C ALA A 875 45.32 1.47 -36.37
N GLY A 876 46.10 0.86 -35.47
CA GLY A 876 47.03 -0.17 -35.85
C GLY A 876 48.26 -0.17 -34.96
N PRO A 877 49.39 -0.61 -35.49
CA PRO A 877 50.64 -0.56 -34.71
C PRO A 877 51.06 0.86 -34.41
N ALA A 878 51.67 1.04 -33.25
CA ALA A 878 52.13 2.35 -32.83
C ALA A 878 53.41 2.73 -33.59
N LEU A 879 53.42 3.94 -34.14
CA LEU A 879 54.55 4.44 -34.92
C LEU A 879 55.14 5.66 -34.23
N GLN A 880 56.46 5.65 -34.05
CA GLN A 880 57.14 6.72 -33.34
C GLN A 880 57.25 7.98 -34.21
N ILE A 881 57.38 9.11 -33.55
CA ILE A 881 57.55 10.42 -34.20
C ILE A 881 57.97 11.44 -33.16
N PRO A 882 58.92 12.33 -33.46
CA PRO A 882 59.26 13.39 -32.50
C PRO A 882 58.08 14.29 -32.22
N PHE A 883 58.01 14.78 -30.97
CA PHE A 883 56.85 15.54 -30.51
C PHE A 883 56.64 16.84 -31.28
N PRO A 884 57.66 17.68 -31.52
CA PRO A 884 57.40 18.90 -32.31
C PRO A 884 56.83 18.63 -33.69
N MET A 885 57.23 17.53 -34.34
CA MET A 885 56.65 17.19 -35.63
C MET A 885 55.18 16.81 -35.49
N GLN A 886 54.83 16.12 -34.41
CA GLN A 886 53.42 15.83 -34.15
C GLN A 886 52.63 17.10 -33.94
N MET A 887 53.18 18.06 -33.20
CA MET A 887 52.49 19.32 -32.99
C MET A 887 52.33 20.09 -34.30
N ALA A 888 53.35 20.01 -35.17
CA ALA A 888 53.23 20.64 -36.49
C ALA A 888 52.14 19.98 -37.32
N TYR A 889 52.06 18.65 -37.26
CA TYR A 889 50.97 17.94 -37.93
C TYR A 889 49.62 18.39 -37.42
N ARG A 890 49.53 18.63 -36.10
CA ARG A 890 48.24 19.02 -35.52
C ARG A 890 47.87 20.46 -35.87
N PHE A 891 48.86 21.36 -35.97
CA PHE A 891 48.57 22.69 -36.49
C PHE A 891 48.15 22.63 -37.96
N ASN A 892 48.74 21.72 -38.72
CA ASN A 892 48.33 21.57 -40.12
C ASN A 892 46.87 21.13 -40.25
N GLY A 893 46.28 20.61 -39.19
CA GLY A 893 44.90 20.15 -39.19
C GLY A 893 43.86 21.20 -38.89
N ILE A 894 44.26 22.43 -38.60
CA ILE A 894 43.31 23.51 -38.31
C ILE A 894 43.46 24.68 -39.27
N GLY A 895 44.23 24.51 -40.34
CA GLY A 895 44.38 25.56 -41.33
C GLY A 895 45.55 26.49 -41.12
N VAL A 896 46.56 26.09 -40.36
CA VAL A 896 47.75 26.90 -40.12
C VAL A 896 48.96 26.11 -40.61
N THR A 897 49.84 26.78 -41.35
CA THR A 897 50.97 26.11 -41.98
C THR A 897 51.98 25.67 -40.92
N GLN A 898 52.89 24.79 -41.35
CA GLN A 898 53.86 24.20 -40.44
C GLN A 898 54.82 25.25 -39.87
N ASN A 899 55.30 26.16 -40.72
CA ASN A 899 56.39 27.05 -40.32
C ASN A 899 55.99 27.97 -39.17
N VAL A 900 54.69 28.09 -38.87
CA VAL A 900 54.28 28.89 -37.73
C VAL A 900 54.80 28.27 -36.43
N LEU A 901 54.71 26.94 -36.30
CA LEU A 901 55.15 26.29 -35.08
C LEU A 901 56.67 26.35 -34.94
N TYR A 902 57.40 25.98 -36.00
CA TYR A 902 58.85 25.88 -35.91
C TYR A 902 59.50 27.23 -35.60
N GLU A 903 58.86 28.33 -36.02
CA GLU A 903 59.36 29.66 -35.73
C GLU A 903 58.87 30.22 -34.41
N ASN A 904 57.94 29.53 -33.74
CA ASN A 904 57.45 29.94 -32.44
C ASN A 904 57.44 28.77 -31.46
N GLN A 905 58.39 27.84 -31.63
CA GLN A 905 58.41 26.64 -30.79
C GLN A 905 58.69 26.99 -29.34
N LYS A 906 59.63 27.90 -29.08
CA LYS A 906 60.01 28.20 -27.70
C LYS A 906 58.88 28.90 -26.96
N LEU A 907 58.20 29.85 -27.62
CA LEU A 907 57.12 30.58 -26.95
C LEU A 907 55.94 29.66 -26.65
N ILE A 908 55.48 28.92 -27.65
CA ILE A 908 54.25 28.14 -27.51
C ILE A 908 54.35 27.19 -26.33
N ALA A 909 55.45 26.43 -26.26
CA ALA A 909 55.66 25.51 -25.16
C ALA A 909 55.48 26.21 -23.82
N ASN A 910 56.12 27.38 -23.67
CA ASN A 910 56.00 28.14 -22.43
C ASN A 910 54.53 28.36 -22.08
N GLN A 911 53.76 28.87 -23.05
CA GLN A 911 52.33 29.09 -22.82
C GLN A 911 51.69 27.81 -22.30
N PHE A 912 51.92 26.70 -23.01
CA PHE A 912 51.35 25.42 -22.61
C PHE A 912 51.66 25.15 -21.14
N ASN A 913 52.94 25.25 -20.78
CA ASN A 913 53.34 24.96 -19.40
C ASN A 913 52.52 25.79 -18.43
N SER A 914 52.46 27.11 -18.67
CA SER A 914 51.75 27.99 -17.76
C SER A 914 50.32 27.52 -17.57
N ALA A 915 49.64 27.20 -18.68
CA ALA A 915 48.24 26.78 -18.59
C ALA A 915 48.10 25.62 -17.64
N ILE A 916 48.97 24.61 -17.78
CA ILE A 916 48.84 23.41 -16.96
C ILE A 916 48.89 23.79 -15.48
N GLY A 917 49.81 24.68 -15.12
CA GLY A 917 49.91 25.07 -13.72
C GLY A 917 48.62 25.62 -13.19
N LYS A 918 48.00 26.54 -13.95
CA LYS A 918 46.77 27.16 -13.48
C LYS A 918 45.70 26.11 -13.22
N ILE A 919 45.73 25.01 -13.97
CA ILE A 919 44.71 23.97 -13.81
C ILE A 919 44.67 23.52 -12.37
N GLN A 920 45.84 23.27 -11.79
CA GLN A 920 45.88 22.84 -10.39
C GLN A 920 45.17 23.85 -9.50
N ASP A 921 45.55 25.12 -9.62
CA ASP A 921 44.97 26.14 -8.75
C ASP A 921 43.50 26.39 -9.05
N SER A 922 42.99 25.86 -10.16
CA SER A 922 41.57 25.99 -10.48
C SER A 922 40.75 24.80 -10.03
N LEU A 923 41.37 23.77 -9.46
CA LEU A 923 40.63 22.56 -9.08
C LEU A 923 40.35 22.49 -7.58
N PHE A 924 41.39 22.50 -6.76
CA PHE A 924 41.20 22.34 -5.32
C PHE A 924 40.69 23.61 -4.66
N SER A 925 41.07 24.78 -5.18
CA SER A 925 40.62 26.04 -4.57
C SER A 925 39.11 26.20 -4.69
N THR A 926 38.55 25.89 -5.85
CA THR A 926 37.11 25.99 -6.05
C THR A 926 36.43 24.73 -5.48
N PRO A 927 35.48 24.87 -4.56
CA PRO A 927 34.86 23.68 -3.97
C PRO A 927 33.75 23.06 -4.80
N SER A 928 33.18 23.80 -5.74
CA SER A 928 32.04 23.34 -6.51
C SER A 928 32.42 22.77 -7.88
N ALA A 929 33.72 22.60 -8.14
CA ALA A 929 34.13 22.06 -9.43
C ALA A 929 33.71 20.60 -9.58
N LEU A 930 34.03 19.77 -8.59
CA LEU A 930 33.73 18.34 -8.65
C LEU A 930 32.44 18.02 -7.88
N GLY A 931 31.35 18.64 -8.32
CA GLY A 931 30.05 18.39 -7.72
C GLY A 931 29.33 17.22 -8.33
N LYS A 932 29.60 16.95 -9.61
CA LYS A 932 28.91 15.87 -10.31
C LYS A 932 29.24 14.52 -9.69
N LEU A 933 30.50 14.29 -9.33
CA LEU A 933 30.89 13.02 -8.73
C LEU A 933 30.41 12.91 -7.29
N GLN A 934 30.31 14.04 -6.58
CA GLN A 934 29.82 14.00 -5.20
C GLN A 934 28.32 13.74 -5.15
N ASP A 935 27.58 14.19 -6.17
CA ASP A 935 26.13 14.00 -6.17
C ASP A 935 25.77 12.53 -6.17
N VAL A 936 26.50 11.70 -6.93
CA VAL A 936 26.19 10.28 -7.00
C VAL A 936 26.33 9.62 -5.63
N VAL A 937 27.45 9.89 -4.95
CA VAL A 937 27.68 9.31 -3.63
C VAL A 937 26.63 9.78 -2.65
N ASN A 938 26.33 11.09 -2.67
CA ASN A 938 25.34 11.63 -1.74
C ASN A 938 23.97 11.00 -1.97
N HIS A 939 23.57 10.85 -3.23
CA HIS A 939 22.26 10.28 -3.52
C HIS A 939 22.19 8.80 -3.13
N ASN A 940 23.25 8.04 -3.39
CA ASN A 940 23.25 6.63 -3.01
C ASN A 940 23.16 6.49 -1.49
N ALA A 941 23.95 7.27 -0.76
CA ALA A 941 23.90 7.21 0.70
C ALA A 941 22.54 7.62 1.22
N GLN A 942 21.95 8.67 0.63
CA GLN A 942 20.63 9.12 1.07
C GLN A 942 19.57 8.05 0.84
N ALA A 943 19.60 7.39 -0.33
CA ALA A 943 18.64 6.34 -0.60
C ALA A 943 18.79 5.18 0.36
N LEU A 944 20.03 4.75 0.61
CA LEU A 944 20.24 3.64 1.54
C LEU A 944 19.78 3.99 2.95
N ASN A 945 20.08 5.22 3.39
CA ASN A 945 19.67 5.64 4.73
C ASN A 945 18.15 5.72 4.83
N THR A 946 17.48 6.22 3.80
CA THR A 946 16.02 6.26 3.82
C THR A 946 15.43 4.86 3.89
N LEU A 947 15.97 3.93 3.09
CA LEU A 947 15.46 2.57 3.11
C LEU A 947 15.67 1.93 4.49
N VAL A 948 16.81 2.18 5.11
CA VAL A 948 17.07 1.64 6.45
C VAL A 948 16.11 2.24 7.46
N LYS A 949 15.91 3.56 7.40
CA LYS A 949 15.08 4.24 8.38
C LYS A 949 13.61 3.94 8.22
N GLN A 950 13.18 3.48 7.04
CA GLN A 950 11.77 3.16 6.84
C GLN A 950 11.31 1.95 7.65
N LEU A 951 12.24 1.19 8.25
CA LEU A 951 11.88 -0.03 8.95
C LEU A 951 11.19 0.22 10.28
N SER A 952 11.14 1.46 10.76
CA SER A 952 10.59 1.77 12.08
C SER A 952 9.27 2.53 11.97
N SER A 953 8.46 2.18 10.97
CA SER A 953 7.16 2.79 10.77
C SER A 953 6.05 1.78 11.04
N LYS A 954 4.96 2.26 11.65
CA LYS A 954 3.87 1.36 12.04
C LYS A 954 3.01 0.95 10.85
N PHE A 955 2.83 1.85 9.87
CA PHE A 955 2.01 1.58 8.68
C PHE A 955 0.57 1.25 9.04
N GLY A 956 0.09 1.74 10.19
CA GLY A 956 -1.26 1.52 10.63
C GLY A 956 -1.43 0.45 11.68
N ALA A 957 -0.41 -0.36 11.93
CA ALA A 957 -0.50 -1.43 12.92
C ALA A 957 -0.30 -0.84 14.32
N ILE A 958 -0.16 -1.72 15.32
CA ILE A 958 -0.03 -1.29 16.70
C ILE A 958 1.42 -1.18 17.16
N SER A 959 2.37 -1.77 16.44
CA SER A 959 3.76 -1.70 16.83
C SER A 959 4.63 -1.93 15.59
N SER A 960 5.88 -1.51 15.71
CA SER A 960 6.88 -1.69 14.65
C SER A 960 7.80 -2.86 14.92
N VAL A 961 7.57 -3.63 15.98
CA VAL A 961 8.41 -4.76 16.35
C VAL A 961 7.56 -6.03 16.25
N LEU A 962 8.07 -7.01 15.51
CA LEU A 962 7.31 -8.25 15.31
C LEU A 962 7.18 -9.04 16.60
N ASN A 963 8.22 -9.02 17.44
CA ASN A 963 8.20 -9.81 18.67
C ASN A 963 7.09 -9.36 19.61
N ASP A 964 6.92 -8.05 19.76
CA ASP A 964 5.85 -7.55 20.63
C ASP A 964 4.47 -7.93 20.10
N ILE A 965 4.28 -7.79 18.78
CA ILE A 965 3.00 -8.15 18.18
C ILE A 965 2.71 -9.63 18.40
N LEU A 966 3.71 -10.49 18.19
CA LEU A 966 3.51 -11.92 18.36
C LEU A 966 3.21 -12.26 19.82
N SER A 967 4.06 -11.83 20.74
CA SER A 967 3.84 -12.10 22.16
C SER A 967 3.12 -10.94 22.85
N ARG A 968 2.06 -10.43 22.23
CA ARG A 968 1.11 -9.59 22.92
C ARG A 968 -0.33 -9.83 22.50
N LEU A 969 -0.59 -10.80 21.60
CA LEU A 969 -1.93 -11.02 21.09
C LEU A 969 -2.03 -12.44 20.56
N ASP A 970 -3.26 -12.89 20.34
CA ASP A 970 -3.49 -14.20 19.75
C ASP A 970 -3.08 -14.20 18.28
N PRO A 971 -2.64 -15.34 17.75
CA PRO A 971 -2.16 -15.40 16.36
C PRO A 971 -3.20 -14.92 15.34
N PRO A 972 -4.48 -15.31 15.46
CA PRO A 972 -5.43 -14.89 14.41
C PRO A 972 -5.55 -13.38 14.28
N GLU A 973 -5.44 -12.64 15.38
CA GLU A 973 -5.43 -11.18 15.28
C GLU A 973 -4.08 -10.66 14.80
N ALA A 974 -2.98 -11.32 15.20
CA ALA A 974 -1.65 -10.89 14.80
C ALA A 974 -1.40 -11.06 13.30
N GLU A 975 -2.19 -11.90 12.62
CA GLU A 975 -2.01 -12.07 11.19
C GLU A 975 -2.14 -10.75 10.44
N VAL A 976 -3.19 -9.99 10.73
CA VAL A 976 -3.43 -8.73 10.03
C VAL A 976 -2.32 -7.72 10.36
N GLN A 977 -1.91 -7.67 11.63
CA GLN A 977 -0.86 -6.73 12.03
C GLN A 977 0.44 -7.03 11.29
N ILE A 978 0.77 -8.31 11.13
CA ILE A 978 1.98 -8.67 10.38
C ILE A 978 1.80 -8.34 8.90
N ASP A 979 0.59 -8.57 8.37
CA ASP A 979 0.34 -8.35 6.94
C ASP A 979 0.53 -6.89 6.57
N ARG A 980 0.08 -5.97 7.44
CA ARG A 980 0.22 -4.55 7.16
C ARG A 980 1.70 -4.16 7.01
N LEU A 981 2.52 -4.63 7.95
CA LEU A 981 3.96 -4.36 7.88
C LEU A 981 4.57 -4.97 6.62
N ILE A 982 4.14 -6.17 6.26
CA ILE A 982 4.66 -6.82 5.06
C ILE A 982 4.38 -5.95 3.83
N THR A 983 3.14 -5.47 3.71
CA THR A 983 2.78 -4.64 2.57
C THR A 983 3.60 -3.36 2.54
N GLY A 984 3.76 -2.70 3.69
CA GLY A 984 4.53 -1.47 3.72
C GLY A 984 5.97 -1.66 3.30
N ARG A 985 6.62 -2.72 3.81
CA ARG A 985 8.02 -2.94 3.48
C ARG A 985 8.18 -3.35 2.01
N LEU A 986 7.23 -4.11 1.47
CA LEU A 986 7.26 -4.42 0.04
C LEU A 986 7.18 -3.15 -0.80
N GLN A 987 6.29 -2.22 -0.42
CA GLN A 987 6.19 -0.96 -1.14
C GLN A 987 7.50 -0.19 -1.09
N SER A 988 8.14 -0.16 0.08
CA SER A 988 9.42 0.55 0.21
C SER A 988 10.48 -0.05 -0.73
N LEU A 989 10.57 -1.39 -0.74
CA LEU A 989 11.56 -2.03 -1.61
C LEU A 989 11.28 -1.72 -3.07
N GLN A 990 10.02 -1.76 -3.49
CA GLN A 990 9.69 -1.49 -4.88
C GLN A 990 10.09 -0.07 -5.28
N THR A 991 9.80 0.91 -4.41
CA THR A 991 10.17 2.28 -4.71
C THR A 991 11.68 2.42 -4.86
N TYR A 992 12.44 1.81 -3.94
CA TYR A 992 13.89 1.88 -4.02
C TYR A 992 14.42 1.30 -5.32
N VAL A 993 13.89 0.14 -5.72
CA VAL A 993 14.37 -0.52 -6.93
C VAL A 993 14.06 0.32 -8.17
N THR A 994 12.86 0.91 -8.24
CA THR A 994 12.52 1.72 -9.41
C THR A 994 13.43 2.94 -9.52
N GLN A 995 13.68 3.62 -8.39
CA GLN A 995 14.56 4.78 -8.43
C GLN A 995 15.96 4.39 -8.87
N GLN A 996 16.46 3.25 -8.37
CA GLN A 996 17.77 2.78 -8.79
C GLN A 996 17.82 2.51 -10.28
N LEU A 997 16.76 1.91 -10.83
CA LEU A 997 16.73 1.64 -12.27
C LEU A 997 16.84 2.92 -13.09
N ILE A 998 16.07 3.95 -12.70
CA ILE A 998 16.11 5.21 -13.46
C ILE A 998 17.50 5.83 -13.39
N ARG A 999 18.09 5.87 -12.18
CA ARG A 999 19.42 6.46 -12.05
C ARG A 999 20.46 5.66 -12.83
N ALA A 1000 20.31 4.34 -12.89
CA ALA A 1000 21.23 3.52 -13.66
C ALA A 1000 21.15 3.85 -15.14
N ALA A 1001 19.94 4.06 -15.66
CA ALA A 1001 19.81 4.46 -17.06
C ALA A 1001 20.53 5.78 -17.33
N GLU A 1002 20.34 6.76 -16.45
CA GLU A 1002 21.02 8.05 -16.64
C GLU A 1002 22.54 7.88 -16.62
N ILE A 1003 23.04 7.08 -15.68
CA ILE A 1003 24.49 6.88 -15.57
C ILE A 1003 25.01 6.18 -16.81
N ARG A 1004 24.25 5.24 -17.37
CA ARG A 1004 24.68 4.56 -18.58
C ARG A 1004 24.79 5.53 -19.75
N ALA A 1005 23.83 6.45 -19.87
CA ALA A 1005 23.93 7.46 -20.93
C ALA A 1005 25.20 8.29 -20.76
N SER A 1006 25.48 8.71 -19.52
CA SER A 1006 26.69 9.49 -19.28
C SER A 1006 27.94 8.70 -19.64
N ALA A 1007 27.96 7.41 -19.31
CA ALA A 1007 29.12 6.57 -19.62
C ALA A 1007 29.31 6.42 -21.13
N ASN A 1008 28.23 6.29 -21.88
CA ASN A 1008 28.35 6.23 -23.33
C ASN A 1008 28.95 7.52 -23.89
N LEU A 1009 28.50 8.67 -23.37
CA LEU A 1009 29.10 9.93 -23.83
C LEU A 1009 30.58 9.99 -23.49
N ALA A 1010 30.95 9.54 -22.29
CA ALA A 1010 32.36 9.55 -21.90
C ALA A 1010 33.20 8.66 -22.80
N ALA A 1011 32.68 7.48 -23.14
CA ALA A 1011 33.40 6.58 -24.03
C ALA A 1011 33.60 7.20 -25.41
N THR A 1012 32.57 7.85 -25.94
CA THR A 1012 32.71 8.52 -27.23
C THR A 1012 33.76 9.63 -27.18
N LYS A 1013 33.75 10.42 -26.11
CA LYS A 1013 34.74 11.49 -25.98
C LYS A 1013 36.15 10.93 -25.85
N MET A 1014 36.30 9.81 -25.15
CA MET A 1014 37.62 9.17 -25.07
C MET A 1014 38.07 8.70 -26.44
N SER A 1015 37.17 8.12 -27.22
CA SER A 1015 37.54 7.62 -28.53
C SER A 1015 37.93 8.75 -29.49
N GLU A 1016 37.20 9.87 -29.46
CA GLU A 1016 37.39 10.88 -30.49
C GLU A 1016 38.41 11.96 -30.09
N CYS A 1017 38.28 12.51 -28.88
CA CYS A 1017 39.16 13.61 -28.50
C CYS A 1017 40.58 13.16 -28.16
N VAL A 1018 40.72 11.96 -27.57
CA VAL A 1018 42.03 11.51 -27.10
C VAL A 1018 42.79 10.75 -28.17
N LEU A 1019 42.12 9.82 -28.87
CA LEU A 1019 42.79 8.98 -29.84
C LEU A 1019 42.94 9.65 -31.20
N GLY A 1020 42.41 10.85 -31.38
CA GLY A 1020 42.55 11.55 -32.64
C GLY A 1020 42.23 13.02 -32.45
N GLN A 1021 42.30 13.76 -33.55
CA GLN A 1021 41.99 15.18 -33.57
C GLN A 1021 40.59 15.38 -34.15
N SER A 1022 39.76 16.13 -33.44
CA SER A 1022 38.36 16.29 -33.79
C SER A 1022 38.12 17.59 -34.54
N LYS A 1023 37.13 17.56 -35.43
CA LYS A 1023 36.71 18.74 -36.18
C LYS A 1023 35.30 19.18 -35.83
N ARG A 1024 34.60 18.44 -34.97
CA ARG A 1024 33.30 18.89 -34.47
C ARG A 1024 33.49 20.13 -33.60
N VAL A 1025 32.54 21.04 -33.70
CA VAL A 1025 32.64 22.33 -33.01
C VAL A 1025 32.18 22.17 -31.57
N ASP A 1026 32.98 22.68 -30.64
CA ASP A 1026 32.66 22.69 -29.20
C ASP A 1026 32.48 21.30 -28.62
N PHE A 1027 33.06 20.28 -29.26
CA PHE A 1027 32.95 18.91 -28.75
C PHE A 1027 34.10 18.58 -27.81
N CYS A 1028 35.32 18.97 -28.14
CA CYS A 1028 36.47 18.69 -27.30
C CYS A 1028 37.07 19.99 -26.77
N GLY A 1029 36.21 20.91 -26.34
CA GLY A 1029 36.64 22.17 -25.78
C GLY A 1029 36.30 23.34 -26.70
N LYS A 1030 36.35 24.54 -26.11
CA LYS A 1030 36.04 25.76 -26.85
C LYS A 1030 37.27 26.20 -27.64
N GLY A 1031 37.11 26.35 -28.95
CA GLY A 1031 38.20 26.71 -29.83
C GLY A 1031 38.54 25.57 -30.77
N TYR A 1032 39.61 25.78 -31.54
CA TYR A 1032 40.08 24.76 -32.47
C TYR A 1032 40.86 23.71 -31.69
N HIS A 1033 40.39 22.46 -31.78
CA HIS A 1033 40.93 21.39 -30.94
C HIS A 1033 42.35 21.00 -31.37
N LEU A 1034 43.19 20.67 -30.40
CA LEU A 1034 44.54 20.20 -30.64
C LEU A 1034 44.74 18.78 -30.14
N MET A 1035 44.46 18.50 -28.87
CA MET A 1035 44.62 17.18 -28.28
C MET A 1035 43.90 17.17 -26.93
N SER A 1036 44.05 16.07 -26.20
CA SER A 1036 43.41 15.94 -24.89
C SER A 1036 44.18 14.91 -24.07
N PHE A 1037 43.97 14.95 -22.75
CA PHE A 1037 44.62 14.03 -21.82
C PHE A 1037 43.60 13.56 -20.79
N PRO A 1038 43.51 12.27 -20.53
CA PRO A 1038 42.57 11.76 -19.52
C PRO A 1038 43.21 11.61 -18.14
N GLN A 1039 42.39 11.86 -17.12
CA GLN A 1039 42.78 11.63 -15.73
C GLN A 1039 41.65 10.88 -15.03
N SER A 1040 42.03 9.98 -14.14
CA SER A 1040 41.06 9.13 -13.45
C SER A 1040 40.56 9.81 -12.18
N ALA A 1041 39.27 9.63 -11.91
CA ALA A 1041 38.62 10.18 -10.74
C ALA A 1041 37.70 9.12 -10.17
N PRO A 1042 37.34 9.24 -8.89
CA PRO A 1042 36.39 8.27 -8.30
C PRO A 1042 35.05 8.32 -9.00
N HIS A 1043 34.64 7.18 -9.57
CA HIS A 1043 33.36 7.03 -10.25
C HIS A 1043 33.22 7.96 -11.45
N GLY A 1044 34.33 8.29 -12.10
CA GLY A 1044 34.25 9.19 -13.23
C GLY A 1044 35.60 9.38 -13.88
N VAL A 1045 35.63 10.28 -14.86
CA VAL A 1045 36.83 10.59 -15.62
C VAL A 1045 36.91 12.11 -15.81
N VAL A 1046 38.12 12.61 -16.03
CA VAL A 1046 38.37 14.03 -16.22
C VAL A 1046 39.21 14.20 -17.49
N PHE A 1047 38.80 15.14 -18.34
CA PHE A 1047 39.51 15.43 -19.59
C PHE A 1047 40.15 16.81 -19.52
N LEU A 1048 41.32 16.93 -20.13
CA LEU A 1048 42.08 18.18 -20.19
C LEU A 1048 42.23 18.57 -21.66
N HIS A 1049 41.29 19.34 -22.17
CA HIS A 1049 41.29 19.72 -23.57
C HIS A 1049 42.25 20.87 -23.83
N VAL A 1050 43.06 20.74 -24.88
CA VAL A 1050 43.99 21.78 -25.31
C VAL A 1050 43.50 22.32 -26.64
N THR A 1051 43.26 23.64 -26.69
CA THR A 1051 42.65 24.28 -27.85
C THR A 1051 43.54 25.42 -28.33
N TYR A 1052 43.11 26.05 -29.42
CA TYR A 1052 43.83 27.15 -30.07
C TYR A 1052 42.88 28.33 -30.21
N VAL A 1053 43.31 29.51 -29.80
CA VAL A 1053 42.46 30.70 -29.81
C VAL A 1053 43.19 31.86 -30.48
N PRO A 1054 42.61 32.49 -31.49
CA PRO A 1054 43.25 33.66 -32.11
C PRO A 1054 43.12 34.91 -31.24
N ALA A 1055 43.94 35.89 -31.56
CA ALA A 1055 43.96 37.15 -30.82
C ALA A 1055 44.60 38.24 -31.67
N GLN A 1056 44.39 39.49 -31.24
CA GLN A 1056 45.03 40.67 -31.83
C GLN A 1056 44.67 40.81 -33.33
N GLU A 1057 43.38 41.02 -33.56
CA GLU A 1057 42.88 41.25 -34.91
C GLU A 1057 43.29 42.64 -35.40
N LYS A 1058 42.99 42.94 -36.66
CA LYS A 1058 43.38 44.20 -37.27
C LYS A 1058 42.50 44.47 -38.50
N ASN A 1059 42.18 45.74 -38.71
CA ASN A 1059 41.40 46.15 -39.87
C ASN A 1059 42.16 45.83 -41.16
N PHE A 1060 41.39 45.48 -42.20
CA PHE A 1060 41.96 45.26 -43.52
C PHE A 1060 40.88 45.45 -44.57
N THR A 1061 41.32 45.68 -45.80
CA THR A 1061 40.45 45.85 -46.96
C THR A 1061 40.72 44.74 -47.95
N THR A 1062 39.65 44.09 -48.44
CA THR A 1062 39.78 42.90 -49.25
C THR A 1062 39.00 43.05 -50.55
N ALA A 1063 39.36 42.22 -51.53
CA ALA A 1063 38.71 42.14 -52.81
C ALA A 1063 38.51 40.68 -53.18
N PRO A 1064 37.46 40.36 -53.95
CA PRO A 1064 37.19 38.96 -54.29
C PRO A 1064 38.07 38.41 -55.41
N ALA A 1065 38.56 39.29 -56.29
CA ALA A 1065 39.34 38.85 -57.43
C ALA A 1065 40.27 39.97 -57.87
N ILE A 1066 41.24 39.61 -58.70
CA ILE A 1066 42.22 40.55 -59.24
C ILE A 1066 42.22 40.42 -60.76
N CYS A 1067 42.07 41.55 -61.45
CA CYS A 1067 42.04 41.57 -62.90
C CYS A 1067 43.44 41.88 -63.44
N HIS A 1068 43.87 41.11 -64.43
CA HIS A 1068 45.19 41.28 -65.02
C HIS A 1068 45.12 40.90 -66.50
N ASP A 1069 45.36 41.86 -67.38
CA ASP A 1069 45.31 41.66 -68.82
C ASP A 1069 43.95 41.09 -69.26
N GLY A 1070 42.89 41.62 -68.67
CA GLY A 1070 41.54 41.14 -68.98
C GLY A 1070 41.28 39.72 -68.54
N LYS A 1071 41.85 39.31 -67.41
CA LYS A 1071 41.65 37.96 -66.87
C LYS A 1071 41.47 38.06 -65.36
N ALA A 1072 40.46 37.37 -64.84
CA ALA A 1072 40.24 37.34 -63.40
C ALA A 1072 41.19 36.36 -62.73
N HIS A 1073 41.65 36.70 -61.54
CA HIS A 1073 42.55 35.87 -60.75
C HIS A 1073 41.94 35.60 -59.39
N PHE A 1074 41.92 34.34 -58.99
CA PHE A 1074 41.42 33.93 -57.68
C PHE A 1074 42.53 33.25 -56.89
N PRO A 1075 42.57 33.43 -55.57
CA PRO A 1075 43.62 32.79 -54.77
C PRO A 1075 43.37 31.30 -54.64
N ARG A 1076 44.47 30.57 -54.43
CA ARG A 1076 44.37 29.13 -54.25
C ARG A 1076 43.96 28.78 -52.82
N GLU A 1077 44.79 29.16 -51.85
CA GLU A 1077 44.47 28.99 -50.42
C GLU A 1077 44.85 30.29 -49.73
N GLY A 1078 43.92 31.22 -49.67
CA GLY A 1078 44.19 32.50 -49.05
C GLY A 1078 43.13 33.52 -49.43
N VAL A 1079 43.33 34.73 -48.93
CA VAL A 1079 42.42 35.84 -49.15
C VAL A 1079 43.23 37.05 -49.61
N PHE A 1080 42.72 37.74 -50.63
CA PHE A 1080 43.37 38.97 -51.08
C PHE A 1080 43.18 40.07 -50.04
N VAL A 1081 44.26 40.76 -49.71
CA VAL A 1081 44.24 41.78 -48.66
C VAL A 1081 45.13 42.94 -49.07
N SER A 1082 44.72 44.14 -48.67
CA SER A 1082 45.45 45.36 -48.98
C SER A 1082 45.69 46.17 -47.71
N ASN A 1083 46.88 46.75 -47.61
CA ASN A 1083 47.23 47.59 -46.47
C ASN A 1083 47.12 49.08 -46.79
N GLY A 1084 46.56 49.43 -47.94
CA GLY A 1084 46.39 50.82 -48.31
C GLY A 1084 47.03 51.18 -49.62
N THR A 1085 48.22 50.62 -49.88
CA THR A 1085 48.96 50.90 -51.11
C THR A 1085 49.19 49.65 -51.95
N HIS A 1086 49.62 48.55 -51.33
CA HIS A 1086 49.97 47.34 -52.05
C HIS A 1086 49.02 46.21 -51.68
N TRP A 1087 48.81 45.29 -52.62
CA TRP A 1087 47.92 44.15 -52.43
C TRP A 1087 48.75 42.91 -52.12
N PHE A 1088 48.24 42.08 -51.20
CA PHE A 1088 48.93 40.87 -50.79
C PHE A 1088 47.91 39.75 -50.65
N VAL A 1089 48.43 38.51 -50.71
CA VAL A 1089 47.64 37.31 -50.46
C VAL A 1089 48.18 36.66 -49.20
N THR A 1090 47.27 36.31 -48.29
CA THR A 1090 47.67 35.78 -47.00
C THR A 1090 46.76 34.62 -46.61
N GLN A 1091 47.27 33.76 -45.74
CA GLN A 1091 46.47 32.65 -45.24
C GLN A 1091 45.38 33.14 -44.31
N ARG A 1092 44.36 32.30 -44.11
CA ARG A 1092 43.13 32.76 -43.47
C ARG A 1092 43.32 33.09 -41.99
N ASN A 1093 43.94 32.18 -41.24
CA ASN A 1093 43.90 32.23 -39.78
C ASN A 1093 45.14 32.84 -39.15
N PHE A 1094 46.07 33.36 -39.95
CA PHE A 1094 47.26 33.99 -39.39
C PHE A 1094 47.81 34.97 -40.42
N TYR A 1095 48.07 36.19 -39.98
CA TYR A 1095 48.51 37.23 -40.91
C TYR A 1095 49.94 36.97 -41.36
N GLU A 1096 50.12 36.77 -42.66
CA GLU A 1096 51.42 36.55 -43.26
C GLU A 1096 51.36 36.87 -44.75
N PRO A 1097 51.60 38.13 -45.12
CA PRO A 1097 51.41 38.53 -46.51
C PRO A 1097 52.44 37.90 -47.45
N GLN A 1098 52.03 37.75 -48.71
CA GLN A 1098 52.88 37.21 -49.75
C GLN A 1098 52.73 38.03 -51.02
N ILE A 1099 53.77 38.02 -51.85
CA ILE A 1099 53.74 38.72 -53.13
C ILE A 1099 52.87 37.92 -54.10
N ILE A 1100 51.94 38.62 -54.76
CA ILE A 1100 51.01 37.95 -55.67
C ILE A 1100 51.79 37.40 -56.87
N THR A 1101 51.51 36.15 -57.22
CA THR A 1101 52.22 35.46 -58.29
C THR A 1101 51.27 34.45 -58.90
N THR A 1102 51.53 34.08 -60.16
CA THR A 1102 50.74 33.05 -60.81
C THR A 1102 50.93 31.68 -60.17
N ASP A 1103 51.93 31.52 -59.30
CA ASP A 1103 52.11 30.25 -58.61
C ASP A 1103 50.96 29.94 -57.66
N ASN A 1104 50.44 30.96 -56.98
CA ASN A 1104 49.43 30.77 -55.94
C ASN A 1104 48.06 31.30 -56.36
N THR A 1105 47.79 31.34 -57.67
CA THR A 1105 46.50 31.79 -58.17
C THR A 1105 46.12 30.97 -59.40
N PHE A 1106 44.83 30.94 -59.69
CA PHE A 1106 44.29 30.35 -60.91
C PHE A 1106 43.35 31.34 -61.56
N VAL A 1107 43.33 31.34 -62.90
CA VAL A 1107 42.63 32.38 -63.64
C VAL A 1107 41.14 32.05 -63.74
N SER A 1108 40.82 30.98 -64.47
CA SER A 1108 39.48 30.40 -64.55
C SER A 1108 38.37 31.45 -64.60
N GLY A 1109 38.42 32.29 -65.64
CA GLY A 1109 37.31 33.22 -65.85
C GLY A 1109 37.75 34.43 -66.65
N ASN A 1110 36.92 35.46 -66.58
CA ASN A 1110 37.11 36.71 -67.30
C ASN A 1110 36.88 37.87 -66.34
N CYS A 1111 37.17 39.08 -66.81
CA CYS A 1111 37.20 40.27 -65.96
C CYS A 1111 35.85 41.00 -65.90
N ASP A 1112 34.86 40.59 -66.68
CA ASP A 1112 33.61 41.33 -66.80
C ASP A 1112 32.42 40.58 -66.20
N VAL A 1113 32.67 39.70 -65.23
CA VAL A 1113 31.62 38.90 -64.60
C VAL A 1113 31.58 39.13 -63.09
N VAL A 1114 32.73 39.03 -62.42
CA VAL A 1114 32.77 39.16 -60.97
C VAL A 1114 32.39 40.57 -60.57
N ILE A 1115 31.66 40.69 -59.46
CA ILE A 1115 31.21 41.97 -58.93
C ILE A 1115 32.10 42.35 -57.77
N GLY A 1116 32.85 43.44 -57.92
CA GLY A 1116 33.79 43.89 -56.92
C GLY A 1116 35.25 43.66 -57.25
N ILE A 1117 35.58 43.33 -58.50
CA ILE A 1117 36.95 43.02 -58.86
C ILE A 1117 37.80 44.29 -58.80
N VAL A 1118 39.06 44.11 -58.41
CA VAL A 1118 40.04 45.19 -58.35
C VAL A 1118 41.22 44.78 -59.22
N ASN A 1119 41.57 45.62 -60.19
CA ASN A 1119 42.62 45.28 -61.15
C ASN A 1119 43.96 45.79 -60.67
N ASN A 1120 44.97 44.93 -60.73
CA ASN A 1120 46.32 45.22 -60.28
C ASN A 1120 47.28 44.42 -61.14
N THR A 1121 48.53 44.29 -60.69
CA THR A 1121 49.55 43.55 -61.41
C THR A 1121 49.87 42.25 -60.68
N VAL A 1122 50.17 41.21 -61.46
CA VAL A 1122 50.50 39.89 -60.93
C VAL A 1122 51.79 39.45 -61.64
N TYR A 1123 52.91 39.51 -60.92
CA TYR A 1123 54.18 39.14 -61.50
C TYR A 1123 54.22 37.64 -61.80
N ASP A 1124 54.83 37.29 -62.93
CA ASP A 1124 54.87 35.90 -63.38
C ASP A 1124 56.12 35.19 -62.87
N LEU B 11 17.22 -67.96 10.65
CA LEU B 11 16.20 -68.01 11.69
C LEU B 11 16.61 -67.23 12.92
N ILE B 12 15.92 -66.11 13.17
CA ILE B 12 16.19 -65.24 14.31
C ILE B 12 17.66 -64.86 14.35
N THR B 13 18.12 -64.13 13.35
CA THR B 13 19.50 -63.67 13.28
C THR B 13 19.59 -62.15 13.40
N THR B 14 18.90 -61.41 12.53
CA THR B 14 18.80 -59.95 12.61
C THR B 14 20.17 -59.29 12.71
N THR B 15 21.07 -59.69 11.82
CA THR B 15 22.38 -59.03 11.75
C THR B 15 22.19 -57.63 11.15
N GLN B 16 22.86 -56.65 11.77
CA GLN B 16 22.70 -55.25 11.39
C GLN B 16 23.98 -54.73 10.77
N SER B 17 23.85 -54.15 9.56
CA SER B 17 24.97 -53.53 8.88
C SER B 17 24.46 -52.31 8.14
N TYR B 18 25.37 -51.37 7.89
CA TYR B 18 25.03 -50.09 7.29
C TYR B 18 25.46 -50.07 5.82
N THR B 19 24.56 -49.63 4.95
CA THR B 19 24.82 -49.56 3.52
C THR B 19 24.24 -48.27 2.96
N ASN B 20 24.79 -47.84 1.83
CA ASN B 20 24.31 -46.63 1.18
C ASN B 20 22.95 -46.88 0.51
N SER B 21 22.20 -45.78 0.32
CA SER B 21 20.88 -45.85 -0.27
C SER B 21 20.83 -45.37 -1.72
N PHE B 22 21.77 -44.55 -2.14
CA PHE B 22 21.85 -44.03 -3.53
C PHE B 22 20.57 -43.25 -3.81
N THR B 23 20.11 -43.28 -5.08
CA THR B 23 18.93 -42.52 -5.50
C THR B 23 17.75 -43.46 -5.61
N ARG B 24 17.11 -43.71 -4.47
CA ARG B 24 15.94 -44.57 -4.39
C ARG B 24 14.88 -43.91 -3.53
N GLY B 25 13.61 -44.26 -3.78
CA GLY B 25 12.52 -43.78 -2.97
C GLY B 25 11.85 -42.53 -3.48
N VAL B 26 11.47 -42.52 -4.75
CA VAL B 26 10.78 -41.39 -5.37
C VAL B 26 9.40 -41.87 -5.80
N TYR B 27 8.36 -41.15 -5.37
CA TYR B 27 6.99 -41.52 -5.65
C TYR B 27 6.24 -40.32 -6.22
N TYR B 28 5.16 -40.60 -6.93
CA TYR B 28 4.30 -39.54 -7.45
C TYR B 28 3.59 -38.86 -6.28
N PRO B 29 3.75 -37.55 -6.08
CA PRO B 29 3.14 -36.87 -4.94
C PRO B 29 1.73 -36.34 -5.18
N ASP B 30 1.17 -36.52 -6.37
CA ASP B 30 -0.14 -35.97 -6.69
C ASP B 30 -0.83 -36.89 -7.69
N LYS B 31 -2.00 -36.46 -8.17
CA LYS B 31 -2.75 -37.18 -9.19
C LYS B 31 -2.91 -36.32 -10.44
N VAL B 32 -1.97 -35.41 -10.69
CA VAL B 32 -2.06 -34.45 -11.77
C VAL B 32 -1.11 -34.88 -12.88
N PHE B 33 -1.63 -35.04 -14.09
CA PHE B 33 -0.83 -35.41 -15.24
C PHE B 33 0.00 -34.21 -15.71
N ARG B 34 1.28 -34.45 -15.96
CA ARG B 34 2.18 -33.45 -16.51
C ARG B 34 3.08 -34.10 -17.54
N SER B 35 3.52 -33.31 -18.51
CA SER B 35 4.36 -33.84 -19.58
C SER B 35 5.35 -32.77 -20.03
N SER B 36 6.63 -33.16 -20.15
CA SER B 36 7.70 -32.27 -20.59
C SER B 36 7.80 -31.03 -19.70
N VAL B 37 7.66 -31.23 -18.40
CA VAL B 37 7.68 -30.15 -17.42
C VAL B 37 8.65 -30.50 -16.31
N LEU B 38 9.44 -29.52 -15.88
CA LEU B 38 10.29 -29.65 -14.70
C LEU B 38 9.57 -29.01 -13.52
N HIS B 39 9.26 -29.82 -12.52
CA HIS B 39 8.45 -29.39 -11.39
C HIS B 39 9.27 -29.41 -10.10
N LEU B 40 9.03 -28.42 -9.25
CA LEU B 40 9.68 -28.33 -7.94
C LEU B 40 8.66 -28.65 -6.86
N THR B 41 8.96 -29.66 -6.04
CA THR B 41 8.03 -30.15 -5.05
C THR B 41 8.68 -30.18 -3.68
N GLN B 42 7.92 -29.77 -2.67
CA GLN B 42 8.35 -29.81 -1.27
C GLN B 42 7.45 -30.78 -0.52
N ASP B 43 8.03 -31.88 -0.04
CA ASP B 43 7.26 -32.93 0.62
C ASP B 43 8.23 -33.78 1.43
N LEU B 44 7.76 -34.91 1.95
CA LEU B 44 8.60 -35.83 2.70
C LEU B 44 9.23 -36.84 1.74
N PHE B 45 10.55 -36.85 1.69
CA PHE B 45 11.28 -37.72 0.78
C PHE B 45 12.43 -38.39 1.53
N LEU B 46 12.89 -39.51 0.99
CA LEU B 46 14.08 -40.16 1.51
C LEU B 46 15.31 -39.45 0.97
N PRO B 47 16.18 -38.90 1.83
CA PRO B 47 17.30 -38.10 1.34
C PRO B 47 18.25 -38.92 0.49
N PHE B 48 18.87 -38.25 -0.48
CA PHE B 48 19.82 -38.91 -1.38
C PHE B 48 21.09 -39.28 -0.62
N PHE B 49 21.62 -40.46 -0.96
CA PHE B 49 22.91 -40.93 -0.42
C PHE B 49 22.91 -40.94 1.11
N SER B 50 21.85 -41.50 1.69
CA SER B 50 21.78 -41.73 3.12
C SER B 50 22.15 -43.17 3.44
N ASN B 51 22.09 -43.53 4.71
CA ASN B 51 22.40 -44.87 5.18
C ASN B 51 21.14 -45.59 5.59
N VAL B 52 20.97 -46.82 5.10
CA VAL B 52 19.80 -47.63 5.37
C VAL B 52 20.23 -48.92 6.04
N THR B 53 19.54 -49.29 7.12
CA THR B 53 19.89 -50.48 7.88
C THR B 53 19.62 -51.75 7.06
N TRP B 54 20.52 -52.72 7.20
CA TRP B 54 20.42 -54.00 6.53
C TRP B 54 20.15 -55.09 7.57
N PHE B 55 19.21 -55.98 7.24
CA PHE B 55 18.82 -57.07 8.13
C PHE B 55 19.03 -58.40 7.43
N HIS B 56 19.26 -59.44 8.23
CA HIS B 56 19.38 -60.81 7.75
C HIS B 56 18.50 -61.72 8.58
N ALA B 57 17.94 -62.75 7.93
CA ALA B 57 17.09 -63.71 8.63
C ALA B 57 17.66 -65.11 8.52
N ASN B 69 12.53 -60.13 17.17
CA ASN B 69 12.45 -59.28 15.98
C ASN B 69 12.53 -57.80 16.36
N PRO B 70 13.13 -56.99 15.48
CA PRO B 70 13.27 -55.56 15.77
C PRO B 70 11.92 -54.87 15.86
N VAL B 71 11.89 -53.79 16.65
CA VAL B 71 10.67 -53.03 16.89
C VAL B 71 10.88 -51.60 16.43
N LEU B 72 11.69 -51.43 15.38
CA LEU B 72 12.12 -50.15 14.81
C LEU B 72 11.02 -49.10 14.83
N PRO B 73 11.28 -47.91 15.38
CA PRO B 73 10.24 -46.89 15.47
C PRO B 73 9.79 -46.42 14.08
N PHE B 74 8.51 -46.04 14.01
CA PHE B 74 7.94 -45.60 12.74
C PHE B 74 8.41 -44.20 12.36
N ASN B 75 8.64 -43.33 13.35
CA ASN B 75 9.04 -41.94 13.14
C ASN B 75 7.95 -41.27 12.30
N ASP B 76 8.23 -40.79 11.09
CA ASP B 76 7.22 -40.16 10.26
C ASP B 76 7.34 -40.63 8.81
N GLY B 77 7.65 -41.92 8.63
CA GLY B 77 7.78 -42.49 7.31
C GLY B 77 8.85 -43.54 7.22
N VAL B 78 8.59 -44.61 6.47
CA VAL B 78 9.51 -45.74 6.35
C VAL B 78 9.57 -46.15 4.88
N TYR B 79 10.78 -46.36 4.38
CA TYR B 79 11.00 -46.91 3.04
C TYR B 79 11.41 -48.37 3.21
N PHE B 80 10.48 -49.27 2.90
CA PHE B 80 10.69 -50.70 3.07
C PHE B 80 10.97 -51.34 1.72
N ALA B 81 11.98 -52.19 1.67
CA ALA B 81 12.36 -52.89 0.44
C ALA B 81 12.59 -54.36 0.75
N SER B 82 12.67 -55.16 -0.31
CA SER B 82 12.90 -56.59 -0.19
C SER B 82 13.40 -57.13 -1.51
N THR B 83 14.16 -58.22 -1.46
CA THR B 83 14.69 -58.84 -2.66
C THR B 83 14.62 -60.36 -2.66
N GLU B 84 14.15 -60.98 -1.59
CA GLU B 84 14.08 -62.44 -1.54
C GLU B 84 12.88 -62.95 -2.32
N LYS B 85 13.02 -64.16 -2.85
CA LYS B 85 11.97 -64.80 -3.65
C LYS B 85 11.38 -66.02 -2.96
N SER B 86 11.71 -66.25 -1.69
CA SER B 86 11.19 -67.40 -0.96
C SER B 86 9.82 -67.15 -0.35
N ASN B 87 9.29 -65.93 -0.47
CA ASN B 87 7.96 -65.57 0.05
C ASN B 87 7.88 -65.79 1.57
N ILE B 88 9.02 -65.64 2.26
CA ILE B 88 9.01 -65.74 3.71
C ILE B 88 8.71 -64.40 4.38
N ILE B 89 8.97 -63.29 3.69
CA ILE B 89 8.67 -61.96 4.21
C ILE B 89 7.28 -61.56 3.73
N ARG B 90 6.31 -61.57 4.65
CA ARG B 90 4.92 -61.31 4.28
C ARG B 90 4.22 -60.67 5.46
N GLY B 91 3.62 -59.51 5.25
CA GLY B 91 2.82 -58.86 6.26
C GLY B 91 3.62 -57.88 7.11
N TRP B 92 2.88 -56.97 7.74
CA TRP B 92 3.45 -55.98 8.64
C TRP B 92 2.48 -55.74 9.79
N ILE B 93 3.03 -55.32 10.93
CA ILE B 93 2.24 -55.02 12.12
C ILE B 93 2.58 -53.61 12.57
N PHE B 94 1.60 -52.73 12.56
CA PHE B 94 1.75 -51.36 13.02
C PHE B 94 1.11 -51.21 14.40
N GLY B 95 1.07 -49.99 14.90
CA GLY B 95 0.40 -49.70 16.15
C GLY B 95 1.19 -48.71 16.97
N THR B 96 0.74 -48.52 18.22
CA THR B 96 1.38 -47.61 19.15
C THR B 96 2.06 -48.35 20.30
N THR B 97 1.32 -49.20 21.01
CA THR B 97 1.86 -49.95 22.14
C THR B 97 1.88 -51.45 21.89
N LEU B 98 1.48 -51.90 20.69
CA LEU B 98 1.49 -53.32 20.34
C LEU B 98 0.66 -54.14 21.31
N ASP B 99 -0.45 -53.57 21.78
CA ASP B 99 -1.29 -54.20 22.78
C ASP B 99 -2.75 -54.12 22.35
N SER B 100 -3.57 -55.03 22.90
CA SER B 100 -4.99 -55.06 22.59
C SER B 100 -5.76 -53.89 23.18
N LYS B 101 -5.14 -53.10 24.06
CA LYS B 101 -5.80 -51.92 24.62
C LYS B 101 -5.83 -50.75 23.66
N THR B 102 -5.10 -50.82 22.55
CA THR B 102 -5.05 -49.75 21.57
C THR B 102 -5.22 -50.33 20.18
N GLN B 103 -5.88 -49.57 19.30
CA GLN B 103 -6.06 -50.01 17.92
C GLN B 103 -4.71 -50.14 17.22
N SER B 104 -4.58 -51.18 16.40
CA SER B 104 -3.32 -51.46 15.73
C SER B 104 -3.61 -52.04 14.35
N LEU B 105 -2.90 -51.55 13.34
CA LEU B 105 -3.04 -52.10 12.00
C LEU B 105 -2.52 -53.53 11.94
N LEU B 106 -3.05 -54.27 10.96
CA LEU B 106 -2.57 -55.62 10.65
C LEU B 106 -2.73 -55.81 9.14
N ILE B 107 -1.65 -55.54 8.42
CA ILE B 107 -1.62 -55.67 6.96
C ILE B 107 -0.91 -56.99 6.65
N VAL B 108 -1.68 -57.98 6.21
CA VAL B 108 -1.14 -59.29 5.86
C VAL B 108 -1.57 -59.64 4.45
N ASN B 109 -0.61 -60.06 3.63
CA ASN B 109 -0.87 -60.52 2.27
C ASN B 109 -0.76 -62.04 2.25
N ASN B 110 -1.63 -62.68 1.47
CA ASN B 110 -1.52 -64.12 1.28
C ASN B 110 -1.62 -64.46 -0.21
N ALA B 111 -1.75 -65.74 -0.53
CA ALA B 111 -1.61 -66.18 -1.92
C ALA B 111 -2.67 -65.58 -2.82
N THR B 112 -3.92 -65.51 -2.36
CA THR B 112 -5.03 -65.13 -3.23
C THR B 112 -5.65 -63.78 -2.89
N ASN B 113 -5.39 -63.22 -1.72
CA ASN B 113 -6.05 -61.96 -1.33
C ASN B 113 -5.10 -61.17 -0.43
N VAL B 114 -5.64 -60.13 0.21
CA VAL B 114 -4.90 -59.30 1.12
C VAL B 114 -5.85 -58.87 2.24
N PHE B 115 -5.29 -58.64 3.43
CA PHE B 115 -6.09 -58.34 4.61
C PHE B 115 -5.57 -57.10 5.30
N ILE B 116 -6.49 -56.19 5.64
CA ILE B 116 -6.20 -55.00 6.43
C ILE B 116 -7.27 -54.88 7.50
N LYS B 117 -6.86 -54.80 8.77
CA LYS B 117 -7.78 -54.58 9.88
C LYS B 117 -7.29 -53.42 10.73
N VAL B 118 -8.14 -53.03 11.67
CA VAL B 118 -7.82 -52.02 12.68
C VAL B 118 -8.08 -52.69 14.02
N CYS B 119 -8.40 -53.97 13.97
CA CYS B 119 -8.84 -54.71 15.15
C CYS B 119 -7.71 -54.74 16.17
N GLU B 120 -8.09 -54.63 17.45
CA GLU B 120 -7.10 -54.52 18.53
C GLU B 120 -6.69 -55.92 19.02
N PHE B 121 -5.90 -56.59 18.19
CA PHE B 121 -5.41 -57.90 18.52
C PHE B 121 -4.45 -57.86 19.70
N GLN B 122 -4.46 -58.92 20.51
CA GLN B 122 -3.52 -59.12 21.61
C GLN B 122 -2.41 -60.05 21.13
N PHE B 123 -1.30 -59.47 20.69
CA PHE B 123 -0.22 -60.23 20.10
C PHE B 123 0.56 -61.00 21.16
N CYS B 124 1.24 -62.06 20.72
CA CYS B 124 2.05 -62.89 21.60
C CYS B 124 3.45 -62.30 21.72
N ASN B 125 4.35 -63.04 22.37
CA ASN B 125 5.72 -62.56 22.54
C ASN B 125 6.45 -62.45 21.21
N ASP B 126 6.32 -63.48 20.37
CA ASP B 126 6.95 -63.50 19.05
C ASP B 126 5.90 -63.87 18.01
N PRO B 127 5.02 -62.93 17.66
CA PRO B 127 3.97 -63.22 16.67
C PRO B 127 4.57 -63.59 15.32
N PHE B 128 3.95 -64.57 14.67
CA PHE B 128 4.33 -65.01 13.33
C PHE B 128 3.28 -65.96 12.81
N LEU B 129 3.25 -66.14 11.50
CA LEU B 129 2.26 -67.01 10.87
C LEU B 129 2.56 -68.46 11.21
N ASP B 130 1.53 -69.20 11.65
CA ASP B 130 1.72 -70.58 12.06
C ASP B 130 1.96 -71.50 10.87
N VAL B 131 1.35 -71.19 9.72
CA VAL B 131 1.41 -71.98 8.48
C VAL B 131 1.51 -73.49 8.72
N GLU B 141 -1.86 -71.98 9.02
CA GLU B 141 -2.10 -70.58 8.72
C GLU B 141 -2.90 -69.92 9.83
N SER B 142 -2.88 -70.54 11.01
CA SER B 142 -3.63 -70.01 12.15
C SER B 142 -3.01 -68.71 12.64
N GLU B 143 -3.87 -67.83 13.14
CA GLU B 143 -3.45 -66.55 13.69
C GLU B 143 -3.24 -66.59 15.20
N SER B 144 -3.39 -67.76 15.83
CA SER B 144 -3.18 -67.86 17.27
C SER B 144 -1.74 -67.52 17.65
N GLY B 145 -0.78 -67.97 16.85
CA GLY B 145 0.61 -67.59 17.07
C GLY B 145 0.83 -66.09 16.91
N VAL B 146 0.06 -65.45 16.03
CA VAL B 146 0.18 -64.00 15.86
C VAL B 146 -0.43 -63.28 17.06
N TYR B 147 -1.72 -63.51 17.32
CA TYR B 147 -2.40 -62.87 18.43
C TYR B 147 -3.28 -63.88 19.15
N SER B 148 -3.57 -63.58 20.42
CA SER B 148 -4.33 -64.50 21.25
C SER B 148 -5.75 -64.67 20.74
N SER B 149 -6.46 -63.55 20.52
CA SER B 149 -7.86 -63.62 20.12
C SER B 149 -8.28 -62.29 19.52
N ALA B 150 -9.41 -62.32 18.83
CA ALA B 150 -9.99 -61.14 18.21
C ALA B 150 -10.88 -60.38 19.20
N ASN B 151 -11.22 -59.16 18.84
CA ASN B 151 -11.99 -58.28 19.70
C ASN B 151 -12.66 -57.21 18.84
N ASN B 152 -13.06 -56.11 19.47
CA ASN B 152 -13.68 -54.97 18.81
C ASN B 152 -12.94 -54.60 17.53
N CYS B 153 -13.70 -54.21 16.51
CA CYS B 153 -13.13 -53.91 15.20
C CYS B 153 -13.74 -52.64 14.64
N THR B 154 -12.99 -51.99 13.74
CA THR B 154 -13.38 -50.68 13.23
C THR B 154 -13.45 -50.61 11.71
N PHE B 155 -12.56 -51.32 11.02
CA PHE B 155 -12.48 -51.25 9.57
C PHE B 155 -11.85 -52.52 9.02
N GLU B 156 -12.32 -52.93 7.85
CA GLU B 156 -11.79 -54.08 7.14
C GLU B 156 -11.65 -53.74 5.66
N TYR B 157 -10.76 -54.47 4.98
CA TYR B 157 -10.52 -54.24 3.56
C TYR B 157 -9.82 -55.45 2.97
N VAL B 158 -10.33 -55.95 1.85
CA VAL B 158 -9.76 -57.08 1.14
C VAL B 158 -9.70 -56.73 -0.34
N SER B 159 -8.55 -56.95 -0.97
CA SER B 159 -8.36 -56.63 -2.37
C SER B 159 -7.32 -57.58 -2.96
N GLN B 160 -6.79 -57.23 -4.12
CA GLN B 160 -5.79 -58.06 -4.79
C GLN B 160 -4.52 -58.12 -3.93
N PRO B 161 -3.78 -59.22 -4.00
CA PRO B 161 -2.53 -59.31 -3.25
C PRO B 161 -1.55 -58.20 -3.62
N PHE B 162 -0.84 -57.71 -2.61
CA PHE B 162 0.10 -56.61 -2.80
C PHE B 162 1.43 -57.12 -3.36
N LEU B 163 2.06 -58.05 -2.65
CA LEU B 163 3.35 -58.61 -3.04
C LEU B 163 3.17 -59.62 -4.17
N MET B 164 3.14 -59.13 -5.41
CA MET B 164 2.97 -59.98 -6.58
C MET B 164 4.10 -60.98 -6.72
N LYS B 174 13.84 -63.22 -9.10
CA LYS B 174 14.50 -62.23 -9.94
C LYS B 174 13.70 -60.93 -10.00
N ASN B 175 13.26 -60.46 -8.83
CA ASN B 175 12.48 -59.23 -8.76
C ASN B 175 12.74 -58.54 -7.43
N LEU B 176 12.47 -57.25 -7.38
CA LEU B 176 12.67 -56.44 -6.20
C LEU B 176 11.38 -55.65 -5.92
N ARG B 177 11.10 -55.44 -4.63
CA ARG B 177 9.87 -54.80 -4.20
C ARG B 177 10.20 -53.60 -3.32
N GLU B 178 9.65 -52.45 -3.68
CA GLU B 178 9.76 -51.23 -2.88
C GLU B 178 8.43 -50.91 -2.24
N PHE B 179 8.49 -50.25 -1.07
CA PHE B 179 7.29 -49.86 -0.36
C PHE B 179 7.58 -48.61 0.47
N VAL B 180 6.66 -47.65 0.41
CA VAL B 180 6.74 -46.42 1.18
C VAL B 180 5.48 -46.31 2.03
N PHE B 181 5.65 -46.16 3.34
CA PHE B 181 4.55 -46.01 4.27
C PHE B 181 4.67 -44.67 4.98
N LYS B 182 3.60 -43.88 4.94
CA LYS B 182 3.56 -42.63 5.69
C LYS B 182 2.13 -42.37 6.13
N ASN B 183 1.99 -41.90 7.37
CA ASN B 183 0.70 -41.62 7.98
C ASN B 183 0.59 -40.13 8.26
N ILE B 184 -0.47 -39.50 7.75
CA ILE B 184 -0.67 -38.07 7.93
C ILE B 184 -2.16 -37.77 7.75
N ASP B 185 -2.63 -36.74 8.45
CA ASP B 185 -4.02 -36.26 8.42
C ASP B 185 -5.02 -37.41 8.37
N GLY B 186 -4.81 -38.40 9.24
CA GLY B 186 -5.73 -39.51 9.34
C GLY B 186 -5.82 -40.39 8.13
N TYR B 187 -4.81 -40.35 7.24
CA TYR B 187 -4.79 -41.16 6.04
C TYR B 187 -3.53 -42.02 6.04
N PHE B 188 -3.69 -43.30 5.71
CA PHE B 188 -2.58 -44.23 5.59
C PHE B 188 -2.38 -44.51 4.10
N LYS B 189 -1.24 -44.09 3.57
CA LYS B 189 -0.94 -44.20 2.15
C LYS B 189 0.16 -45.22 1.92
N ILE B 190 0.03 -45.98 0.84
CA ILE B 190 1.00 -47.00 0.47
C ILE B 190 1.34 -46.84 -1.01
N TYR B 191 2.62 -46.77 -1.31
CA TYR B 191 3.13 -46.78 -2.68
C TYR B 191 3.93 -48.05 -2.89
N SER B 192 3.94 -48.54 -4.13
CA SER B 192 4.58 -49.82 -4.41
C SER B 192 5.19 -49.80 -5.81
N LYS B 193 6.16 -50.70 -5.99
CA LYS B 193 6.80 -50.91 -7.29
C LYS B 193 7.26 -52.36 -7.35
N HIS B 194 7.37 -52.87 -8.57
CA HIS B 194 7.78 -54.26 -8.80
C HIS B 194 8.73 -54.26 -9.99
N THR B 195 10.02 -54.38 -9.71
CA THR B 195 11.05 -54.34 -10.75
C THR B 195 11.97 -55.53 -10.62
N PRO B 196 12.49 -56.03 -11.75
CA PRO B 196 13.42 -57.16 -11.71
C PRO B 196 14.75 -56.75 -11.07
N ILE B 197 15.40 -57.74 -10.46
CA ILE B 197 16.73 -57.57 -9.88
C ILE B 197 17.68 -58.49 -10.62
N ILE B 198 18.93 -58.05 -10.73
CA ILE B 198 19.95 -58.77 -11.51
C ILE B 198 21.07 -59.15 -10.56
N GLY B 199 20.99 -60.37 -10.01
CA GLY B 199 22.08 -60.96 -9.27
C GLY B 199 22.39 -60.30 -7.95
N ARG B 200 22.93 -59.08 -8.00
CA ARG B 200 23.39 -58.37 -6.82
C ARG B 200 22.22 -57.73 -6.09
N ASP B 201 22.52 -56.85 -5.14
CA ASP B 201 21.49 -56.12 -4.40
C ASP B 201 20.93 -55.02 -5.29
N PHE B 202 20.19 -54.09 -4.68
CA PHE B 202 19.55 -53.03 -5.44
C PHE B 202 20.60 -52.21 -6.18
N PRO B 203 20.48 -52.04 -7.50
CA PRO B 203 21.53 -51.36 -8.27
C PRO B 203 21.35 -49.85 -8.35
N GLN B 204 22.23 -49.19 -9.09
CA GLN B 204 22.14 -47.75 -9.33
C GLN B 204 21.07 -47.45 -10.39
N GLY B 205 19.84 -47.83 -10.06
CA GLY B 205 18.71 -47.65 -10.96
C GLY B 205 17.70 -46.68 -10.38
N PHE B 206 16.96 -46.02 -11.27
CA PHE B 206 15.95 -45.05 -10.90
C PHE B 206 14.58 -45.56 -11.33
N SER B 207 13.64 -45.60 -10.39
CA SER B 207 12.29 -46.06 -10.68
C SER B 207 11.31 -45.33 -9.77
N ALA B 208 10.21 -44.87 -10.33
CA ALA B 208 9.19 -44.15 -9.58
C ALA B 208 8.17 -45.11 -9.00
N LEU B 209 7.55 -44.68 -7.90
CA LEU B 209 6.60 -45.51 -7.17
C LEU B 209 5.20 -44.93 -7.33
N GLU B 210 4.24 -45.79 -7.74
CA GLU B 210 2.85 -45.38 -7.94
C GLU B 210 2.03 -45.66 -6.69
N PRO B 211 0.98 -44.87 -6.44
CA PRO B 211 0.12 -45.12 -5.28
C PRO B 211 -0.61 -46.44 -5.39
N LEU B 212 -0.88 -47.05 -4.24
CA LEU B 212 -1.56 -48.34 -4.17
C LEU B 212 -2.89 -48.26 -3.43
N VAL B 213 -2.91 -47.65 -2.24
CA VAL B 213 -4.12 -47.59 -1.44
C VAL B 213 -4.05 -46.36 -0.53
N ASP B 214 -5.22 -45.79 -0.23
CA ASP B 214 -5.33 -44.55 0.52
C ASP B 214 -6.40 -44.68 1.59
N LEU B 215 -6.32 -45.74 2.40
CA LEU B 215 -7.34 -46.02 3.40
C LEU B 215 -7.53 -44.83 4.34
N PRO B 216 -8.76 -44.35 4.55
CA PRO B 216 -9.02 -43.21 5.45
C PRO B 216 -9.25 -43.65 6.89
N ILE B 217 -8.18 -44.06 7.56
CA ILE B 217 -8.24 -44.53 8.94
C ILE B 217 -7.37 -43.62 9.78
N GLY B 218 -7.96 -43.01 10.81
CA GLY B 218 -7.22 -42.14 11.71
C GLY B 218 -6.72 -42.88 12.94
N ILE B 219 -5.44 -43.23 12.95
CA ILE B 219 -4.86 -44.02 14.03
C ILE B 219 -3.53 -43.41 14.44
N ASN B 220 -3.07 -43.79 15.63
CA ASN B 220 -1.83 -43.30 16.21
C ASN B 220 -0.77 -44.38 16.05
N ILE B 221 0.35 -44.04 15.40
CA ILE B 221 1.41 -45.00 15.10
C ILE B 221 2.72 -44.48 15.69
N THR B 222 3.43 -45.35 16.40
CA THR B 222 4.72 -44.99 16.97
C THR B 222 5.80 -46.00 16.61
N ARG B 223 5.41 -47.27 16.47
CA ARG B 223 6.35 -48.34 16.14
C ARG B 223 5.72 -49.26 15.10
N PHE B 224 6.55 -50.12 14.52
CA PHE B 224 6.09 -51.11 13.57
C PHE B 224 7.02 -52.31 13.62
N GLN B 225 6.52 -53.45 13.15
CA GLN B 225 7.25 -54.70 13.22
C GLN B 225 6.72 -55.65 12.15
N THR B 226 7.64 -56.36 11.50
CA THR B 226 7.31 -57.17 10.34
C THR B 226 6.77 -58.54 10.76
N LEU B 227 6.50 -59.39 9.77
CA LEU B 227 5.98 -60.73 10.02
C LEU B 227 6.71 -61.74 9.14
N LEU B 228 6.97 -62.92 9.70
CA LEU B 228 7.67 -63.99 9.01
C LEU B 228 6.79 -65.24 8.97
N ALA B 229 6.90 -65.98 7.87
CA ALA B 229 6.15 -67.22 7.68
C ALA B 229 7.10 -68.25 7.08
N LEU B 230 7.54 -69.20 7.89
CA LEU B 230 8.48 -70.23 7.45
C LEU B 230 7.84 -71.16 6.42
N THR B 245 13.08 -74.91 12.15
CA THR B 245 13.35 -74.61 10.75
C THR B 245 14.19 -73.35 10.61
N ALA B 246 15.31 -73.46 9.90
CA ALA B 246 16.17 -72.31 9.69
C ALA B 246 15.56 -71.34 8.69
N GLY B 247 16.11 -70.12 8.66
CA GLY B 247 15.61 -69.10 7.75
C GLY B 247 16.75 -68.27 7.20
N ALA B 248 16.47 -67.64 6.05
CA ALA B 248 17.46 -66.80 5.39
C ALA B 248 16.71 -65.79 4.53
N ALA B 249 16.71 -64.53 4.96
CA ALA B 249 16.06 -63.46 4.22
C ALA B 249 16.76 -62.15 4.54
N ASP B 250 16.56 -61.16 3.66
CA ASP B 250 17.18 -59.86 3.81
C ASP B 250 16.21 -58.77 3.40
N TYR B 251 16.27 -57.63 4.09
CA TYR B 251 15.43 -56.49 3.75
C TYR B 251 16.08 -55.23 4.30
N TYR B 252 15.67 -54.09 3.76
CA TYR B 252 16.25 -52.79 4.08
C TYR B 252 15.18 -51.89 4.70
N VAL B 253 15.64 -50.91 5.47
CA VAL B 253 14.76 -49.95 6.14
C VAL B 253 15.33 -48.56 5.97
N GLY B 254 14.50 -47.62 5.47
CA GLY B 254 14.86 -46.24 5.38
C GLY B 254 14.08 -45.37 6.34
N TYR B 255 14.18 -44.05 6.13
CA TYR B 255 13.47 -43.09 6.95
C TYR B 255 13.28 -41.80 6.16
N LEU B 256 12.08 -41.26 6.21
CA LEU B 256 11.71 -40.08 5.44
C LEU B 256 12.02 -38.81 6.20
N GLN B 257 12.31 -37.74 5.45
CA GLN B 257 12.57 -36.42 6.00
C GLN B 257 11.92 -35.38 5.10
N PRO B 258 11.57 -34.22 5.64
CA PRO B 258 11.04 -33.14 4.78
C PRO B 258 12.13 -32.52 3.92
N ARG B 259 12.05 -32.73 2.60
CA ARG B 259 13.07 -32.26 1.68
C ARG B 259 12.41 -31.61 0.48
N THR B 260 13.23 -31.02 -0.38
CA THR B 260 12.77 -30.39 -1.62
C THR B 260 13.43 -31.09 -2.80
N PHE B 261 12.63 -31.49 -3.77
CA PHE B 261 13.11 -32.20 -4.95
C PHE B 261 12.70 -31.47 -6.22
N LEU B 262 13.45 -31.73 -7.29
CA LEU B 262 13.15 -31.20 -8.62
C LEU B 262 12.88 -32.39 -9.53
N LEU B 263 11.60 -32.64 -9.81
CA LEU B 263 11.18 -33.79 -10.59
C LEU B 263 11.17 -33.46 -12.07
N LYS B 264 11.33 -34.49 -12.90
CA LYS B 264 11.33 -34.36 -14.34
C LYS B 264 10.29 -35.29 -14.94
N TYR B 265 9.46 -34.76 -15.83
CA TYR B 265 8.41 -35.52 -16.50
C TYR B 265 8.73 -35.63 -17.98
N ASN B 266 8.65 -36.85 -18.51
CA ASN B 266 8.89 -37.07 -19.93
C ASN B 266 7.61 -36.76 -20.71
N GLU B 267 7.58 -37.10 -22.00
CA GLU B 267 6.44 -36.77 -22.84
C GLU B 267 5.21 -37.59 -22.49
N ASN B 268 5.38 -38.77 -21.90
CA ASN B 268 4.25 -39.62 -21.53
C ASN B 268 3.83 -39.47 -20.07
N GLY B 269 4.48 -38.58 -19.33
CA GLY B 269 4.08 -38.33 -17.95
C GLY B 269 4.70 -39.21 -16.91
N THR B 270 5.82 -39.87 -17.21
CA THR B 270 6.49 -40.75 -16.26
C THR B 270 7.75 -40.05 -15.74
N ILE B 271 7.94 -40.09 -14.41
CA ILE B 271 9.10 -39.48 -13.80
C ILE B 271 10.34 -40.27 -14.17
N THR B 272 11.36 -39.59 -14.70
CA THR B 272 12.58 -40.23 -15.14
C THR B 272 13.83 -39.79 -14.39
N ASP B 273 13.79 -38.67 -13.67
CA ASP B 273 14.96 -38.18 -12.95
C ASP B 273 14.51 -37.24 -11.85
N ALA B 274 15.42 -36.98 -10.92
CA ALA B 274 15.15 -36.07 -9.81
C ALA B 274 16.46 -35.51 -9.30
N VAL B 275 16.36 -34.39 -8.59
CA VAL B 275 17.51 -33.71 -8.01
C VAL B 275 17.17 -33.29 -6.59
N ASP B 276 18.04 -33.63 -5.65
CA ASP B 276 17.86 -33.26 -4.24
C ASP B 276 18.51 -31.89 -4.03
N CYS B 277 17.68 -30.89 -3.73
CA CYS B 277 18.11 -29.50 -3.70
C CYS B 277 18.86 -29.11 -2.42
N ALA B 278 19.30 -30.08 -1.61
CA ALA B 278 20.02 -29.77 -0.38
C ALA B 278 21.22 -30.68 -0.18
N LEU B 279 21.79 -31.19 -1.26
CA LEU B 279 22.91 -32.14 -1.18
C LEU B 279 24.27 -31.46 -1.30
N ASP B 280 24.43 -30.59 -2.29
CA ASP B 280 25.73 -29.97 -2.57
C ASP B 280 25.49 -28.71 -3.38
N PRO B 281 26.49 -27.84 -3.53
CA PRO B 281 26.29 -26.58 -4.26
C PRO B 281 25.76 -26.75 -5.68
N LEU B 282 26.20 -27.79 -6.39
CA LEU B 282 25.72 -28.00 -7.75
C LEU B 282 24.21 -28.26 -7.77
N SER B 283 23.72 -29.02 -6.78
CA SER B 283 22.29 -29.29 -6.71
C SER B 283 21.49 -28.03 -6.45
N GLU B 284 21.97 -27.17 -5.54
CA GLU B 284 21.28 -25.91 -5.29
C GLU B 284 21.28 -25.02 -6.52
N THR B 285 22.41 -24.97 -7.24
CA THR B 285 22.46 -24.20 -8.47
C THR B 285 21.46 -24.72 -9.50
N LYS B 286 21.39 -26.04 -9.65
CA LYS B 286 20.43 -26.63 -10.59
C LYS B 286 19.00 -26.30 -10.19
N CYS B 287 18.69 -26.41 -8.90
CA CYS B 287 17.32 -26.15 -8.46
C CYS B 287 16.96 -24.68 -8.55
N THR B 288 17.94 -23.79 -8.42
CA THR B 288 17.68 -22.36 -8.58
C THR B 288 17.49 -22.00 -10.05
N LEU B 289 18.27 -22.60 -10.95
CA LEU B 289 18.14 -22.30 -12.37
C LEU B 289 17.04 -23.11 -13.04
N LYS B 290 16.41 -24.05 -12.33
CA LYS B 290 15.35 -24.90 -12.90
C LYS B 290 15.81 -25.62 -14.16
N SER B 291 16.93 -26.33 -14.03
CA SER B 291 17.48 -27.06 -15.18
C SER B 291 18.35 -28.19 -14.66
N PHE B 292 18.57 -29.18 -15.52
CA PHE B 292 19.48 -30.28 -15.25
C PHE B 292 20.85 -30.07 -15.86
N THR B 293 21.06 -28.94 -16.54
CA THR B 293 22.36 -28.57 -17.09
C THR B 293 22.66 -27.12 -16.73
N VAL B 294 23.91 -26.85 -16.42
CA VAL B 294 24.34 -25.53 -15.96
C VAL B 294 25.48 -25.05 -16.84
N GLU B 295 25.37 -23.82 -17.34
CA GLU B 295 26.41 -23.23 -18.17
C GLU B 295 27.49 -22.59 -17.32
N LYS B 296 28.59 -22.23 -17.96
CA LYS B 296 29.72 -21.64 -17.26
C LYS B 296 29.38 -20.23 -16.75
N GLY B 297 29.79 -19.95 -15.52
CA GLY B 297 29.57 -18.64 -14.95
C GLY B 297 29.59 -18.71 -13.44
N ILE B 298 29.12 -17.62 -12.82
CA ILE B 298 29.00 -17.51 -11.38
C ILE B 298 27.55 -17.19 -11.05
N TYR B 299 27.00 -17.89 -10.07
CA TYR B 299 25.61 -17.74 -9.68
C TYR B 299 25.50 -17.56 -8.17
N GLN B 300 24.50 -16.78 -7.76
CA GLN B 300 24.19 -16.61 -6.35
C GLN B 300 22.95 -17.41 -6.01
N THR B 301 23.04 -18.26 -4.98
CA THR B 301 21.99 -19.21 -4.66
C THR B 301 21.25 -18.87 -3.38
N SER B 302 21.94 -18.69 -2.26
CA SER B 302 21.28 -18.47 -0.99
C SER B 302 22.14 -17.54 -0.13
N ASN B 303 21.79 -17.42 1.14
CA ASN B 303 22.51 -16.61 2.10
C ASN B 303 22.81 -17.45 3.33
N PHE B 304 23.83 -17.03 4.07
CA PHE B 304 24.29 -17.76 5.26
C PHE B 304 24.22 -16.85 6.47
N ARG B 305 23.99 -17.47 7.64
CA ARG B 305 23.95 -16.76 8.91
C ARG B 305 24.75 -17.55 9.93
N VAL B 306 25.35 -16.82 10.89
CA VAL B 306 26.12 -17.41 11.97
C VAL B 306 25.23 -17.44 13.21
N GLN B 307 24.92 -18.65 13.68
CA GLN B 307 23.98 -18.81 14.78
C GLN B 307 24.62 -18.46 16.12
N PRO B 308 23.83 -17.95 17.07
CA PRO B 308 24.37 -17.68 18.41
C PRO B 308 24.67 -18.97 19.16
N THR B 309 25.59 -18.86 20.11
CA THR B 309 26.06 -20.03 20.85
C THR B 309 25.30 -20.21 22.17
N GLU B 310 25.29 -19.20 23.03
CA GLU B 310 24.63 -19.28 24.32
C GLU B 310 23.91 -17.96 24.58
N SER B 311 23.47 -17.77 25.83
CA SER B 311 22.82 -16.55 26.27
C SER B 311 23.54 -15.99 27.50
N ILE B 312 23.54 -14.67 27.62
CA ILE B 312 24.26 -13.97 28.68
C ILE B 312 23.30 -13.05 29.41
N VAL B 313 23.28 -13.13 30.74
CA VAL B 313 22.47 -12.26 31.59
C VAL B 313 23.40 -11.57 32.58
N ARG B 314 23.25 -10.25 32.71
CA ARG B 314 24.13 -9.43 33.53
C ARG B 314 23.32 -8.48 34.41
N PHE B 315 22.33 -9.03 35.12
CA PHE B 315 21.58 -8.22 36.06
C PHE B 315 22.50 -7.71 37.18
N PRO B 316 22.37 -6.44 37.59
CA PRO B 316 23.21 -5.87 38.65
C PRO B 316 22.72 -6.20 40.05
N SER B 515 21.52 -15.07 35.76
CA SER B 515 22.63 -14.14 35.95
C SER B 515 23.97 -14.83 35.79
N THR B 516 24.36 -15.10 34.54
CA THR B 516 25.61 -15.76 34.23
C THR B 516 26.72 -14.71 34.11
N ASN B 517 27.88 -15.14 33.63
CA ASN B 517 29.00 -14.24 33.39
C ASN B 517 28.81 -13.54 32.04
N LEU B 518 29.85 -12.87 31.57
CA LEU B 518 29.81 -12.17 30.28
C LEU B 518 30.86 -12.76 29.35
N VAL B 519 30.54 -12.83 28.06
CA VAL B 519 31.40 -13.41 27.04
C VAL B 519 31.66 -12.35 25.97
N LYS B 520 32.92 -12.25 25.55
CA LYS B 520 33.34 -11.25 24.58
C LYS B 520 33.81 -11.94 23.29
N ASN B 521 33.71 -11.19 22.19
CA ASN B 521 34.18 -11.64 20.88
C ASN B 521 33.47 -12.92 20.42
N LYS B 522 32.21 -13.09 20.81
CA LYS B 522 31.42 -14.24 20.40
C LYS B 522 30.01 -13.79 20.04
N CYS B 523 29.46 -14.41 18.99
CA CYS B 523 28.07 -14.14 18.61
C CYS B 523 27.15 -14.80 19.63
N VAL B 524 26.72 -14.04 20.63
CA VAL B 524 26.03 -14.59 21.80
C VAL B 524 24.83 -13.71 22.12
N ASN B 525 23.75 -14.33 22.57
CA ASN B 525 22.59 -13.59 23.06
C ASN B 525 22.95 -12.84 24.34
N PHE B 526 22.24 -11.75 24.58
CA PHE B 526 22.44 -10.96 25.79
C PHE B 526 21.13 -10.31 26.20
N ASN B 527 21.07 -9.92 27.47
CA ASN B 527 19.90 -9.22 28.00
C ASN B 527 20.39 -8.35 29.16
N PHE B 528 20.57 -7.06 28.90
CA PHE B 528 21.09 -6.12 29.89
C PHE B 528 19.91 -5.32 30.45
N ASN B 529 19.25 -5.90 31.46
CA ASN B 529 18.11 -5.28 32.14
C ASN B 529 17.01 -4.90 31.15
N GLY B 530 16.54 -5.92 30.44
CA GLY B 530 15.51 -5.72 29.44
C GLY B 530 16.01 -5.32 28.07
N LEU B 531 17.31 -5.11 27.91
CA LEU B 531 17.90 -4.77 26.62
C LEU B 531 18.16 -6.07 25.88
N THR B 532 17.23 -6.47 25.01
CA THR B 532 17.32 -7.73 24.30
C THR B 532 18.25 -7.59 23.10
N GLY B 533 18.27 -8.61 22.25
CA GLY B 533 19.12 -8.61 21.08
C GLY B 533 20.34 -9.50 21.26
N THR B 534 20.92 -9.88 20.13
CA THR B 534 22.10 -10.74 20.10
C THR B 534 23.15 -10.13 19.19
N GLY B 535 24.41 -10.42 19.49
CA GLY B 535 25.51 -9.90 18.70
C GLY B 535 26.83 -10.11 19.40
N VAL B 536 27.86 -9.49 18.84
CA VAL B 536 29.23 -9.59 19.36
C VAL B 536 29.49 -8.41 20.27
N LEU B 537 29.89 -8.69 21.51
CA LEU B 537 30.20 -7.66 22.49
C LEU B 537 31.70 -7.53 22.64
N THR B 538 32.23 -6.34 22.33
CA THR B 538 33.64 -6.03 22.50
C THR B 538 33.78 -4.69 23.20
N LYS B 539 34.87 -4.54 23.96
CA LYS B 539 35.07 -3.32 24.72
C LYS B 539 35.27 -2.12 23.79
N SER B 540 34.80 -0.97 24.25
CA SER B 540 34.83 0.27 23.48
C SER B 540 35.64 1.33 24.23
N ASN B 541 35.65 2.55 23.68
CA ASN B 541 36.35 3.67 24.29
C ASN B 541 35.50 4.94 24.24
N LYS B 542 34.18 4.78 24.21
CA LYS B 542 33.25 5.91 24.16
C LYS B 542 33.02 6.40 25.58
N LYS B 543 33.51 7.60 25.88
CA LYS B 543 33.38 8.17 27.22
C LYS B 543 31.92 8.56 27.46
N PHE B 544 31.18 7.70 28.14
CA PHE B 544 29.78 7.95 28.42
C PHE B 544 29.62 9.05 29.46
N LEU B 545 28.44 9.68 29.44
CA LEU B 545 28.08 10.59 30.52
C LEU B 545 27.78 9.79 31.79
N PRO B 546 27.98 10.38 32.96
CA PRO B 546 27.75 9.63 34.21
C PRO B 546 26.32 9.13 34.37
N PHE B 547 25.34 9.75 33.71
CA PHE B 547 23.95 9.35 33.82
C PHE B 547 23.43 8.68 32.55
N GLN B 548 24.30 8.37 31.59
CA GLN B 548 23.90 7.76 30.34
C GLN B 548 24.46 6.34 30.25
N GLN B 549 23.64 5.41 29.74
CA GLN B 549 24.04 4.02 29.65
C GLN B 549 23.76 3.44 28.26
N PHE B 550 22.79 4.00 27.54
CA PHE B 550 22.43 3.49 26.23
C PHE B 550 23.39 4.02 25.16
N GLY B 551 23.31 3.41 23.98
CA GLY B 551 24.02 3.90 22.81
C GLY B 551 23.07 4.00 21.63
N ARG B 552 23.49 4.75 20.63
CA ARG B 552 22.66 4.97 19.45
C ARG B 552 23.54 5.30 18.27
N ASP B 553 23.27 4.66 17.13
CA ASP B 553 24.00 4.92 15.90
C ASP B 553 23.44 6.15 15.20
N ILE B 554 23.78 6.32 13.93
CA ILE B 554 23.31 7.48 13.18
C ILE B 554 21.78 7.54 13.16
N VAL B 555 21.12 6.41 12.94
CA VAL B 555 19.67 6.47 12.76
C VAL B 555 18.87 5.81 13.89
N ASP B 556 18.94 4.49 14.05
CA ASP B 556 18.04 3.87 15.02
C ASP B 556 18.58 2.66 15.77
N THR B 557 19.83 2.23 15.58
CA THR B 557 20.28 0.96 16.13
C THR B 557 21.29 1.18 17.24
N THR B 558 21.17 0.36 18.29
CA THR B 558 22.10 0.43 19.41
C THR B 558 23.48 -0.08 18.99
N ASP B 559 24.51 0.63 19.43
CA ASP B 559 25.88 0.23 19.15
C ASP B 559 26.79 0.31 20.37
N ALA B 560 26.23 0.62 21.54
CA ALA B 560 27.01 0.65 22.77
C ALA B 560 26.08 0.41 23.94
N VAL B 561 26.65 -0.09 25.04
CA VAL B 561 25.88 -0.39 26.24
C VAL B 561 26.85 -0.43 27.41
N ARG B 562 26.35 -0.10 28.60
CA ARG B 562 27.13 -0.06 29.82
C ARG B 562 26.83 -1.29 30.67
N ASP B 563 27.87 -1.94 31.18
CA ASP B 563 27.70 -3.12 32.00
C ASP B 563 26.97 -2.76 33.30
N PRO B 564 25.84 -3.39 33.61
CA PRO B 564 25.10 -3.02 34.83
C PRO B 564 25.89 -3.21 36.11
N GLN B 565 26.76 -4.22 36.19
CA GLN B 565 27.49 -4.48 37.43
C GLN B 565 28.65 -3.51 37.61
N THR B 566 29.61 -3.54 36.69
CA THR B 566 30.78 -2.69 36.74
C THR B 566 30.72 -1.64 35.65
N LEU B 567 31.32 -0.48 35.90
CA LEU B 567 31.28 0.60 34.94
C LEU B 567 32.15 0.27 33.74
N GLU B 568 31.55 -0.32 32.70
CA GLU B 568 32.25 -0.72 31.50
C GLU B 568 31.51 -0.23 30.27
N ILE B 569 32.28 0.12 29.23
CA ILE B 569 31.74 0.55 27.95
C ILE B 569 32.15 -0.48 26.92
N LEU B 570 31.15 -1.05 26.22
CA LEU B 570 31.43 -2.08 25.24
C LEU B 570 30.42 -1.98 24.10
N ASP B 571 30.86 -2.35 22.90
CA ASP B 571 30.09 -2.17 21.69
C ASP B 571 29.12 -3.33 21.46
N ILE B 572 28.29 -3.19 20.44
CA ILE B 572 27.39 -4.23 19.97
C ILE B 572 27.49 -4.31 18.46
N THR B 573 27.75 -5.51 17.94
CA THR B 573 27.91 -5.70 16.51
C THR B 573 27.06 -6.90 16.08
N PRO B 574 26.24 -6.77 15.04
CA PRO B 574 25.44 -7.90 14.58
C PRO B 574 26.32 -9.03 14.05
N CYS B 575 25.84 -10.26 14.21
CA CYS B 575 26.58 -11.42 13.76
C CYS B 575 26.67 -11.44 12.24
N SER B 576 27.72 -12.07 11.73
CA SER B 576 28.04 -11.98 10.32
C SER B 576 26.95 -12.59 9.45
N PHE B 577 26.75 -12.01 8.27
CA PHE B 577 25.80 -12.51 7.30
C PHE B 577 26.23 -12.05 5.91
N GLY B 578 25.69 -12.68 4.89
CA GLY B 578 26.01 -12.32 3.53
C GLY B 578 25.48 -13.35 2.56
N GLY B 579 25.74 -13.09 1.28
CA GLY B 579 25.33 -13.99 0.23
C GLY B 579 26.33 -15.11 -0.02
N VAL B 580 25.87 -16.14 -0.73
CA VAL B 580 26.70 -17.28 -1.08
C VAL B 580 26.65 -17.47 -2.59
N SER B 581 27.81 -17.53 -3.22
CA SER B 581 27.92 -17.68 -4.66
C SER B 581 28.65 -18.98 -5.00
N VAL B 582 28.29 -19.56 -6.14
CA VAL B 582 28.86 -20.83 -6.60
C VAL B 582 29.53 -20.58 -7.94
N ILE B 583 30.80 -20.97 -8.05
CA ILE B 583 31.58 -20.84 -9.27
C ILE B 583 31.67 -22.21 -9.91
N THR B 584 31.35 -22.28 -11.20
CA THR B 584 31.37 -23.56 -11.89
C THR B 584 31.57 -23.39 -13.39
N PRO B 585 32.28 -24.31 -14.04
CA PRO B 585 32.22 -24.42 -15.49
C PRO B 585 30.95 -25.16 -15.90
N GLY B 586 30.79 -25.36 -17.21
CA GLY B 586 29.62 -26.07 -17.69
C GLY B 586 29.62 -27.52 -17.24
N THR B 587 28.41 -28.07 -17.10
CA THR B 587 28.30 -29.48 -16.72
C THR B 587 28.82 -30.40 -17.82
N ASN B 588 28.94 -29.90 -19.05
CA ASN B 588 29.56 -30.67 -20.13
C ASN B 588 31.06 -30.80 -19.95
N THR B 589 31.64 -30.08 -19.00
CA THR B 589 33.08 -30.09 -18.76
C THR B 589 33.47 -30.81 -17.49
N SER B 590 32.86 -30.47 -16.36
CA SER B 590 33.20 -31.07 -15.08
C SER B 590 32.00 -31.00 -14.15
N ASN B 591 32.17 -31.56 -12.95
CA ASN B 591 31.14 -31.54 -11.92
C ASN B 591 31.59 -30.93 -10.61
N GLN B 592 32.86 -30.52 -10.51
CA GLN B 592 33.36 -29.89 -9.30
C GLN B 592 33.16 -28.38 -9.38
N VAL B 593 32.98 -27.77 -8.21
CA VAL B 593 32.59 -26.36 -8.11
C VAL B 593 33.47 -25.67 -7.07
N ALA B 594 33.20 -24.38 -6.88
CA ALA B 594 33.85 -23.59 -5.84
C ALA B 594 32.81 -22.68 -5.21
N VAL B 595 33.07 -22.28 -3.97
CA VAL B 595 32.13 -21.50 -3.19
C VAL B 595 32.81 -20.21 -2.74
N LEU B 596 32.06 -19.11 -2.75
CA LEU B 596 32.56 -17.80 -2.34
C LEU B 596 31.59 -17.22 -1.31
N TYR B 597 32.07 -17.07 -0.08
CA TYR B 597 31.30 -16.43 0.99
C TYR B 597 31.54 -14.93 0.93
N GLN B 598 30.49 -14.17 0.62
CA GLN B 598 30.65 -12.76 0.30
C GLN B 598 30.82 -11.91 1.56
N GLY B 599 31.87 -11.10 1.57
CA GLY B 599 32.06 -10.07 2.59
C GLY B 599 32.31 -10.58 3.99
N VAL B 600 33.10 -11.64 4.16
CA VAL B 600 33.46 -12.16 5.47
C VAL B 600 34.94 -12.51 5.50
N ASN B 601 35.49 -12.54 6.71
CA ASN B 601 36.86 -12.96 6.94
C ASN B 601 36.92 -14.47 7.03
N CYS B 602 38.00 -15.05 6.48
CA CYS B 602 38.08 -16.51 6.38
C CYS B 602 38.18 -17.18 7.75
N THR B 603 38.79 -16.50 8.73
CA THR B 603 38.96 -17.11 10.04
C THR B 603 37.63 -17.38 10.72
N GLU B 604 36.71 -16.42 10.66
CA GLU B 604 35.40 -16.61 11.27
C GLU B 604 34.64 -17.76 10.62
N VAL B 605 34.69 -17.85 9.28
CA VAL B 605 34.03 -18.96 8.60
C VAL B 605 34.65 -20.29 9.00
N SER B 606 35.99 -20.33 9.07
CA SER B 606 36.67 -21.57 9.44
C SER B 606 36.31 -21.99 10.86
N VAL B 607 36.26 -21.04 11.79
CA VAL B 607 35.88 -21.37 13.17
C VAL B 607 34.43 -21.83 13.22
N ALA B 608 33.54 -21.17 12.47
CA ALA B 608 32.14 -21.58 12.44
C ALA B 608 31.98 -22.97 11.85
N ILE B 609 32.85 -23.36 10.92
CA ILE B 609 32.69 -24.62 10.21
C ILE B 609 33.34 -25.76 10.99
N HIS B 610 34.66 -25.69 11.17
CA HIS B 610 35.43 -26.84 11.65
C HIS B 610 35.63 -26.86 13.16
N ALA B 611 35.10 -25.88 13.90
CA ALA B 611 35.24 -25.86 15.36
C ALA B 611 33.93 -26.12 16.08
N ASP B 612 32.89 -25.35 15.77
CA ASP B 612 31.59 -25.56 16.40
C ASP B 612 30.71 -26.56 15.64
N GLN B 613 30.88 -26.67 14.32
CA GLN B 613 30.21 -27.67 13.50
C GLN B 613 28.69 -27.51 13.50
N LEU B 614 28.18 -26.43 14.11
CA LEU B 614 26.74 -26.23 14.16
C LEU B 614 26.29 -24.78 13.93
N THR B 615 27.21 -23.84 13.78
CA THR B 615 26.83 -22.43 13.62
C THR B 615 26.36 -22.07 12.22
N PRO B 616 27.01 -22.48 11.13
CA PRO B 616 26.53 -22.09 9.80
C PRO B 616 25.18 -22.70 9.51
N THR B 617 24.38 -21.97 8.74
CA THR B 617 23.02 -22.41 8.44
C THR B 617 23.01 -23.70 7.62
N TRP B 618 23.87 -23.78 6.61
CA TRP B 618 23.91 -24.93 5.70
C TRP B 618 25.11 -25.80 6.09
N ARG B 619 24.86 -26.77 6.97
CA ARG B 619 25.93 -27.59 7.51
C ARG B 619 26.30 -28.74 6.56
N VAL B 620 25.34 -29.63 6.29
CA VAL B 620 25.60 -30.73 5.36
C VAL B 620 25.95 -30.17 3.98
N TYR B 621 25.41 -29.01 3.64
CA TYR B 621 25.75 -28.33 2.40
C TYR B 621 27.22 -27.92 2.35
N SER B 622 27.85 -27.73 3.51
CA SER B 622 29.20 -27.20 3.58
C SER B 622 30.22 -28.33 3.67
N THR B 623 31.05 -28.47 2.64
CA THR B 623 32.12 -29.46 2.61
C THR B 623 33.33 -28.86 1.92
N GLY B 624 34.48 -29.45 2.16
CA GLY B 624 35.71 -29.05 1.50
C GLY B 624 36.63 -28.25 2.42
N SER B 625 37.91 -28.22 2.06
CA SER B 625 38.90 -27.47 2.83
C SER B 625 40.01 -27.01 1.89
N ASN B 626 39.82 -25.83 1.29
CA ASN B 626 40.88 -25.16 0.54
C ASN B 626 40.55 -23.67 0.59
N VAL B 627 41.24 -22.93 1.45
CA VAL B 627 40.84 -21.59 1.84
C VAL B 627 41.82 -20.58 1.25
N PHE B 628 41.27 -19.58 0.56
CA PHE B 628 42.02 -18.42 0.10
C PHE B 628 41.18 -17.19 0.36
N GLN B 629 41.80 -16.13 0.89
CA GLN B 629 41.08 -14.94 1.32
C GLN B 629 41.27 -13.81 0.31
N THR B 630 40.17 -13.26 -0.17
CA THR B 630 40.17 -12.14 -1.09
C THR B 630 39.45 -10.95 -0.44
N ARG B 631 39.58 -9.79 -1.10
CA ARG B 631 38.87 -8.60 -0.60
C ARG B 631 37.37 -8.71 -0.78
N ALA B 632 36.90 -9.56 -1.69
CA ALA B 632 35.47 -9.75 -1.90
C ALA B 632 34.85 -10.79 -0.98
N GLY B 633 35.67 -11.52 -0.22
CA GLY B 633 35.17 -12.53 0.68
C GLY B 633 36.12 -13.70 0.75
N CYS B 634 35.62 -14.78 1.34
CA CYS B 634 36.39 -16.01 1.53
C CYS B 634 36.06 -16.98 0.40
N LEU B 635 37.08 -17.37 -0.37
CA LEU B 635 36.91 -18.28 -1.50
C LEU B 635 37.39 -19.66 -1.09
N ILE B 636 36.53 -20.66 -1.24
CA ILE B 636 36.80 -22.03 -0.83
C ILE B 636 36.72 -22.93 -2.04
N GLY B 637 37.75 -23.76 -2.24
CA GLY B 637 37.77 -24.73 -3.30
C GLY B 637 38.62 -24.37 -4.50
N ALA B 638 39.37 -23.29 -4.45
CA ALA B 638 40.22 -22.86 -5.57
C ALA B 638 41.63 -22.62 -5.07
N GLU B 639 42.61 -23.05 -5.87
CA GLU B 639 44.01 -22.89 -5.54
C GLU B 639 44.55 -21.65 -6.23
N TYR B 640 45.12 -20.73 -5.45
CA TYR B 640 45.59 -19.46 -5.99
C TYR B 640 46.97 -19.65 -6.60
N VAL B 641 47.04 -19.59 -7.93
CA VAL B 641 48.31 -19.52 -8.64
C VAL B 641 48.77 -18.07 -8.65
N ASN B 642 50.03 -17.84 -9.02
CA ASN B 642 50.59 -16.49 -9.04
C ASN B 642 51.00 -16.08 -10.44
N ASN B 643 50.31 -16.60 -11.46
CA ASN B 643 50.51 -16.19 -12.83
C ASN B 643 49.48 -15.14 -13.21
N SER B 644 49.43 -14.78 -14.49
CA SER B 644 48.47 -13.81 -14.98
C SER B 644 47.85 -14.32 -16.27
N TYR B 645 46.53 -14.26 -16.37
CA TYR B 645 45.81 -14.70 -17.54
C TYR B 645 44.68 -13.72 -17.83
N GLU B 646 44.12 -13.83 -19.03
CA GLU B 646 42.92 -13.07 -19.35
C GLU B 646 41.75 -13.55 -18.49
N CYS B 647 40.94 -12.61 -18.02
CA CYS B 647 39.86 -12.95 -17.10
C CYS B 647 38.84 -13.85 -17.77
N ASP B 648 38.41 -14.89 -17.03
CA ASP B 648 37.41 -15.84 -17.52
C ASP B 648 36.11 -15.74 -16.73
N ILE B 649 36.18 -15.86 -15.41
CA ILE B 649 35.00 -15.72 -14.55
C ILE B 649 35.30 -14.66 -13.49
N PRO B 650 34.73 -13.46 -13.59
CA PRO B 650 35.00 -12.43 -12.59
C PRO B 650 34.50 -12.84 -11.21
N ILE B 651 35.26 -12.46 -10.18
CA ILE B 651 34.91 -12.84 -8.81
C ILE B 651 34.79 -11.59 -7.95
N GLY B 652 35.87 -10.81 -7.85
CA GLY B 652 35.92 -9.67 -6.95
C GLY B 652 36.84 -8.59 -7.46
N ALA B 653 37.66 -8.05 -6.56
CA ALA B 653 38.52 -6.91 -6.87
C ALA B 653 39.74 -7.41 -7.64
N GLY B 654 39.59 -7.54 -8.95
CA GLY B 654 40.68 -7.96 -9.79
C GLY B 654 41.04 -9.41 -9.69
N ILE B 655 40.10 -10.26 -9.26
CA ILE B 655 40.35 -11.69 -9.10
C ILE B 655 39.38 -12.44 -10.02
N CYS B 656 39.94 -13.35 -10.82
CA CYS B 656 39.15 -14.18 -11.72
C CYS B 656 39.44 -15.65 -11.42
N ALA B 657 38.66 -16.53 -12.05
CA ALA B 657 38.80 -17.96 -11.87
C ALA B 657 38.59 -18.67 -13.20
N SER B 658 39.18 -19.85 -13.33
CA SER B 658 39.08 -20.62 -14.56
C SER B 658 39.35 -22.08 -14.26
N TYR B 659 38.98 -22.93 -15.22
CA TYR B 659 39.21 -24.38 -15.13
C TYR B 659 40.57 -24.67 -15.76
N GLN B 660 41.57 -24.92 -14.92
CA GLN B 660 42.93 -25.10 -15.40
C GLN B 660 43.05 -26.37 -16.24
N THR B 661 43.78 -26.26 -17.34
CA THR B 661 44.01 -27.38 -18.26
C THR B 661 42.69 -28.02 -18.71
N SER B 674 46.70 -31.84 -13.26
CA SER B 674 45.57 -32.32 -14.05
C SER B 674 44.54 -31.20 -14.27
N GLN B 675 43.28 -31.50 -13.98
CA GLN B 675 42.20 -30.54 -14.13
C GLN B 675 41.78 -30.04 -12.76
N SER B 676 41.69 -28.72 -12.63
CA SER B 676 41.31 -28.10 -11.36
C SER B 676 40.82 -26.69 -11.64
N ILE B 677 40.42 -26.00 -10.58
CA ILE B 677 39.94 -24.62 -10.65
C ILE B 677 40.94 -23.74 -9.93
N ILE B 678 41.41 -22.70 -10.62
CA ILE B 678 42.45 -21.82 -10.08
C ILE B 678 41.89 -20.42 -9.95
N ALA B 679 42.56 -19.61 -9.13
CA ALA B 679 42.24 -18.21 -8.96
C ALA B 679 43.52 -17.39 -9.11
N TYR B 680 43.42 -16.25 -9.77
CA TYR B 680 44.59 -15.44 -10.09
C TYR B 680 44.18 -13.98 -10.16
N THR B 681 45.13 -13.14 -10.56
CA THR B 681 44.89 -11.72 -10.80
C THR B 681 44.91 -11.48 -12.30
N MET B 682 43.87 -10.84 -12.81
CA MET B 682 43.72 -10.67 -14.25
C MET B 682 44.83 -9.80 -14.82
N SER B 683 45.16 -10.06 -16.08
CA SER B 683 46.22 -9.34 -16.77
C SER B 683 45.62 -8.31 -17.70
N LEU B 684 46.06 -7.05 -17.55
CA LEU B 684 45.54 -5.97 -18.38
C LEU B 684 45.91 -6.17 -19.85
N GLY B 685 47.14 -6.60 -20.12
CA GLY B 685 47.56 -6.82 -21.48
C GLY B 685 49.06 -7.00 -21.56
N ALA B 686 49.52 -7.21 -22.79
CA ALA B 686 50.94 -7.42 -23.03
C ALA B 686 51.74 -6.15 -22.76
N GLU B 687 52.94 -6.32 -22.23
CA GLU B 687 53.82 -5.19 -21.97
C GLU B 687 54.47 -4.71 -23.26
N ASN B 688 54.59 -3.40 -23.41
CA ASN B 688 55.17 -2.82 -24.61
C ASN B 688 55.75 -1.45 -24.26
N SER B 689 56.72 -1.02 -25.07
CA SER B 689 57.33 0.29 -24.89
C SER B 689 57.98 0.69 -26.22
N VAL B 690 57.43 1.71 -26.86
CA VAL B 690 58.01 2.22 -28.09
C VAL B 690 59.19 3.10 -27.76
N ALA B 691 60.26 2.97 -28.54
CA ALA B 691 61.54 3.63 -28.23
C ALA B 691 61.53 5.04 -28.80
N TYR B 692 61.07 5.99 -27.98
CA TYR B 692 61.02 7.38 -28.41
C TYR B 692 62.42 7.95 -28.60
N SER B 693 62.59 8.71 -29.68
CA SER B 693 63.80 9.47 -29.95
C SER B 693 63.41 10.69 -30.76
N ASN B 694 64.20 11.74 -30.66
CA ASN B 694 63.81 13.04 -31.22
C ASN B 694 64.27 13.24 -32.66
N ASN B 695 64.88 12.23 -33.28
CA ASN B 695 65.20 12.32 -34.70
C ASN B 695 64.97 11.00 -35.42
N SER B 696 64.01 10.20 -34.96
CA SER B 696 63.69 8.91 -35.56
C SER B 696 62.20 8.81 -35.78
N ILE B 697 61.81 8.25 -36.94
CA ILE B 697 60.41 8.11 -37.30
C ILE B 697 60.20 6.72 -37.88
N ALA B 698 58.94 6.28 -37.85
CA ALA B 698 58.53 4.99 -38.40
C ALA B 698 57.45 5.21 -39.46
N ILE B 699 57.56 4.51 -40.57
CA ILE B 699 56.63 4.67 -41.69
C ILE B 699 56.25 3.31 -42.24
N PRO B 700 54.97 2.97 -42.34
CA PRO B 700 54.58 1.66 -42.87
C PRO B 700 54.88 1.54 -44.35
N THR B 701 55.15 0.30 -44.78
CA THR B 701 55.43 0.00 -46.19
C THR B 701 54.41 -0.96 -46.78
N ASN B 702 53.37 -1.34 -46.04
CA ASN B 702 52.37 -2.26 -46.52
C ASN B 702 51.10 -2.05 -45.72
N PHE B 703 49.99 -2.58 -46.24
CA PHE B 703 48.68 -2.38 -45.62
C PHE B 703 47.96 -3.71 -45.49
N THR B 704 46.74 -3.64 -44.95
CA THR B 704 45.92 -4.82 -44.76
C THR B 704 44.46 -4.40 -44.73
N ILE B 705 43.61 -5.14 -45.45
CA ILE B 705 42.18 -4.89 -45.48
C ILE B 705 41.50 -5.88 -44.54
N SER B 706 40.68 -5.36 -43.63
CA SER B 706 40.01 -6.19 -42.64
C SER B 706 38.53 -5.82 -42.57
N VAL B 707 37.73 -6.79 -42.18
CA VAL B 707 36.28 -6.63 -42.09
C VAL B 707 35.83 -7.04 -40.69
N THR B 708 35.08 -6.16 -40.03
CA THR B 708 34.53 -6.42 -38.70
C THR B 708 33.00 -6.37 -38.77
N THR B 709 32.36 -6.70 -37.66
CA THR B 709 30.91 -6.75 -37.58
C THR B 709 30.43 -5.95 -36.37
N GLU B 710 29.16 -5.55 -36.42
CA GLU B 710 28.53 -4.82 -35.33
C GLU B 710 27.05 -5.16 -35.32
N ILE B 711 26.52 -5.43 -34.12
CA ILE B 711 25.14 -5.85 -33.94
C ILE B 711 24.44 -4.86 -33.04
N LEU B 712 23.22 -4.44 -33.43
CA LEU B 712 22.45 -3.46 -32.68
C LEU B 712 20.98 -3.84 -32.68
N PRO B 713 20.36 -3.96 -31.51
CA PRO B 713 18.90 -4.18 -31.46
C PRO B 713 18.15 -2.95 -31.94
N VAL B 714 16.96 -3.17 -32.49
CA VAL B 714 16.17 -2.10 -33.06
C VAL B 714 14.78 -2.03 -32.43
N SER B 715 14.06 -3.15 -32.44
CA SER B 715 12.68 -3.18 -32.00
C SER B 715 12.43 -4.42 -31.15
N MET B 716 11.32 -4.40 -30.41
CA MET B 716 10.93 -5.53 -29.58
C MET B 716 9.48 -5.92 -29.83
N THR B 717 8.96 -6.85 -29.03
CA THR B 717 7.63 -7.40 -29.24
C THR B 717 6.55 -6.41 -28.80
N LYS B 718 5.47 -6.35 -29.57
CA LYS B 718 4.31 -5.53 -29.26
C LYS B 718 3.26 -6.39 -28.57
N THR B 719 2.80 -5.96 -27.41
CA THR B 719 1.83 -6.71 -26.62
C THR B 719 0.68 -5.80 -26.22
N SER B 720 -0.47 -6.43 -25.96
CA SER B 720 -1.64 -5.74 -25.46
C SER B 720 -2.30 -6.59 -24.39
N VAL B 721 -2.92 -5.93 -23.40
CA VAL B 721 -3.50 -6.59 -22.25
C VAL B 721 -4.93 -6.13 -22.08
N ASP B 722 -5.85 -7.07 -21.85
CA ASP B 722 -7.23 -6.76 -21.51
C ASP B 722 -7.33 -6.72 -19.98
N CYS B 723 -7.59 -5.53 -19.44
CA CYS B 723 -7.52 -5.35 -17.99
C CYS B 723 -8.58 -6.17 -17.26
N THR B 724 -9.84 -6.03 -17.67
CA THR B 724 -10.93 -6.68 -16.95
C THR B 724 -10.85 -8.20 -17.05
N MET B 725 -10.53 -8.72 -18.23
CA MET B 725 -10.45 -10.18 -18.39
C MET B 725 -9.26 -10.76 -17.64
N TYR B 726 -8.15 -10.01 -17.56
CA TYR B 726 -7.01 -10.50 -16.80
C TYR B 726 -7.29 -10.48 -15.30
N ILE B 727 -8.00 -9.45 -14.83
CA ILE B 727 -8.25 -9.34 -13.39
C ILE B 727 -9.44 -10.19 -12.97
N CYS B 728 -10.54 -10.10 -13.71
CA CYS B 728 -11.78 -10.78 -13.34
C CYS B 728 -12.16 -11.94 -14.24
N GLY B 729 -11.87 -11.84 -15.54
CA GLY B 729 -12.21 -12.87 -16.48
C GLY B 729 -13.62 -12.78 -17.03
N ASP B 730 -14.60 -13.31 -16.28
CA ASP B 730 -15.98 -13.22 -16.73
C ASP B 730 -16.96 -12.92 -15.60
N SER B 731 -16.51 -12.68 -14.38
CA SER B 731 -17.41 -12.44 -13.26
C SER B 731 -17.92 -11.01 -13.30
N THR B 732 -19.23 -10.84 -13.35
CA THR B 732 -19.82 -9.50 -13.37
C THR B 732 -19.63 -8.80 -12.04
N GLU B 733 -19.72 -9.55 -10.93
CA GLU B 733 -19.52 -8.96 -9.62
C GLU B 733 -18.10 -8.40 -9.47
N CYS B 734 -17.11 -9.15 -9.97
CA CYS B 734 -15.74 -8.67 -9.90
C CYS B 734 -15.56 -7.38 -10.70
N SER B 735 -16.18 -7.31 -11.88
CA SER B 735 -16.09 -6.09 -12.68
C SER B 735 -16.77 -4.91 -11.97
N ASN B 736 -17.93 -5.15 -11.36
CA ASN B 736 -18.61 -4.08 -10.64
C ASN B 736 -17.78 -3.58 -9.47
N LEU B 737 -17.14 -4.49 -8.74
CA LEU B 737 -16.23 -4.08 -7.67
C LEU B 737 -15.03 -3.32 -8.23
N LEU B 738 -14.50 -3.76 -9.37
CA LEU B 738 -13.37 -3.10 -9.99
C LEU B 738 -13.72 -1.70 -10.48
N LEU B 739 -14.99 -1.43 -10.76
CA LEU B 739 -15.38 -0.10 -11.23
C LEU B 739 -15.00 0.99 -10.22
N GLN B 740 -15.06 0.69 -8.93
CA GLN B 740 -14.72 1.68 -7.91
C GLN B 740 -13.21 1.74 -7.68
N TYR B 741 -12.43 1.90 -8.74
CA TYR B 741 -10.98 1.99 -8.62
C TYR B 741 -10.36 3.01 -9.57
N GLY B 742 -11.13 3.95 -10.08
CA GLY B 742 -10.58 4.97 -10.96
C GLY B 742 -10.39 4.48 -12.39
N SER B 743 -9.37 5.01 -13.05
CA SER B 743 -9.14 4.74 -14.46
C SER B 743 -7.75 4.14 -14.72
N PHE B 744 -7.35 3.15 -13.91
CA PHE B 744 -6.03 2.56 -14.07
C PHE B 744 -5.91 1.79 -15.38
N CYS B 745 -6.96 1.04 -15.75
CA CYS B 745 -6.90 0.21 -16.95
C CYS B 745 -6.73 1.06 -18.20
N THR B 746 -7.39 2.22 -18.24
CA THR B 746 -7.24 3.11 -19.39
C THR B 746 -5.80 3.60 -19.53
N GLN B 747 -5.17 3.96 -18.42
CA GLN B 747 -3.78 4.41 -18.48
C GLN B 747 -2.86 3.29 -18.93
N LEU B 748 -3.08 2.08 -18.43
CA LEU B 748 -2.27 0.93 -18.86
C LEU B 748 -2.42 0.71 -20.36
N LYS B 749 -3.65 0.75 -20.86
CA LYS B 749 -3.90 0.55 -22.28
C LYS B 749 -3.23 1.64 -23.11
N ARG B 750 -3.31 2.90 -22.67
CA ARG B 750 -2.67 3.99 -23.40
C ARG B 750 -1.16 3.82 -23.46
N ALA B 751 -0.54 3.44 -22.34
CA ALA B 751 0.91 3.24 -22.34
C ALA B 751 1.32 2.11 -23.28
N LEU B 752 0.58 1.00 -23.24
CA LEU B 752 0.92 -0.11 -24.12
C LEU B 752 0.76 0.27 -25.59
N THR B 753 -0.29 1.01 -25.91
CA THR B 753 -0.48 1.48 -27.29
C THR B 753 0.65 2.39 -27.72
N GLY B 754 1.10 3.28 -26.83
CA GLY B 754 2.22 4.14 -27.16
C GLY B 754 3.48 3.35 -27.47
N ILE B 755 3.78 2.34 -26.65
CA ILE B 755 4.94 1.49 -26.91
C ILE B 755 4.80 0.78 -28.25
N ALA B 756 3.61 0.27 -28.55
CA ALA B 756 3.39 -0.46 -29.80
C ALA B 756 3.63 0.44 -31.00
N VAL B 757 3.16 1.69 -30.96
CA VAL B 757 3.40 2.60 -32.07
C VAL B 757 4.88 2.97 -32.15
N GLU B 758 5.54 3.12 -31.00
CA GLU B 758 6.94 3.50 -30.99
C GLU B 758 7.81 2.45 -31.66
N GLN B 759 7.46 1.17 -31.50
CA GLN B 759 8.25 0.11 -32.14
C GLN B 759 8.25 0.26 -33.66
N ASP B 760 7.07 0.45 -34.24
CA ASP B 760 6.99 0.62 -35.69
C ASP B 760 7.69 1.89 -36.13
N LYS B 761 7.58 2.96 -35.34
CA LYS B 761 8.32 4.18 -35.68
C LYS B 761 9.82 3.93 -35.70
N ASN B 762 10.32 3.16 -34.73
CA ASN B 762 11.74 2.84 -34.68
C ASN B 762 12.18 2.10 -35.95
N THR B 763 11.44 1.05 -36.31
CA THR B 763 11.82 0.28 -37.50
C THR B 763 11.77 1.14 -38.76
N GLN B 764 10.70 1.94 -38.90
CA GLN B 764 10.55 2.80 -40.07
C GLN B 764 11.69 3.81 -40.18
N GLU B 765 12.08 4.38 -39.04
CA GLU B 765 13.18 5.36 -39.06
C GLU B 765 14.51 4.68 -39.37
N VAL B 766 14.73 3.47 -38.87
CA VAL B 766 16.02 2.81 -39.07
C VAL B 766 16.19 2.41 -40.53
N PHE B 767 15.18 1.75 -41.12
CA PHE B 767 15.42 1.10 -42.41
C PHE B 767 14.99 1.92 -43.62
N ALA B 768 13.93 2.71 -43.53
CA ALA B 768 13.41 3.43 -44.70
C ALA B 768 14.17 4.75 -44.89
N GLN B 769 15.40 4.60 -45.38
CA GLN B 769 16.26 5.76 -45.60
C GLN B 769 16.17 6.31 -47.02
N VAL B 770 15.98 5.45 -48.02
CA VAL B 770 16.02 5.85 -49.41
C VAL B 770 14.60 6.00 -49.95
N LYS B 771 14.48 6.66 -51.09
CA LYS B 771 13.21 6.87 -51.77
C LYS B 771 13.01 5.87 -52.90
N GLN B 772 13.94 5.81 -53.84
CA GLN B 772 13.87 4.86 -54.94
C GLN B 772 14.21 3.46 -54.46
N ILE B 773 13.90 2.48 -55.30
CA ILE B 773 14.27 1.08 -55.07
C ILE B 773 15.22 0.71 -56.20
N TYR B 774 16.52 0.79 -55.93
CA TYR B 774 17.52 0.56 -56.96
C TYR B 774 17.68 -0.94 -57.22
N LYS B 775 18.30 -1.26 -58.34
CA LYS B 775 18.50 -2.64 -58.77
C LYS B 775 19.94 -2.84 -59.22
N THR B 776 20.40 -4.08 -59.15
CA THR B 776 21.77 -4.38 -59.56
C THR B 776 21.80 -4.93 -60.98
N PRO B 777 22.84 -4.62 -61.75
CA PRO B 777 22.89 -5.09 -63.13
C PRO B 777 22.96 -6.61 -63.18
N PRO B 778 22.43 -7.22 -64.24
CA PRO B 778 22.47 -8.68 -64.34
C PRO B 778 23.88 -9.24 -64.39
N ILE B 779 24.83 -8.52 -64.97
CA ILE B 779 26.22 -8.98 -65.06
C ILE B 779 26.96 -8.49 -63.83
N LYS B 780 27.46 -9.44 -63.03
CA LYS B 780 28.13 -9.12 -61.76
C LYS B 780 29.64 -9.22 -61.97
N TYR B 781 30.22 -8.14 -62.51
CA TYR B 781 31.66 -7.98 -62.59
C TYR B 781 31.99 -6.57 -62.11
N PHE B 782 32.67 -6.47 -60.97
CA PHE B 782 32.95 -5.17 -60.38
C PHE B 782 34.46 -4.96 -60.22
N GLY B 783 35.22 -5.29 -61.25
CA GLY B 783 36.66 -5.09 -61.22
C GLY B 783 37.43 -6.09 -60.39
N GLY B 784 36.86 -7.27 -60.16
CA GLY B 784 37.49 -8.28 -59.34
C GLY B 784 37.01 -8.38 -57.91
N PHE B 785 36.01 -7.58 -57.54
CA PHE B 785 35.44 -7.61 -56.20
C PHE B 785 34.19 -8.48 -56.23
N ASN B 786 34.05 -9.34 -55.22
CA ASN B 786 32.97 -10.31 -55.17
C ASN B 786 31.99 -9.96 -54.06
N PHE B 787 30.71 -9.90 -54.42
CA PHE B 787 29.65 -9.59 -53.46
C PHE B 787 28.60 -10.69 -53.38
N SER B 788 28.97 -11.93 -53.72
CA SER B 788 27.99 -13.00 -53.79
C SER B 788 27.40 -13.33 -52.42
N GLN B 789 28.14 -13.08 -51.35
CA GLN B 789 27.68 -13.45 -50.01
C GLN B 789 26.72 -12.43 -49.40
N ILE B 790 26.58 -11.24 -50.00
CA ILE B 790 25.74 -10.20 -49.41
C ILE B 790 24.56 -9.89 -50.33
N LEU B 791 24.74 -10.11 -51.62
CA LEU B 791 23.66 -9.84 -52.56
C LEU B 791 22.56 -10.91 -52.43
N PRO B 792 21.31 -10.55 -52.73
CA PRO B 792 20.23 -11.54 -52.62
C PRO B 792 20.43 -12.71 -53.57
N ASP B 793 19.98 -13.89 -53.13
CA ASP B 793 20.12 -15.11 -53.91
C ASP B 793 18.78 -15.42 -54.57
N PRO B 794 18.68 -15.34 -55.91
CA PRO B 794 17.39 -15.62 -56.56
C PRO B 794 16.89 -17.04 -56.35
N SER B 795 17.79 -18.01 -56.16
CA SER B 795 17.37 -19.39 -56.03
C SER B 795 16.50 -19.59 -54.79
N LYS B 796 16.87 -18.98 -53.67
CA LYS B 796 16.09 -19.13 -52.45
C LYS B 796 14.73 -18.48 -52.63
N PRO B 797 13.63 -19.15 -52.24
CA PRO B 797 12.30 -18.56 -52.43
C PRO B 797 12.07 -17.28 -51.64
N SER B 798 12.82 -17.06 -50.56
CA SER B 798 12.62 -15.87 -49.74
C SER B 798 13.46 -14.68 -50.18
N LYS B 799 14.36 -14.87 -51.16
CA LYS B 799 15.22 -13.81 -51.67
C LYS B 799 16.05 -13.18 -50.55
N ARG B 800 16.88 -14.01 -49.93
CA ARG B 800 17.75 -13.59 -48.84
C ARG B 800 19.19 -13.95 -49.15
N SER B 801 20.12 -13.11 -48.71
CA SER B 801 21.53 -13.40 -48.85
C SER B 801 21.93 -14.55 -47.92
N PRO B 802 22.98 -15.29 -48.27
CA PRO B 802 23.39 -16.41 -47.40
C PRO B 802 23.70 -15.99 -45.97
N ILE B 803 24.35 -14.84 -45.78
CA ILE B 803 24.65 -14.37 -44.44
C ILE B 803 23.36 -14.07 -43.69
N GLU B 804 22.38 -13.46 -44.37
CA GLU B 804 21.09 -13.23 -43.75
C GLU B 804 20.39 -14.55 -43.41
N ASP B 805 20.56 -15.56 -44.26
CA ASP B 805 19.97 -16.86 -43.97
C ASP B 805 20.57 -17.46 -42.71
N LEU B 806 21.90 -17.40 -42.57
CA LEU B 806 22.52 -17.92 -41.35
C LEU B 806 22.12 -17.09 -40.14
N LEU B 807 21.96 -15.79 -40.29
CA LEU B 807 21.52 -14.96 -39.17
C LEU B 807 20.11 -15.32 -38.74
N PHE B 808 19.23 -15.58 -39.70
CA PHE B 808 17.85 -15.95 -39.35
C PHE B 808 17.77 -17.35 -38.78
N ASN B 809 18.67 -18.26 -39.18
CA ASN B 809 18.65 -19.61 -38.63
C ASN B 809 19.33 -19.68 -37.26
N LYS B 810 20.29 -18.80 -36.99
CA LYS B 810 20.99 -18.83 -35.71
C LYS B 810 20.09 -18.46 -34.55
N VAL B 811 19.25 -17.44 -34.74
CA VAL B 811 18.39 -16.98 -33.66
C VAL B 811 17.17 -17.88 -33.56
N THR B 812 16.93 -18.41 -32.36
CA THR B 812 15.80 -19.28 -32.10
C THR B 812 15.00 -18.72 -30.94
N LEU B 813 13.69 -18.62 -31.13
CA LEU B 813 12.80 -18.08 -30.10
C LEU B 813 12.69 -19.03 -28.92
N CYS B 836 4.19 -21.61 -22.85
CA CYS B 836 4.82 -20.62 -23.72
C CYS B 836 4.08 -20.53 -25.05
N ALA B 837 3.95 -19.30 -25.57
CA ALA B 837 3.27 -19.01 -26.83
C ALA B 837 1.81 -19.47 -26.81
N GLN B 838 1.23 -19.62 -25.63
CA GLN B 838 -0.15 -20.08 -25.48
C GLN B 838 -0.72 -19.47 -24.22
N LYS B 839 -1.83 -20.02 -23.73
CA LYS B 839 -2.48 -19.57 -22.50
C LYS B 839 -2.87 -18.09 -22.59
N PHE B 840 -3.78 -17.82 -23.52
CA PHE B 840 -4.31 -16.46 -23.68
C PHE B 840 -5.24 -16.13 -22.53
N ASN B 841 -4.77 -15.31 -21.60
CA ASN B 841 -5.57 -14.79 -20.49
C ASN B 841 -5.83 -13.31 -20.67
N GLY B 842 -6.08 -12.89 -21.91
CA GLY B 842 -6.14 -11.49 -22.24
C GLY B 842 -4.84 -10.89 -22.71
N LEU B 843 -3.79 -11.70 -22.86
CA LEU B 843 -2.48 -11.25 -23.29
C LEU B 843 -2.29 -11.66 -24.74
N THR B 844 -2.22 -10.67 -25.63
CA THR B 844 -2.07 -10.91 -27.07
C THR B 844 -0.77 -10.31 -27.57
N VAL B 845 -0.41 -10.69 -28.80
CA VAL B 845 0.79 -10.19 -29.46
C VAL B 845 0.40 -9.69 -30.84
N LEU B 846 0.81 -8.48 -31.18
CA LEU B 846 0.44 -7.92 -32.48
C LEU B 846 1.58 -8.06 -33.48
N PRO B 847 1.28 -8.30 -34.75
CA PRO B 847 2.34 -8.44 -35.75
C PRO B 847 2.88 -7.09 -36.16
N PRO B 848 4.16 -7.03 -36.53
CA PRO B 848 4.73 -5.75 -37.00
C PRO B 848 4.16 -5.34 -38.34
N LEU B 849 4.20 -4.04 -38.59
CA LEU B 849 3.66 -3.50 -39.85
C LEU B 849 4.50 -3.95 -41.04
N LEU B 850 5.82 -3.95 -40.90
CA LEU B 850 6.71 -4.30 -41.99
C LEU B 850 7.09 -5.77 -41.89
N THR B 851 6.88 -6.51 -42.98
CA THR B 851 7.26 -7.91 -43.04
C THR B 851 8.76 -8.04 -43.28
N ASP B 852 9.26 -9.27 -43.11
CA ASP B 852 10.69 -9.52 -43.28
C ASP B 852 11.12 -9.28 -44.72
N GLU B 853 10.27 -9.65 -45.69
CA GLU B 853 10.63 -9.48 -47.10
C GLU B 853 10.80 -8.00 -47.44
N MET B 854 9.98 -7.13 -46.85
CA MET B 854 10.09 -5.70 -47.11
C MET B 854 11.42 -5.16 -46.57
N ILE B 855 11.83 -5.60 -45.38
CA ILE B 855 13.11 -5.18 -44.83
C ILE B 855 14.25 -5.69 -45.70
N ALA B 856 14.15 -6.92 -46.20
CA ALA B 856 15.17 -7.44 -47.10
C ALA B 856 15.23 -6.63 -48.39
N GLN B 857 14.07 -6.21 -48.90
CA GLN B 857 14.05 -5.36 -50.08
C GLN B 857 14.73 -4.03 -49.82
N TYR B 858 14.47 -3.42 -48.67
CA TYR B 858 15.14 -2.17 -48.32
C TYR B 858 16.65 -2.36 -48.25
N THR B 859 17.10 -3.44 -47.62
CA THR B 859 18.54 -3.71 -47.52
C THR B 859 19.16 -3.91 -48.91
N SER B 860 18.47 -4.66 -49.78
CA SER B 860 18.99 -4.88 -51.12
C SER B 860 19.06 -3.58 -51.91
N ALA B 861 18.05 -2.72 -51.76
CA ALA B 861 18.08 -1.43 -52.44
C ALA B 861 19.26 -0.58 -51.96
N LEU B 862 19.51 -0.57 -50.65
CA LEU B 862 20.65 0.17 -50.12
C LEU B 862 21.96 -0.39 -50.66
N LEU B 863 22.08 -1.72 -50.72
CA LEU B 863 23.31 -2.34 -51.21
C LEU B 863 23.54 -1.99 -52.68
N ALA B 864 22.50 -2.09 -53.50
CA ALA B 864 22.65 -1.75 -54.91
C ALA B 864 23.01 -0.27 -55.08
N GLY B 865 22.37 0.61 -54.30
CA GLY B 865 22.68 2.02 -54.39
C GLY B 865 24.12 2.33 -54.03
N THR B 866 24.62 1.72 -52.95
CA THR B 866 25.99 1.99 -52.53
C THR B 866 27.02 1.29 -53.39
N ILE B 867 26.64 0.27 -54.16
CA ILE B 867 27.57 -0.39 -55.06
C ILE B 867 27.67 0.33 -56.39
N THR B 868 26.53 0.70 -56.98
CA THR B 868 26.53 1.23 -58.34
C THR B 868 26.65 2.75 -58.40
N SER B 869 26.60 3.46 -57.27
CA SER B 869 26.61 4.91 -57.32
C SER B 869 27.66 5.52 -56.39
N GLY B 870 27.95 4.85 -55.29
CA GLY B 870 28.85 5.40 -54.28
C GLY B 870 28.07 6.12 -53.18
N TRP B 871 28.53 7.31 -52.82
CA TRP B 871 27.84 8.12 -51.83
C TRP B 871 26.96 9.20 -52.46
N THR B 872 26.84 9.20 -53.78
CA THR B 872 26.08 10.24 -54.47
C THR B 872 24.57 10.05 -54.35
N PHE B 873 24.11 8.83 -54.07
CA PHE B 873 22.68 8.58 -54.01
C PHE B 873 22.07 8.99 -52.67
N GLY B 874 22.89 9.32 -51.67
CA GLY B 874 22.40 9.80 -50.41
C GLY B 874 22.26 11.30 -50.29
N ALA B 875 22.57 12.05 -51.35
CA ALA B 875 22.48 13.50 -51.31
C ALA B 875 21.89 14.06 -52.61
N GLY B 876 21.03 13.28 -53.27
CA GLY B 876 20.43 13.71 -54.51
C GLY B 876 20.26 12.56 -55.48
N PRO B 877 20.25 12.87 -56.78
CA PRO B 877 20.16 11.81 -57.78
C PRO B 877 21.41 10.93 -57.77
N ALA B 878 21.22 9.66 -58.11
CA ALA B 878 22.31 8.70 -58.11
C ALA B 878 23.11 8.82 -59.41
N LEU B 879 24.41 9.05 -59.28
CA LEU B 879 25.31 9.18 -60.41
C LEU B 879 26.23 7.98 -60.48
N GLN B 880 26.31 7.35 -61.65
CA GLN B 880 27.07 6.14 -61.82
C GLN B 880 28.57 6.41 -61.85
N ILE B 881 29.35 5.40 -61.49
CA ILE B 881 30.81 5.48 -61.46
C ILE B 881 31.38 4.07 -61.34
N PRO B 882 32.44 3.71 -62.07
CA PRO B 882 33.01 2.38 -61.92
C PRO B 882 33.59 2.17 -60.52
N PHE B 883 33.53 0.91 -60.07
CA PHE B 883 33.91 0.59 -58.70
C PHE B 883 35.38 0.89 -58.39
N PRO B 884 36.36 0.53 -59.23
CA PRO B 884 37.75 0.87 -58.89
C PRO B 884 37.98 2.36 -58.72
N MET B 885 37.30 3.20 -59.51
CA MET B 885 37.46 4.64 -59.35
C MET B 885 36.85 5.11 -58.03
N GLN B 886 35.73 4.51 -57.61
CA GLN B 886 35.15 4.83 -56.31
C GLN B 886 36.10 4.45 -55.18
N MET B 887 36.73 3.28 -55.27
CA MET B 887 37.67 2.88 -54.24
C MET B 887 38.92 3.75 -54.26
N ALA B 888 39.33 4.24 -55.44
CA ALA B 888 40.41 5.20 -55.51
C ALA B 888 40.04 6.50 -54.81
N TYR B 889 38.80 6.95 -55.00
CA TYR B 889 38.30 8.12 -54.25
C TYR B 889 38.38 7.87 -52.76
N ARG B 890 37.99 6.66 -52.32
CA ARG B 890 37.97 6.39 -50.89
C ARG B 890 39.38 6.29 -50.30
N PHE B 891 40.35 5.75 -51.06
CA PHE B 891 41.74 5.83 -50.62
C PHE B 891 42.23 7.27 -50.56
N ASN B 892 41.88 8.08 -51.56
CA ASN B 892 42.25 9.49 -51.51
C ASN B 892 41.62 10.20 -50.33
N GLY B 893 40.50 9.70 -49.84
CA GLY B 893 39.84 10.31 -48.69
C GLY B 893 40.51 10.06 -47.35
N ILE B 894 41.53 9.20 -47.29
CA ILE B 894 42.24 8.94 -46.04
C ILE B 894 43.72 9.27 -46.15
N GLY B 895 44.09 10.15 -47.07
CA GLY B 895 45.47 10.61 -47.18
C GLY B 895 46.39 9.74 -47.98
N VAL B 896 45.88 8.76 -48.70
CA VAL B 896 46.69 7.87 -49.54
C VAL B 896 46.40 8.22 -51.00
N THR B 897 47.46 8.42 -51.79
CA THR B 897 47.31 8.86 -53.15
C THR B 897 46.65 7.78 -54.00
N GLN B 898 46.14 8.20 -55.17
CA GLN B 898 45.35 7.31 -56.01
C GLN B 898 46.19 6.15 -56.55
N ASN B 899 47.42 6.44 -56.99
CA ASN B 899 48.22 5.45 -57.69
C ASN B 899 48.56 4.24 -56.83
N VAL B 900 48.27 4.28 -55.53
CA VAL B 900 48.45 3.10 -54.69
C VAL B 900 47.48 2.01 -55.11
N LEU B 901 46.23 2.37 -55.37
CA LEU B 901 45.22 1.37 -55.72
C LEU B 901 45.47 0.77 -57.10
N TYR B 902 45.71 1.61 -58.09
CA TYR B 902 45.79 1.13 -59.47
C TYR B 902 46.97 0.20 -59.68
N GLU B 903 48.01 0.33 -58.85
CA GLU B 903 49.17 -0.53 -58.93
C GLU B 903 49.09 -1.72 -57.98
N ASN B 904 48.00 -1.86 -57.22
CA ASN B 904 47.82 -2.97 -56.31
C ASN B 904 46.37 -3.47 -56.29
N GLN B 905 45.67 -3.35 -57.42
CA GLN B 905 44.24 -3.61 -57.45
C GLN B 905 43.94 -5.09 -57.17
N LYS B 906 44.67 -6.00 -57.82
CA LYS B 906 44.39 -7.42 -57.68
C LYS B 906 44.62 -7.91 -56.26
N LEU B 907 45.71 -7.46 -55.63
CA LEU B 907 45.99 -7.88 -54.26
C LEU B 907 44.92 -7.37 -53.30
N ILE B 908 44.47 -6.13 -53.49
CA ILE B 908 43.42 -5.57 -52.64
C ILE B 908 42.12 -6.35 -52.81
N ALA B 909 41.78 -6.68 -54.07
CA ALA B 909 40.56 -7.46 -54.30
C ALA B 909 40.65 -8.83 -53.64
N ASN B 910 41.80 -9.48 -53.75
CA ASN B 910 41.97 -10.80 -53.12
C ASN B 910 41.85 -10.70 -51.61
N GLN B 911 42.46 -9.67 -51.01
CA GLN B 911 42.35 -9.50 -49.56
C GLN B 911 40.91 -9.28 -49.12
N PHE B 912 40.19 -8.43 -49.86
CA PHE B 912 38.79 -8.17 -49.52
C PHE B 912 37.95 -9.44 -49.64
N ASN B 913 38.16 -10.21 -50.71
CA ASN B 913 37.41 -11.45 -50.89
C ASN B 913 37.71 -12.44 -49.77
N SER B 914 38.98 -12.57 -49.38
CA SER B 914 39.33 -13.50 -48.31
C SER B 914 38.71 -13.07 -46.98
N ALA B 915 38.74 -11.77 -46.70
CA ALA B 915 38.13 -11.29 -45.45
C ALA B 915 36.62 -11.55 -45.43
N ILE B 916 35.95 -11.28 -46.55
CA ILE B 916 34.51 -11.54 -46.62
C ILE B 916 34.24 -13.03 -46.44
N GLY B 917 35.07 -13.88 -47.02
CA GLY B 917 34.91 -15.31 -46.82
C GLY B 917 35.09 -15.74 -45.38
N LYS B 918 36.10 -15.17 -44.71
CA LYS B 918 36.36 -15.54 -43.32
C LYS B 918 35.24 -15.09 -42.39
N ILE B 919 34.60 -13.96 -42.69
CA ILE B 919 33.51 -13.47 -41.86
C ILE B 919 32.39 -14.50 -41.81
N GLN B 920 32.10 -15.14 -42.94
CA GLN B 920 31.05 -16.15 -43.01
C GLN B 920 31.23 -17.22 -41.93
N ASP B 921 32.43 -17.79 -41.85
CA ASP B 921 32.68 -18.84 -40.86
C ASP B 921 32.75 -18.28 -39.45
N SER B 922 33.43 -17.14 -39.27
CA SER B 922 33.66 -16.62 -37.93
C SER B 922 32.38 -16.11 -37.28
N LEU B 923 31.35 -15.79 -38.07
CA LEU B 923 30.11 -15.30 -37.47
C LEU B 923 29.42 -16.37 -36.63
N PHE B 924 29.37 -17.62 -37.12
CA PHE B 924 28.64 -18.67 -36.44
C PHE B 924 29.53 -19.72 -35.78
N SER B 925 30.83 -19.73 -36.07
CA SER B 925 31.72 -20.68 -35.39
C SER B 925 31.80 -20.40 -33.90
N THR B 926 31.63 -19.13 -33.50
CA THR B 926 31.58 -18.80 -32.09
C THR B 926 30.31 -19.37 -31.46
N PRO B 927 30.33 -19.65 -30.15
CA PRO B 927 29.15 -20.24 -29.50
C PRO B 927 27.90 -19.38 -29.64
N SER B 928 27.96 -18.13 -29.19
CA SER B 928 26.80 -17.24 -29.27
C SER B 928 27.32 -15.82 -29.44
N ALA B 929 27.36 -15.36 -30.69
CA ALA B 929 27.72 -13.97 -30.97
C ALA B 929 26.51 -13.04 -31.00
N LEU B 930 25.32 -13.58 -31.25
CA LEU B 930 24.09 -12.78 -31.29
C LEU B 930 23.37 -12.80 -29.94
N GLY B 931 24.11 -12.47 -28.87
CA GLY B 931 23.48 -12.41 -27.55
C GLY B 931 22.64 -11.18 -27.34
N LYS B 932 23.03 -10.06 -27.98
CA LYS B 932 22.26 -8.82 -27.83
C LYS B 932 20.85 -8.97 -28.35
N LEU B 933 20.69 -9.67 -29.49
CA LEU B 933 19.36 -9.88 -30.04
C LEU B 933 18.58 -10.93 -29.25
N GLN B 934 19.29 -11.91 -28.67
CA GLN B 934 18.61 -12.97 -27.92
C GLN B 934 18.10 -12.46 -26.58
N ASP B 935 18.79 -11.49 -25.98
CA ASP B 935 18.40 -11.00 -24.66
C ASP B 935 17.01 -10.37 -24.68
N VAL B 936 16.64 -9.70 -25.77
CA VAL B 936 15.33 -9.07 -25.85
C VAL B 936 14.23 -10.13 -25.75
N VAL B 937 14.36 -11.19 -26.55
CA VAL B 937 13.36 -12.26 -26.53
C VAL B 937 13.34 -12.93 -25.17
N ASN B 938 14.51 -13.18 -24.59
CA ASN B 938 14.56 -13.84 -23.28
C ASN B 938 13.85 -13.00 -22.22
N HIS B 939 14.12 -11.68 -22.20
CA HIS B 939 13.50 -10.81 -21.21
C HIS B 939 11.99 -10.73 -21.40
N ASN B 940 11.54 -10.61 -22.65
CA ASN B 940 10.10 -10.55 -22.90
C ASN B 940 9.42 -11.83 -22.46
N ALA B 941 10.01 -12.99 -22.78
CA ALA B 941 9.42 -14.26 -22.37
C ALA B 941 9.37 -14.38 -20.86
N GLN B 942 10.44 -13.99 -20.17
CA GLN B 942 10.45 -14.08 -18.70
C GLN B 942 9.38 -13.18 -18.10
N ALA B 943 9.26 -11.95 -18.60
CA ALA B 943 8.26 -11.03 -18.05
C ALA B 943 6.84 -11.55 -18.26
N LEU B 944 6.55 -12.04 -19.47
CA LEU B 944 5.21 -12.55 -19.74
C LEU B 944 4.92 -13.80 -18.90
N ASN B 945 5.92 -14.68 -18.74
CA ASN B 945 5.72 -15.87 -17.93
C ASN B 945 5.43 -15.51 -16.48
N THR B 946 6.17 -14.56 -15.91
CA THR B 946 5.90 -14.15 -14.54
C THR B 946 4.51 -13.52 -14.41
N LEU B 947 4.13 -12.68 -15.37
CA LEU B 947 2.83 -12.03 -15.31
C LEU B 947 1.71 -13.05 -15.36
N VAL B 948 1.82 -14.05 -16.25
CA VAL B 948 0.76 -15.06 -16.34
C VAL B 948 0.82 -16.04 -15.18
N LYS B 949 1.98 -16.21 -14.54
CA LYS B 949 2.08 -17.11 -13.38
C LYS B 949 1.49 -16.47 -12.13
N GLN B 950 1.50 -15.13 -12.04
CA GLN B 950 1.02 -14.48 -10.84
C GLN B 950 -0.49 -14.63 -10.60
N LEU B 951 -1.21 -15.38 -11.44
CA LEU B 951 -2.65 -15.56 -11.25
C LEU B 951 -3.00 -16.71 -10.31
N SER B 952 -2.02 -17.45 -9.81
CA SER B 952 -2.27 -18.60 -8.93
C SER B 952 -1.81 -18.30 -7.50
N SER B 953 -2.01 -17.07 -7.06
CA SER B 953 -1.62 -16.65 -5.71
C SER B 953 -2.86 -16.19 -4.95
N LYS B 954 -2.98 -16.64 -3.70
CA LYS B 954 -4.17 -16.33 -2.92
C LYS B 954 -4.16 -14.88 -2.43
N PHE B 955 -2.98 -14.32 -2.16
CA PHE B 955 -2.83 -12.96 -1.67
C PHE B 955 -3.56 -12.74 -0.35
N GLY B 956 -3.72 -13.80 0.43
CA GLY B 956 -4.39 -13.71 1.72
C GLY B 956 -5.82 -14.20 1.73
N ALA B 957 -6.42 -14.45 0.57
CA ALA B 957 -7.79 -14.95 0.51
C ALA B 957 -7.79 -16.45 0.77
N ILE B 958 -8.95 -17.08 0.61
CA ILE B 958 -9.08 -18.51 0.85
C ILE B 958 -8.78 -19.35 -0.39
N SER B 959 -8.87 -18.78 -1.58
CA SER B 959 -8.59 -19.52 -2.81
C SER B 959 -8.21 -18.52 -3.90
N SER B 960 -7.58 -19.05 -4.95
CA SER B 960 -7.14 -18.24 -6.08
C SER B 960 -8.07 -18.36 -7.28
N VAL B 961 -9.23 -18.98 -7.11
CA VAL B 961 -10.21 -19.14 -8.19
C VAL B 961 -11.47 -18.39 -7.80
N LEU B 962 -11.93 -17.51 -8.69
CA LEU B 962 -13.10 -16.69 -8.39
C LEU B 962 -14.36 -17.53 -8.26
N ASN B 963 -14.53 -18.52 -9.14
CA ASN B 963 -15.75 -19.32 -9.13
C ASN B 963 -15.91 -20.10 -7.83
N ASP B 964 -14.80 -20.47 -7.20
CA ASP B 964 -14.89 -21.15 -5.90
C ASP B 964 -15.49 -20.23 -4.85
N ILE B 965 -15.06 -18.97 -4.82
CA ILE B 965 -15.61 -18.02 -3.86
C ILE B 965 -17.06 -17.70 -4.18
N LEU B 966 -17.37 -17.51 -5.47
CA LEU B 966 -18.73 -17.15 -5.88
C LEU B 966 -19.72 -18.31 -5.73
N SER B 967 -19.24 -19.52 -5.47
CA SER B 967 -20.13 -20.68 -5.32
C SER B 967 -20.04 -21.29 -3.94
N ARG B 968 -19.50 -20.56 -2.96
CA ARG B 968 -19.37 -21.07 -1.60
C ARG B 968 -19.81 -20.09 -0.52
N LEU B 969 -20.01 -18.82 -0.84
CA LEU B 969 -20.31 -17.81 0.17
C LEU B 969 -21.40 -16.89 -0.33
N ASP B 970 -22.08 -16.25 0.61
CA ASP B 970 -23.10 -15.27 0.29
C ASP B 970 -22.44 -14.01 -0.29
N PRO B 971 -23.20 -13.23 -1.05
CA PRO B 971 -22.65 -12.01 -1.68
C PRO B 971 -22.02 -11.05 -0.66
N PRO B 972 -22.59 -10.86 0.53
CA PRO B 972 -21.94 -9.95 1.49
C PRO B 972 -20.52 -10.38 1.87
N GLU B 973 -20.24 -11.68 1.95
CA GLU B 973 -18.91 -12.14 2.34
C GLU B 973 -17.96 -12.33 1.17
N ALA B 974 -18.44 -12.21 -0.07
CA ALA B 974 -17.57 -12.44 -1.23
C ALA B 974 -16.64 -11.25 -1.49
N GLU B 975 -17.09 -10.03 -1.19
CA GLU B 975 -16.30 -8.84 -1.50
C GLU B 975 -14.99 -8.84 -0.72
N VAL B 976 -15.03 -9.31 0.53
CA VAL B 976 -13.84 -9.32 1.37
C VAL B 976 -12.74 -10.16 0.72
N GLN B 977 -13.11 -11.31 0.16
CA GLN B 977 -12.13 -12.16 -0.50
C GLN B 977 -11.73 -11.59 -1.86
N ILE B 978 -12.68 -11.01 -2.58
CA ILE B 978 -12.41 -10.55 -3.94
C ILE B 978 -11.44 -9.37 -3.94
N ASP B 979 -11.54 -8.50 -2.93
CA ASP B 979 -10.75 -7.27 -2.91
C ASP B 979 -9.25 -7.56 -2.90
N ARG B 980 -8.83 -8.57 -2.13
CA ARG B 980 -7.41 -8.89 -2.03
C ARG B 980 -6.86 -9.33 -3.39
N LEU B 981 -7.59 -10.20 -4.08
CA LEU B 981 -7.19 -10.62 -5.41
C LEU B 981 -7.11 -9.45 -6.37
N ILE B 982 -8.10 -8.55 -6.31
CA ILE B 982 -8.12 -7.40 -7.20
C ILE B 982 -6.87 -6.54 -6.98
N THR B 983 -6.55 -6.26 -5.71
CA THR B 983 -5.39 -5.43 -5.41
C THR B 983 -4.10 -6.08 -5.87
N GLY B 984 -3.94 -7.38 -5.60
CA GLY B 984 -2.71 -8.04 -6.01
C GLY B 984 -2.51 -8.05 -7.50
N ARG B 985 -3.58 -8.35 -8.26
CA ARG B 985 -3.46 -8.38 -9.71
C ARG B 985 -3.20 -6.99 -10.27
N LEU B 986 -3.81 -5.96 -9.67
CA LEU B 986 -3.53 -4.59 -10.10
C LEU B 986 -2.06 -4.24 -9.90
N GLN B 987 -1.50 -4.62 -8.74
CA GLN B 987 -0.09 -4.34 -8.48
C GLN B 987 0.80 -5.04 -9.49
N SER B 988 0.50 -6.31 -9.80
CA SER B 988 1.29 -7.04 -10.79
C SER B 988 1.26 -6.35 -12.15
N LEU B 989 0.07 -5.93 -12.58
CA LEU B 989 -0.06 -5.25 -13.87
C LEU B 989 0.75 -3.95 -13.89
N GLN B 990 0.69 -3.18 -12.80
CA GLN B 990 1.43 -1.92 -12.76
C GLN B 990 2.93 -2.17 -12.86
N THR B 991 3.44 -3.17 -12.13
CA THR B 991 4.86 -3.48 -12.20
C THR B 991 5.28 -3.85 -13.62
N TYR B 992 4.48 -4.70 -14.27
CA TYR B 992 4.80 -5.11 -15.64
C TYR B 992 4.83 -3.91 -16.58
N VAL B 993 3.86 -3.00 -16.44
CA VAL B 993 3.80 -1.83 -17.33
C VAL B 993 5.03 -0.95 -17.14
N THR B 994 5.42 -0.70 -15.89
CA THR B 994 6.58 0.16 -15.65
C THR B 994 7.86 -0.46 -16.23
N GLN B 995 8.05 -1.76 -16.02
CA GLN B 995 9.25 -2.41 -16.58
C GLN B 995 9.26 -2.31 -18.09
N GLN B 996 8.10 -2.52 -18.73
CA GLN B 996 8.03 -2.42 -20.18
C GLN B 996 8.36 -1.01 -20.66
N LEU B 997 7.90 0.01 -19.94
CA LEU B 997 8.22 1.38 -20.33
C LEU B 997 9.72 1.64 -20.31
N ILE B 998 10.39 1.20 -19.23
CA ILE B 998 11.83 1.43 -19.13
C ILE B 998 12.57 0.71 -20.26
N ARG B 999 12.20 -0.55 -20.51
CA ARG B 999 12.86 -1.29 -21.58
C ARG B 999 12.62 -0.64 -22.95
N ALA B 1000 11.42 -0.11 -23.17
CA ALA B 1000 11.14 0.57 -24.42
C ALA B 1000 12.01 1.80 -24.60
N ALA B 1001 12.22 2.55 -23.52
CA ALA B 1001 13.12 3.71 -23.62
C ALA B 1001 14.53 3.29 -24.02
N GLU B 1002 15.05 2.22 -23.39
CA GLU B 1002 16.39 1.75 -23.75
C GLU B 1002 16.45 1.32 -25.22
N ILE B 1003 15.42 0.60 -25.68
CA ILE B 1003 15.39 0.14 -27.07
C ILE B 1003 15.33 1.32 -28.03
N ARG B 1004 14.60 2.38 -27.66
CA ARG B 1004 14.55 3.57 -28.51
C ARG B 1004 15.93 4.22 -28.63
N ALA B 1005 16.67 4.30 -27.52
CA ALA B 1005 18.02 4.84 -27.60
C ALA B 1005 18.89 4.02 -28.54
N SER B 1006 18.81 2.69 -28.43
CA SER B 1006 19.59 1.83 -29.32
C SER B 1006 19.19 2.03 -30.78
N ALA B 1007 17.89 2.17 -31.05
CA ALA B 1007 17.43 2.38 -32.42
C ALA B 1007 17.92 3.71 -32.99
N ASN B 1008 17.94 4.76 -32.17
CA ASN B 1008 18.50 6.03 -32.62
C ASN B 1008 19.97 5.90 -32.99
N LEU B 1009 20.74 5.18 -32.17
CA LEU B 1009 22.14 4.97 -32.51
C LEU B 1009 22.28 4.21 -33.83
N ALA B 1010 21.45 3.17 -34.02
CA ALA B 1010 21.50 2.40 -35.26
C ALA B 1010 21.17 3.26 -36.47
N ALA B 1011 20.17 4.14 -36.35
CA ALA B 1011 19.81 5.02 -37.46
C ALA B 1011 20.96 5.97 -37.80
N THR B 1012 21.61 6.53 -36.78
CA THR B 1012 22.74 7.41 -37.04
C THR B 1012 23.87 6.65 -37.73
N LYS B 1013 24.15 5.42 -37.28
CA LYS B 1013 25.20 4.63 -37.92
C LYS B 1013 24.87 4.32 -39.37
N MET B 1014 23.60 4.03 -39.66
CA MET B 1014 23.19 3.81 -41.04
C MET B 1014 23.37 5.07 -41.88
N SER B 1015 23.04 6.24 -41.31
CA SER B 1015 23.18 7.49 -42.06
C SER B 1015 24.63 7.80 -42.36
N GLU B 1016 25.53 7.60 -41.41
CA GLU B 1016 26.90 8.09 -41.58
C GLU B 1016 27.84 7.07 -42.23
N CYS B 1017 27.86 5.83 -41.73
CA CYS B 1017 28.84 4.86 -42.22
C CYS B 1017 28.46 4.31 -43.58
N VAL B 1018 27.16 4.14 -43.85
CA VAL B 1018 26.72 3.49 -45.08
C VAL B 1018 26.58 4.49 -46.23
N LEU B 1019 25.93 5.62 -45.98
CA LEU B 1019 25.68 6.60 -47.04
C LEU B 1019 26.87 7.52 -47.30
N GLY B 1020 27.94 7.40 -46.51
CA GLY B 1020 29.11 8.23 -46.71
C GLY B 1020 30.31 7.62 -46.04
N GLN B 1021 31.39 8.39 -46.01
CA GLN B 1021 32.64 7.97 -45.38
C GLN B 1021 32.87 8.84 -44.15
N SER B 1022 33.06 8.20 -43.00
CA SER B 1022 33.17 8.89 -41.74
C SER B 1022 34.63 9.10 -41.35
N LYS B 1023 34.89 10.21 -40.65
CA LYS B 1023 36.21 10.51 -40.12
C LYS B 1023 36.28 10.40 -38.61
N ARG B 1024 35.15 10.14 -37.94
CA ARG B 1024 35.16 9.93 -36.50
C ARG B 1024 35.89 8.64 -36.16
N VAL B 1025 36.75 8.70 -35.15
CA VAL B 1025 37.62 7.58 -34.82
C VAL B 1025 36.81 6.49 -34.12
N ASP B 1026 36.94 5.26 -34.59
CA ASP B 1026 36.32 4.09 -33.97
C ASP B 1026 34.80 4.18 -33.96
N PHE B 1027 34.23 4.86 -34.93
CA PHE B 1027 32.77 4.94 -35.06
C PHE B 1027 32.21 3.92 -36.05
N CYS B 1028 32.92 3.67 -37.15
CA CYS B 1028 32.50 2.67 -38.12
C CYS B 1028 33.56 1.59 -38.26
N GLY B 1029 34.07 1.10 -37.13
CA GLY B 1029 35.10 0.08 -37.11
C GLY B 1029 36.44 0.64 -36.67
N LYS B 1030 37.34 -0.30 -36.36
CA LYS B 1030 38.67 0.04 -35.91
C LYS B 1030 39.61 0.16 -37.12
N GLY B 1031 40.14 1.35 -37.32
CA GLY B 1031 40.98 1.66 -38.46
C GLY B 1031 40.42 2.81 -39.27
N TYR B 1032 41.03 3.06 -40.42
CA TYR B 1032 40.58 4.11 -41.32
C TYR B 1032 39.40 3.60 -42.13
N HIS B 1033 38.25 4.25 -41.96
CA HIS B 1033 37.01 3.76 -42.56
C HIS B 1033 37.05 3.85 -44.08
N LEU B 1034 36.49 2.84 -44.73
CA LEU B 1034 36.35 2.82 -46.19
C LEU B 1034 34.89 2.77 -46.63
N MET B 1035 34.13 1.80 -46.13
CA MET B 1035 32.71 1.65 -46.48
C MET B 1035 32.09 0.64 -45.52
N SER B 1036 30.78 0.46 -45.64
CA SER B 1036 30.05 -0.48 -44.79
C SER B 1036 28.87 -1.04 -45.55
N PHE B 1037 28.38 -2.19 -45.10
CA PHE B 1037 27.24 -2.85 -45.70
C PHE B 1037 26.26 -3.31 -44.63
N PRO B 1038 24.96 -3.10 -44.83
CA PRO B 1038 23.97 -3.56 -43.86
C PRO B 1038 23.41 -4.94 -44.18
N GLN B 1039 23.08 -5.66 -43.13
CA GLN B 1039 22.38 -6.94 -43.23
C GLN B 1039 21.28 -6.97 -42.19
N SER B 1040 20.15 -7.56 -42.54
CA SER B 1040 18.98 -7.58 -41.67
C SER B 1040 18.98 -8.82 -40.80
N ALA B 1041 18.58 -8.65 -39.54
CA ALA B 1041 18.50 -9.72 -38.57
C ALA B 1041 17.19 -9.56 -37.81
N PRO B 1042 16.70 -10.63 -37.17
CA PRO B 1042 15.46 -10.50 -36.38
C PRO B 1042 15.63 -9.51 -35.24
N HIS B 1043 14.80 -8.48 -35.25
CA HIS B 1043 14.79 -7.44 -34.20
C HIS B 1043 16.12 -6.72 -34.10
N GLY B 1044 16.78 -6.51 -35.23
CA GLY B 1044 18.06 -5.83 -35.21
C GLY B 1044 18.64 -5.68 -36.59
N VAL B 1045 19.91 -5.26 -36.63
CA VAL B 1045 20.63 -5.03 -37.87
C VAL B 1045 22.10 -5.34 -37.62
N VAL B 1046 22.80 -5.72 -38.69
CA VAL B 1046 24.21 -6.10 -38.63
C VAL B 1046 24.98 -5.29 -39.66
N PHE B 1047 26.10 -4.71 -39.24
CA PHE B 1047 26.95 -3.91 -40.10
C PHE B 1047 28.24 -4.66 -40.42
N LEU B 1048 28.81 -4.37 -41.58
CA LEU B 1048 30.06 -4.98 -42.05
C LEU B 1048 31.01 -3.85 -42.42
N HIS B 1049 31.88 -3.48 -41.48
CA HIS B 1049 32.78 -2.35 -41.68
C HIS B 1049 34.07 -2.80 -42.35
N VAL B 1050 34.46 -2.11 -43.41
CA VAL B 1050 35.71 -2.35 -44.12
C VAL B 1050 36.66 -1.21 -43.80
N THR B 1051 37.85 -1.55 -43.31
CA THR B 1051 38.81 -0.56 -42.84
C THR B 1051 40.18 -0.82 -43.47
N TYR B 1052 41.06 0.16 -43.29
CA TYR B 1052 42.42 0.12 -43.80
C TYR B 1052 43.38 0.10 -42.61
N VAL B 1053 44.28 -0.88 -42.59
CA VAL B 1053 45.19 -1.09 -41.48
C VAL B 1053 46.63 -1.10 -42.01
N PRO B 1054 47.51 -0.24 -41.49
CA PRO B 1054 48.91 -0.28 -41.93
C PRO B 1054 49.64 -1.50 -41.36
N ALA B 1055 50.76 -1.83 -41.99
CA ALA B 1055 51.56 -2.98 -41.57
C ALA B 1055 52.98 -2.83 -42.10
N GLN B 1056 53.88 -3.64 -41.53
CA GLN B 1056 55.27 -3.72 -41.97
C GLN B 1056 55.96 -2.36 -41.89
N GLU B 1057 56.10 -1.86 -40.66
CA GLU B 1057 56.74 -0.58 -40.43
C GLU B 1057 58.26 -0.71 -40.61
N LYS B 1058 58.91 0.45 -40.73
CA LYS B 1058 60.35 0.51 -40.92
C LYS B 1058 60.86 1.82 -40.34
N ASN B 1059 62.07 1.78 -39.80
CA ASN B 1059 62.64 2.91 -39.08
C ASN B 1059 63.49 3.77 -40.01
N PHE B 1060 63.45 5.09 -39.79
CA PHE B 1060 64.16 6.05 -40.62
C PHE B 1060 64.70 7.17 -39.74
N THR B 1061 65.44 8.08 -40.35
CA THR B 1061 65.95 9.28 -39.70
C THR B 1061 65.36 10.49 -40.40
N THR B 1062 64.88 11.45 -39.62
CA THR B 1062 64.11 12.57 -40.15
C THR B 1062 64.67 13.89 -39.65
N ALA B 1063 64.16 14.98 -40.25
CA ALA B 1063 64.55 16.33 -39.89
C ALA B 1063 63.41 17.26 -40.26
N PRO B 1064 63.20 18.35 -39.51
CA PRO B 1064 62.03 19.20 -39.77
C PRO B 1064 62.14 20.03 -41.05
N ALA B 1065 63.33 20.51 -41.38
CA ALA B 1065 63.49 21.38 -42.54
C ALA B 1065 64.85 21.15 -43.17
N ILE B 1066 64.97 21.57 -44.42
CA ILE B 1066 66.20 21.41 -45.20
C ILE B 1066 66.69 22.80 -45.58
N CYS B 1067 67.97 23.08 -45.28
CA CYS B 1067 68.57 24.37 -45.60
C CYS B 1067 69.30 24.29 -46.93
N HIS B 1068 69.13 25.34 -47.75
CA HIS B 1068 69.77 25.38 -49.06
C HIS B 1068 69.88 26.83 -49.49
N ASP B 1069 71.11 27.26 -49.79
CA ASP B 1069 71.38 28.63 -50.23
C ASP B 1069 70.89 29.66 -49.21
N GLY B 1070 71.07 29.33 -47.92
CA GLY B 1070 70.66 30.24 -46.87
C GLY B 1070 69.16 30.37 -46.69
N LYS B 1071 68.40 29.37 -47.13
CA LYS B 1071 66.94 29.39 -47.01
C LYS B 1071 66.47 28.07 -46.43
N ALA B 1072 65.38 28.14 -45.66
CA ALA B 1072 64.74 26.95 -45.13
C ALA B 1072 63.75 26.39 -46.13
N HIS B 1073 63.54 25.08 -46.08
CA HIS B 1073 62.61 24.39 -46.96
C HIS B 1073 61.70 23.49 -46.14
N PHE B 1074 60.40 23.59 -46.37
CA PHE B 1074 59.43 22.73 -45.72
C PHE B 1074 58.62 21.98 -46.78
N PRO B 1075 58.27 20.72 -46.52
CA PRO B 1075 57.49 19.97 -47.50
C PRO B 1075 56.07 20.48 -47.59
N ARG B 1076 55.46 20.27 -48.77
CA ARG B 1076 54.06 20.64 -48.95
C ARG B 1076 53.14 19.64 -48.25
N GLU B 1077 53.21 18.38 -48.67
CA GLU B 1077 52.58 17.29 -47.93
C GLU B 1077 53.57 16.14 -47.85
N GLY B 1078 53.83 15.67 -46.64
CA GLY B 1078 54.76 14.59 -46.41
C GLY B 1078 55.77 14.96 -45.34
N VAL B 1079 56.78 14.11 -45.20
CA VAL B 1079 57.81 14.29 -44.18
C VAL B 1079 59.17 13.98 -44.81
N PHE B 1080 60.19 14.74 -44.40
CA PHE B 1080 61.54 14.49 -44.89
C PHE B 1080 62.10 13.24 -44.23
N VAL B 1081 62.62 12.32 -45.04
CA VAL B 1081 63.10 11.03 -44.57
C VAL B 1081 64.44 10.74 -45.23
N SER B 1082 65.40 10.28 -44.42
CA SER B 1082 66.72 9.90 -44.89
C SER B 1082 66.93 8.40 -44.70
N ASN B 1083 67.56 7.77 -45.69
CA ASN B 1083 67.84 6.34 -45.65
C ASN B 1083 69.26 6.03 -45.23
N GLY B 1084 69.96 7.00 -44.65
CA GLY B 1084 71.32 6.80 -44.20
C GLY B 1084 72.33 7.63 -44.96
N THR B 1085 72.14 7.73 -46.28
CA THR B 1085 73.05 8.50 -47.13
C THR B 1085 72.34 9.65 -47.83
N HIS B 1086 71.18 9.40 -48.45
CA HIS B 1086 70.47 10.41 -49.22
C HIS B 1086 69.18 10.81 -48.50
N TRP B 1087 68.63 11.94 -48.94
CA TRP B 1087 67.42 12.51 -48.36
C TRP B 1087 66.29 12.49 -49.39
N PHE B 1088 65.09 12.17 -48.93
CA PHE B 1088 63.92 12.11 -49.80
C PHE B 1088 62.75 12.80 -49.10
N VAL B 1089 61.63 12.88 -49.83
CA VAL B 1089 60.36 13.33 -49.26
C VAL B 1089 59.32 12.26 -49.59
N THR B 1090 58.55 11.85 -48.58
CA THR B 1090 57.60 10.76 -48.74
C THR B 1090 56.30 11.10 -48.04
N GLN B 1091 55.22 10.49 -48.51
CA GLN B 1091 53.92 10.66 -47.89
C GLN B 1091 53.85 9.89 -46.57
N ARG B 1092 52.90 10.28 -45.73
CA ARG B 1092 52.92 9.84 -44.33
C ARG B 1092 52.52 8.38 -44.18
N ASN B 1093 51.47 7.96 -44.88
CA ASN B 1093 50.84 6.66 -44.63
C ASN B 1093 51.36 5.53 -45.51
N PHE B 1094 52.32 5.81 -46.39
CA PHE B 1094 52.85 4.77 -47.27
C PHE B 1094 54.23 5.18 -47.72
N TYR B 1095 55.19 4.26 -47.62
CA TYR B 1095 56.56 4.59 -47.98
C TYR B 1095 56.70 4.70 -49.50
N GLU B 1096 57.08 5.89 -49.97
CA GLU B 1096 57.28 6.15 -51.38
C GLU B 1096 58.25 7.31 -51.54
N PRO B 1097 59.55 7.05 -51.59
CA PRO B 1097 60.52 8.14 -51.65
C PRO B 1097 60.42 8.93 -52.95
N GLN B 1098 60.74 10.22 -52.85
CA GLN B 1098 60.71 11.12 -54.00
C GLN B 1098 61.95 12.00 -53.97
N ILE B 1099 62.33 12.50 -55.15
CA ILE B 1099 63.47 13.40 -55.27
C ILE B 1099 63.06 14.78 -54.78
N ILE B 1100 63.87 15.36 -53.91
CA ILE B 1100 63.57 16.69 -53.38
C ILE B 1100 63.67 17.71 -54.50
N THR B 1101 62.65 18.58 -54.59
CA THR B 1101 62.57 19.57 -55.64
C THR B 1101 61.80 20.77 -55.11
N THR B 1102 61.98 21.92 -55.77
CA THR B 1102 61.22 23.11 -55.40
C THR B 1102 59.74 22.98 -55.71
N ASP B 1103 59.34 21.96 -56.47
CA ASP B 1103 57.92 21.77 -56.77
C ASP B 1103 57.14 21.30 -55.56
N ASN B 1104 57.71 20.39 -54.77
CA ASN B 1104 57.01 19.80 -53.64
C ASN B 1104 57.40 20.43 -52.31
N THR B 1105 58.14 21.53 -52.32
CA THR B 1105 58.52 22.24 -51.11
C THR B 1105 58.33 23.74 -51.30
N PHE B 1106 58.17 24.44 -50.18
CA PHE B 1106 58.09 25.89 -50.16
C PHE B 1106 59.12 26.43 -49.17
N VAL B 1107 59.62 27.62 -49.45
CA VAL B 1107 60.78 28.13 -48.71
C VAL B 1107 60.35 28.77 -47.39
N SER B 1108 59.64 29.88 -47.49
CA SER B 1108 58.98 30.54 -46.35
C SER B 1108 59.87 30.62 -45.11
N GLY B 1109 60.96 31.36 -45.22
CA GLY B 1109 61.73 31.68 -44.03
C GLY B 1109 63.22 31.73 -44.33
N ASN B 1110 63.99 31.63 -43.24
CA ASN B 1110 65.45 31.74 -43.25
C ASN B 1110 66.03 30.50 -42.56
N CYS B 1111 67.36 30.42 -42.53
CA CYS B 1111 68.06 29.24 -42.05
C CYS B 1111 68.61 29.40 -40.64
N ASP B 1112 68.21 30.44 -39.91
CA ASP B 1112 68.75 30.69 -38.58
C ASP B 1112 67.68 30.72 -37.49
N VAL B 1113 66.54 30.07 -37.72
CA VAL B 1113 65.45 30.05 -36.75
C VAL B 1113 65.06 28.62 -36.37
N VAL B 1114 64.89 27.75 -37.37
CA VAL B 1114 64.40 26.40 -37.11
C VAL B 1114 65.46 25.60 -36.36
N ILE B 1115 65.00 24.77 -35.43
CA ILE B 1115 65.88 23.91 -34.63
C ILE B 1115 65.96 22.54 -35.30
N GLY B 1116 67.18 22.04 -35.46
CA GLY B 1116 67.36 20.73 -36.07
C GLY B 1116 67.36 20.72 -37.58
N ILE B 1117 67.49 21.89 -38.21
CA ILE B 1117 67.49 21.95 -39.67
C ILE B 1117 68.77 21.32 -40.21
N VAL B 1118 68.63 20.48 -41.24
CA VAL B 1118 69.74 19.77 -41.86
C VAL B 1118 69.84 20.24 -43.31
N ASN B 1119 71.03 20.71 -43.69
CA ASN B 1119 71.21 21.31 -45.00
C ASN B 1119 71.63 20.27 -46.04
N ASN B 1120 71.04 20.37 -47.22
CA ASN B 1120 71.29 19.46 -48.33
C ASN B 1120 71.12 20.27 -49.62
N THR B 1121 71.00 19.56 -50.74
CA THR B 1121 70.83 20.18 -52.05
C THR B 1121 69.42 19.95 -52.56
N VAL B 1122 68.78 21.01 -53.05
CA VAL B 1122 67.45 20.93 -53.63
C VAL B 1122 67.57 21.28 -55.11
N TYR B 1123 67.32 20.30 -55.96
CA TYR B 1123 67.44 20.51 -57.40
C TYR B 1123 66.23 21.26 -57.93
N ASP B 1124 66.34 21.73 -59.17
CA ASP B 1124 65.27 22.49 -59.82
C ASP B 1124 64.58 21.64 -60.87
N THR C 15 -55.43 -1.00 -34.00
CA THR C 15 -54.21 -0.68 -34.74
C THR C 15 -52.97 -1.13 -33.98
N GLN C 16 -52.16 -1.97 -34.63
CA GLN C 16 -50.90 -2.45 -34.05
C GLN C 16 -49.74 -2.23 -35.01
N SER C 17 -49.84 -1.23 -35.88
CA SER C 17 -48.76 -0.91 -36.79
C SER C 17 -47.54 -0.41 -36.02
N TYR C 18 -46.37 -0.64 -36.60
CA TYR C 18 -45.10 -0.28 -35.97
C TYR C 18 -44.37 0.75 -36.82
N THR C 19 -43.61 1.61 -36.15
CA THR C 19 -42.90 2.70 -36.81
C THR C 19 -41.55 2.90 -36.14
N ASN C 20 -40.58 3.37 -36.90
CA ASN C 20 -39.25 3.62 -36.38
C ASN C 20 -39.28 4.70 -35.29
N SER C 21 -38.47 4.50 -34.26
CA SER C 21 -38.43 5.42 -33.12
C SER C 21 -37.52 6.61 -33.36
N PHE C 22 -36.49 6.46 -34.20
CA PHE C 22 -35.53 7.52 -34.48
C PHE C 22 -34.83 8.00 -33.21
N THR C 23 -34.31 9.22 -33.25
CA THR C 23 -33.55 9.78 -32.12
C THR C 23 -34.49 10.68 -31.31
N ARG C 24 -35.17 10.08 -30.34
CA ARG C 24 -36.08 10.81 -29.47
C ARG C 24 -36.14 10.12 -28.12
N GLY C 25 -36.58 10.86 -27.12
CA GLY C 25 -36.69 10.32 -25.78
C GLY C 25 -35.48 10.60 -24.91
N VAL C 26 -35.01 11.84 -24.92
CA VAL C 26 -33.84 12.25 -24.15
C VAL C 26 -34.31 13.25 -23.10
N TYR C 27 -33.98 12.98 -21.84
CA TYR C 27 -34.38 13.82 -20.73
C TYR C 27 -33.16 14.19 -19.90
N TYR C 28 -33.29 15.24 -19.11
CA TYR C 28 -32.21 15.64 -18.22
C TYR C 28 -32.07 14.62 -17.09
N PRO C 29 -30.92 13.96 -16.95
CA PRO C 29 -30.81 12.95 -15.88
C PRO C 29 -30.71 13.53 -14.50
N ASP C 30 -30.17 14.75 -14.36
CA ASP C 30 -29.96 15.37 -13.05
C ASP C 30 -30.29 16.85 -13.16
N LYS C 31 -29.97 17.60 -12.11
CA LYS C 31 -30.22 19.03 -12.04
C LYS C 31 -28.94 19.86 -12.06
N VAL C 32 -27.81 19.24 -12.34
CA VAL C 32 -26.53 19.94 -12.29
C VAL C 32 -26.34 20.75 -13.56
N PHE C 33 -26.05 22.04 -13.39
CA PHE C 33 -25.75 22.89 -14.53
C PHE C 33 -24.39 22.55 -15.11
N ARG C 34 -24.31 22.50 -16.45
CA ARG C 34 -23.06 22.26 -17.15
C ARG C 34 -23.01 23.14 -18.39
N SER C 35 -21.79 23.48 -18.81
CA SER C 35 -21.60 24.43 -19.90
C SER C 35 -20.47 23.95 -20.80
N SER C 36 -20.78 23.76 -22.09
CA SER C 36 -19.79 23.47 -23.12
C SER C 36 -18.95 22.25 -22.76
N VAL C 37 -19.61 21.20 -22.29
CA VAL C 37 -18.94 19.96 -21.92
C VAL C 37 -19.73 18.79 -22.50
N LEU C 38 -18.99 17.79 -22.99
CA LEU C 38 -19.59 16.57 -23.55
C LEU C 38 -19.58 15.53 -22.44
N HIS C 39 -20.69 15.45 -21.70
CA HIS C 39 -20.79 14.55 -20.57
C HIS C 39 -21.26 13.18 -21.00
N LEU C 40 -20.78 12.15 -20.30
CA LEU C 40 -21.11 10.76 -20.58
C LEU C 40 -21.85 10.20 -19.37
N THR C 41 -23.09 9.77 -19.59
CA THR C 41 -23.94 9.28 -18.51
C THR C 41 -24.23 7.79 -18.70
N GLN C 42 -24.99 7.23 -17.76
CA GLN C 42 -25.38 5.82 -17.83
C GLN C 42 -26.67 5.67 -17.03
N ASP C 43 -27.79 5.56 -17.74
CA ASP C 43 -29.10 5.46 -17.12
C ASP C 43 -30.07 4.86 -18.14
N LEU C 44 -31.32 4.69 -17.70
CA LEU C 44 -32.36 4.19 -18.60
C LEU C 44 -32.72 5.25 -19.63
N PHE C 45 -32.76 4.85 -20.89
CA PHE C 45 -33.09 5.75 -21.99
C PHE C 45 -33.92 5.00 -23.02
N LEU C 46 -34.32 5.71 -24.07
CA LEU C 46 -34.99 5.09 -25.20
C LEU C 46 -33.97 4.85 -26.30
N PRO C 47 -33.65 3.60 -26.64
CA PRO C 47 -32.61 3.34 -27.63
C PRO C 47 -32.97 3.94 -29.00
N PHE C 48 -31.94 4.42 -29.70
CA PHE C 48 -32.15 5.01 -31.01
C PHE C 48 -32.58 3.95 -32.01
N PHE C 49 -33.55 4.31 -32.86
CA PHE C 49 -34.06 3.44 -33.91
C PHE C 49 -34.60 2.13 -33.33
N SER C 50 -35.63 2.24 -32.51
CA SER C 50 -36.28 1.11 -31.89
C SER C 50 -37.72 1.00 -32.42
N ASN C 51 -38.48 0.07 -31.86
CA ASN C 51 -39.84 -0.20 -32.32
C ASN C 51 -40.82 0.64 -31.52
N VAL C 52 -41.72 1.32 -32.22
CA VAL C 52 -42.75 2.16 -31.61
C VAL C 52 -44.11 1.58 -31.99
N THR C 53 -44.91 1.22 -30.99
CA THR C 53 -46.25 0.74 -31.23
C THR C 53 -47.19 1.91 -31.51
N TRP C 54 -48.00 1.78 -32.56
CA TRP C 54 -48.95 2.81 -32.93
C TRP C 54 -50.35 2.35 -32.56
N PHE C 55 -51.03 3.13 -31.72
CA PHE C 55 -52.40 2.86 -31.31
C PHE C 55 -53.29 3.93 -31.96
N HIS C 56 -54.00 3.55 -33.01
CA HIS C 56 -54.88 4.47 -33.73
C HIS C 56 -56.33 4.05 -33.67
N ALA C 57 -56.63 2.78 -33.92
CA ALA C 57 -58.00 2.31 -33.88
C ALA C 57 -58.52 2.28 -32.44
N ILE C 58 -59.85 2.33 -32.31
CA ILE C 58 -60.46 2.32 -30.98
C ILE C 58 -60.18 1.01 -30.27
N SER C 59 -60.26 -0.12 -30.99
CA SER C 59 -60.02 -1.45 -30.44
C SER C 59 -60.91 -1.71 -29.22
N GLY C 60 -62.16 -1.31 -29.31
CA GLY C 60 -63.10 -1.50 -28.23
C GLY C 60 -64.17 -0.41 -28.16
N PRO C 70 -57.50 -1.80 -23.52
CA PRO C 70 -56.09 -2.10 -23.79
C PRO C 70 -55.26 -2.19 -22.50
N VAL C 71 -54.43 -3.22 -22.41
CA VAL C 71 -53.57 -3.43 -21.25
C VAL C 71 -52.13 -3.41 -21.72
N LEU C 72 -51.33 -2.51 -21.13
CA LEU C 72 -49.92 -2.36 -21.48
C LEU C 72 -49.07 -2.57 -20.23
N PRO C 73 -48.11 -3.50 -20.24
CA PRO C 73 -47.25 -3.66 -19.07
C PRO C 73 -46.36 -2.45 -18.86
N PHE C 74 -46.00 -2.22 -17.59
CA PHE C 74 -45.18 -1.06 -17.25
C PHE C 74 -43.69 -1.34 -17.44
N ASN C 75 -43.26 -2.56 -17.12
CA ASN C 75 -41.85 -2.97 -17.21
C ASN C 75 -41.02 -2.02 -16.34
N ASP C 76 -39.99 -1.36 -16.88
CA ASP C 76 -39.12 -0.48 -16.11
C ASP C 76 -39.11 0.92 -16.70
N GLY C 77 -40.27 1.39 -17.15
CA GLY C 77 -40.38 2.72 -17.74
C GLY C 77 -41.12 2.68 -19.06
N VAL C 78 -41.86 3.76 -19.34
CA VAL C 78 -42.69 3.86 -20.53
C VAL C 78 -42.54 5.25 -21.13
N TYR C 79 -42.39 5.31 -22.45
CA TYR C 79 -42.37 6.56 -23.18
C TYR C 79 -43.70 6.72 -23.92
N PHE C 80 -44.35 7.86 -23.73
CA PHE C 80 -45.68 8.10 -24.27
C PHE C 80 -45.68 9.38 -25.08
N ALA C 81 -46.53 9.43 -26.10
CA ALA C 81 -46.61 10.59 -26.97
C ALA C 81 -48.02 10.69 -27.56
N SER C 82 -48.43 11.93 -27.84
CA SER C 82 -49.70 12.20 -28.49
C SER C 82 -49.65 13.60 -29.08
N THR C 83 -50.55 13.87 -30.03
CA THR C 83 -50.52 15.14 -30.73
C THR C 83 -51.90 15.73 -31.01
N GLU C 84 -52.98 15.11 -30.55
CA GLU C 84 -54.32 15.62 -30.85
C GLU C 84 -54.62 16.87 -30.05
N LYS C 85 -55.42 17.76 -30.64
CA LYS C 85 -55.84 18.99 -29.98
C LYS C 85 -57.15 18.85 -29.24
N SER C 86 -57.86 17.73 -29.41
CA SER C 86 -59.16 17.56 -28.78
C SER C 86 -59.06 17.12 -27.32
N ASN C 87 -57.88 16.70 -26.87
CA ASN C 87 -57.66 16.27 -25.49
C ASN C 87 -58.57 15.10 -25.11
N ILE C 88 -58.96 14.29 -26.10
CA ILE C 88 -59.74 13.09 -25.81
C ILE C 88 -58.91 12.11 -24.97
N ILE C 89 -57.64 11.94 -25.33
CA ILE C 89 -56.74 11.10 -24.55
C ILE C 89 -56.24 11.89 -23.35
N ARG C 90 -56.37 11.32 -22.16
CA ARG C 90 -55.97 12.00 -20.93
C ARG C 90 -56.03 11.00 -19.79
N GLY C 91 -55.15 11.20 -18.80
CA GLY C 91 -55.17 10.39 -17.59
C GLY C 91 -54.55 9.03 -17.76
N TRP C 92 -53.80 8.60 -16.75
CA TRP C 92 -53.17 7.29 -16.74
C TRP C 92 -53.40 6.63 -15.38
N ILE C 93 -53.58 5.31 -15.39
CA ILE C 93 -53.82 4.55 -14.17
C ILE C 93 -52.66 3.59 -13.97
N PHE C 94 -52.10 3.60 -12.76
CA PHE C 94 -50.97 2.74 -12.42
C PHE C 94 -51.31 1.94 -11.17
N GLY C 95 -50.82 0.71 -11.12
CA GLY C 95 -51.04 -0.13 -9.96
C GLY C 95 -50.53 -1.52 -10.19
N THR C 96 -50.42 -2.27 -9.09
CA THR C 96 -49.98 -3.65 -9.15
C THR C 96 -51.08 -4.57 -9.68
N THR C 97 -52.32 -4.36 -9.24
CA THR C 97 -53.43 -5.21 -9.63
C THR C 97 -54.51 -4.49 -10.42
N LEU C 98 -54.48 -3.16 -10.48
CA LEU C 98 -55.48 -2.38 -11.22
C LEU C 98 -56.90 -2.68 -10.73
N ASP C 99 -57.05 -2.82 -9.41
CA ASP C 99 -58.34 -3.14 -8.81
C ASP C 99 -58.43 -2.43 -7.46
N SER C 100 -59.48 -2.74 -6.71
CA SER C 100 -59.67 -2.18 -5.38
C SER C 100 -58.99 -2.98 -4.30
N LYS C 101 -58.29 -4.06 -4.65
CA LYS C 101 -57.55 -4.83 -3.66
C LYS C 101 -56.32 -4.09 -3.18
N THR C 102 -55.56 -3.49 -4.10
CA THR C 102 -54.30 -2.83 -3.79
C THR C 102 -54.37 -1.38 -4.21
N GLN C 103 -53.68 -0.52 -3.45
CA GLN C 103 -53.64 0.90 -3.75
C GLN C 103 -53.06 1.14 -5.14
N SER C 104 -53.71 2.00 -5.91
CA SER C 104 -53.34 2.26 -7.29
C SER C 104 -53.32 3.77 -7.54
N LEU C 105 -52.29 4.21 -8.26
CA LEU C 105 -52.21 5.61 -8.65
C LEU C 105 -53.30 5.96 -9.66
N LEU C 106 -53.81 7.19 -9.55
CA LEU C 106 -54.94 7.65 -10.35
C LEU C 106 -54.65 9.02 -10.94
N ILE C 107 -53.49 9.17 -11.59
CA ILE C 107 -53.15 10.44 -12.23
C ILE C 107 -54.17 10.74 -13.31
N VAL C 108 -54.91 11.83 -13.13
CA VAL C 108 -55.91 12.28 -14.08
C VAL C 108 -55.71 13.76 -14.34
N ASN C 109 -56.17 14.21 -15.51
CA ASN C 109 -55.99 15.60 -15.91
C ASN C 109 -57.24 16.10 -16.62
N ASN C 110 -57.48 17.40 -16.49
CA ASN C 110 -58.52 18.09 -17.24
C ASN C 110 -58.16 19.57 -17.29
N ALA C 111 -59.13 20.40 -17.68
CA ALA C 111 -58.87 21.82 -17.88
C ALA C 111 -58.57 22.56 -16.58
N THR C 112 -59.00 22.03 -15.44
CA THR C 112 -58.83 22.76 -14.17
C THR C 112 -57.42 22.61 -13.64
N ASN C 113 -57.02 21.39 -13.30
CA ASN C 113 -55.72 21.11 -12.71
C ASN C 113 -55.48 19.60 -12.78
N VAL C 114 -54.42 19.14 -12.13
CA VAL C 114 -54.05 17.73 -12.08
C VAL C 114 -54.25 17.22 -10.66
N PHE C 115 -54.95 16.09 -10.53
CA PHE C 115 -55.20 15.46 -9.24
C PHE C 115 -54.62 14.05 -9.26
N ILE C 116 -53.89 13.70 -8.20
CA ILE C 116 -53.25 12.40 -8.07
C ILE C 116 -53.85 11.70 -6.85
N LYS C 117 -54.33 10.48 -7.06
CA LYS C 117 -54.94 9.69 -6.00
C LYS C 117 -54.21 8.36 -5.86
N VAL C 118 -54.26 7.81 -4.64
CA VAL C 118 -53.62 6.53 -4.33
C VAL C 118 -54.62 5.48 -3.89
N CYS C 119 -55.86 5.87 -3.59
CA CYS C 119 -56.84 4.98 -2.99
C CYS C 119 -57.12 3.77 -3.88
N GLU C 120 -57.76 2.76 -3.29
CA GLU C 120 -58.05 1.50 -3.97
C GLU C 120 -59.40 1.60 -4.67
N PHE C 121 -59.41 2.39 -5.75
CA PHE C 121 -60.62 2.55 -6.55
C PHE C 121 -60.94 1.28 -7.31
N GLN C 122 -62.23 1.02 -7.50
CA GLN C 122 -62.72 -0.09 -8.30
C GLN C 122 -63.17 0.45 -9.65
N PHE C 123 -62.54 -0.02 -10.72
CA PHE C 123 -62.80 0.48 -12.06
C PHE C 123 -63.80 -0.41 -12.78
N CYS C 124 -64.38 0.13 -13.85
CA CYS C 124 -65.38 -0.58 -14.64
C CYS C 124 -64.72 -1.29 -15.81
N ASN C 125 -65.54 -2.00 -16.60
CA ASN C 125 -65.01 -2.71 -17.76
C ASN C 125 -64.45 -1.75 -18.80
N ASP C 126 -65.11 -0.61 -18.99
CA ASP C 126 -64.66 0.43 -19.93
C ASP C 126 -64.60 1.76 -19.18
N PRO C 127 -63.58 1.96 -18.35
CA PRO C 127 -63.50 3.19 -17.57
C PRO C 127 -63.36 4.42 -18.46
N PHE C 128 -64.04 5.49 -18.08
CA PHE C 128 -64.02 6.76 -18.82
C PHE C 128 -64.75 7.79 -17.99
N LEU C 129 -64.29 9.04 -18.09
CA LEU C 129 -64.97 10.14 -17.42
C LEU C 129 -66.32 10.39 -18.07
N ASP C 130 -67.36 10.51 -17.25
CA ASP C 130 -68.72 10.65 -17.79
C ASP C 130 -68.87 11.96 -18.56
N VAL C 131 -68.47 13.08 -17.95
CA VAL C 131 -68.56 14.43 -18.51
C VAL C 131 -69.79 14.64 -19.38
N GLU C 141 -74.29 14.29 -17.89
CA GLU C 141 -73.16 14.98 -17.26
C GLU C 141 -72.39 14.01 -16.38
N SER C 142 -72.74 13.98 -15.09
CA SER C 142 -72.11 13.12 -14.10
C SER C 142 -70.62 13.40 -13.97
N GLU C 143 -69.92 12.62 -13.15
CA GLU C 143 -68.49 12.80 -12.95
C GLU C 143 -67.91 11.54 -12.33
N SER C 144 -66.58 11.42 -12.41
CA SER C 144 -65.84 10.32 -11.82
C SER C 144 -66.35 8.96 -12.31
N GLY C 145 -66.65 8.87 -13.60
CA GLY C 145 -67.13 7.63 -14.18
C GLY C 145 -66.07 6.59 -14.44
N VAL C 146 -64.79 6.94 -14.27
CA VAL C 146 -63.72 5.98 -14.51
C VAL C 146 -63.79 4.83 -13.51
N TYR C 147 -63.96 5.15 -12.24
CA TYR C 147 -64.01 4.16 -11.18
C TYR C 147 -65.44 4.01 -10.66
N SER C 148 -65.60 3.20 -9.63
CA SER C 148 -66.89 3.00 -8.99
C SER C 148 -66.83 3.20 -7.48
N SER C 149 -65.73 2.82 -6.83
CA SER C 149 -65.61 2.97 -5.39
C SER C 149 -64.28 3.62 -5.01
N ALA C 150 -64.01 3.71 -3.70
CA ALA C 150 -62.78 4.31 -3.21
C ALA C 150 -62.35 3.58 -1.94
N ASN C 151 -61.28 4.06 -1.34
CA ASN C 151 -60.70 3.44 -0.15
C ASN C 151 -59.88 4.50 0.59
N ASN C 152 -59.00 4.05 1.48
CA ASN C 152 -58.15 4.96 2.25
C ASN C 152 -56.88 5.28 1.47
N CYS C 153 -56.55 6.57 1.38
CA CYS C 153 -55.24 7.00 0.91
C CYS C 153 -55.03 8.44 1.36
N THR C 154 -53.91 8.69 2.05
CA THR C 154 -53.60 10.01 2.58
C THR C 154 -52.73 10.84 1.65
N PHE C 155 -52.39 10.33 0.47
CA PHE C 155 -51.53 11.05 -0.46
C PHE C 155 -52.39 11.70 -1.54
N GLU C 156 -52.26 13.02 -1.68
CA GLU C 156 -52.96 13.77 -2.71
C GLU C 156 -52.03 14.85 -3.23
N TYR C 157 -52.37 15.40 -4.40
CA TYR C 157 -51.53 16.42 -5.01
C TYR C 157 -52.38 17.30 -5.91
N VAL C 158 -51.88 18.51 -6.15
CA VAL C 158 -52.50 19.48 -7.04
C VAL C 158 -51.41 20.37 -7.62
N SER C 159 -51.54 20.70 -8.90
CA SER C 159 -50.56 21.53 -9.58
C SER C 159 -51.20 22.08 -10.85
N GLN C 160 -50.39 22.71 -11.69
CA GLN C 160 -50.86 23.22 -12.96
C GLN C 160 -51.29 22.06 -13.87
N PRO C 161 -52.38 22.20 -14.62
CA PRO C 161 -52.76 21.15 -15.56
C PRO C 161 -51.69 20.92 -16.61
N PHE C 162 -51.51 19.65 -16.99
CA PHE C 162 -50.46 19.32 -17.95
C PHE C 162 -50.73 19.96 -19.30
N LEU C 163 -51.98 19.95 -19.75
CA LEU C 163 -52.37 20.57 -21.02
C LEU C 163 -52.73 22.02 -20.73
N MET C 164 -51.74 22.89 -20.84
CA MET C 164 -51.95 24.31 -20.57
C MET C 164 -52.69 24.98 -21.72
N LYS C 174 -52.03 19.54 -33.18
CA LYS C 174 -50.95 20.45 -33.51
C LYS C 174 -50.06 20.70 -32.29
N ASN C 175 -50.35 20.01 -31.20
CA ASN C 175 -49.59 20.12 -29.95
C ASN C 175 -48.88 18.79 -29.70
N LEU C 176 -47.66 18.67 -30.23
CA LEU C 176 -46.86 17.46 -30.02
C LEU C 176 -46.54 17.31 -28.53
N ARG C 177 -47.13 16.30 -27.90
CA ARG C 177 -47.04 16.10 -26.46
C ARG C 177 -46.25 14.82 -26.19
N GLU C 178 -45.23 14.94 -25.35
CA GLU C 178 -44.35 13.81 -25.02
C GLU C 178 -44.28 13.65 -23.51
N PHE C 179 -44.08 12.42 -23.07
CA PHE C 179 -44.02 12.10 -21.65
C PHE C 179 -43.05 10.95 -21.41
N VAL C 180 -42.48 10.93 -20.21
CA VAL C 180 -41.65 9.82 -19.74
C VAL C 180 -42.05 9.50 -18.32
N PHE C 181 -42.38 8.24 -18.06
CA PHE C 181 -42.80 7.79 -16.74
C PHE C 181 -41.87 6.70 -16.24
N LYS C 182 -41.41 6.85 -15.00
CA LYS C 182 -40.62 5.83 -14.34
C LYS C 182 -40.75 5.99 -12.84
N ASN C 183 -40.59 4.89 -12.11
CA ASN C 183 -40.77 4.86 -10.67
C ASN C 183 -39.67 3.99 -10.07
N ILE C 184 -38.72 4.62 -9.39
CA ILE C 184 -37.62 3.91 -8.74
C ILE C 184 -37.47 4.42 -7.32
N ASP C 185 -37.07 3.51 -6.43
CA ASP C 185 -36.79 3.78 -5.00
C ASP C 185 -37.76 4.78 -4.40
N GLY C 186 -39.05 4.56 -4.66
CA GLY C 186 -40.09 5.41 -4.12
C GLY C 186 -40.05 6.84 -4.62
N TYR C 187 -39.88 7.01 -5.93
CA TYR C 187 -39.85 8.35 -6.52
C TYR C 187 -40.46 8.24 -7.92
N PHE C 188 -41.69 8.72 -8.07
CA PHE C 188 -42.38 8.74 -9.35
C PHE C 188 -42.10 10.07 -10.03
N LYS C 189 -41.35 10.02 -11.12
CA LYS C 189 -40.91 11.22 -11.84
C LYS C 189 -41.52 11.23 -13.24
N ILE C 190 -41.94 12.41 -13.69
CA ILE C 190 -42.48 12.59 -15.02
C ILE C 190 -41.74 13.73 -15.70
N TYR C 191 -41.62 13.64 -17.02
CA TYR C 191 -40.95 14.65 -17.84
C TYR C 191 -41.84 14.97 -19.03
N SER C 192 -41.68 16.17 -19.56
CA SER C 192 -42.54 16.62 -20.64
C SER C 192 -41.81 17.64 -21.51
N LYS C 193 -42.32 17.83 -22.72
CA LYS C 193 -41.80 18.85 -23.64
C LYS C 193 -42.87 19.11 -24.68
N HIS C 194 -43.31 20.36 -24.79
CA HIS C 194 -44.37 20.75 -25.70
C HIS C 194 -43.75 21.38 -26.95
N THR C 195 -44.08 20.83 -28.11
CA THR C 195 -43.52 21.30 -29.37
C THR C 195 -44.62 21.43 -30.41
N PRO C 196 -44.46 22.36 -31.36
CA PRO C 196 -45.42 22.46 -32.48
C PRO C 196 -45.09 21.45 -33.57
N ILE C 197 -46.00 20.50 -33.76
CA ILE C 197 -45.79 19.43 -34.73
C ILE C 197 -46.12 19.94 -36.13
N ILE C 198 -45.37 19.47 -37.11
CA ILE C 198 -45.61 19.80 -38.52
C ILE C 198 -46.36 18.69 -39.23
N GLY C 199 -45.98 17.44 -38.99
CA GLY C 199 -46.65 16.31 -39.60
C GLY C 199 -47.61 15.62 -38.65
N ARG C 200 -47.68 14.29 -38.71
CA ARG C 200 -48.56 13.50 -37.87
C ARG C 200 -47.79 12.61 -36.90
N ASP C 201 -46.89 11.78 -37.42
CA ASP C 201 -46.11 10.87 -36.60
C ASP C 201 -44.84 11.58 -36.12
N PHE C 202 -43.89 10.82 -35.60
CA PHE C 202 -42.62 11.37 -35.13
C PHE C 202 -41.92 12.11 -36.26
N PRO C 203 -41.55 13.36 -36.09
CA PRO C 203 -40.80 14.08 -37.11
C PRO C 203 -39.31 13.80 -36.96
N GLN C 204 -38.52 14.46 -37.80
CA GLN C 204 -37.05 14.34 -37.77
C GLN C 204 -36.52 15.54 -36.99
N GLY C 205 -36.31 15.35 -35.69
CA GLY C 205 -35.82 16.42 -34.84
C GLY C 205 -35.41 15.89 -33.49
N PHE C 206 -34.78 16.76 -32.71
CA PHE C 206 -34.30 16.43 -31.39
C PHE C 206 -34.76 17.48 -30.39
N SER C 207 -35.23 17.03 -29.23
CA SER C 207 -35.72 17.95 -28.19
C SER C 207 -35.56 17.27 -26.84
N ALA C 208 -34.79 17.90 -25.95
CA ALA C 208 -34.61 17.36 -24.61
C ALA C 208 -35.88 17.52 -23.79
N LEU C 209 -36.07 16.61 -22.84
CA LEU C 209 -37.25 16.58 -22.00
C LEU C 209 -36.90 17.05 -20.60
N GLU C 210 -37.68 18.00 -20.07
CA GLU C 210 -37.41 18.55 -18.75
C GLU C 210 -38.38 17.99 -17.71
N PRO C 211 -37.93 17.84 -16.47
CA PRO C 211 -38.83 17.34 -15.42
C PRO C 211 -39.88 18.36 -15.04
N LEU C 212 -41.00 17.86 -14.53
CA LEU C 212 -42.07 18.71 -14.00
C LEU C 212 -42.21 18.59 -12.49
N VAL C 213 -42.37 17.37 -11.97
CA VAL C 213 -42.51 17.16 -10.54
C VAL C 213 -42.17 15.70 -10.25
N ASP C 214 -41.57 15.47 -9.07
CA ASP C 214 -41.26 14.13 -8.61
C ASP C 214 -41.97 13.90 -7.28
N LEU C 215 -42.64 12.76 -7.16
CA LEU C 215 -43.46 12.47 -6.00
C LEU C 215 -42.89 11.27 -5.24
N PRO C 216 -42.76 11.35 -3.92
CA PRO C 216 -42.30 10.19 -3.12
C PRO C 216 -43.47 9.30 -2.69
N ILE C 217 -44.09 8.64 -3.67
CA ILE C 217 -45.23 7.77 -3.38
C ILE C 217 -44.78 6.57 -2.56
N GLY C 218 -43.67 5.95 -2.92
CA GLY C 218 -43.16 4.80 -2.20
C GLY C 218 -43.88 3.50 -2.47
N ILE C 219 -44.72 3.43 -3.50
CA ILE C 219 -45.48 2.24 -3.82
C ILE C 219 -44.89 1.59 -5.07
N ASN C 220 -45.37 0.39 -5.36
CA ASN C 220 -44.91 -0.38 -6.52
C ASN C 220 -45.95 -0.35 -7.63
N ILE C 221 -45.47 -0.33 -8.87
CA ILE C 221 -46.30 -0.33 -10.05
C ILE C 221 -45.90 -1.50 -10.94
N THR C 222 -46.88 -2.27 -11.39
CA THR C 222 -46.65 -3.42 -12.25
C THR C 222 -47.22 -3.25 -13.65
N ARG C 223 -48.40 -2.66 -13.76
CA ARG C 223 -49.07 -2.46 -15.05
C ARG C 223 -49.60 -1.04 -15.12
N PHE C 224 -50.08 -0.66 -16.30
CA PHE C 224 -50.70 0.64 -16.49
C PHE C 224 -51.64 0.57 -17.68
N GLN C 225 -52.52 1.56 -17.77
CA GLN C 225 -53.51 1.65 -18.82
C GLN C 225 -53.63 3.12 -19.24
N THR C 226 -54.67 3.42 -20.01
CA THR C 226 -54.94 4.79 -20.43
C THR C 226 -56.44 4.99 -20.53
N LEU C 227 -56.85 6.26 -20.56
CA LEU C 227 -58.25 6.62 -20.54
C LEU C 227 -58.57 7.61 -21.66
N LEU C 228 -59.79 7.54 -22.17
CA LEU C 228 -60.27 8.40 -23.23
C LEU C 228 -61.49 9.17 -22.76
N ALA C 229 -61.61 10.41 -23.23
CA ALA C 229 -62.70 11.30 -22.83
C ALA C 229 -63.89 11.08 -23.76
N LEU C 230 -65.00 10.60 -23.20
CA LEU C 230 -66.23 10.36 -23.95
C LEU C 230 -67.35 11.19 -23.34
N ASN C 231 -68.03 11.97 -24.18
CA ASN C 231 -69.13 12.81 -23.71
C ASN C 231 -70.44 12.41 -24.39
N THR C 245 -70.19 8.84 -27.54
CA THR C 245 -69.91 9.63 -28.73
C THR C 245 -68.68 9.09 -29.46
N ALA C 246 -68.78 9.00 -30.78
CA ALA C 246 -67.68 8.46 -31.58
C ALA C 246 -66.51 9.44 -31.62
N GLY C 247 -65.32 8.89 -31.76
CA GLY C 247 -64.12 9.70 -31.84
C GLY C 247 -62.93 8.84 -32.22
N ALA C 248 -61.81 9.52 -32.50
CA ALA C 248 -60.57 8.86 -32.87
C ALA C 248 -59.40 9.58 -32.23
N ALA C 249 -58.33 8.82 -31.98
CA ALA C 249 -57.12 9.37 -31.39
C ALA C 249 -55.96 8.45 -31.71
N ASP C 250 -54.74 8.97 -31.52
CA ASP C 250 -53.52 8.21 -31.78
C ASP C 250 -52.51 8.50 -30.69
N TYR C 251 -51.78 7.46 -30.29
CA TYR C 251 -50.71 7.61 -29.30
C TYR C 251 -49.71 6.47 -29.48
N TYR C 252 -48.54 6.64 -28.88
CA TYR C 252 -47.44 5.71 -29.04
C TYR C 252 -46.91 5.27 -27.67
N VAL C 253 -46.36 4.06 -27.63
CA VAL C 253 -45.80 3.49 -26.42
C VAL C 253 -44.45 2.88 -26.75
N GLY C 254 -43.44 3.20 -25.94
CA GLY C 254 -42.13 2.61 -26.09
C GLY C 254 -41.67 1.85 -24.86
N TYR C 255 -40.36 1.81 -24.63
CA TYR C 255 -39.82 1.16 -23.44
C TYR C 255 -38.47 1.76 -23.13
N LEU C 256 -38.05 1.61 -21.88
CA LEU C 256 -36.80 2.16 -21.39
C LEU C 256 -35.95 1.04 -20.81
N GLN C 257 -34.69 0.98 -21.21
CA GLN C 257 -33.75 -0.02 -20.76
C GLN C 257 -32.40 0.64 -20.50
N PRO C 258 -31.56 0.06 -19.65
CA PRO C 258 -30.27 0.70 -19.33
C PRO C 258 -29.36 0.76 -20.55
N ARG C 259 -28.86 1.96 -20.83
CA ARG C 259 -27.98 2.20 -21.97
C ARG C 259 -26.88 3.17 -21.51
N THR C 260 -26.14 3.70 -22.48
CA THR C 260 -25.07 4.66 -22.22
C THR C 260 -25.08 5.70 -23.33
N PHE C 261 -25.34 6.95 -22.97
CA PHE C 261 -25.40 8.05 -23.92
C PHE C 261 -24.27 9.03 -23.68
N LEU C 262 -24.01 9.85 -24.69
CA LEU C 262 -23.01 10.92 -24.61
C LEU C 262 -23.74 12.24 -24.90
N LEU C 263 -24.20 12.89 -23.84
CA LEU C 263 -24.94 14.14 -23.98
C LEU C 263 -24.00 15.30 -24.31
N LYS C 264 -24.54 16.30 -24.98
CA LYS C 264 -23.81 17.50 -25.36
C LYS C 264 -24.52 18.72 -24.80
N TYR C 265 -23.76 19.59 -24.14
CA TYR C 265 -24.30 20.80 -23.53
C TYR C 265 -23.74 22.03 -24.24
N ASN C 266 -24.62 22.99 -24.52
CA ASN C 266 -24.17 24.26 -25.07
C ASN C 266 -23.75 25.20 -23.93
N GLU C 267 -23.39 26.43 -24.28
CA GLU C 267 -22.92 27.37 -23.27
C GLU C 267 -24.02 27.86 -22.35
N ASN C 268 -25.29 27.59 -22.66
CA ASN C 268 -26.40 27.99 -21.82
C ASN C 268 -27.01 26.83 -21.05
N GLY C 269 -26.38 25.67 -21.06
CA GLY C 269 -26.83 24.56 -20.24
C GLY C 269 -28.02 23.79 -20.76
N THR C 270 -28.20 23.73 -22.07
CA THR C 270 -29.30 22.97 -22.67
C THR C 270 -28.74 21.87 -23.56
N ILE C 271 -29.31 20.68 -23.45
CA ILE C 271 -28.86 19.53 -24.23
C ILE C 271 -29.35 19.68 -25.66
N THR C 272 -28.43 19.58 -26.63
CA THR C 272 -28.76 19.75 -28.03
C THR C 272 -28.48 18.53 -28.89
N ASP C 273 -27.75 17.54 -28.39
CA ASP C 273 -27.43 16.37 -29.18
C ASP C 273 -27.05 15.22 -28.26
N ALA C 274 -27.09 14.00 -28.81
CA ALA C 274 -26.74 12.80 -28.05
C ALA C 274 -26.28 11.73 -29.00
N VAL C 275 -25.53 10.76 -28.45
CA VAL C 275 -25.00 9.64 -29.22
C VAL C 275 -25.26 8.36 -28.43
N ASP C 276 -25.84 7.36 -29.10
CA ASP C 276 -26.09 6.06 -28.50
C ASP C 276 -24.84 5.20 -28.66
N CYS C 277 -24.20 4.87 -27.55
CA CYS C 277 -22.87 4.25 -27.59
C CYS C 277 -22.88 2.81 -28.08
N ALA C 278 -24.04 2.20 -28.25
CA ALA C 278 -24.13 0.78 -28.62
C ALA C 278 -25.06 0.59 -29.81
N LEU C 279 -24.86 1.40 -30.85
CA LEU C 279 -25.67 1.31 -32.07
C LEU C 279 -24.89 0.89 -33.29
N ASP C 280 -23.67 1.40 -33.47
CA ASP C 280 -22.85 1.07 -34.63
C ASP C 280 -21.41 1.42 -34.29
N PRO C 281 -20.43 0.92 -35.07
CA PRO C 281 -19.03 1.18 -34.74
C PRO C 281 -18.67 2.65 -34.63
N LEU C 282 -19.25 3.51 -35.48
CA LEU C 282 -18.93 4.92 -35.42
C LEU C 282 -19.35 5.54 -34.10
N SER C 283 -20.53 5.16 -33.60
CA SER C 283 -21.00 5.69 -32.33
C SER C 283 -20.10 5.24 -31.17
N GLU C 284 -19.68 3.97 -31.19
CA GLU C 284 -18.79 3.51 -30.13
C GLU C 284 -17.44 4.21 -30.20
N THR C 285 -16.93 4.45 -31.40
CA THR C 285 -15.69 5.21 -31.54
C THR C 285 -15.85 6.62 -30.99
N LYS C 286 -16.98 7.26 -31.30
CA LYS C 286 -17.25 8.60 -30.79
C LYS C 286 -17.29 8.60 -29.26
N CYS C 287 -17.96 7.61 -28.67
CA CYS C 287 -18.04 7.52 -27.22
C CYS C 287 -16.66 7.28 -26.61
N THR C 288 -15.85 6.44 -27.24
CA THR C 288 -14.51 6.18 -26.73
C THR C 288 -13.65 7.43 -26.76
N LEU C 289 -13.71 8.18 -27.87
CA LEU C 289 -12.95 9.42 -27.97
C LEU C 289 -13.60 10.58 -27.23
N LYS C 290 -14.85 10.42 -26.79
CA LYS C 290 -15.60 11.48 -26.12
C LYS C 290 -15.62 12.76 -26.96
N SER C 291 -15.89 12.58 -28.25
CA SER C 291 -15.95 13.70 -29.18
C SER C 291 -16.97 13.38 -30.27
N PHE C 292 -17.47 14.44 -30.90
CA PHE C 292 -18.43 14.30 -31.99
C PHE C 292 -17.77 14.26 -33.36
N THR C 293 -16.45 14.41 -33.43
CA THR C 293 -15.72 14.35 -34.69
C THR C 293 -14.56 13.38 -34.53
N VAL C 294 -14.36 12.53 -35.54
CA VAL C 294 -13.34 11.50 -35.52
C VAL C 294 -12.41 11.71 -36.70
N GLU C 295 -11.11 11.72 -36.43
CA GLU C 295 -10.11 11.89 -37.47
C GLU C 295 -9.79 10.56 -38.16
N LYS C 296 -9.10 10.65 -39.29
CA LYS C 296 -8.76 9.46 -40.06
C LYS C 296 -7.74 8.62 -39.29
N GLY C 297 -8.02 7.32 -39.19
CA GLY C 297 -7.12 6.42 -38.51
C GLY C 297 -7.83 5.13 -38.13
N ILE C 298 -7.17 4.38 -37.25
CA ILE C 298 -7.70 3.12 -36.73
C ILE C 298 -7.67 3.20 -35.21
N TYR C 299 -8.78 2.84 -34.57
CA TYR C 299 -8.96 3.00 -33.14
C TYR C 299 -9.32 1.68 -32.48
N GLN C 300 -8.73 1.43 -31.32
CA GLN C 300 -9.04 0.25 -30.50
C GLN C 300 -10.19 0.61 -29.56
N THR C 301 -11.28 -0.15 -29.65
CA THR C 301 -12.51 0.21 -28.93
C THR C 301 -12.88 -0.79 -27.85
N SER C 302 -13.07 -2.06 -28.17
CA SER C 302 -13.61 -2.99 -27.19
C SER C 302 -13.11 -4.39 -27.51
N ASN C 303 -13.74 -5.40 -26.90
CA ASN C 303 -13.37 -6.80 -27.07
C ASN C 303 -14.63 -7.61 -27.35
N PHE C 304 -14.41 -8.82 -27.87
CA PHE C 304 -15.49 -9.76 -28.15
C PHE C 304 -15.20 -11.09 -27.50
N ARG C 305 -16.26 -11.82 -27.13
CA ARG C 305 -16.13 -13.07 -26.40
C ARG C 305 -17.27 -14.00 -26.83
N VAL C 306 -16.94 -15.05 -27.60
CA VAL C 306 -17.96 -15.96 -28.09
C VAL C 306 -18.73 -16.55 -26.90
N GLN C 307 -20.03 -16.27 -26.86
CA GLN C 307 -20.84 -16.69 -25.72
C GLN C 307 -21.02 -18.21 -25.70
N PRO C 308 -21.12 -18.79 -24.51
CA PRO C 308 -21.42 -20.23 -24.43
C PRO C 308 -22.83 -20.54 -24.94
N THR C 309 -22.97 -21.75 -25.48
CA THR C 309 -24.25 -22.14 -26.06
C THR C 309 -25.23 -22.62 -24.99
N GLU C 310 -24.88 -23.68 -24.27
CA GLU C 310 -25.73 -24.24 -23.23
C GLU C 310 -24.85 -24.60 -22.03
N SER C 311 -25.44 -25.32 -21.08
CA SER C 311 -24.75 -25.76 -19.87
C SER C 311 -24.77 -27.29 -19.81
N ILE C 312 -23.66 -27.87 -19.39
CA ILE C 312 -23.51 -29.31 -19.29
C ILE C 312 -22.96 -29.67 -17.92
N VAL C 313 -23.52 -30.72 -17.33
CA VAL C 313 -23.07 -31.23 -16.03
C VAL C 313 -22.96 -32.75 -16.13
N ARG C 314 -21.89 -33.30 -15.56
CA ARG C 314 -21.62 -34.72 -15.65
C ARG C 314 -21.01 -35.19 -14.34
N PHE C 315 -21.69 -36.14 -13.68
CA PHE C 315 -21.26 -36.71 -12.41
C PHE C 315 -21.12 -38.22 -12.54
N PRO C 316 -20.27 -38.85 -11.74
CA PRO C 316 -20.21 -40.32 -11.76
C PRO C 316 -21.53 -40.97 -11.40
N ASN C 317 -22.27 -40.37 -10.45
CA ASN C 317 -23.61 -40.79 -10.07
C ASN C 317 -23.68 -42.27 -9.70
N VAL C 318 -24.87 -42.84 -9.81
CA VAL C 318 -25.13 -44.24 -9.48
C VAL C 318 -24.64 -44.50 -8.05
N THR C 319 -25.31 -43.89 -7.08
CA THR C 319 -24.93 -44.00 -5.68
C THR C 319 -26.19 -44.09 -4.82
N ASN C 320 -25.97 -44.39 -3.54
CA ASN C 320 -27.06 -44.49 -2.58
C ASN C 320 -27.27 -43.14 -1.89
N LEU C 321 -28.05 -43.13 -0.81
CA LEU C 321 -28.38 -41.92 -0.08
C LEU C 321 -27.62 -41.90 1.24
N CYS C 322 -27.02 -40.75 1.56
CA CYS C 322 -26.23 -40.63 2.78
C CYS C 322 -27.10 -40.77 4.01
N PRO C 323 -26.71 -41.55 5.01
CA PRO C 323 -27.51 -41.67 6.23
C PRO C 323 -27.42 -40.45 7.12
N PHE C 324 -28.48 -39.66 7.17
CA PHE C 324 -28.56 -38.50 8.05
C PHE C 324 -29.65 -38.62 9.10
N HIS C 325 -30.81 -39.19 8.76
CA HIS C 325 -31.84 -39.42 9.76
C HIS C 325 -31.45 -40.50 10.76
N GLU C 326 -30.37 -41.24 10.50
CA GLU C 326 -29.84 -42.19 11.46
C GLU C 326 -28.84 -41.53 12.41
N VAL C 327 -28.04 -40.59 11.91
CA VAL C 327 -27.18 -39.79 12.79
C VAL C 327 -28.05 -38.99 13.77
N PHE C 328 -29.08 -38.34 13.25
CA PHE C 328 -30.11 -37.77 14.10
C PHE C 328 -31.11 -38.86 14.49
N ASN C 329 -32.16 -38.46 15.21
CA ASN C 329 -33.27 -39.35 15.55
C ASN C 329 -32.79 -40.61 16.25
N ALA C 330 -31.78 -40.46 17.11
CA ALA C 330 -31.26 -41.56 17.88
C ALA C 330 -31.80 -41.52 19.31
N THR C 331 -31.76 -42.68 19.97
CA THR C 331 -32.26 -42.76 21.34
C THR C 331 -31.43 -41.88 22.28
N ARG C 332 -30.11 -41.88 22.12
CA ARG C 332 -29.22 -41.09 22.95
C ARG C 332 -28.05 -40.61 22.12
N PHE C 333 -27.49 -39.46 22.51
CA PHE C 333 -26.29 -38.90 21.88
C PHE C 333 -25.08 -38.98 22.79
N ALA C 334 -24.97 -40.03 23.59
CA ALA C 334 -23.81 -40.29 24.44
C ALA C 334 -23.61 -39.10 25.37
N SER C 335 -22.35 -38.78 25.70
CA SER C 335 -22.01 -37.68 26.59
C SER C 335 -20.99 -36.80 25.90
N VAL C 336 -20.91 -35.54 26.36
CA VAL C 336 -20.02 -34.58 25.73
C VAL C 336 -18.56 -35.00 25.90
N TYR C 337 -18.19 -35.55 27.05
CA TYR C 337 -16.82 -36.00 27.25
C TYR C 337 -16.52 -37.27 26.47
N ALA C 338 -17.54 -37.98 26.00
CA ALA C 338 -17.35 -39.17 25.16
C ALA C 338 -18.04 -38.97 23.83
N TRP C 339 -17.81 -37.82 23.20
CA TRP C 339 -18.51 -37.48 21.96
C TRP C 339 -18.19 -38.49 20.86
N ASN C 340 -19.23 -38.86 20.11
CA ASN C 340 -19.13 -39.89 19.09
C ASN C 340 -18.77 -39.25 17.75
N ARG C 341 -17.80 -39.83 17.06
CA ARG C 341 -17.37 -39.37 15.74
C ARG C 341 -17.66 -40.45 14.71
N THR C 342 -18.34 -40.08 13.64
CA THR C 342 -18.62 -40.98 12.53
C THR C 342 -18.28 -40.28 11.22
N ARG C 343 -17.48 -40.94 10.39
CA ARG C 343 -17.15 -40.41 9.08
C ARG C 343 -18.09 -41.01 8.04
N ILE C 344 -18.46 -40.20 7.05
CA ILE C 344 -19.41 -40.60 6.01
C ILE C 344 -18.87 -40.17 4.66
N SER C 345 -19.00 -41.06 3.67
CA SER C 345 -18.54 -40.77 2.32
C SER C 345 -19.23 -41.73 1.35
N ASN C 346 -19.07 -41.44 0.06
CA ASN C 346 -19.56 -42.29 -1.02
C ASN C 346 -21.07 -42.49 -0.96
N CYS C 347 -21.80 -41.39 -1.05
CA CYS C 347 -23.25 -41.40 -1.12
C CYS C 347 -23.72 -40.00 -1.52
N VAL C 348 -24.99 -39.92 -1.91
CA VAL C 348 -25.61 -38.64 -2.22
C VAL C 348 -26.00 -37.97 -0.91
N ALA C 349 -25.44 -36.79 -0.65
CA ALA C 349 -25.69 -36.05 0.58
C ALA C 349 -26.79 -35.03 0.31
N ASP C 350 -27.98 -35.31 0.82
CA ASP C 350 -29.12 -34.41 0.69
C ASP C 350 -29.34 -33.73 2.05
N TYR C 351 -29.14 -32.43 2.10
CA TYR C 351 -29.30 -31.66 3.32
C TYR C 351 -30.72 -31.15 3.52
N SER C 352 -31.63 -31.43 2.59
CA SER C 352 -33.01 -30.99 2.73
C SER C 352 -33.71 -31.70 3.88
N VAL C 353 -33.37 -32.98 4.11
CA VAL C 353 -34.00 -33.74 5.18
C VAL C 353 -33.63 -33.19 6.55
N LEU C 354 -32.58 -32.38 6.64
CA LEU C 354 -32.18 -31.81 7.92
C LEU C 354 -33.08 -30.66 8.34
N TYR C 355 -33.60 -29.89 7.37
CA TYR C 355 -34.39 -28.71 7.70
C TYR C 355 -35.71 -29.10 8.38
N ASN C 356 -36.45 -30.03 7.79
CA ASN C 356 -37.74 -30.41 8.33
C ASN C 356 -37.65 -31.39 9.49
N PHE C 357 -36.45 -31.90 9.79
CA PHE C 357 -36.32 -32.86 10.88
C PHE C 357 -36.66 -32.24 12.24
N ALA C 358 -36.21 -31.02 12.48
CA ALA C 358 -36.41 -30.38 13.78
C ALA C 358 -36.33 -28.88 13.60
N PRO C 359 -37.09 -28.11 14.41
CA PRO C 359 -36.99 -26.64 14.37
C PRO C 359 -35.75 -26.12 15.10
N PHE C 360 -34.62 -26.25 14.42
CA PHE C 360 -33.34 -25.84 14.99
C PHE C 360 -33.33 -24.33 15.25
N PHE C 361 -32.69 -23.93 16.35
CA PHE C 361 -32.58 -22.54 16.73
C PHE C 361 -31.16 -22.00 16.60
N ALA C 362 -30.24 -22.78 16.05
CA ALA C 362 -28.86 -22.34 15.85
C ALA C 362 -28.28 -23.09 14.66
N PHE C 363 -27.95 -22.36 13.61
CA PHE C 363 -27.47 -22.93 12.34
C PHE C 363 -26.23 -22.19 11.86
N LYS C 364 -25.27 -22.00 12.76
CA LYS C 364 -24.06 -21.27 12.40
C LYS C 364 -23.24 -22.05 11.39
N CYS C 365 -22.87 -21.40 10.30
CA CYS C 365 -22.02 -21.96 9.26
C CYS C 365 -20.89 -20.98 8.99
N TYR C 366 -19.66 -21.49 8.97
CA TYR C 366 -18.47 -20.63 8.95
C TYR C 366 -17.86 -20.49 7.56
N GLY C 367 -17.48 -21.61 6.94
CA GLY C 367 -16.83 -21.54 5.65
C GLY C 367 -17.73 -21.65 4.44
N VAL C 368 -19.00 -22.03 4.63
CA VAL C 368 -19.94 -22.21 3.54
C VAL C 368 -21.27 -21.57 3.92
N SER C 369 -21.88 -20.87 2.98
CA SER C 369 -23.23 -20.37 3.19
C SER C 369 -24.20 -21.54 3.16
N PRO C 370 -25.12 -21.65 4.13
CA PRO C 370 -26.00 -22.83 4.18
C PRO C 370 -26.85 -23.01 2.94
N THR C 371 -27.33 -21.92 2.34
CA THR C 371 -28.25 -22.03 1.21
C THR C 371 -27.62 -22.72 0.00
N LYS C 372 -26.30 -22.70 -0.10
CA LYS C 372 -25.60 -23.35 -1.21
C LYS C 372 -25.14 -24.77 -0.87
N LEU C 373 -25.48 -25.27 0.31
CA LEU C 373 -24.97 -26.58 0.74
C LEU C 373 -25.39 -27.69 -0.21
N ASN C 374 -26.54 -27.55 -0.88
CA ASN C 374 -27.01 -28.57 -1.80
C ASN C 374 -26.27 -28.58 -3.13
N ASP C 375 -25.44 -27.57 -3.40
CA ASP C 375 -24.77 -27.43 -4.69
C ASP C 375 -23.25 -27.46 -4.51
N LEU C 376 -22.75 -28.42 -3.74
CA LEU C 376 -21.32 -28.54 -3.52
C LEU C 376 -20.95 -30.01 -3.35
N CYS C 377 -19.67 -30.29 -3.54
CA CYS C 377 -19.13 -31.63 -3.38
C CYS C 377 -17.91 -31.56 -2.47
N PHE C 378 -17.76 -32.56 -1.59
CA PHE C 378 -16.73 -32.56 -0.57
C PHE C 378 -15.94 -33.87 -0.62
N THR C 379 -14.67 -33.79 -0.24
CA THR C 379 -13.84 -34.99 -0.24
C THR C 379 -14.23 -35.94 0.89
N ASN C 380 -14.46 -35.42 2.09
CA ASN C 380 -14.88 -36.23 3.22
C ASN C 380 -15.70 -35.39 4.18
N VAL C 381 -16.58 -36.05 4.93
CA VAL C 381 -17.48 -35.40 5.86
C VAL C 381 -17.38 -36.11 7.21
N TYR C 382 -17.30 -35.32 8.28
CA TYR C 382 -17.28 -35.82 9.64
C TYR C 382 -18.46 -35.26 10.43
N ALA C 383 -19.11 -36.11 11.20
CA ALA C 383 -20.25 -35.72 12.03
C ALA C 383 -19.99 -36.16 13.46
N ASP C 384 -20.16 -35.22 14.40
CA ASP C 384 -19.97 -35.49 15.82
C ASP C 384 -21.24 -35.10 16.57
N SER C 385 -21.64 -35.95 17.53
CA SER C 385 -22.88 -35.75 18.27
C SER C 385 -22.63 -35.82 19.76
N PHE C 386 -23.24 -34.88 20.49
CA PHE C 386 -23.19 -34.87 21.95
C PHE C 386 -24.31 -33.97 22.45
N VAL C 387 -24.59 -34.07 23.74
CA VAL C 387 -25.67 -33.32 24.38
C VAL C 387 -25.06 -32.50 25.53
N ILE C 388 -25.45 -31.22 25.61
CA ILE C 388 -24.98 -30.31 26.63
C ILE C 388 -26.15 -29.43 27.08
N LYS C 389 -25.90 -28.63 28.12
CA LYS C 389 -26.90 -27.71 28.62
C LYS C 389 -26.99 -26.47 27.73
N GLY C 390 -28.06 -25.70 27.95
CA GLY C 390 -28.32 -24.55 27.08
C GLY C 390 -27.26 -23.47 27.19
N ASN C 391 -26.88 -23.11 28.42
CA ASN C 391 -25.98 -21.98 28.61
C ASN C 391 -24.59 -22.23 28.06
N GLU C 392 -24.23 -23.48 27.78
CA GLU C 392 -22.95 -23.81 27.18
C GLU C 392 -22.98 -23.81 25.66
N VAL C 393 -24.16 -23.62 25.06
CA VAL C 393 -24.28 -23.69 23.61
C VAL C 393 -23.39 -22.65 22.95
N SER C 394 -23.30 -21.46 23.54
CA SER C 394 -22.46 -20.41 22.98
C SER C 394 -20.99 -20.79 22.94
N GLN C 395 -20.55 -21.73 23.78
CA GLN C 395 -19.13 -22.08 23.84
C GLN C 395 -18.67 -22.90 22.65
N ILE C 396 -19.59 -23.38 21.81
CA ILE C 396 -19.22 -24.21 20.65
C ILE C 396 -18.99 -23.25 19.48
N ALA C 397 -17.77 -22.74 19.40
CA ALA C 397 -17.38 -21.82 18.33
C ALA C 397 -15.86 -21.75 18.29
N PRO C 398 -15.26 -21.53 17.12
CA PRO C 398 -13.80 -21.41 17.05
C PRO C 398 -13.31 -20.20 17.82
N GLY C 399 -12.17 -20.37 18.48
CA GLY C 399 -11.55 -19.28 19.22
C GLY C 399 -12.17 -19.02 20.58
N GLN C 400 -13.45 -19.32 20.73
CA GLN C 400 -14.15 -19.06 21.97
C GLN C 400 -13.60 -19.91 23.09
N THR C 401 -13.41 -19.31 24.26
CA THR C 401 -12.83 -19.96 25.42
C THR C 401 -13.86 -20.02 26.53
N GLY C 402 -13.98 -21.19 27.16
CA GLY C 402 -14.92 -21.37 28.24
C GLY C 402 -14.61 -22.63 29.02
N ASN C 403 -15.57 -23.04 29.84
CA ASN C 403 -15.39 -24.25 30.64
C ASN C 403 -15.43 -25.50 29.76
N ILE C 404 -16.41 -25.59 28.87
CA ILE C 404 -16.53 -26.75 28.01
C ILE C 404 -15.42 -26.79 26.97
N ALA C 405 -15.14 -25.65 26.34
CA ALA C 405 -14.16 -25.63 25.25
C ALA C 405 -12.76 -25.97 25.75
N ASP C 406 -12.39 -25.47 26.93
CA ASP C 406 -11.03 -25.68 27.43
C ASP C 406 -10.79 -27.10 27.89
N TYR C 407 -11.84 -27.87 28.19
CA TYR C 407 -11.69 -29.19 28.79
C TYR C 407 -12.35 -30.32 28.02
N ASN C 408 -13.43 -30.06 27.29
CA ASN C 408 -14.22 -31.13 26.68
C ASN C 408 -14.11 -31.15 25.16
N TYR C 409 -14.42 -30.04 24.49
CA TYR C 409 -14.45 -30.02 23.03
C TYR C 409 -13.97 -28.66 22.56
N LYS C 410 -12.80 -28.63 21.92
CA LYS C 410 -12.19 -27.40 21.43
C LYS C 410 -12.18 -27.41 19.91
N LEU C 411 -12.73 -26.36 19.31
CA LEU C 411 -12.81 -26.25 17.86
C LEU C 411 -11.60 -25.48 17.33
N PRO C 412 -10.92 -25.99 16.30
CA PRO C 412 -9.79 -25.25 15.72
C PRO C 412 -10.27 -23.98 15.03
N ASP C 413 -9.35 -23.01 14.96
CA ASP C 413 -9.67 -21.73 14.33
C ASP C 413 -9.99 -21.91 12.85
N ASP C 414 -9.24 -22.78 12.16
CA ASP C 414 -9.47 -23.05 10.75
C ASP C 414 -10.59 -24.08 10.61
N PHE C 415 -11.80 -23.65 10.91
CA PHE C 415 -13.00 -24.49 10.88
C PHE C 415 -13.86 -24.08 9.69
N THR C 416 -14.24 -25.05 8.87
CA THR C 416 -15.01 -24.79 7.66
C THR C 416 -16.35 -25.51 7.65
N GLY C 417 -16.77 -26.08 8.78
CA GLY C 417 -18.02 -26.81 8.86
C GLY C 417 -19.17 -25.97 9.36
N CYS C 418 -20.18 -26.63 9.90
CA CYS C 418 -21.38 -25.98 10.42
C CYS C 418 -21.73 -26.56 11.78
N VAL C 419 -22.40 -25.74 12.59
CA VAL C 419 -22.81 -26.13 13.94
C VAL C 419 -24.33 -26.03 14.01
N ILE C 420 -24.98 -27.12 14.43
CA ILE C 420 -26.43 -27.19 14.51
C ILE C 420 -26.82 -27.61 15.91
N ALA C 421 -27.77 -26.88 16.50
CA ALA C 421 -28.26 -27.18 17.84
C ALA C 421 -29.76 -26.95 17.88
N TRP C 422 -30.50 -27.95 18.37
CA TRP C 422 -31.95 -27.85 18.51
C TRP C 422 -32.36 -28.37 19.88
N ASN C 423 -33.45 -27.83 20.40
CA ASN C 423 -33.92 -28.18 21.74
C ASN C 423 -34.45 -29.61 21.77
N SER C 424 -34.15 -30.32 22.86
CA SER C 424 -34.64 -31.67 23.09
C SER C 424 -35.07 -31.84 24.53
N ASN C 425 -35.78 -30.85 25.07
CA ASN C 425 -36.14 -30.88 26.48
C ASN C 425 -37.07 -32.04 26.81
N LYS C 426 -38.14 -32.20 26.03
CA LYS C 426 -39.13 -33.22 26.34
C LYS C 426 -38.64 -34.63 26.04
N LEU C 427 -37.55 -34.78 25.28
CA LEU C 427 -37.09 -36.12 24.93
C LEU C 427 -36.40 -36.80 26.11
N ASP C 428 -35.58 -36.06 26.87
CA ASP C 428 -34.73 -36.63 27.90
C ASP C 428 -34.87 -35.86 29.21
N SER C 429 -36.11 -35.61 29.63
CA SER C 429 -36.39 -34.97 30.91
C SER C 429 -37.16 -35.95 31.78
N LYS C 430 -36.64 -36.23 32.97
CA LYS C 430 -37.28 -37.12 33.93
C LYS C 430 -37.26 -36.47 35.30
N HIS C 431 -38.31 -36.76 36.08
CA HIS C 431 -38.46 -36.14 37.39
C HIS C 431 -37.38 -36.60 38.36
N SER C 432 -37.00 -37.89 38.29
CA SER C 432 -35.98 -38.40 39.20
C SER C 432 -34.64 -37.72 38.97
N GLY C 433 -34.27 -37.50 37.71
CA GLY C 433 -33.01 -36.88 37.38
C GLY C 433 -32.26 -37.62 36.29
N ASN C 434 -31.87 -36.90 35.24
CA ASN C 434 -31.23 -37.52 34.09
C ASN C 434 -29.71 -37.63 34.31
N TYR C 435 -29.36 -38.34 35.39
CA TYR C 435 -27.96 -38.49 35.77
C TYR C 435 -27.17 -39.38 34.82
N ASP C 436 -27.83 -40.06 33.89
CA ASP C 436 -27.12 -40.95 32.97
C ASP C 436 -26.11 -40.19 32.11
N TYR C 437 -26.44 -38.95 31.73
CA TYR C 437 -25.50 -38.12 31.01
C TYR C 437 -24.44 -37.58 31.96
N TRP C 438 -23.20 -37.50 31.48
CA TRP C 438 -22.09 -37.07 32.31
C TRP C 438 -21.24 -36.06 31.54
N TYR C 439 -20.55 -35.21 32.30
CA TYR C 439 -19.62 -34.25 31.73
C TYR C 439 -18.47 -34.03 32.71
N ARG C 440 -17.33 -33.62 32.17
CA ARG C 440 -16.14 -33.42 32.99
C ARG C 440 -16.30 -32.14 33.82
N LEU C 441 -16.32 -32.31 35.14
CA LEU C 441 -16.47 -31.15 36.02
C LEU C 441 -15.27 -30.21 35.93
N PHE C 442 -14.07 -30.76 35.94
CA PHE C 442 -12.86 -29.98 35.77
C PHE C 442 -11.72 -30.91 35.36
N ARG C 443 -10.75 -30.34 34.65
CA ARG C 443 -9.61 -31.09 34.15
C ARG C 443 -8.32 -30.35 34.49
N LYS C 444 -7.26 -31.14 34.72
CA LYS C 444 -5.98 -30.54 35.13
C LYS C 444 -5.38 -29.68 34.03
N SER C 445 -5.42 -30.15 32.78
CA SER C 445 -4.71 -29.50 31.69
C SER C 445 -5.65 -29.20 30.54
N LYS C 446 -5.20 -28.31 29.66
CA LYS C 446 -5.95 -27.94 28.47
C LYS C 446 -6.01 -29.12 27.50
N LEU C 447 -7.10 -29.18 26.73
CA LEU C 447 -7.33 -30.25 25.77
C LEU C 447 -7.03 -29.76 24.37
N LYS C 448 -6.29 -30.57 23.62
CA LYS C 448 -5.96 -30.24 22.24
C LYS C 448 -7.23 -30.25 21.38
N PRO C 449 -7.33 -29.36 20.39
CA PRO C 449 -8.52 -29.36 19.53
C PRO C 449 -8.69 -30.68 18.80
N PHE C 450 -9.95 -31.06 18.62
CA PHE C 450 -10.33 -32.32 17.97
C PHE C 450 -9.67 -33.52 18.66
N GLU C 451 -9.68 -33.50 19.99
CA GLU C 451 -9.18 -34.60 20.79
C GLU C 451 -10.15 -34.86 21.93
N ARG C 452 -10.18 -36.10 22.41
CA ARG C 452 -11.06 -36.50 23.49
C ARG C 452 -10.27 -37.23 24.56
N ASP C 453 -10.71 -37.10 25.80
CA ASP C 453 -10.08 -37.76 26.94
C ASP C 453 -11.14 -38.52 27.70
N ILE C 454 -10.93 -39.82 27.87
CA ILE C 454 -11.82 -40.68 28.65
C ILE C 454 -11.03 -41.11 29.88
N SER C 455 -11.33 -40.48 31.02
CA SER C 455 -10.60 -40.75 32.24
C SER C 455 -11.48 -40.43 33.43
N THR C 456 -11.27 -41.18 34.52
CA THR C 456 -12.01 -40.94 35.75
C THR C 456 -11.12 -41.05 36.99
N GLU C 457 -9.80 -41.04 36.82
CA GLU C 457 -8.90 -41.16 37.97
C GLU C 457 -8.99 -39.92 38.85
N ILE C 458 -9.21 -40.16 40.15
CA ILE C 458 -9.39 -39.08 41.12
C ILE C 458 -8.00 -38.51 41.41
N TYR C 459 -7.68 -37.37 40.81
CA TYR C 459 -6.36 -36.77 40.95
C TYR C 459 -6.40 -35.62 41.97
N GLN C 460 -5.22 -35.28 42.49
CA GLN C 460 -5.09 -34.26 43.51
C GLN C 460 -5.10 -32.88 42.86
N ALA C 461 -6.18 -32.14 43.07
CA ALA C 461 -6.26 -30.74 42.62
C ALA C 461 -5.86 -29.78 43.73
N GLY C 462 -4.68 -30.00 44.30
CA GLY C 462 -4.19 -29.19 45.41
C GLY C 462 -2.69 -29.19 45.49
N ASN C 463 -2.16 -29.25 46.70
CA ASN C 463 -0.71 -29.22 46.92
C ASN C 463 -0.20 -30.54 47.48
N LYS C 464 -0.74 -31.00 48.60
CA LYS C 464 -0.33 -32.29 49.17
C LYS C 464 -0.94 -33.42 48.37
N PRO C 465 -0.15 -34.41 47.94
CA PRO C 465 -0.71 -35.51 47.12
C PRO C 465 -1.83 -36.24 47.85
N CYS C 466 -3.00 -36.25 47.22
CA CYS C 466 -4.17 -36.86 47.84
C CYS C 466 -4.02 -38.38 47.94
N LYS C 467 -3.63 -39.02 46.85
CA LYS C 467 -3.54 -40.48 46.76
C LYS C 467 -4.85 -41.14 47.20
N GLY C 468 -5.95 -40.58 46.71
CA GLY C 468 -7.29 -41.01 47.07
C GLY C 468 -8.17 -39.85 47.44
N LYS C 469 -9.45 -40.16 47.61
CA LYS C 469 -10.43 -39.14 47.96
C LYS C 469 -10.09 -38.49 49.29
N GLY C 470 -10.12 -37.16 49.33
CA GLY C 470 -9.76 -36.42 50.52
C GLY C 470 -9.63 -34.94 50.24
N PRO C 471 -8.52 -34.33 50.68
CA PRO C 471 -8.33 -32.89 50.49
C PRO C 471 -8.04 -32.52 49.04
N ASN C 472 -8.96 -31.78 48.42
CA ASN C 472 -8.82 -31.27 47.06
C ASN C 472 -8.64 -32.38 46.02
N CYS C 473 -9.08 -33.60 46.34
CA CYS C 473 -8.98 -34.73 45.43
C CYS C 473 -10.40 -35.18 45.10
N TYR C 474 -10.83 -34.94 43.86
CA TYR C 474 -12.23 -35.12 43.48
C TYR C 474 -12.33 -35.89 42.16
N PHE C 475 -13.53 -36.42 41.92
CA PHE C 475 -13.80 -37.12 40.67
C PHE C 475 -13.78 -36.14 39.51
N PRO C 476 -13.05 -36.42 38.43
CA PRO C 476 -13.07 -35.50 37.27
C PRO C 476 -14.46 -35.35 36.65
N LEU C 477 -15.25 -36.41 36.64
CA LEU C 477 -16.57 -36.38 36.02
C LEU C 477 -17.63 -35.94 37.02
N GLN C 478 -18.77 -35.51 36.49
CA GLN C 478 -19.89 -35.09 37.31
C GLN C 478 -21.16 -35.13 36.48
N SER C 479 -22.23 -35.69 37.06
CA SER C 479 -23.49 -35.85 36.37
C SER C 479 -24.41 -34.67 36.67
N TYR C 480 -25.66 -34.76 36.21
CA TYR C 480 -26.63 -33.69 36.39
C TYR C 480 -28.03 -34.23 36.18
N GLY C 481 -28.94 -33.82 37.06
CA GLY C 481 -30.33 -34.28 37.04
C GLY C 481 -31.32 -33.43 36.27
N PHE C 482 -31.28 -33.45 34.94
CA PHE C 482 -32.31 -32.77 34.16
C PHE C 482 -33.70 -33.24 34.57
N ARG C 483 -34.59 -32.28 34.74
CA ARG C 483 -35.99 -32.51 35.09
C ARG C 483 -36.89 -31.68 34.18
N PRO C 484 -38.10 -32.16 33.90
CA PRO C 484 -39.00 -31.42 33.01
C PRO C 484 -39.34 -30.03 33.52
N THR C 485 -39.40 -29.83 34.84
CA THR C 485 -39.77 -28.54 35.40
C THR C 485 -38.69 -27.49 35.23
N TYR C 486 -37.49 -27.86 34.78
CA TYR C 486 -36.42 -26.90 34.61
C TYR C 486 -36.75 -25.89 33.52
N GLY C 487 -36.19 -24.69 33.66
CA GLY C 487 -36.34 -23.65 32.67
C GLY C 487 -35.24 -23.69 31.62
N VAL C 488 -35.29 -22.70 30.72
CA VAL C 488 -34.30 -22.61 29.65
C VAL C 488 -32.92 -22.37 30.25
N GLY C 489 -31.93 -23.10 29.73
CA GLY C 489 -30.58 -23.05 30.24
C GLY C 489 -30.19 -24.24 31.10
N HIS C 490 -31.16 -25.02 31.56
CA HIS C 490 -30.92 -26.23 32.33
C HIS C 490 -31.74 -27.38 31.78
N GLN C 491 -31.83 -27.47 30.47
CA GLN C 491 -32.58 -28.49 29.76
C GLN C 491 -31.68 -29.15 28.73
N PRO C 492 -31.97 -30.40 28.36
CA PRO C 492 -31.13 -31.07 27.35
C PRO C 492 -31.23 -30.39 26.00
N TYR C 493 -30.08 -30.26 25.34
CA TYR C 493 -30.00 -29.70 24.00
C TYR C 493 -29.08 -30.57 23.16
N ARG C 494 -29.56 -30.97 21.99
CA ARG C 494 -28.81 -31.86 21.10
C ARG C 494 -27.99 -31.03 20.12
N VAL C 495 -26.69 -31.30 20.07
CA VAL C 495 -25.75 -30.52 19.26
C VAL C 495 -24.98 -31.47 18.35
N VAL C 496 -24.95 -31.15 17.06
CA VAL C 496 -24.15 -31.88 16.08
C VAL C 496 -23.31 -30.88 15.31
N VAL C 497 -22.06 -31.26 15.03
CA VAL C 497 -21.12 -30.41 14.32
C VAL C 497 -20.60 -31.17 13.10
N LEU C 498 -20.65 -30.52 11.95
CA LEU C 498 -20.13 -31.07 10.71
C LEU C 498 -18.76 -30.45 10.41
N SER C 499 -17.91 -31.22 9.74
CA SER C 499 -16.54 -30.78 9.42
C SER C 499 -16.25 -31.14 7.97
N PHE C 500 -16.49 -30.19 7.08
CA PHE C 500 -16.20 -30.39 5.67
C PHE C 500 -14.72 -30.18 5.40
N GLU C 501 -14.29 -30.60 4.21
CA GLU C 501 -12.91 -30.43 3.78
C GLU C 501 -12.85 -30.52 2.27
N LEU C 502 -11.98 -29.72 1.66
CA LEU C 502 -11.81 -29.69 0.20
C LEU C 502 -10.32 -29.62 -0.12
N LEU C 503 -9.70 -30.78 -0.31
CA LEU C 503 -8.31 -30.87 -0.73
C LEU C 503 -8.24 -31.58 -2.10
N HIS C 504 -7.02 -31.79 -2.58
CA HIS C 504 -6.82 -32.48 -3.84
C HIS C 504 -7.11 -33.97 -3.68
N ALA C 505 -8.35 -34.38 -3.97
CA ALA C 505 -8.75 -35.77 -3.87
C ALA C 505 -9.96 -35.97 -4.76
N PRO C 506 -10.20 -37.20 -5.24
CA PRO C 506 -11.42 -37.45 -6.03
C PRO C 506 -12.66 -37.17 -5.21
N ALA C 507 -13.47 -36.22 -5.68
CA ALA C 507 -14.68 -35.84 -4.98
C ALA C 507 -15.64 -37.00 -4.89
N THR C 508 -16.15 -37.26 -3.69
CA THR C 508 -17.04 -38.38 -3.43
C THR C 508 -18.40 -37.95 -2.92
N VAL C 509 -18.45 -37.06 -1.93
CA VAL C 509 -19.70 -36.65 -1.29
C VAL C 509 -20.23 -35.46 -2.09
N CYS C 510 -20.95 -35.76 -3.16
CA CYS C 510 -21.58 -34.74 -4.00
C CYS C 510 -23.05 -34.59 -3.64
N GLY C 511 -23.60 -33.43 -3.99
CA GLY C 511 -25.01 -33.17 -3.78
C GLY C 511 -25.87 -33.84 -4.82
N PRO C 512 -27.19 -33.76 -4.62
CA PRO C 512 -28.13 -34.37 -5.56
C PRO C 512 -28.26 -33.55 -6.83
N LYS C 513 -27.79 -34.12 -7.94
CA LYS C 513 -27.88 -33.49 -9.25
C LYS C 513 -28.10 -34.55 -10.31
N LYS C 514 -28.56 -34.10 -11.48
CA LYS C 514 -28.86 -34.98 -12.60
C LYS C 514 -27.84 -34.76 -13.71
N SER C 515 -27.24 -35.85 -14.17
CA SER C 515 -26.25 -35.76 -15.25
C SER C 515 -26.94 -35.50 -16.59
N THR C 516 -26.18 -34.92 -17.51
CA THR C 516 -26.68 -34.58 -18.83
C THR C 516 -25.80 -35.23 -19.90
N ASN C 517 -26.36 -35.31 -21.11
CA ASN C 517 -25.64 -35.91 -22.22
C ASN C 517 -24.44 -35.06 -22.61
N LEU C 518 -23.38 -35.73 -23.06
CA LEU C 518 -22.14 -35.06 -23.40
C LEU C 518 -22.23 -34.40 -24.77
N VAL C 519 -21.64 -33.20 -24.88
CA VAL C 519 -21.55 -32.47 -26.13
C VAL C 519 -20.09 -32.14 -26.38
N LYS C 520 -19.75 -31.97 -27.65
CA LYS C 520 -18.36 -31.73 -28.03
C LYS C 520 -18.30 -30.72 -29.17
N ASN C 521 -17.13 -30.10 -29.31
CA ASN C 521 -16.87 -29.12 -30.37
C ASN C 521 -17.83 -27.94 -30.30
N LYS C 522 -18.18 -27.53 -29.08
CA LYS C 522 -19.05 -26.38 -28.87
C LYS C 522 -18.64 -25.68 -27.57
N CYS C 523 -18.75 -24.36 -27.57
CA CYS C 523 -18.45 -23.56 -26.38
C CYS C 523 -19.55 -23.76 -25.36
N VAL C 524 -19.25 -24.50 -24.30
CA VAL C 524 -20.26 -24.94 -23.33
C VAL C 524 -19.71 -24.74 -21.92
N ASN C 525 -20.63 -24.65 -20.95
CA ASN C 525 -20.28 -24.55 -19.54
C ASN C 525 -20.30 -25.97 -18.94
N PHE C 526 -19.14 -26.45 -18.51
CA PHE C 526 -19.01 -27.81 -18.01
C PHE C 526 -18.81 -27.81 -16.50
N ASN C 527 -19.12 -28.96 -15.89
CA ASN C 527 -19.00 -29.12 -14.44
C ASN C 527 -18.68 -30.59 -14.18
N PHE C 528 -17.41 -30.90 -13.97
CA PHE C 528 -16.94 -32.26 -13.71
C PHE C 528 -16.56 -32.38 -12.24
N ASN C 529 -17.41 -33.03 -11.46
CA ASN C 529 -17.15 -33.29 -10.05
C ASN C 529 -16.81 -32.01 -9.29
N GLY C 530 -17.57 -30.95 -9.57
CA GLY C 530 -17.36 -29.67 -8.93
C GLY C 530 -16.39 -28.75 -9.63
N LEU C 531 -15.75 -29.19 -10.70
CA LEU C 531 -14.83 -28.36 -11.46
C LEU C 531 -15.62 -27.61 -12.52
N THR C 532 -15.82 -26.31 -12.30
CA THR C 532 -16.67 -25.49 -13.16
C THR C 532 -15.80 -24.63 -14.08
N GLY C 533 -16.20 -24.55 -15.34
CA GLY C 533 -15.48 -23.74 -16.30
C GLY C 533 -16.20 -23.71 -17.63
N THR C 534 -15.59 -23.02 -18.59
CA THR C 534 -16.13 -22.89 -19.94
C THR C 534 -15.03 -23.23 -20.94
N GLY C 535 -15.44 -23.83 -22.05
CA GLY C 535 -14.49 -24.18 -23.08
C GLY C 535 -15.08 -25.14 -24.08
N VAL C 536 -14.21 -25.70 -24.93
CA VAL C 536 -14.58 -26.63 -25.97
C VAL C 536 -13.90 -27.96 -25.68
N LEU C 537 -14.69 -29.04 -25.65
CA LEU C 537 -14.21 -30.37 -25.28
C LEU C 537 -14.05 -31.22 -26.54
N THR C 538 -12.84 -31.75 -26.73
CA THR C 538 -12.57 -32.67 -27.84
C THR C 538 -11.87 -33.93 -27.32
N LYS C 539 -11.43 -34.79 -28.23
CA LYS C 539 -10.64 -35.95 -27.86
C LYS C 539 -9.16 -35.56 -27.75
N SER C 540 -8.36 -36.47 -27.21
CA SER C 540 -6.96 -36.16 -26.94
C SER C 540 -6.11 -37.41 -27.10
N ASN C 541 -4.81 -37.19 -27.33
CA ASN C 541 -3.84 -38.26 -27.47
C ASN C 541 -3.04 -38.51 -26.21
N LYS C 542 -3.34 -37.80 -25.12
CA LYS C 542 -2.57 -37.95 -23.89
C LYS C 542 -2.76 -39.34 -23.29
N LYS C 543 -1.72 -39.82 -22.61
CA LYS C 543 -1.70 -41.15 -22.02
C LYS C 543 -1.79 -40.98 -20.50
N PHE C 544 -3.01 -40.91 -19.98
CA PHE C 544 -3.22 -40.76 -18.55
C PHE C 544 -2.97 -42.08 -17.84
N LEU C 545 -2.19 -42.03 -16.76
CA LEU C 545 -2.01 -43.19 -15.92
C LEU C 545 -3.31 -43.50 -15.18
N PRO C 546 -3.54 -44.77 -14.81
CA PRO C 546 -4.84 -45.14 -14.24
C PRO C 546 -5.21 -44.38 -12.97
N PHE C 547 -4.23 -43.91 -12.20
CA PHE C 547 -4.52 -43.19 -10.97
C PHE C 547 -4.61 -41.68 -11.18
N GLN C 548 -4.36 -41.19 -12.40
CA GLN C 548 -4.37 -39.76 -12.67
C GLN C 548 -5.74 -39.31 -13.17
N GLN C 549 -6.16 -38.14 -12.70
CA GLN C 549 -7.48 -37.61 -13.02
C GLN C 549 -7.41 -36.36 -13.89
N PHE C 550 -6.68 -35.34 -13.47
CA PHE C 550 -6.63 -34.06 -14.18
C PHE C 550 -5.31 -33.92 -14.92
N GLY C 551 -5.13 -32.77 -15.54
CA GLY C 551 -3.88 -32.44 -16.20
C GLY C 551 -3.64 -30.95 -16.14
N ARG C 552 -2.37 -30.57 -16.13
CA ARG C 552 -1.98 -29.16 -16.04
C ARG C 552 -0.82 -28.89 -16.98
N ASP C 553 -0.78 -27.66 -17.48
CA ASP C 553 0.25 -27.23 -18.41
C ASP C 553 1.41 -26.60 -17.63
N ILE C 554 2.30 -25.90 -18.34
CA ILE C 554 3.48 -25.34 -17.73
C ILE C 554 3.11 -24.31 -16.66
N VAL C 555 2.07 -23.51 -16.91
CA VAL C 555 1.71 -22.41 -16.03
C VAL C 555 0.59 -22.82 -15.06
N ASP C 556 0.39 -24.11 -14.83
CA ASP C 556 -0.58 -24.62 -13.86
C ASP C 556 -2.00 -24.19 -14.22
N THR C 557 -2.41 -24.51 -15.43
CA THR C 557 -3.78 -24.26 -15.89
C THR C 557 -4.36 -25.57 -16.39
N THR C 558 -5.58 -25.87 -15.97
CA THR C 558 -6.21 -27.13 -16.35
C THR C 558 -6.48 -27.15 -17.85
N ASP C 559 -6.04 -28.23 -18.51
CA ASP C 559 -6.26 -28.38 -19.95
C ASP C 559 -6.65 -29.80 -20.32
N ALA C 560 -6.99 -30.65 -19.36
CA ALA C 560 -7.44 -32.00 -19.65
C ALA C 560 -8.23 -32.51 -18.44
N VAL C 561 -9.12 -33.46 -18.70
CA VAL C 561 -9.96 -34.02 -17.65
C VAL C 561 -10.43 -35.39 -18.11
N ARG C 562 -10.68 -36.28 -17.14
CA ARG C 562 -11.18 -37.62 -17.40
C ARG C 562 -12.66 -37.68 -17.07
N ASP C 563 -13.45 -38.22 -17.99
CA ASP C 563 -14.88 -38.29 -17.79
C ASP C 563 -15.21 -39.20 -16.61
N PRO C 564 -16.08 -38.78 -15.69
CA PRO C 564 -16.35 -39.62 -14.51
C PRO C 564 -16.94 -40.99 -14.84
N GLN C 565 -17.77 -41.09 -15.88
CA GLN C 565 -18.46 -42.32 -16.20
C GLN C 565 -17.80 -43.09 -17.33
N THR C 566 -17.66 -42.47 -18.50
CA THR C 566 -17.09 -43.15 -19.66
C THR C 566 -15.57 -43.30 -19.56
N LEU C 567 -14.93 -42.54 -18.69
CA LEU C 567 -13.48 -42.59 -18.49
C LEU C 567 -12.74 -42.31 -19.80
N GLU C 568 -13.01 -41.13 -20.36
CA GLU C 568 -12.36 -40.65 -21.57
C GLU C 568 -11.56 -39.41 -21.26
N ILE C 569 -10.47 -39.22 -22.00
CA ILE C 569 -9.56 -38.10 -21.79
C ILE C 569 -9.98 -36.98 -22.72
N LEU C 570 -10.48 -35.88 -22.16
CA LEU C 570 -11.02 -34.77 -22.91
C LEU C 570 -10.14 -33.54 -22.77
N ASP C 571 -9.88 -32.87 -23.90
CA ASP C 571 -9.12 -31.64 -23.91
C ASP C 571 -10.03 -30.44 -23.70
N ILE C 572 -9.50 -29.42 -23.03
CA ILE C 572 -10.22 -28.20 -22.75
C ILE C 572 -9.48 -27.04 -23.38
N THR C 573 -10.17 -26.26 -24.21
CA THR C 573 -9.61 -25.08 -24.85
C THR C 573 -10.56 -23.91 -24.63
N PRO C 574 -10.06 -22.76 -24.21
CA PRO C 574 -10.95 -21.62 -23.96
C PRO C 574 -11.59 -21.12 -25.24
N CYS C 575 -12.81 -20.60 -25.10
CA CYS C 575 -13.53 -20.07 -26.25
C CYS C 575 -12.87 -18.80 -26.75
N SER C 576 -13.06 -18.53 -28.04
CA SER C 576 -12.29 -17.50 -28.72
C SER C 576 -12.62 -16.11 -28.20
N PHE C 577 -11.63 -15.22 -28.25
CA PHE C 577 -11.80 -13.83 -27.84
C PHE C 577 -10.68 -13.01 -28.50
N GLY C 578 -10.81 -11.70 -28.39
CA GLY C 578 -9.81 -10.81 -28.94
C GLY C 578 -10.31 -9.38 -28.96
N GLY C 579 -9.43 -8.50 -29.45
CA GLY C 579 -9.76 -7.10 -29.54
C GLY C 579 -10.53 -6.76 -30.80
N VAL C 580 -11.02 -5.52 -30.85
CA VAL C 580 -11.80 -5.02 -31.98
C VAL C 580 -11.28 -3.63 -32.34
N SER C 581 -10.86 -3.47 -33.59
CA SER C 581 -10.39 -2.19 -34.10
C SER C 581 -11.32 -1.69 -35.19
N VAL C 582 -11.52 -0.38 -35.23
CA VAL C 582 -12.42 0.26 -36.18
C VAL C 582 -11.59 1.16 -37.10
N ILE C 583 -11.74 0.96 -38.40
CA ILE C 583 -11.03 1.75 -39.41
C ILE C 583 -12.03 2.72 -40.03
N THR C 584 -11.75 4.01 -39.94
CA THR C 584 -12.63 5.03 -40.48
C THR C 584 -11.81 6.11 -41.17
N PRO C 585 -12.35 6.72 -42.23
CA PRO C 585 -11.76 7.95 -42.75
C PRO C 585 -12.19 9.14 -41.90
N GLY C 586 -11.87 10.35 -42.34
CA GLY C 586 -12.32 11.52 -41.62
C GLY C 586 -13.85 11.56 -41.55
N THR C 587 -14.37 11.91 -40.38
CA THR C 587 -15.82 11.95 -40.20
C THR C 587 -16.48 13.01 -41.05
N ASN C 588 -15.72 14.00 -41.52
CA ASN C 588 -16.25 15.01 -42.43
C ASN C 588 -16.25 14.55 -43.88
N THR C 589 -15.66 13.39 -44.17
CA THR C 589 -15.61 12.85 -45.52
C THR C 589 -16.71 11.83 -45.78
N SER C 590 -16.89 10.86 -44.90
CA SER C 590 -17.92 9.84 -45.05
C SER C 590 -18.25 9.28 -43.67
N ASN C 591 -19.19 8.33 -43.66
CA ASN C 591 -19.59 7.65 -42.43
C ASN C 591 -19.40 6.14 -42.51
N GLN C 592 -18.78 5.64 -43.57
CA GLN C 592 -18.53 4.21 -43.70
C GLN C 592 -17.32 3.81 -42.86
N VAL C 593 -17.42 2.64 -42.23
CA VAL C 593 -16.36 2.14 -41.37
C VAL C 593 -16.12 0.66 -41.69
N ALA C 594 -14.92 0.20 -41.33
CA ALA C 594 -14.55 -1.21 -41.43
C ALA C 594 -14.08 -1.68 -40.07
N VAL C 595 -14.34 -2.96 -39.78
CA VAL C 595 -14.10 -3.53 -38.46
C VAL C 595 -13.09 -4.67 -38.60
N LEU C 596 -12.08 -4.68 -37.73
CA LEU C 596 -11.07 -5.71 -37.71
C LEU C 596 -11.22 -6.54 -36.44
N TYR C 597 -11.37 -7.85 -36.60
CA TYR C 597 -11.42 -8.79 -35.48
C TYR C 597 -10.03 -9.41 -35.35
N GLN C 598 -9.27 -8.97 -34.36
CA GLN C 598 -7.86 -9.32 -34.29
C GLN C 598 -7.67 -10.77 -33.87
N GLY C 599 -6.77 -11.46 -34.57
CA GLY C 599 -6.31 -12.78 -34.17
C GLY C 599 -7.36 -13.87 -34.17
N VAL C 600 -8.20 -13.92 -35.21
CA VAL C 600 -9.22 -14.95 -35.35
C VAL C 600 -9.30 -15.40 -36.80
N ASN C 601 -9.99 -16.52 -37.00
CA ASN C 601 -10.25 -17.06 -38.33
C ASN C 601 -11.62 -16.59 -38.80
N CYS C 602 -11.69 -16.18 -40.07
CA CYS C 602 -12.91 -15.57 -40.58
C CYS C 602 -14.09 -16.53 -40.54
N THR C 603 -13.84 -17.84 -40.69
CA THR C 603 -14.93 -18.81 -40.67
C THR C 603 -15.60 -18.86 -39.29
N GLU C 604 -14.81 -18.78 -38.23
CA GLU C 604 -15.38 -18.80 -36.89
C GLU C 604 -16.26 -17.57 -36.64
N VAL C 605 -15.81 -16.40 -37.08
CA VAL C 605 -16.61 -15.19 -36.92
C VAL C 605 -17.90 -15.30 -37.74
N SER C 606 -17.79 -15.80 -38.97
CA SER C 606 -18.98 -15.96 -39.80
C SER C 606 -19.97 -16.90 -39.16
N VAL C 607 -19.49 -18.01 -38.59
N VAL C 607 -19.49 -18.01 -38.59
CA VAL C 607 -20.39 -18.95 -37.93
CA VAL C 607 -20.39 -18.95 -37.93
C VAL C 607 -21.04 -18.31 -36.71
C VAL C 607 -21.04 -18.31 -36.71
N ALA C 608 -20.25 -17.60 -35.90
CA ALA C 608 -20.80 -16.98 -34.69
C ALA C 608 -21.81 -15.89 -35.03
N ILE C 609 -21.66 -15.22 -36.17
CA ILE C 609 -22.58 -14.15 -36.53
C ILE C 609 -23.83 -14.70 -37.19
N HIS C 610 -23.66 -15.46 -38.27
CA HIS C 610 -24.81 -15.93 -39.05
C HIS C 610 -25.70 -16.85 -38.24
N ALA C 611 -25.12 -17.73 -37.44
CA ALA C 611 -25.88 -18.62 -36.57
C ALA C 611 -26.33 -17.85 -35.34
N ASP C 612 -26.75 -18.58 -34.30
CA ASP C 612 -27.21 -17.98 -33.05
C ASP C 612 -26.27 -16.87 -32.59
N GLN C 613 -26.85 -15.80 -32.05
CA GLN C 613 -26.07 -14.65 -31.62
C GLN C 613 -25.09 -15.04 -30.52
N LEU C 614 -23.80 -15.04 -30.84
CA LEU C 614 -22.77 -15.45 -29.90
C LEU C 614 -21.72 -14.38 -29.65
N THR C 615 -21.34 -13.62 -30.68
CA THR C 615 -20.41 -12.52 -30.46
C THR C 615 -21.16 -11.38 -29.78
N PRO C 616 -20.72 -10.94 -28.59
CA PRO C 616 -21.48 -9.92 -27.85
C PRO C 616 -21.04 -8.49 -28.12
N THR C 617 -19.90 -8.29 -28.78
CA THR C 617 -19.42 -6.93 -29.03
C THR C 617 -20.40 -6.13 -29.86
N TRP C 618 -21.22 -6.81 -30.66
CA TRP C 618 -22.17 -6.11 -31.53
C TRP C 618 -23.52 -6.82 -31.50
N ARG C 619 -24.55 -6.09 -31.13
CA ARG C 619 -25.92 -6.49 -31.40
C ARG C 619 -26.45 -5.90 -32.68
N VAL C 620 -25.63 -5.12 -33.40
CA VAL C 620 -26.02 -4.57 -34.68
C VAL C 620 -25.56 -5.46 -35.83
N TYR C 621 -24.44 -6.17 -35.68
CA TYR C 621 -23.95 -7.14 -36.65
C TYR C 621 -23.76 -6.50 -38.02
N SER C 622 -22.74 -5.64 -38.08
CA SER C 622 -22.30 -5.01 -39.32
C SER C 622 -22.40 -5.99 -40.50
N THR C 623 -23.03 -5.54 -41.57
CA THR C 623 -23.51 -6.42 -42.62
C THR C 623 -22.36 -7.22 -43.24
N GLY C 624 -22.73 -8.35 -43.85
CA GLY C 624 -21.77 -9.26 -44.43
C GLY C 624 -21.20 -8.74 -45.74
N SER C 625 -20.39 -7.69 -45.66
CA SER C 625 -19.76 -7.13 -46.85
C SER C 625 -18.57 -8.01 -47.25
N ASN C 626 -17.73 -7.51 -48.15
CA ASN C 626 -16.59 -8.28 -48.64
C ASN C 626 -15.65 -8.62 -47.48
N VAL C 627 -15.60 -9.90 -47.12
CA VAL C 627 -14.81 -10.36 -45.98
C VAL C 627 -13.43 -10.79 -46.47
N PHE C 628 -12.39 -10.22 -45.86
CA PHE C 628 -11.01 -10.52 -46.21
C PHE C 628 -10.27 -11.03 -44.97
N GLN C 629 -9.46 -12.06 -45.17
CA GLN C 629 -8.72 -12.69 -44.08
C GLN C 629 -7.24 -12.35 -44.24
N THR C 630 -6.67 -11.72 -43.21
CA THR C 630 -5.27 -11.35 -43.17
C THR C 630 -4.58 -12.12 -42.06
N ARG C 631 -3.30 -11.84 -41.86
CA ARG C 631 -2.58 -12.44 -40.74
C ARG C 631 -2.83 -11.69 -39.44
N ALA C 632 -3.47 -10.53 -39.50
CA ALA C 632 -3.81 -9.77 -38.31
C ALA C 632 -5.23 -10.02 -37.82
N GLY C 633 -6.06 -10.70 -38.61
CA GLY C 633 -7.40 -11.03 -38.20
C GLY C 633 -8.36 -11.00 -39.38
N CYS C 634 -9.65 -10.90 -39.06
CA CYS C 634 -10.71 -10.90 -40.05
C CYS C 634 -11.16 -9.46 -40.29
N LEU C 635 -11.05 -9.02 -41.54
CA LEU C 635 -11.43 -7.66 -41.93
C LEU C 635 -12.78 -7.71 -42.64
N ILE C 636 -13.74 -6.93 -42.14
CA ILE C 636 -15.10 -6.91 -42.67
C ILE C 636 -15.43 -5.49 -43.10
N GLY C 637 -15.93 -5.35 -44.33
CA GLY C 637 -16.32 -4.06 -44.86
C GLY C 637 -15.33 -3.43 -45.80
N ALA C 638 -14.22 -4.10 -46.11
CA ALA C 638 -13.23 -3.58 -47.03
C ALA C 638 -12.99 -4.59 -48.15
N GLU C 639 -12.70 -4.07 -49.34
CA GLU C 639 -12.54 -4.89 -50.53
C GLU C 639 -11.08 -4.87 -50.99
N TYR C 640 -10.50 -6.06 -51.14
CA TYR C 640 -9.12 -6.17 -51.57
C TYR C 640 -8.97 -5.83 -53.05
N VAL C 641 -7.79 -5.33 -53.41
CA VAL C 641 -7.49 -4.95 -54.79
C VAL C 641 -6.13 -5.51 -55.17
N ASN C 642 -5.94 -5.71 -56.47
CA ASN C 642 -4.66 -6.18 -56.99
C ASN C 642 -3.57 -5.14 -56.81
N ASN C 643 -3.90 -3.87 -57.01
CA ASN C 643 -2.90 -2.81 -57.15
C ASN C 643 -2.18 -2.56 -55.82
N SER C 644 -1.10 -1.78 -55.91
CA SER C 644 -0.30 -1.39 -54.76
C SER C 644 -0.15 0.12 -54.75
N TYR C 645 -0.40 0.71 -53.58
CA TYR C 645 -0.29 2.17 -53.43
C TYR C 645 0.62 2.51 -52.25
N GLU C 646 0.69 3.78 -51.90
CA GLU C 646 1.39 4.20 -50.69
C GLU C 646 0.50 3.94 -49.47
N CYS C 647 1.13 3.54 -48.37
CA CYS C 647 0.37 3.18 -47.18
C CYS C 647 -0.29 4.43 -46.58
N ASP C 648 -1.57 4.31 -46.25
CA ASP C 648 -2.33 5.39 -45.66
C ASP C 648 -2.74 5.10 -44.23
N ILE C 649 -3.43 3.98 -44.00
CA ILE C 649 -3.83 3.57 -42.65
C ILE C 649 -3.27 2.18 -42.38
N PRO C 650 -2.25 2.05 -41.54
CA PRO C 650 -1.68 0.73 -41.26
C PRO C 650 -2.70 -0.18 -40.60
N ILE C 651 -2.68 -1.45 -40.97
CA ILE C 651 -3.61 -2.44 -40.43
C ILE C 651 -2.84 -3.60 -39.83
N GLY C 652 -2.05 -4.28 -40.65
CA GLY C 652 -1.37 -5.49 -40.22
C GLY C 652 -0.05 -5.74 -40.90
N ALA C 653 0.16 -6.98 -41.35
CA ALA C 653 1.43 -7.39 -41.93
C ALA C 653 1.51 -6.89 -43.37
N GLY C 654 1.89 -5.62 -43.51
CA GLY C 654 2.05 -5.03 -44.82
C GLY C 654 0.76 -4.67 -45.52
N ILE C 655 -0.35 -4.61 -44.80
CA ILE C 655 -1.66 -4.33 -45.37
C ILE C 655 -2.10 -2.95 -44.89
N CYS C 656 -2.54 -2.11 -45.83
CA CYS C 656 -3.01 -0.77 -45.53
C CYS C 656 -4.36 -0.56 -46.17
N ALA C 657 -5.12 0.39 -45.61
CA ALA C 657 -6.46 0.71 -46.08
C ALA C 657 -6.56 2.19 -46.38
N SER C 658 -7.48 2.53 -47.29
CA SER C 658 -7.63 3.92 -47.73
C SER C 658 -9.03 4.09 -48.32
N TYR C 659 -9.40 5.36 -48.50
CA TYR C 659 -10.68 5.74 -49.08
C TYR C 659 -10.45 6.18 -50.52
N GLN C 660 -10.94 5.37 -51.47
CA GLN C 660 -10.72 5.62 -52.89
C GLN C 660 -12.04 5.64 -53.63
N THR C 661 -11.97 5.97 -54.91
CA THR C 661 -13.13 6.01 -55.79
C THR C 661 -13.24 4.71 -56.57
N GLN C 662 -14.48 4.26 -56.77
CA GLN C 662 -14.77 3.01 -57.48
C GLN C 662 -14.04 1.82 -56.86
N SER C 674 -19.87 5.96 -55.75
CA SER C 674 -18.66 5.55 -56.45
C SER C 674 -17.45 5.68 -55.54
N GLN C 675 -17.66 5.52 -54.23
CA GLN C 675 -16.59 5.58 -53.24
C GLN C 675 -16.71 4.38 -52.33
N SER C 676 -15.56 3.86 -51.89
CA SER C 676 -15.53 2.66 -51.06
C SER C 676 -14.23 2.65 -50.28
N ILE C 677 -14.06 1.62 -49.45
CA ILE C 677 -12.87 1.41 -48.65
C ILE C 677 -12.15 0.18 -49.20
N ILE C 678 -10.86 0.32 -49.49
CA ILE C 678 -10.08 -0.74 -50.11
C ILE C 678 -8.90 -1.09 -49.22
N ALA C 679 -8.48 -2.35 -49.29
CA ALA C 679 -7.29 -2.85 -48.61
C ALA C 679 -6.34 -3.42 -49.65
N TYR C 680 -5.06 -3.08 -49.54
CA TYR C 680 -4.07 -3.48 -50.53
C TYR C 680 -2.77 -3.82 -49.82
N THR C 681 -1.71 -3.96 -50.60
CA THR C 681 -0.36 -4.18 -50.09
C THR C 681 0.46 -2.93 -50.37
N MET C 682 1.12 -2.41 -49.33
CA MET C 682 1.84 -1.15 -49.45
C MET C 682 3.01 -1.28 -50.42
N SER C 683 3.28 -0.20 -51.14
CA SER C 683 4.38 -0.14 -52.09
C SER C 683 5.58 0.55 -51.43
N LEU C 684 6.75 -0.08 -51.52
CA LEU C 684 7.93 0.47 -50.87
C LEU C 684 8.48 1.69 -51.61
N GLY C 685 8.21 1.81 -52.90
CA GLY C 685 8.70 2.96 -53.66
C GLY C 685 8.68 2.66 -55.14
N ALA C 686 9.14 3.65 -55.89
CA ALA C 686 9.20 3.54 -57.35
C ALA C 686 10.42 2.73 -57.77
N GLU C 687 10.20 1.73 -58.62
CA GLU C 687 11.29 0.90 -59.09
C GLU C 687 12.28 1.72 -59.92
N ASN C 688 13.56 1.44 -59.74
CA ASN C 688 14.60 2.18 -60.45
C ASN C 688 15.80 1.27 -60.68
N SER C 689 16.63 1.65 -61.64
CA SER C 689 17.83 0.88 -61.96
C SER C 689 18.80 1.79 -62.71
N VAL C 690 20.01 1.95 -62.18
CA VAL C 690 21.03 2.80 -62.79
C VAL C 690 21.87 1.94 -63.72
N ALA C 691 22.23 2.51 -64.87
CA ALA C 691 22.93 1.76 -65.92
C ALA C 691 24.43 1.74 -65.62
N TYR C 692 24.82 0.77 -64.82
CA TYR C 692 26.22 0.62 -64.46
C TYR C 692 27.05 0.12 -65.63
N SER C 693 28.26 0.68 -65.75
CA SER C 693 29.25 0.21 -66.70
C SER C 693 30.62 0.64 -66.18
N ASN C 694 31.66 -0.03 -66.67
CA ASN C 694 33.00 0.19 -66.14
C ASN C 694 33.78 1.27 -66.90
N ASN C 695 33.14 1.95 -67.85
CA ASN C 695 33.77 3.10 -68.50
C ASN C 695 32.78 4.24 -68.73
N SER C 696 31.79 4.37 -67.85
CA SER C 696 30.77 5.40 -67.98
C SER C 696 30.61 6.14 -66.65
N ILE C 697 30.50 7.45 -66.72
CA ILE C 697 30.33 8.30 -65.54
C ILE C 697 29.26 9.34 -65.83
N ALA C 698 28.71 9.89 -64.75
CA ALA C 698 27.69 10.94 -64.84
C ALA C 698 28.09 12.10 -63.95
N ILE C 699 28.08 13.31 -64.49
CA ILE C 699 28.48 14.50 -63.76
C ILE C 699 27.40 15.57 -63.89
N PRO C 700 26.93 16.15 -62.79
CA PRO C 700 25.91 17.20 -62.90
C PRO C 700 26.46 18.47 -63.51
N THR C 701 25.58 19.20 -64.20
CA THR C 701 25.95 20.47 -64.83
C THR C 701 25.22 21.67 -64.23
N ASN C 702 24.42 21.46 -63.18
CA ASN C 702 23.66 22.54 -62.57
C ASN C 702 23.27 22.11 -61.17
N PHE C 703 22.89 23.08 -60.34
CA PHE C 703 22.59 22.78 -58.94
C PHE C 703 21.27 23.38 -58.49
N THR C 704 20.99 23.28 -57.18
CA THR C 704 19.75 23.77 -56.60
C THR C 704 19.98 24.04 -55.12
N ILE C 705 19.39 25.12 -54.62
CA ILE C 705 19.44 25.48 -53.22
C ILE C 705 18.08 25.16 -52.59
N SER C 706 18.10 24.37 -51.51
CA SER C 706 16.87 23.95 -50.85
C SER C 706 16.97 24.23 -49.36
N VAL C 707 15.81 24.49 -48.75
CA VAL C 707 15.71 24.80 -47.33
C VAL C 707 14.66 23.90 -46.71
N THR C 708 15.03 23.22 -45.63
CA THR C 708 14.12 22.35 -44.88
C THR C 708 14.01 22.86 -43.45
N THR C 709 13.11 22.23 -42.68
CA THR C 709 12.86 22.61 -41.31
C THR C 709 12.96 21.39 -40.39
N GLU C 710 13.26 21.64 -39.13
CA GLU C 710 13.37 20.60 -38.11
C GLU C 710 12.86 21.15 -36.79
N ILE C 711 12.06 20.36 -36.08
CA ILE C 711 11.44 20.76 -34.83
C ILE C 711 11.91 19.81 -33.73
N LEU C 712 12.33 20.38 -32.59
CA LEU C 712 12.83 19.60 -31.47
C LEU C 712 12.28 20.15 -30.15
N PRO C 713 11.65 19.32 -29.32
CA PRO C 713 11.25 19.77 -27.99
C PRO C 713 12.47 20.01 -27.11
N VAL C 714 12.32 20.93 -26.16
CA VAL C 714 13.43 21.32 -25.30
C VAL C 714 13.08 21.13 -23.83
N SER C 715 11.96 21.71 -23.40
CA SER C 715 11.57 21.70 -21.99
C SER C 715 10.10 21.35 -21.87
N MET C 716 9.62 21.29 -20.63
CA MET C 716 8.23 20.98 -20.35
C MET C 716 7.80 21.74 -19.10
N THR C 717 6.61 21.44 -18.61
CA THR C 717 6.00 22.19 -17.52
C THR C 717 6.59 21.77 -16.17
N LYS C 718 6.81 22.76 -15.31
CA LYS C 718 7.29 22.55 -13.95
C LYS C 718 6.12 22.63 -12.99
N THR C 719 6.00 21.62 -12.12
CA THR C 719 4.89 21.53 -11.19
C THR C 719 5.42 21.21 -9.79
N SER C 720 4.55 21.41 -8.80
CA SER C 720 4.85 21.08 -7.41
C SER C 720 3.56 20.62 -6.75
N VAL C 721 3.71 19.69 -5.79
CA VAL C 721 2.57 19.03 -5.16
C VAL C 721 2.73 19.09 -3.65
N ASP C 722 1.62 19.35 -2.95
CA ASP C 722 1.57 19.31 -1.50
C ASP C 722 0.76 18.09 -1.08
N CYS C 723 1.38 17.22 -0.27
CA CYS C 723 0.76 15.95 0.09
C CYS C 723 -0.45 16.15 0.99
N THR C 724 -0.30 16.95 2.05
CA THR C 724 -1.35 17.02 3.07
C THR C 724 -2.64 17.58 2.49
N MET C 725 -2.54 18.60 1.64
CA MET C 725 -3.73 19.17 1.03
C MET C 725 -4.39 18.17 0.08
N TYR C 726 -3.61 17.47 -0.74
CA TYR C 726 -4.18 16.58 -1.74
C TYR C 726 -4.82 15.35 -1.10
N ILE C 727 -4.10 14.69 -0.20
CA ILE C 727 -4.57 13.42 0.34
C ILE C 727 -5.64 13.63 1.39
N CYS C 728 -5.44 14.59 2.30
CA CYS C 728 -6.33 14.79 3.43
C CYS C 728 -7.21 16.04 3.29
N GLY C 729 -6.62 17.18 2.98
CA GLY C 729 -7.38 18.41 2.88
C GLY C 729 -7.23 19.29 4.10
N ASP C 730 -8.25 19.31 4.96
CA ASP C 730 -8.23 20.14 6.16
C ASP C 730 -8.74 19.38 7.38
N SER C 731 -8.52 18.08 7.44
CA SER C 731 -8.92 17.25 8.57
C SER C 731 -7.70 16.76 9.31
N THR C 732 -7.68 16.96 10.63
CA THR C 732 -6.50 16.60 11.42
C THR C 732 -6.37 15.10 11.63
N GLU C 733 -7.48 14.37 11.67
CA GLU C 733 -7.40 12.92 11.85
C GLU C 733 -6.68 12.26 10.69
N CYS C 734 -6.98 12.69 9.46
CA CYS C 734 -6.31 12.13 8.30
C CYS C 734 -4.82 12.43 8.32
N SER C 735 -4.44 13.65 8.71
CA SER C 735 -3.02 13.99 8.78
C SER C 735 -2.29 13.17 9.86
N ASN C 736 -2.94 12.98 11.02
CA ASN C 736 -2.34 12.18 12.07
C ASN C 736 -2.21 10.73 11.66
N LEU C 737 -3.14 10.22 10.85
CA LEU C 737 -3.00 8.87 10.32
C LEU C 737 -1.92 8.81 9.24
N LEU C 738 -1.77 9.88 8.46
CA LEU C 738 -0.81 9.89 7.36
C LEU C 738 0.61 9.94 7.87
N LEU C 739 0.86 10.67 8.97
CA LEU C 739 2.23 10.82 9.45
C LEU C 739 2.83 9.51 9.95
N GLN C 740 2.08 8.40 9.91
CA GLN C 740 2.61 7.09 10.28
C GLN C 740 3.12 6.30 9.09
N TYR C 741 3.09 6.87 7.88
CA TYR C 741 3.47 6.18 6.67
C TYR C 741 4.92 6.47 6.25
N GLY C 742 5.77 6.87 7.19
CA GLY C 742 7.17 7.12 6.87
C GLY C 742 7.43 8.43 6.18
N SER C 743 8.31 8.42 5.18
CA SER C 743 8.76 9.63 4.50
C SER C 743 8.64 9.48 2.99
N PHE C 744 7.48 8.99 2.53
CA PHE C 744 7.22 8.90 1.10
C PHE C 744 7.15 10.28 0.46
N CYS C 745 6.50 11.22 1.15
CA CYS C 745 6.23 12.53 0.55
C CYS C 745 7.48 13.37 0.42
N THR C 746 8.45 13.21 1.33
CA THR C 746 9.72 13.89 1.15
C THR C 746 10.39 13.45 -0.14
N GLN C 747 10.35 12.15 -0.43
CA GLN C 747 10.91 11.64 -1.68
C GLN C 747 10.17 12.18 -2.89
N LEU C 748 8.83 12.22 -2.81
CA LEU C 748 8.04 12.75 -3.92
C LEU C 748 8.39 14.21 -4.20
N LYS C 749 8.45 15.01 -3.13
CA LYS C 749 8.78 16.42 -3.27
C LYS C 749 10.18 16.61 -3.83
N ARG C 750 11.14 15.79 -3.37
CA ARG C 750 12.51 15.90 -3.87
C ARG C 750 12.58 15.58 -5.35
N ALA C 751 11.87 14.53 -5.80
CA ALA C 751 11.86 14.19 -7.22
C ALA C 751 11.27 15.31 -8.05
N LEU C 752 10.14 15.86 -7.60
CA LEU C 752 9.50 16.94 -8.35
C LEU C 752 10.41 18.17 -8.43
N THR C 753 11.08 18.50 -7.32
CA THR C 753 12.01 19.63 -7.32
C THR C 753 13.17 19.38 -8.26
N GLY C 754 13.69 18.15 -8.31
CA GLY C 754 14.76 17.84 -9.24
C GLY C 754 14.35 18.03 -10.69
N ILE C 755 13.14 17.57 -11.04
CA ILE C 755 12.65 17.77 -12.40
C ILE C 755 12.52 19.25 -12.71
N ALA C 756 11.96 20.02 -11.77
CA ALA C 756 11.78 21.45 -12.00
C ALA C 756 13.11 22.16 -12.20
N VAL C 757 14.13 21.78 -11.42
CA VAL C 757 15.44 22.39 -11.58
C VAL C 757 16.06 22.01 -12.93
N GLU C 758 15.90 20.76 -13.35
CA GLU C 758 16.48 20.32 -14.61
C GLU C 758 15.85 21.05 -15.81
N GLN C 759 14.57 21.39 -15.70
CA GLN C 759 13.89 22.03 -16.83
C GLN C 759 14.54 23.35 -17.23
N ASP C 760 15.04 24.13 -16.26
CA ASP C 760 15.70 25.39 -16.60
C ASP C 760 17.10 25.16 -17.15
N LYS C 761 17.81 24.16 -16.62
CA LYS C 761 19.14 23.84 -17.12
C LYS C 761 19.09 23.43 -18.59
N ASN C 762 18.02 22.74 -18.99
CA ASN C 762 17.89 22.37 -20.39
C ASN C 762 17.92 23.60 -21.30
N THR C 763 17.07 24.58 -21.01
CA THR C 763 17.01 25.79 -21.85
C THR C 763 18.31 26.57 -21.77
N GLN C 764 18.90 26.69 -20.58
CA GLN C 764 20.15 27.42 -20.45
C GLN C 764 21.26 26.77 -21.27
N GLU C 765 21.32 25.44 -21.28
CA GLU C 765 22.32 24.75 -22.07
C GLU C 765 22.06 24.94 -23.57
N VAL C 766 20.80 24.90 -23.99
CA VAL C 766 20.49 24.98 -25.41
C VAL C 766 20.80 26.37 -25.96
N PHE C 767 20.35 27.42 -25.27
CA PHE C 767 20.31 28.74 -25.88
C PHE C 767 21.46 29.66 -25.51
N ALA C 768 22.04 29.53 -24.32
CA ALA C 768 23.08 30.45 -23.86
C ALA C 768 24.44 30.01 -24.40
N GLN C 769 24.56 30.10 -25.73
CA GLN C 769 25.78 29.69 -26.42
C GLN C 769 26.79 30.81 -26.60
N VAL C 770 26.42 32.05 -26.32
CA VAL C 770 27.28 33.20 -26.59
C VAL C 770 27.35 34.09 -25.36
N LYS C 771 28.36 34.95 -25.34
CA LYS C 771 28.57 35.88 -24.23
C LYS C 771 28.23 37.32 -24.59
N GLN C 772 28.28 37.68 -25.87
CA GLN C 772 28.00 39.04 -26.32
C GLN C 772 26.68 39.06 -27.09
N ILE C 773 25.94 40.16 -26.94
CA ILE C 773 24.68 40.34 -27.65
C ILE C 773 25.01 41.14 -28.91
N TYR C 774 25.32 40.42 -29.99
CA TYR C 774 25.68 41.06 -31.24
C TYR C 774 24.46 41.74 -31.87
N LYS C 775 24.72 42.84 -32.56
CA LYS C 775 23.66 43.64 -33.18
C LYS C 775 23.91 43.77 -34.67
N THR C 776 22.85 43.66 -35.45
CA THR C 776 22.93 43.76 -36.91
C THR C 776 23.06 45.22 -37.34
N PRO C 777 23.78 45.48 -38.44
CA PRO C 777 23.94 46.86 -38.89
C PRO C 777 22.63 47.44 -39.36
N PRO C 778 22.46 48.78 -39.29
CA PRO C 778 21.19 49.38 -39.71
C PRO C 778 20.85 49.14 -41.18
N ILE C 779 21.85 49.09 -42.06
CA ILE C 779 21.61 48.91 -43.48
C ILE C 779 21.71 47.43 -43.81
N LYS C 780 20.60 46.85 -44.29
CA LYS C 780 20.52 45.42 -44.56
C LYS C 780 20.71 45.16 -46.05
N TYR C 781 21.97 45.22 -46.48
CA TYR C 781 22.36 44.83 -47.83
C TYR C 781 23.47 43.79 -47.72
N PHE C 782 23.19 42.57 -48.16
CA PHE C 782 24.13 41.46 -48.06
C PHE C 782 24.33 40.80 -49.42
N GLY C 783 24.55 41.62 -50.43
CA GLY C 783 24.82 41.09 -51.76
C GLY C 783 23.62 40.48 -52.44
N GLY C 784 22.41 40.91 -52.11
CA GLY C 784 21.20 40.38 -52.70
C GLY C 784 20.46 39.39 -51.83
N PHE C 785 21.08 38.91 -50.75
CA PHE C 785 20.40 37.99 -49.85
C PHE C 785 19.44 38.75 -48.95
N ASN C 786 18.29 38.14 -48.69
CA ASN C 786 17.18 38.78 -47.99
C ASN C 786 16.87 37.98 -46.73
N PHE C 787 17.15 38.56 -45.57
CA PHE C 787 16.90 37.94 -44.27
C PHE C 787 15.75 38.58 -43.52
N SER C 788 14.85 39.28 -44.23
CA SER C 788 13.78 40.00 -43.54
C SER C 788 12.83 39.08 -42.80
N GLN C 789 12.70 37.83 -43.27
CA GLN C 789 11.76 36.90 -42.65
C GLN C 789 12.27 36.31 -41.34
N ILE C 790 13.57 36.40 -41.08
CA ILE C 790 14.14 35.80 -39.87
C ILE C 790 14.70 36.84 -38.90
N LEU C 791 15.03 38.05 -39.35
CA LEU C 791 15.51 39.08 -38.45
C LEU C 791 14.36 39.67 -37.65
N PRO C 792 14.64 40.23 -36.46
CA PRO C 792 13.57 40.79 -35.64
C PRO C 792 12.87 41.95 -36.33
N ASP C 793 11.58 42.08 -36.06
CA ASP C 793 10.76 43.14 -36.65
C ASP C 793 10.44 44.19 -35.60
N PRO C 794 10.96 45.41 -35.71
CA PRO C 794 10.74 46.40 -34.66
C PRO C 794 9.31 46.91 -34.58
N SER C 795 8.47 46.68 -35.59
CA SER C 795 7.12 47.22 -35.59
C SER C 795 6.28 46.63 -34.46
N LYS C 796 6.27 45.31 -34.35
CA LYS C 796 5.47 44.66 -33.32
C LYS C 796 6.13 44.84 -31.94
N PRO C 797 5.33 44.96 -30.88
CA PRO C 797 5.90 45.15 -29.55
C PRO C 797 6.76 44.00 -29.06
N SER C 798 6.45 42.77 -29.49
CA SER C 798 7.18 41.60 -29.01
C SER C 798 8.61 41.53 -29.54
N LYS C 799 8.91 42.26 -30.61
CA LYS C 799 10.23 42.23 -31.26
C LYS C 799 10.59 40.80 -31.69
N ARG C 800 9.73 40.21 -32.51
CA ARG C 800 9.91 38.86 -33.02
C ARG C 800 9.84 38.85 -34.53
N SER C 801 10.55 37.91 -35.14
CA SER C 801 10.49 37.74 -36.59
C SER C 801 9.11 37.22 -37.00
N PRO C 802 8.70 37.47 -38.25
CA PRO C 802 7.37 37.00 -38.68
C PRO C 802 7.18 35.50 -38.54
N ILE C 803 8.22 34.72 -38.82
CA ILE C 803 8.10 33.25 -38.71
C ILE C 803 7.89 32.86 -37.25
N GLU C 804 8.58 33.52 -36.32
CA GLU C 804 8.37 33.24 -34.91
C GLU C 804 6.95 33.58 -34.49
N ASP C 805 6.41 34.69 -34.99
CA ASP C 805 5.02 35.02 -34.70
C ASP C 805 4.06 33.97 -35.24
N LEU C 806 4.32 33.49 -36.45
CA LEU C 806 3.49 32.43 -37.01
C LEU C 806 3.55 31.17 -36.15
N LEU C 807 4.75 30.79 -35.70
CA LEU C 807 4.89 29.62 -34.85
C LEU C 807 4.17 29.80 -33.52
N PHE C 808 4.28 30.99 -32.93
CA PHE C 808 3.63 31.24 -31.65
C PHE C 808 2.11 31.22 -31.78
N ASN C 809 1.59 31.74 -32.89
CA ASN C 809 0.14 31.75 -33.08
C ASN C 809 -0.40 30.37 -33.44
N LYS C 810 0.38 29.56 -34.17
CA LYS C 810 -0.11 28.24 -34.56
C LYS C 810 -0.29 27.33 -33.35
N VAL C 811 0.61 27.41 -32.38
CA VAL C 811 0.54 26.56 -31.18
C VAL C 811 -0.41 27.27 -30.21
N THR C 812 -1.69 26.97 -30.35
CA THR C 812 -2.74 27.56 -29.52
C THR C 812 -3.42 26.45 -28.74
N LEU C 813 -3.00 26.26 -27.48
CA LEU C 813 -3.58 25.23 -26.63
C LEU C 813 -3.65 25.71 -25.18
N GLN C 838 -5.65 27.60 -12.12
CA GLN C 838 -4.39 26.89 -12.27
C GLN C 838 -4.19 25.89 -11.15
N LYS C 839 -4.56 26.29 -9.94
CA LYS C 839 -4.40 25.45 -8.75
C LYS C 839 -5.72 24.76 -8.43
N PHE C 840 -5.67 23.45 -8.19
CA PHE C 840 -6.86 22.67 -7.92
C PHE C 840 -6.92 22.14 -6.50
N ASN C 841 -5.91 21.37 -6.08
CA ASN C 841 -5.92 20.75 -4.75
C ASN C 841 -4.51 20.71 -4.17
N GLY C 842 -3.78 21.82 -4.28
CA GLY C 842 -2.39 21.84 -3.93
C GLY C 842 -1.46 21.56 -5.08
N LEU C 843 -1.96 21.63 -6.31
CA LEU C 843 -1.18 21.35 -7.51
C LEU C 843 -0.92 22.67 -8.21
N THR C 844 0.32 23.14 -8.16
CA THR C 844 0.69 24.44 -8.70
C THR C 844 1.61 24.29 -9.89
N VAL C 845 1.70 25.36 -10.68
CA VAL C 845 2.56 25.41 -11.85
C VAL C 845 3.52 26.58 -11.67
N LEU C 846 4.81 26.31 -11.83
CA LEU C 846 5.81 27.35 -11.65
C LEU C 846 6.20 27.97 -12.99
N PRO C 847 6.58 29.25 -13.00
CA PRO C 847 6.95 29.89 -14.26
C PRO C 847 8.40 29.63 -14.61
N PRO C 848 8.74 29.58 -15.90
CA PRO C 848 10.15 29.39 -16.28
C PRO C 848 10.99 30.60 -15.90
N LEU C 849 12.28 30.33 -15.68
CA LEU C 849 13.19 31.39 -15.28
C LEU C 849 13.37 32.43 -16.38
N LEU C 850 13.47 31.99 -17.63
CA LEU C 850 13.71 32.89 -18.76
C LEU C 850 12.40 33.14 -19.49
N THR C 851 12.07 34.42 -19.67
CA THR C 851 10.88 34.78 -20.42
C THR C 851 11.13 34.60 -21.92
N ASP C 852 10.06 34.77 -22.70
CA ASP C 852 10.16 34.59 -24.14
C ASP C 852 11.02 35.66 -24.80
N GLU C 853 10.98 36.89 -24.27
CA GLU C 853 11.77 37.97 -24.85
C GLU C 853 13.26 37.70 -24.74
N MET C 854 13.70 37.10 -23.63
CA MET C 854 15.11 36.78 -23.47
C MET C 854 15.55 35.72 -24.48
N ILE C 855 14.70 34.71 -24.72
CA ILE C 855 15.02 33.70 -25.73
C ILE C 855 15.09 34.33 -27.11
N ALA C 856 14.17 35.25 -27.40
CA ALA C 856 14.21 35.96 -28.68
C ALA C 856 15.50 36.77 -28.82
N GLN C 857 15.93 37.40 -27.73
CA GLN C 857 17.18 38.15 -27.76
C GLN C 857 18.37 37.23 -28.03
N TYR C 858 18.38 36.06 -27.39
CA TYR C 858 19.46 35.09 -27.65
C TYR C 858 19.48 34.66 -29.11
N THR C 859 18.29 34.36 -29.67
CA THR C 859 18.21 33.96 -31.06
C THR C 859 18.68 35.07 -31.99
N SER C 860 18.29 36.31 -31.69
CA SER C 860 18.71 37.44 -32.52
C SER C 860 20.23 37.62 -32.45
N ALA C 861 20.81 37.46 -31.27
CA ALA C 861 22.26 37.56 -31.14
C ALA C 861 22.96 36.48 -31.96
N LEU C 862 22.45 35.25 -31.90
CA LEU C 862 23.05 34.18 -32.70
C LEU C 862 22.93 34.47 -34.18
N LEU C 863 21.78 34.96 -34.63
CA LEU C 863 21.59 35.26 -36.04
C LEU C 863 22.54 36.35 -36.51
N ALA C 864 22.67 37.42 -35.72
CA ALA C 864 23.58 38.50 -36.08
C ALA C 864 25.01 38.01 -36.13
N GLY C 865 25.41 37.18 -35.15
CA GLY C 865 26.76 36.65 -35.13
C GLY C 865 27.06 35.78 -36.34
N THR C 866 26.12 34.90 -36.71
CA THR C 866 26.36 34.02 -37.85
C THR C 866 26.21 34.73 -39.18
N ILE C 867 25.56 35.90 -39.22
CA ILE C 867 25.45 36.64 -40.47
C ILE C 867 26.69 37.50 -40.69
N THR C 868 27.09 38.27 -39.68
CA THR C 868 28.15 39.26 -39.85
C THR C 868 29.54 38.71 -39.58
N SER C 869 29.67 37.49 -39.07
CA SER C 869 31.00 36.98 -38.75
C SER C 869 31.29 35.62 -39.37
N GLY C 870 30.30 34.75 -39.46
CA GLY C 870 30.50 33.40 -39.95
C GLY C 870 30.67 32.41 -38.80
N TRP C 871 31.71 31.58 -38.88
CA TRP C 871 32.03 30.66 -37.80
C TRP C 871 33.13 31.18 -36.88
N THR C 872 33.59 32.42 -37.09
CA THR C 872 34.70 32.95 -36.31
C THR C 872 34.27 33.47 -34.94
N PHE C 873 32.98 33.66 -34.71
CA PHE C 873 32.51 34.15 -33.42
C PHE C 873 32.23 33.04 -32.43
N GLY C 874 32.33 31.78 -32.84
CA GLY C 874 32.16 30.65 -31.96
C GLY C 874 33.44 30.05 -31.43
N ALA C 875 34.60 30.55 -31.85
CA ALA C 875 35.88 30.03 -31.40
C ALA C 875 36.81 31.13 -30.88
N GLY C 876 36.28 32.33 -30.63
CA GLY C 876 37.08 33.43 -30.17
C GLY C 876 36.42 34.76 -30.48
N PRO C 877 37.22 35.80 -30.70
CA PRO C 877 36.67 37.09 -31.09
C PRO C 877 36.04 37.02 -32.47
N ALA C 878 35.01 37.84 -32.68
CA ALA C 878 34.31 37.88 -33.96
C ALA C 878 35.08 38.76 -34.94
N LEU C 879 35.19 38.27 -36.18
CA LEU C 879 35.93 38.96 -37.24
C LEU C 879 35.01 39.21 -38.42
N GLN C 880 35.13 40.39 -39.01
CA GLN C 880 34.28 40.79 -40.12
C GLN C 880 34.65 40.03 -41.40
N ILE C 881 33.65 39.82 -42.25
CA ILE C 881 33.86 39.27 -43.58
C ILE C 881 32.60 39.53 -44.41
N PRO C 882 32.73 39.99 -45.65
CA PRO C 882 31.55 40.17 -46.49
C PRO C 882 30.85 38.85 -46.76
N PHE C 883 29.53 38.92 -46.87
CA PHE C 883 28.71 37.72 -47.00
C PHE C 883 29.06 36.88 -48.23
N PRO C 884 29.20 37.45 -49.44
CA PRO C 884 29.59 36.60 -50.58
C PRO C 884 30.89 35.87 -50.39
N MET C 885 31.85 36.47 -49.67
CA MET C 885 33.13 35.80 -49.45
C MET C 885 32.98 34.57 -48.56
N GLN C 886 32.19 34.68 -47.49
CA GLN C 886 31.97 33.50 -46.66
C GLN C 886 31.11 32.47 -47.36
N MET C 887 30.21 32.90 -48.26
CA MET C 887 29.48 31.93 -49.06
C MET C 887 30.41 31.19 -50.01
N ALA C 888 31.40 31.90 -50.57
CA ALA C 888 32.41 31.24 -51.40
C ALA C 888 33.22 30.25 -50.58
N TYR C 889 33.56 30.60 -49.34
CA TYR C 889 34.25 29.67 -48.47
C TYR C 889 33.40 28.44 -48.18
N ARG C 890 32.09 28.63 -47.99
CA ARG C 890 31.23 27.50 -47.68
C ARG C 890 31.02 26.60 -48.90
N PHE C 891 31.04 27.17 -50.11
CA PHE C 891 31.11 26.33 -51.30
C PHE C 891 32.44 25.60 -51.39
N ASN C 892 33.54 26.28 -51.08
CA ASN C 892 34.85 25.63 -51.08
C ASN C 892 34.92 24.50 -50.07
N GLY C 893 34.10 24.55 -49.03
CA GLY C 893 34.09 23.51 -48.02
C GLY C 893 33.39 22.22 -48.42
N ILE C 894 32.77 22.18 -49.59
CA ILE C 894 32.09 20.97 -50.07
C ILE C 894 32.65 20.51 -51.41
N GLY C 895 33.86 20.93 -51.76
CA GLY C 895 34.51 20.47 -52.97
C GLY C 895 34.15 21.22 -54.24
N VAL C 896 33.68 22.45 -54.14
CA VAL C 896 33.34 23.27 -55.29
C VAL C 896 34.22 24.51 -55.27
N THR C 897 34.81 24.83 -56.42
CA THR C 897 35.76 25.94 -56.49
C THR C 897 35.03 27.28 -56.30
N GLN C 898 35.82 28.31 -56.00
CA GLN C 898 35.26 29.62 -55.67
C GLN C 898 34.52 30.23 -56.85
N ASN C 899 35.09 30.14 -58.06
CA ASN C 899 34.56 30.87 -59.20
C ASN C 899 33.16 30.47 -59.58
N VAL C 900 32.67 29.34 -59.08
CA VAL C 900 31.28 28.96 -59.33
C VAL C 900 30.33 29.97 -58.70
N LEU C 901 30.62 30.41 -57.47
CA LEU C 901 29.74 31.37 -56.80
C LEU C 901 29.83 32.75 -57.46
N TYR C 902 31.05 33.25 -57.67
CA TYR C 902 31.24 34.62 -58.13
C TYR C 902 30.65 34.85 -59.51
N GLU C 903 30.51 33.81 -60.32
CA GLU C 903 29.92 33.91 -61.65
C GLU C 903 28.45 33.52 -61.68
N ASN C 904 27.84 33.28 -60.51
CA ASN C 904 26.41 33.01 -60.43
C ASN C 904 25.76 33.72 -59.26
N GLN C 905 26.42 34.75 -58.71
CA GLN C 905 25.97 35.37 -57.47
C GLN C 905 24.54 35.89 -57.58
N LYS C 906 24.20 36.51 -58.72
CA LYS C 906 22.84 37.00 -58.89
C LYS C 906 21.84 35.86 -58.92
N LEU C 907 22.17 34.75 -59.58
CA LEU C 907 21.22 33.66 -59.70
C LEU C 907 20.99 32.97 -58.36
N ILE C 908 22.09 32.57 -57.71
CA ILE C 908 21.99 31.75 -56.49
C ILE C 908 21.15 32.45 -55.44
N ALA C 909 21.46 33.72 -55.18
CA ALA C 909 20.71 34.51 -54.21
C ALA C 909 19.22 34.43 -54.49
N ASN C 910 18.84 34.62 -55.77
CA ASN C 910 17.43 34.54 -56.13
C ASN C 910 16.83 33.24 -55.64
N GLN C 911 17.46 32.11 -55.99
CA GLN C 911 16.98 30.82 -55.55
C GLN C 911 16.77 30.81 -54.04
N PHE C 912 17.79 31.25 -53.31
CA PHE C 912 17.71 31.28 -51.85
C PHE C 912 16.45 32.01 -51.41
N ASN C 913 16.24 33.22 -51.95
CA ASN C 913 15.09 34.01 -51.54
C ASN C 913 13.81 33.22 -51.74
N SER C 914 13.65 32.60 -52.91
CA SER C 914 12.43 31.86 -53.20
C SER C 914 12.20 30.79 -52.15
N ALA C 915 13.26 30.05 -51.80
CA ALA C 915 13.10 28.98 -50.82
C ALA C 915 12.52 29.52 -49.52
N ILE C 916 13.04 30.67 -49.06
CA ILE C 916 12.58 31.23 -47.79
C ILE C 916 11.08 31.45 -47.85
N GLY C 917 10.59 31.97 -48.98
CA GLY C 917 9.16 32.23 -49.10
C GLY C 917 8.33 30.99 -48.86
N LYS C 918 8.77 29.86 -49.43
CA LYS C 918 7.98 28.64 -49.28
C LYS C 918 7.91 28.17 -47.84
N ILE C 919 8.88 28.55 -47.01
CA ILE C 919 8.83 28.18 -45.60
C ILE C 919 7.61 28.82 -44.94
N GLN C 920 7.22 30.01 -45.39
CA GLN C 920 6.04 30.66 -44.84
C GLN C 920 4.77 29.91 -45.18
N ASP C 921 4.78 29.02 -46.18
CA ASP C 921 3.56 28.36 -46.61
C ASP C 921 3.43 26.95 -46.03
N SER C 922 4.50 26.14 -46.14
CA SER C 922 4.40 24.74 -45.74
C SER C 922 4.02 24.59 -44.28
N LEU C 923 4.63 25.40 -43.40
CA LEU C 923 4.22 25.39 -42.00
C LEU C 923 2.81 25.92 -41.83
N PHE C 924 2.44 26.96 -42.58
CA PHE C 924 1.14 27.59 -42.38
C PHE C 924 0.01 26.73 -42.94
N SER C 925 0.21 26.13 -44.11
CA SER C 925 -0.85 25.34 -44.72
C SER C 925 -1.08 24.04 -43.96
N THR C 926 -0.04 23.22 -43.85
CA THR C 926 -0.17 21.96 -43.13
C THR C 926 -0.20 22.22 -41.63
N PRO C 927 -1.25 21.79 -40.91
CA PRO C 927 -1.29 22.02 -39.47
C PRO C 927 -0.65 20.93 -38.62
N SER C 928 -0.26 19.81 -39.22
CA SER C 928 0.33 18.69 -38.49
C SER C 928 1.85 18.77 -38.40
N ALA C 929 2.46 19.84 -38.92
CA ALA C 929 3.91 19.95 -38.86
C ALA C 929 4.39 20.08 -37.42
N LEU C 930 3.73 20.91 -36.62
CA LEU C 930 4.12 21.13 -35.23
C LEU C 930 3.37 20.20 -34.29
N GLY C 931 3.45 18.90 -34.56
CA GLY C 931 2.84 17.91 -33.69
C GLY C 931 3.75 17.47 -32.57
N LYS C 932 5.05 17.75 -32.73
CA LYS C 932 6.01 17.39 -31.69
C LYS C 932 5.85 18.28 -30.46
N LEU C 933 5.59 19.58 -30.66
CA LEU C 933 5.50 20.50 -29.54
C LEU C 933 4.12 20.49 -28.90
N GLN C 934 3.09 20.12 -29.65
CA GLN C 934 1.74 20.09 -29.07
C GLN C 934 1.61 18.98 -28.04
N ASP C 935 2.21 17.81 -28.30
CA ASP C 935 2.07 16.68 -27.40
C ASP C 935 2.58 17.01 -26.01
N VAL C 936 3.73 17.69 -25.94
CA VAL C 936 4.27 18.11 -24.65
C VAL C 936 3.25 18.98 -23.91
N VAL C 937 2.58 19.87 -24.64
CA VAL C 937 1.54 20.68 -24.02
C VAL C 937 0.34 19.82 -23.64
N ASN C 938 0.03 18.82 -24.47
CA ASN C 938 -1.15 17.99 -24.23
C ASN C 938 -0.94 17.04 -23.06
N HIS C 939 0.09 16.20 -23.15
CA HIS C 939 0.24 15.08 -22.22
C HIS C 939 0.16 15.54 -20.78
N ASN C 940 0.98 16.53 -20.41
CA ASN C 940 1.00 17.02 -19.05
C ASN C 940 -0.41 17.38 -18.59
N ALA C 941 -1.10 18.18 -19.39
CA ALA C 941 -2.46 18.57 -19.03
C ALA C 941 -3.32 17.35 -18.76
N GLN C 942 -3.31 16.40 -19.69
CA GLN C 942 -4.09 15.18 -19.51
C GLN C 942 -3.76 14.54 -18.18
N ALA C 943 -2.46 14.36 -17.90
CA ALA C 943 -2.06 13.71 -16.66
C ALA C 943 -2.67 14.42 -15.47
N LEU C 944 -2.56 15.76 -15.44
CA LEU C 944 -3.06 16.51 -14.31
C LEU C 944 -4.54 16.23 -14.09
N ASN C 945 -5.32 16.25 -15.18
CA ASN C 945 -6.75 16.00 -15.06
C ASN C 945 -6.99 14.66 -14.39
N THR C 946 -6.28 13.62 -14.85
CA THR C 946 -6.45 12.30 -14.27
C THR C 946 -6.28 12.35 -12.77
N LEU C 947 -5.22 13.02 -12.31
CA LEU C 947 -4.96 13.10 -10.87
C LEU C 947 -6.18 13.63 -10.14
N VAL C 948 -6.75 14.74 -10.63
CA VAL C 948 -7.89 15.34 -9.96
C VAL C 948 -9.05 14.36 -9.93
N LYS C 949 -9.27 13.66 -11.05
CA LYS C 949 -10.38 12.71 -11.11
C LYS C 949 -10.21 11.61 -10.08
N GLN C 950 -8.96 11.24 -9.77
CA GLN C 950 -8.72 10.18 -8.79
C GLN C 950 -9.18 10.56 -7.40
N LEU C 951 -9.48 11.84 -7.15
CA LEU C 951 -10.00 12.26 -5.86
C LEU C 951 -11.47 11.93 -5.68
N SER C 952 -12.16 11.46 -6.73
CA SER C 952 -13.58 11.19 -6.66
C SER C 952 -13.89 9.70 -6.60
N SER C 953 -12.92 8.87 -6.28
CA SER C 953 -13.09 7.42 -6.23
C SER C 953 -13.24 6.94 -4.79
N LYS C 954 -13.88 5.78 -4.64
CA LYS C 954 -14.11 5.20 -3.33
C LYS C 954 -12.97 4.29 -2.86
N PHE C 955 -12.33 3.58 -3.79
CA PHE C 955 -11.26 2.63 -3.47
C PHE C 955 -11.73 1.58 -2.46
N GLY C 956 -12.96 1.13 -2.63
CA GLY C 956 -13.50 0.09 -1.76
C GLY C 956 -13.95 0.56 -0.39
N ALA C 957 -14.10 1.86 -0.18
CA ALA C 957 -14.53 2.41 1.09
C ALA C 957 -16.00 2.75 1.03
N ILE C 958 -16.50 3.37 2.11
CA ILE C 958 -17.92 3.72 2.17
C ILE C 958 -18.23 4.86 1.21
N SER C 959 -17.39 5.90 1.21
CA SER C 959 -17.62 7.05 0.35
C SER C 959 -16.28 7.75 0.10
N SER C 960 -16.32 8.82 -0.68
CA SER C 960 -15.13 9.58 -1.04
C SER C 960 -14.96 10.85 -0.21
N VAL C 961 -15.80 11.05 0.81
CA VAL C 961 -15.77 12.26 1.62
C VAL C 961 -15.29 11.88 3.01
N LEU C 962 -14.21 12.53 3.46
CA LEU C 962 -13.69 12.28 4.80
C LEU C 962 -14.68 12.69 5.88
N ASN C 963 -15.36 13.83 5.67
CA ASN C 963 -16.31 14.31 6.66
C ASN C 963 -17.47 13.34 6.84
N ASP C 964 -17.97 12.77 5.73
CA ASP C 964 -19.07 11.82 5.84
C ASP C 964 -18.66 10.58 6.62
N ILE C 965 -17.43 10.09 6.39
CA ILE C 965 -16.93 8.96 7.18
C ILE C 965 -16.83 9.34 8.64
N LEU C 966 -16.30 10.53 8.94
CA LEU C 966 -16.13 10.95 10.33
C LEU C 966 -17.44 11.30 11.00
N SER C 967 -18.47 11.65 10.25
CA SER C 967 -19.76 12.07 10.81
C SER C 967 -20.79 10.96 10.79
N ARG C 968 -20.42 9.74 10.39
CA ARG C 968 -21.40 8.66 10.33
C ARG C 968 -20.85 7.34 10.85
N LEU C 969 -19.82 7.36 11.70
CA LEU C 969 -19.25 6.13 12.22
C LEU C 969 -18.48 6.45 13.51
N ASP C 970 -18.27 5.41 14.30
CA ASP C 970 -17.53 5.56 15.54
C ASP C 970 -16.04 5.79 15.25
N PRO C 971 -15.35 6.54 16.11
CA PRO C 971 -13.91 6.76 15.92
C PRO C 971 -13.12 5.46 15.87
N PRO C 972 -13.46 4.43 16.66
CA PRO C 972 -12.72 3.17 16.52
C PRO C 972 -12.79 2.55 15.13
N GLU C 973 -13.91 2.71 14.42
CA GLU C 973 -14.08 2.09 13.11
C GLU C 973 -13.84 3.05 11.95
N ALA C 974 -13.53 4.32 12.23
CA ALA C 974 -13.26 5.27 11.14
C ALA C 974 -11.89 5.07 10.53
N GLU C 975 -10.93 4.56 11.30
CA GLU C 975 -9.55 4.43 10.81
C GLU C 975 -9.48 3.44 9.65
N VAL C 976 -10.23 2.35 9.72
CA VAL C 976 -10.22 1.36 8.66
C VAL C 976 -10.70 1.97 7.35
N GLN C 977 -11.77 2.77 7.42
CA GLN C 977 -12.28 3.43 6.22
C GLN C 977 -11.29 4.47 5.70
N ILE C 978 -10.65 5.21 6.60
CA ILE C 978 -9.70 6.25 6.17
C ILE C 978 -8.48 5.63 5.48
N ASP C 979 -8.05 4.45 5.95
CA ASP C 979 -6.84 3.82 5.42
C ASP C 979 -6.96 3.53 3.93
N ARG C 980 -8.15 3.10 3.48
CA ARG C 980 -8.34 2.77 2.08
C ARG C 980 -8.13 4.01 1.19
N LEU C 981 -8.75 5.13 1.58
CA LEU C 981 -8.59 6.36 0.83
C LEU C 981 -7.13 6.80 0.82
N ILE C 982 -6.46 6.73 1.98
CA ILE C 982 -5.08 7.17 2.07
C ILE C 982 -4.20 6.35 1.13
N THR C 983 -4.36 5.02 1.17
CA THR C 983 -3.49 4.16 0.37
C THR C 983 -3.81 4.25 -1.12
N GLY C 984 -5.05 4.57 -1.49
CA GLY C 984 -5.33 4.83 -2.90
C GLY C 984 -4.70 6.10 -3.41
N ARG C 985 -4.87 7.20 -2.65
CA ARG C 985 -4.38 8.49 -3.10
C ARG C 985 -2.85 8.52 -3.15
N LEU C 986 -2.20 7.90 -2.17
CA LEU C 986 -0.73 7.86 -2.19
C LEU C 986 -0.22 7.11 -3.41
N GLN C 987 -0.86 5.99 -3.76
CA GLN C 987 -0.47 5.24 -4.95
C GLN C 987 -0.67 6.06 -6.22
N SER C 988 -1.77 6.82 -6.29
CA SER C 988 -1.99 7.69 -7.44
C SER C 988 -0.86 8.70 -7.58
N LEU C 989 -0.46 9.32 -6.47
CA LEU C 989 0.64 10.28 -6.52
C LEU C 989 1.93 9.62 -6.97
N GLN C 990 2.21 8.41 -6.47
CA GLN C 990 3.44 7.73 -6.85
C GLN C 990 3.47 7.42 -8.35
N THR C 991 2.34 6.97 -8.89
CA THR C 991 2.28 6.70 -10.33
C THR C 991 2.53 7.97 -11.14
N TYR C 992 1.90 9.07 -10.73
CA TYR C 992 2.11 10.34 -11.42
C TYR C 992 3.58 10.73 -11.42
N VAL C 993 4.24 10.62 -10.25
CA VAL C 993 5.63 11.03 -10.14
C VAL C 993 6.53 10.17 -11.02
N THR C 994 6.31 8.85 -11.03
CA THR C 994 7.15 7.97 -11.84
C THR C 994 7.01 8.29 -13.33
N GLN C 995 5.78 8.48 -13.79
CA GLN C 995 5.58 8.78 -15.21
C GLN C 995 6.22 10.11 -15.57
N GLN C 996 6.12 11.09 -14.67
CA GLN C 996 6.77 12.38 -14.90
C GLN C 996 8.29 12.23 -15.01
N LEU C 997 8.87 11.39 -14.16
CA LEU C 997 10.32 11.17 -14.23
C LEU C 997 10.73 10.58 -15.58
N ILE C 998 9.98 9.60 -16.07
CA ILE C 998 10.31 8.99 -17.35
C ILE C 998 10.23 10.03 -18.48
N ARG C 999 9.15 10.80 -18.50
CA ARG C 999 9.01 11.82 -19.54
C ARG C 999 10.12 12.87 -19.44
N ALA C 1000 10.54 13.20 -18.21
CA ALA C 1000 11.64 14.15 -18.04
C ALA C 1000 12.93 13.61 -18.62
N ALA C 1001 13.20 12.32 -18.44
CA ALA C 1001 14.39 11.73 -19.03
C ALA C 1001 14.36 11.83 -20.56
N GLU C 1002 13.20 11.53 -21.16
CA GLU C 1002 13.09 11.63 -22.61
C GLU C 1002 13.32 13.06 -23.09
N ILE C 1003 12.73 14.03 -22.39
CA ILE C 1003 12.88 15.44 -22.77
C ILE C 1003 14.34 15.87 -22.64
N ARG C 1004 15.03 15.36 -21.61
CA ARG C 1004 16.45 15.69 -21.46
C ARG C 1004 17.27 15.17 -22.63
N ALA C 1005 16.98 13.94 -23.08
CA ALA C 1005 17.68 13.43 -24.26
C ALA C 1005 17.43 14.32 -25.48
N SER C 1006 16.18 14.72 -25.69
CA SER C 1006 15.89 15.59 -26.82
C SER C 1006 16.63 16.92 -26.71
N ALA C 1007 16.69 17.49 -25.50
CA ALA C 1007 17.38 18.76 -25.30
C ALA C 1007 18.87 18.63 -25.57
N ASN C 1008 19.48 17.52 -25.18
CA ASN C 1008 20.90 17.30 -25.48
C ASN C 1008 21.13 17.24 -26.99
N LEU C 1009 20.24 16.54 -27.71
CA LEU C 1009 20.37 16.51 -29.17
C LEU C 1009 20.24 17.91 -29.76
N ALA C 1010 19.29 18.70 -29.27
CA ALA C 1010 19.12 20.06 -29.77
C ALA C 1010 20.35 20.91 -29.51
N ALA C 1011 20.95 20.78 -28.33
CA ALA C 1011 22.15 21.54 -28.02
C ALA C 1011 23.30 21.15 -28.95
N THR C 1012 23.46 19.85 -29.22
CA THR C 1012 24.49 19.42 -30.14
C THR C 1012 24.26 20.00 -31.54
N LYS C 1013 23.01 19.98 -32.01
CA LYS C 1013 22.71 20.54 -33.33
C LYS C 1013 22.99 22.03 -33.38
N MET C 1014 22.68 22.75 -32.30
CA MET C 1014 22.99 24.17 -32.24
C MET C 1014 24.50 24.41 -32.30
N SER C 1015 25.27 23.59 -31.60
CA SER C 1015 26.71 23.75 -31.60
C SER C 1015 27.31 23.48 -32.97
N GLU C 1016 26.85 22.43 -33.65
CA GLU C 1016 27.54 21.98 -34.86
C GLU C 1016 27.01 22.59 -36.15
N CYS C 1017 25.69 22.74 -36.28
CA CYS C 1017 25.12 23.22 -37.54
C CYS C 1017 25.06 24.73 -37.63
N VAL C 1018 24.99 25.44 -36.51
CA VAL C 1018 24.83 26.89 -36.52
C VAL C 1018 26.17 27.60 -36.40
N LEU C 1019 27.01 27.19 -35.45
CA LEU C 1019 28.28 27.86 -35.21
C LEU C 1019 29.38 27.39 -36.14
N GLY C 1020 29.09 26.44 -37.03
CA GLY C 1020 30.08 25.96 -37.97
C GLY C 1020 29.41 25.18 -39.08
N GLN C 1021 30.24 24.66 -39.97
CA GLN C 1021 29.78 23.86 -41.10
C GLN C 1021 30.11 22.40 -40.82
N SER C 1022 29.12 21.52 -41.00
CA SER C 1022 29.24 20.12 -40.63
C SER C 1022 29.53 19.26 -41.85
N LYS C 1023 30.24 18.16 -41.60
CA LYS C 1023 30.52 17.17 -42.63
C LYS C 1023 29.84 15.84 -42.37
N ARG C 1024 29.17 15.69 -41.23
CA ARG C 1024 28.40 14.48 -40.96
C ARG C 1024 27.24 14.38 -41.92
N VAL C 1025 27.06 13.21 -42.53
CA VAL C 1025 26.06 13.04 -43.58
C VAL C 1025 24.67 13.03 -42.97
N ASP C 1026 23.78 13.84 -43.53
CA ASP C 1026 22.36 13.86 -43.17
C ASP C 1026 22.14 14.25 -41.71
N PHE C 1027 23.05 15.06 -41.16
CA PHE C 1027 22.92 15.54 -39.79
C PHE C 1027 22.27 16.92 -39.69
N CYS C 1028 22.65 17.85 -40.57
CA CYS C 1028 22.07 19.18 -40.61
C CYS C 1028 21.32 19.41 -41.91
N GLY C 1029 20.55 18.42 -42.34
CA GLY C 1029 19.77 18.50 -43.55
C GLY C 1029 20.18 17.45 -44.57
N LYS C 1030 19.32 17.31 -45.58
CA LYS C 1030 19.53 16.34 -46.65
C LYS C 1030 20.25 17.03 -47.80
N GLY C 1031 21.51 16.64 -48.03
CA GLY C 1031 22.35 17.22 -49.05
C GLY C 1031 23.69 17.61 -48.46
N TYR C 1032 24.41 18.47 -49.16
CA TYR C 1032 25.68 19.01 -48.67
C TYR C 1032 25.40 20.28 -47.87
N HIS C 1033 25.77 20.27 -46.60
CA HIS C 1033 25.39 21.35 -45.69
C HIS C 1033 26.08 22.65 -46.06
N LEU C 1034 25.34 23.75 -45.91
CA LEU C 1034 25.88 25.09 -46.10
C LEU C 1034 25.81 25.93 -44.84
N MET C 1035 24.64 26.07 -44.22
CA MET C 1035 24.46 26.86 -43.01
C MET C 1035 23.06 26.59 -42.46
N SER C 1036 22.82 27.08 -41.25
CA SER C 1036 21.54 26.90 -40.58
C SER C 1036 21.22 28.13 -39.75
N PHE C 1037 19.93 28.32 -39.48
CA PHE C 1037 19.45 29.44 -38.69
C PHE C 1037 18.46 28.96 -37.63
N PRO C 1038 18.55 29.48 -36.41
CA PRO C 1038 17.61 29.08 -35.37
C PRO C 1038 16.41 30.02 -35.26
N GLN C 1039 15.28 29.44 -34.85
CA GLN C 1039 14.08 30.20 -34.51
C GLN C 1039 13.46 29.60 -33.26
N SER C 1040 13.06 30.46 -32.34
CA SER C 1040 12.49 30.00 -31.09
C SER C 1040 11.05 29.54 -31.30
N ALA C 1041 10.55 28.79 -30.32
CA ALA C 1041 9.21 28.23 -30.37
C ALA C 1041 8.79 27.88 -28.95
N PRO C 1042 7.49 27.75 -28.69
CA PRO C 1042 7.04 27.34 -27.35
C PRO C 1042 7.52 25.94 -26.98
N HIS C 1043 8.38 25.87 -25.97
CA HIS C 1043 8.90 24.60 -25.45
C HIS C 1043 9.71 23.85 -26.51
N GLY C 1044 10.42 24.58 -27.35
CA GLY C 1044 11.20 23.93 -28.39
C GLY C 1044 12.01 24.92 -29.19
N VAL C 1045 12.49 24.46 -30.34
CA VAL C 1045 13.31 25.26 -31.24
C VAL C 1045 13.13 24.71 -32.64
N VAL C 1046 13.30 25.57 -33.64
CA VAL C 1046 13.13 25.20 -35.05
C VAL C 1046 14.37 25.61 -35.81
N PHE C 1047 14.88 24.70 -36.64
CA PHE C 1047 16.09 24.92 -37.43
C PHE C 1047 15.75 25.03 -38.90
N LEU C 1048 16.43 25.94 -39.60
CA LEU C 1048 16.25 26.14 -41.04
C LEU C 1048 17.57 25.76 -41.71
N HIS C 1049 17.63 24.57 -42.28
CA HIS C 1049 18.85 24.05 -42.88
C HIS C 1049 18.92 24.42 -44.35
N VAL C 1050 20.06 24.99 -44.76
CA VAL C 1050 20.31 25.37 -46.15
C VAL C 1050 21.33 24.39 -46.72
N THR C 1051 20.96 23.71 -47.80
CA THR C 1051 21.83 22.69 -48.39
C THR C 1051 22.08 22.93 -49.87
N TYR C 1052 22.72 21.98 -50.52
CA TYR C 1052 23.10 22.09 -51.93
C TYR C 1052 22.79 20.78 -52.63
N VAL C 1053 22.11 20.85 -53.77
CA VAL C 1053 21.66 19.65 -54.46
C VAL C 1053 22.08 19.70 -55.94
N PRO C 1054 22.75 18.68 -56.45
CA PRO C 1054 23.10 18.66 -57.88
C PRO C 1054 21.90 18.36 -58.75
N ALA C 1055 22.04 18.66 -60.04
CA ALA C 1055 20.98 18.43 -61.01
C ALA C 1055 21.55 18.40 -62.42
N GLN C 1056 20.75 17.88 -63.35
CA GLN C 1056 21.05 17.90 -64.78
C GLN C 1056 22.36 17.19 -65.09
N GLU C 1057 22.37 15.88 -64.84
CA GLU C 1057 23.51 15.04 -65.13
C GLU C 1057 23.56 14.71 -66.62
N LYS C 1058 24.67 14.06 -67.03
CA LYS C 1058 24.89 13.75 -68.42
C LYS C 1058 25.79 12.52 -68.55
N ASN C 1059 25.61 11.78 -69.64
CA ASN C 1059 26.49 10.67 -69.96
C ASN C 1059 27.91 11.17 -70.23
N PHE C 1060 28.89 10.35 -69.84
CA PHE C 1060 30.28 10.64 -70.13
C PHE C 1060 31.08 9.35 -70.13
N THR C 1061 32.27 9.41 -70.74
CA THR C 1061 33.21 8.30 -70.79
C THR C 1061 34.47 8.69 -70.05
N THR C 1062 34.95 7.80 -69.18
CA THR C 1062 36.06 8.10 -68.29
C THR C 1062 37.19 7.09 -68.46
N ALA C 1063 38.30 7.37 -67.79
CA ALA C 1063 39.48 6.52 -67.81
C ALA C 1063 40.29 6.79 -66.56
N PRO C 1064 40.97 5.77 -66.01
CA PRO C 1064 41.69 5.97 -64.75
C PRO C 1064 43.01 6.73 -64.92
N ALA C 1065 43.65 6.59 -66.08
CA ALA C 1065 44.95 7.19 -66.30
C ALA C 1065 45.13 7.50 -67.77
N ILE C 1066 46.11 8.37 -68.06
CA ILE C 1066 46.44 8.77 -69.42
C ILE C 1066 47.91 8.46 -69.67
N CYS C 1067 48.17 7.72 -70.74
CA CYS C 1067 49.53 7.30 -71.08
C CYS C 1067 50.13 8.26 -72.10
N HIS C 1068 51.32 8.76 -71.80
CA HIS C 1068 52.02 9.70 -72.68
C HIS C 1068 53.51 9.46 -72.56
N ASP C 1069 54.17 9.18 -73.70
CA ASP C 1069 55.60 8.92 -73.75
C ASP C 1069 55.99 7.78 -72.82
N GLY C 1070 55.14 6.76 -72.74
CA GLY C 1070 55.41 5.64 -71.87
C GLY C 1070 55.30 5.92 -70.40
N LYS C 1071 54.60 6.98 -70.02
CA LYS C 1071 54.42 7.34 -68.61
C LYS C 1071 52.94 7.51 -68.32
N ALA C 1072 52.53 7.03 -67.14
CA ALA C 1072 51.15 7.20 -66.71
C ALA C 1072 50.93 8.62 -66.20
N HIS C 1073 49.66 9.01 -66.10
CA HIS C 1073 49.31 10.33 -65.62
C HIS C 1073 48.00 10.25 -64.85
N PHE C 1074 47.98 10.83 -63.65
CA PHE C 1074 46.79 10.89 -62.82
C PHE C 1074 46.46 12.33 -62.47
N PRO C 1075 45.18 12.69 -62.40
CA PRO C 1075 44.83 14.07 -62.06
C PRO C 1075 45.11 14.37 -60.60
N ARG C 1076 45.45 15.63 -60.32
CA ARG C 1076 45.64 16.06 -58.94
C ARG C 1076 44.32 16.05 -58.19
N GLU C 1077 43.36 16.84 -58.65
CA GLU C 1077 41.98 16.78 -58.19
C GLU C 1077 41.07 16.85 -59.41
N GLY C 1078 40.13 15.92 -59.49
CA GLY C 1078 39.24 15.80 -60.63
C GLY C 1078 39.28 14.42 -61.23
N VAL C 1079 38.57 14.28 -62.35
CA VAL C 1079 38.43 13.00 -63.02
C VAL C 1079 38.57 13.22 -64.53
N PHE C 1080 39.30 12.32 -65.18
CA PHE C 1080 39.42 12.38 -66.64
C PHE C 1080 38.08 12.05 -67.28
N VAL C 1081 37.73 12.78 -68.34
CA VAL C 1081 36.44 12.66 -68.97
C VAL C 1081 36.57 13.00 -70.44
N SER C 1082 35.75 12.35 -71.27
CA SER C 1082 35.77 12.55 -72.71
C SER C 1082 34.38 12.86 -73.21
N ASN C 1083 34.28 13.82 -74.12
CA ASN C 1083 33.01 14.20 -74.72
C ASN C 1083 32.73 13.44 -76.01
N GLY C 1084 33.59 12.50 -76.39
CA GLY C 1084 33.39 11.72 -77.60
C GLY C 1084 34.60 11.69 -78.49
N THR C 1085 35.31 12.81 -78.57
CA THR C 1085 36.52 12.91 -79.39
C THR C 1085 37.72 13.44 -78.61
N HIS C 1086 37.50 14.36 -77.68
CA HIS C 1086 38.58 15.00 -76.94
C HIS C 1086 38.50 14.66 -75.47
N TRP C 1087 39.66 14.65 -74.81
CA TRP C 1087 39.76 14.30 -73.39
C TRP C 1087 40.01 15.55 -72.57
N PHE C 1088 39.31 15.65 -71.45
CA PHE C 1088 39.42 16.80 -70.55
C PHE C 1088 39.48 16.31 -69.12
N VAL C 1089 39.94 17.20 -68.23
CA VAL C 1089 39.94 16.95 -66.80
C VAL C 1089 39.00 17.96 -66.15
N THR C 1090 38.09 17.46 -65.31
CA THR C 1090 37.08 18.30 -64.69
C THR C 1090 36.88 17.87 -63.24
N GLN C 1091 36.32 18.78 -62.45
CA GLN C 1091 36.06 18.50 -61.05
C GLN C 1091 34.87 17.56 -60.92
N ARG C 1092 34.68 17.03 -59.71
CA ARG C 1092 33.77 15.92 -59.47
C ARG C 1092 32.36 16.35 -59.07
N ASN C 1093 32.07 17.65 -59.05
CA ASN C 1093 30.74 18.08 -58.62
C ASN C 1093 30.15 19.19 -59.49
N PHE C 1094 30.81 19.57 -60.58
CA PHE C 1094 30.30 20.59 -61.47
C PHE C 1094 31.05 20.49 -62.80
N TYR C 1095 30.31 20.39 -63.89
CA TYR C 1095 30.94 20.19 -65.19
C TYR C 1095 31.73 21.44 -65.58
N GLU C 1096 33.04 21.27 -65.74
CA GLU C 1096 33.93 22.35 -66.14
C GLU C 1096 35.18 21.77 -66.80
N PRO C 1097 35.13 21.53 -68.10
CA PRO C 1097 36.26 20.89 -68.78
C PRO C 1097 37.50 21.77 -68.78
N GLN C 1098 38.66 21.11 -68.75
CA GLN C 1098 39.95 21.80 -68.80
C GLN C 1098 40.87 21.04 -69.73
N ILE C 1099 41.87 21.76 -70.25
CA ILE C 1099 42.86 21.17 -71.13
C ILE C 1099 43.89 20.44 -70.29
N ILE C 1100 44.19 19.20 -70.65
CA ILE C 1100 45.14 18.40 -69.88
C ILE C 1100 46.54 18.99 -70.02
N THR C 1101 47.21 19.17 -68.89
CA THR C 1101 48.52 19.80 -68.86
C THR C 1101 49.27 19.22 -67.66
N THR C 1102 50.59 19.34 -67.69
CA THR C 1102 51.42 18.86 -66.59
C THR C 1102 51.17 19.63 -65.30
N ASP C 1103 50.50 20.78 -65.35
CA ASP C 1103 50.22 21.54 -64.14
C ASP C 1103 49.22 20.81 -63.25
N ASN C 1104 48.24 20.13 -63.84
CA ASN C 1104 47.16 19.51 -63.08
C ASN C 1104 47.27 17.98 -63.06
N THR C 1105 48.44 17.43 -63.40
CA THR C 1105 48.64 15.99 -63.38
C THR C 1105 50.01 15.67 -62.81
N PHE C 1106 50.14 14.46 -62.29
CA PHE C 1106 51.42 13.92 -61.83
C PHE C 1106 51.61 12.53 -62.42
N VAL C 1107 52.87 12.16 -62.65
CA VAL C 1107 53.17 10.93 -63.37
C VAL C 1107 53.17 9.74 -62.42
N SER C 1108 54.14 9.71 -61.51
CA SER C 1108 54.22 8.73 -60.43
C SER C 1108 53.85 7.32 -60.87
N GLY C 1109 54.58 6.80 -61.85
CA GLY C 1109 54.38 5.43 -62.26
C GLY C 1109 54.83 5.20 -63.69
N ASN C 1110 54.40 4.06 -64.22
CA ASN C 1110 54.72 3.61 -65.56
C ASN C 1110 53.46 3.11 -66.26
N CYS C 1111 53.51 3.09 -67.59
CA CYS C 1111 52.32 2.83 -68.39
C CYS C 1111 51.96 1.36 -68.51
N ASP C 1112 52.82 0.43 -68.07
CA ASP C 1112 52.63 -0.98 -68.34
C ASP C 1112 51.99 -1.75 -67.18
N VAL C 1113 51.46 -1.05 -66.18
CA VAL C 1113 50.88 -1.69 -65.00
C VAL C 1113 49.40 -1.38 -64.84
N VAL C 1114 48.99 -0.15 -65.10
CA VAL C 1114 47.61 0.26 -64.82
C VAL C 1114 46.66 -0.37 -65.82
N ILE C 1115 45.49 -0.77 -65.35
CA ILE C 1115 44.44 -1.38 -66.18
C ILE C 1115 43.49 -0.29 -66.64
N GLY C 1116 43.08 -0.35 -67.89
CA GLY C 1116 42.18 0.64 -68.45
C GLY C 1116 42.83 1.93 -68.87
N ILE C 1117 44.16 1.98 -68.97
CA ILE C 1117 44.85 3.20 -69.35
C ILE C 1117 44.52 3.54 -70.80
N VAL C 1118 44.58 4.84 -71.12
CA VAL C 1118 44.24 5.35 -72.44
C VAL C 1118 45.39 6.22 -72.93
N ASN C 1119 45.79 6.01 -74.18
CA ASN C 1119 46.91 6.74 -74.77
C ASN C 1119 46.42 8.06 -75.35
N ASN C 1120 47.11 9.15 -75.01
CA ASN C 1120 46.77 10.48 -75.49
C ASN C 1120 48.03 11.34 -75.33
N THR C 1121 47.88 12.65 -75.57
CA THR C 1121 48.97 13.59 -75.44
C THR C 1121 48.68 14.59 -74.34
N VAL C 1122 49.73 15.05 -73.66
CA VAL C 1122 49.63 16.02 -72.59
C VAL C 1122 50.53 17.20 -72.95
N TYR C 1123 49.92 18.36 -73.18
CA TYR C 1123 50.69 19.54 -73.50
C TYR C 1123 51.41 20.06 -72.26
N ASP C 1124 52.49 20.80 -72.49
CA ASP C 1124 53.29 21.35 -71.40
C ASP C 1124 52.86 22.78 -71.06
N SER D 1 -1.70 -24.11 45.09
CA SER D 1 -1.09 -24.47 46.37
C SER D 1 -1.57 -23.55 47.49
N THR D 2 -1.68 -22.26 47.18
CA THR D 2 -2.16 -21.30 48.16
C THR D 2 -3.62 -21.58 48.50
N ILE D 3 -3.98 -21.39 49.77
CA ILE D 3 -5.32 -21.71 50.24
C ILE D 3 -6.39 -20.93 49.51
N GLU D 4 -6.04 -19.77 48.93
CA GLU D 4 -7.03 -18.98 48.21
C GLU D 4 -7.61 -19.73 47.03
N GLU D 5 -6.74 -20.41 46.26
CA GLU D 5 -7.24 -21.20 45.13
C GLU D 5 -7.73 -22.58 45.56
N GLN D 6 -7.19 -23.11 46.66
CA GLN D 6 -7.70 -24.38 47.18
C GLN D 6 -9.15 -24.25 47.60
N ALA D 7 -9.51 -23.12 48.20
CA ALA D 7 -10.89 -22.89 48.60
C ALA D 7 -11.82 -22.92 47.39
N LYS D 8 -11.42 -22.29 46.29
CA LYS D 8 -12.29 -22.26 45.11
C LYS D 8 -12.34 -23.62 44.42
N THR D 9 -11.22 -24.34 44.40
CA THR D 9 -11.22 -25.68 43.82
C THR D 9 -12.05 -26.65 44.64
N PHE D 10 -12.17 -26.40 45.95
CA PHE D 10 -13.12 -27.17 46.75
C PHE D 10 -14.54 -26.70 46.51
N LEU D 11 -14.73 -25.38 46.32
CA LEU D 11 -16.06 -24.82 46.15
C LEU D 11 -16.72 -25.35 44.89
N ASP D 12 -16.11 -25.14 43.73
CA ASP D 12 -16.73 -25.52 42.46
C ASP D 12 -17.00 -27.01 42.39
N LYS D 13 -16.30 -27.82 43.19
CA LYS D 13 -16.59 -29.26 43.22
C LYS D 13 -17.98 -29.53 43.78
N PHE D 14 -18.35 -28.86 44.87
CA PHE D 14 -19.62 -29.15 45.53
C PHE D 14 -20.71 -28.14 45.23
N ASN D 15 -20.42 -27.08 44.46
CA ASN D 15 -21.44 -26.09 44.16
C ASN D 15 -22.62 -26.69 43.42
N HIS D 16 -22.36 -27.51 42.40
CA HIS D 16 -23.44 -28.11 41.63
C HIS D 16 -24.25 -29.09 42.49
N GLU D 17 -23.57 -29.89 43.31
CA GLU D 17 -24.26 -30.83 44.17
C GLU D 17 -25.12 -30.11 45.20
N ALA D 18 -24.60 -29.00 45.77
CA ALA D 18 -25.38 -28.22 46.71
C ALA D 18 -26.59 -27.60 46.04
N GLU D 19 -26.42 -27.11 44.81
CA GLU D 19 -27.56 -26.57 44.07
C GLU D 19 -28.62 -27.63 43.84
N ASP D 20 -28.20 -28.84 43.45
CA ASP D 20 -29.15 -29.92 43.22
C ASP D 20 -29.86 -30.32 44.51
N LEU D 21 -29.12 -30.40 45.62
CA LEU D 21 -29.73 -30.79 46.88
C LEU D 21 -30.72 -29.74 47.37
N PHE D 22 -30.36 -28.46 47.24
CA PHE D 22 -31.29 -27.39 47.60
C PHE D 22 -32.53 -27.42 46.72
N TYR D 23 -32.34 -27.68 45.42
CA TYR D 23 -33.49 -27.79 44.53
C TYR D 23 -34.40 -28.93 44.95
N GLN D 24 -33.83 -30.08 45.30
CA GLN D 24 -34.64 -31.22 45.70
C GLN D 24 -35.38 -30.95 47.02
N SER D 25 -34.69 -30.32 47.98
CA SER D 25 -35.33 -29.98 49.25
C SER D 25 -36.50 -29.01 49.03
N SER D 26 -36.28 -27.98 48.21
CA SER D 26 -37.35 -27.05 47.90
C SER D 26 -38.47 -27.72 47.14
N LEU D 27 -38.14 -28.70 46.29
CA LEU D 27 -39.16 -29.43 45.56
C LEU D 27 -40.06 -30.21 46.52
N ALA D 28 -39.45 -30.88 47.49
CA ALA D 28 -40.23 -31.61 48.49
C ALA D 28 -41.08 -30.65 49.33
N SER D 29 -40.51 -29.50 49.69
CA SER D 29 -41.27 -28.50 50.46
C SER D 29 -42.49 -28.02 49.67
N TRP D 30 -42.30 -27.69 48.39
CA TRP D 30 -43.40 -27.21 47.57
C TRP D 30 -44.43 -28.31 47.33
N ASN D 31 -43.97 -29.55 47.20
CA ASN D 31 -44.90 -30.66 47.06
C ASN D 31 -45.75 -30.83 48.30
N TYR D 32 -45.16 -30.73 49.49
CA TYR D 32 -45.98 -30.86 50.68
C TYR D 32 -46.92 -29.66 50.83
N ASN D 33 -46.44 -28.47 50.46
CA ASN D 33 -47.29 -27.28 50.54
C ASN D 33 -48.49 -27.40 49.62
N THR D 34 -48.28 -27.92 48.41
CA THR D 34 -49.39 -28.15 47.47
C THR D 34 -50.19 -29.39 47.85
N ASN D 35 -49.51 -30.45 48.31
CA ASN D 35 -50.14 -31.72 48.64
C ASN D 35 -49.95 -31.98 50.12
N ILE D 36 -51.01 -31.78 50.90
CA ILE D 36 -50.96 -31.93 52.36
C ILE D 36 -51.24 -33.41 52.64
N THR D 37 -50.17 -34.21 52.66
CA THR D 37 -50.27 -35.63 52.97
C THR D 37 -49.08 -36.04 53.82
N GLU D 38 -49.23 -37.18 54.50
CA GLU D 38 -48.16 -37.67 55.39
C GLU D 38 -46.90 -38.02 54.60
N GLU D 39 -47.06 -38.62 53.42
CA GLU D 39 -45.88 -38.94 52.62
C GLU D 39 -45.20 -37.68 52.10
N ASN D 40 -45.98 -36.63 51.83
CA ASN D 40 -45.40 -35.38 51.34
C ASN D 40 -44.57 -34.70 52.44
N VAL D 41 -45.09 -34.67 53.67
CA VAL D 41 -44.30 -34.10 54.76
C VAL D 41 -43.10 -35.00 55.08
N GLN D 42 -43.25 -36.31 54.92
CA GLN D 42 -42.11 -37.21 55.09
C GLN D 42 -41.01 -36.90 54.08
N ASN D 43 -41.39 -36.65 52.83
CA ASN D 43 -40.40 -36.27 51.83
C ASN D 43 -39.78 -34.90 52.14
N MET D 44 -40.59 -33.95 52.62
CA MET D 44 -40.02 -32.68 53.12
C MET D 44 -38.94 -32.92 54.15
N ASN D 45 -39.26 -33.69 55.19
CA ASN D 45 -38.34 -33.86 56.31
C ASN D 45 -37.11 -34.64 55.88
N ASN D 46 -37.27 -35.65 55.02
CA ASN D 46 -36.12 -36.40 54.54
C ASN D 46 -35.19 -35.54 53.68
N ALA D 47 -35.75 -34.77 52.73
CA ALA D 47 -34.92 -33.92 51.91
C ALA D 47 -34.21 -32.86 52.74
N GLY D 48 -34.93 -32.27 53.70
CA GLY D 48 -34.30 -31.34 54.62
C GLY D 48 -33.21 -31.99 55.45
N ASP D 49 -33.39 -33.26 55.81
CA ASP D 49 -32.38 -33.97 56.57
C ASP D 49 -31.11 -34.16 55.74
N LYS D 50 -31.26 -34.57 54.48
CA LYS D 50 -30.06 -34.68 53.64
C LYS D 50 -29.37 -33.33 53.48
N TRP D 51 -30.15 -32.26 53.24
CA TRP D 51 -29.53 -30.95 53.06
C TRP D 51 -28.80 -30.51 54.33
N SER D 52 -29.42 -30.69 55.49
CA SER D 52 -28.79 -30.31 56.75
C SER D 52 -27.54 -31.13 57.02
N ALA D 53 -27.60 -32.43 56.76
CA ALA D 53 -26.42 -33.28 56.97
C ALA D 53 -25.28 -32.86 56.04
N PHE D 54 -25.60 -32.59 54.77
CA PHE D 54 -24.57 -32.12 53.85
C PHE D 54 -23.95 -30.82 54.34
N LEU D 55 -24.78 -29.92 54.87
CA LEU D 55 -24.24 -28.72 55.51
C LEU D 55 -23.38 -29.07 56.72
N LYS D 56 -23.70 -30.15 57.43
CA LYS D 56 -22.90 -30.57 58.57
C LYS D 56 -21.49 -30.96 58.14
N GLU D 57 -21.37 -31.77 57.09
CA GLU D 57 -20.00 -32.06 56.62
C GLU D 57 -19.35 -30.83 55.99
N GLN D 58 -20.14 -29.99 55.32
CA GLN D 58 -19.57 -28.80 54.68
C GLN D 58 -19.01 -27.82 55.71
N SER D 59 -19.60 -27.78 56.91
CA SER D 59 -19.05 -26.92 57.96
C SER D 59 -17.62 -27.32 58.33
N THR D 60 -17.40 -28.62 58.54
CA THR D 60 -16.06 -29.09 58.83
C THR D 60 -15.12 -28.90 57.64
N LEU D 61 -15.63 -29.12 56.42
CA LEU D 61 -14.80 -28.93 55.24
C LEU D 61 -14.36 -27.47 55.10
N ALA D 62 -15.26 -26.53 55.37
CA ALA D 62 -14.90 -25.12 55.34
C ALA D 62 -13.94 -24.78 56.47
N GLN D 63 -14.15 -25.35 57.65
CA GLN D 63 -13.22 -25.13 58.77
C GLN D 63 -11.84 -25.69 58.47
N MET D 64 -11.74 -26.67 57.56
CA MET D 64 -10.43 -27.19 57.18
C MET D 64 -9.55 -26.10 56.58
N TYR D 65 -10.11 -25.27 55.70
CA TYR D 65 -9.34 -24.20 55.08
C TYR D 65 -9.24 -23.01 56.03
N PRO D 66 -8.04 -22.56 56.38
CA PRO D 66 -7.92 -21.37 57.22
C PRO D 66 -8.40 -20.13 56.49
N LEU D 67 -8.92 -19.17 57.26
CA LEU D 67 -9.48 -17.95 56.72
C LEU D 67 -8.48 -16.79 56.70
N GLN D 68 -7.24 -17.02 57.11
CA GLN D 68 -6.25 -15.95 57.12
C GLN D 68 -5.53 -15.79 55.78
N GLU D 69 -5.73 -16.73 54.85
CA GLU D 69 -5.22 -16.60 53.49
C GLU D 69 -6.30 -16.17 52.50
N ILE D 70 -7.48 -15.79 52.99
CA ILE D 70 -8.61 -15.43 52.14
C ILE D 70 -8.76 -13.92 52.14
N GLN D 71 -8.77 -13.33 50.94
CA GLN D 71 -8.97 -11.90 50.78
C GLN D 71 -10.16 -11.55 49.90
N ASN D 72 -10.61 -12.46 49.05
CA ASN D 72 -11.78 -12.20 48.21
C ASN D 72 -13.04 -12.17 49.06
N LEU D 73 -13.87 -11.15 48.84
CA LEU D 73 -15.12 -11.05 49.58
C LEU D 73 -16.05 -12.21 49.26
N THR D 74 -16.10 -12.63 47.99
CA THR D 74 -16.92 -13.77 47.60
C THR D 74 -16.48 -15.03 48.34
N VAL D 75 -15.19 -15.35 48.28
CA VAL D 75 -14.68 -16.55 48.92
C VAL D 75 -14.86 -16.46 50.43
N LYS D 76 -14.61 -15.28 51.00
CA LYS D 76 -14.78 -15.10 52.45
C LYS D 76 -16.23 -15.39 52.86
N LEU D 77 -17.19 -14.80 52.17
CA LEU D 77 -18.59 -15.01 52.51
C LEU D 77 -18.98 -16.47 52.35
N GLN D 78 -18.57 -17.09 51.24
CA GLN D 78 -18.95 -18.47 50.97
C GLN D 78 -18.36 -19.41 52.00
N LEU D 79 -17.12 -19.15 52.42
CA LEU D 79 -16.48 -20.01 53.42
C LEU D 79 -17.09 -19.79 54.81
N GLN D 80 -17.43 -18.54 55.15
CA GLN D 80 -17.90 -18.28 56.51
C GLN D 80 -19.35 -18.74 56.69
N ALA D 81 -20.18 -18.62 55.66
CA ALA D 81 -21.60 -18.96 55.82
C ALA D 81 -21.78 -20.42 56.18
N LEU D 82 -21.05 -21.31 55.52
CA LEU D 82 -21.15 -22.74 55.80
C LEU D 82 -20.53 -23.11 57.15
N GLN D 83 -19.65 -22.28 57.69
CA GLN D 83 -19.03 -22.58 58.98
C GLN D 83 -20.07 -22.57 60.10
N GLN D 84 -20.97 -21.60 60.10
CA GLN D 84 -21.95 -21.49 61.19
C GLN D 84 -23.34 -21.94 60.81
N ASN D 85 -23.78 -21.76 59.56
CA ASN D 85 -25.15 -22.14 59.23
C ASN D 85 -25.31 -23.64 59.05
N GLY D 86 -24.21 -24.39 58.96
CA GLY D 86 -24.28 -25.83 58.84
C GLY D 86 -23.64 -26.55 60.02
N SER D 87 -23.71 -25.93 61.20
CA SER D 87 -23.13 -26.52 62.40
C SER D 87 -23.78 -25.90 63.62
N SER D 88 -23.63 -26.58 64.75
CA SER D 88 -24.12 -26.09 66.04
C SER D 88 -23.02 -26.27 67.08
N VAL D 89 -23.03 -25.43 68.10
CA VAL D 89 -21.98 -25.43 69.11
C VAL D 89 -22.46 -26.15 70.36
N LEU D 90 -23.76 -26.15 70.60
CA LEU D 90 -24.31 -26.81 71.77
C LEU D 90 -24.15 -28.32 71.63
N SER D 91 -23.74 -28.96 72.74
CA SER D 91 -23.58 -30.41 72.75
C SER D 91 -24.95 -31.07 72.63
N GLU D 92 -24.94 -32.41 72.56
CA GLU D 92 -26.18 -33.16 72.37
C GLU D 92 -27.14 -32.92 73.52
N ASP D 93 -26.65 -32.93 74.75
CA ASP D 93 -27.51 -32.76 75.92
C ASP D 93 -28.20 -31.40 75.91
N LYS D 94 -27.59 -30.39 75.32
CA LYS D 94 -28.18 -29.06 75.23
C LYS D 94 -28.88 -28.80 73.89
N SER D 95 -28.30 -29.27 72.78
CA SER D 95 -28.93 -29.06 71.48
C SER D 95 -30.27 -29.80 71.39
N LYS D 96 -30.31 -31.03 71.90
CA LYS D 96 -31.56 -31.78 71.87
C LYS D 96 -32.65 -31.07 72.68
N ARG D 97 -32.29 -30.56 73.86
CA ARG D 97 -33.26 -29.83 74.67
C ARG D 97 -33.70 -28.54 73.99
N LEU D 98 -32.77 -27.84 73.33
CA LEU D 98 -33.13 -26.62 72.63
C LEU D 98 -34.12 -26.92 71.50
N ASN D 99 -33.87 -27.96 70.72
CA ASN D 99 -34.78 -28.34 69.66
C ASN D 99 -36.14 -28.76 70.22
N THR D 100 -36.14 -29.51 71.32
CA THR D 100 -37.39 -29.93 71.94
C THR D 100 -38.19 -28.73 72.43
N ILE D 101 -37.51 -27.75 73.03
CA ILE D 101 -38.21 -26.57 73.51
C ILE D 101 -38.77 -25.76 72.34
N LEU D 102 -38.03 -25.66 71.24
CA LEU D 102 -38.55 -24.98 70.05
C LEU D 102 -39.79 -25.68 69.52
N ASN D 103 -39.74 -27.01 69.43
CA ASN D 103 -40.89 -27.76 68.93
C ASN D 103 -42.10 -27.61 69.85
N THR D 104 -41.87 -27.66 71.16
CA THR D 104 -42.97 -27.50 72.11
C THR D 104 -43.55 -26.08 72.05
N MET D 105 -42.69 -25.08 71.87
CA MET D 105 -43.18 -23.71 71.73
C MET D 105 -44.08 -23.58 70.50
N SER D 106 -43.63 -24.13 69.37
CA SER D 106 -44.44 -24.07 68.16
C SER D 106 -45.76 -24.82 68.35
N THR D 107 -45.71 -26.00 68.98
CA THR D 107 -46.91 -26.78 69.19
C THR D 107 -47.91 -26.05 70.09
N ILE D 108 -47.42 -25.48 71.20
CA ILE D 108 -48.30 -24.80 72.13
C ILE D 108 -48.89 -23.54 71.51
N TYR D 109 -48.10 -22.84 70.69
CA TYR D 109 -48.66 -21.71 69.95
C TYR D 109 -49.74 -22.16 68.99
N SER D 110 -49.53 -23.29 68.31
CA SER D 110 -50.51 -23.78 67.36
C SER D 110 -51.65 -24.52 68.04
N THR D 111 -51.33 -25.59 68.78
CA THR D 111 -52.36 -26.41 69.40
C THR D 111 -53.09 -25.65 70.51
N GLY D 112 -52.34 -25.01 71.41
CA GLY D 112 -52.94 -24.22 72.46
C GLY D 112 -53.76 -23.07 71.90
N LYS D 113 -55.00 -22.93 72.37
CA LYS D 113 -55.90 -21.93 71.83
C LYS D 113 -57.06 -21.71 72.80
N VAL D 114 -57.79 -20.62 72.58
CA VAL D 114 -59.00 -20.30 73.34
C VAL D 114 -60.07 -19.92 72.33
N CYS D 115 -61.32 -19.88 72.80
CA CYS D 115 -62.45 -19.61 71.92
C CYS D 115 -63.50 -18.84 72.72
N ASN D 116 -64.74 -18.85 72.21
CA ASN D 116 -65.87 -18.09 72.72
C ASN D 116 -65.99 -18.16 74.24
N PRO D 117 -66.42 -17.08 74.90
CA PRO D 117 -66.42 -17.05 76.37
C PRO D 117 -67.44 -18.01 76.95
N ASP D 118 -66.95 -18.99 77.70
CA ASP D 118 -67.78 -19.93 78.46
C ASP D 118 -68.76 -20.66 77.54
N ASN D 119 -68.20 -21.37 76.57
CA ASN D 119 -69.00 -22.16 75.64
C ASN D 119 -68.18 -23.31 75.06
N PRO D 120 -68.54 -24.57 75.36
CA PRO D 120 -67.86 -25.73 74.79
C PRO D 120 -68.35 -26.10 73.39
N GLN D 121 -68.46 -25.10 72.52
CA GLN D 121 -68.91 -25.28 71.15
C GLN D 121 -67.70 -25.27 70.22
N GLU D 122 -67.97 -25.24 68.91
CA GLU D 122 -66.89 -25.16 67.93
C GLU D 122 -66.06 -23.91 68.18
N CYS D 123 -64.75 -24.09 68.25
CA CYS D 123 -63.81 -23.02 68.58
C CYS D 123 -63.02 -22.60 67.35
N LEU D 124 -62.30 -21.49 67.51
CA LEU D 124 -61.49 -20.92 66.43
C LEU D 124 -60.13 -20.52 67.00
N LEU D 125 -59.13 -20.50 66.12
CA LEU D 125 -57.77 -20.17 66.50
C LEU D 125 -57.63 -18.66 66.66
N LEU D 126 -56.40 -18.18 66.84
CA LEU D 126 -56.17 -16.76 67.06
C LEU D 126 -56.60 -15.95 65.84
N GLU D 127 -55.93 -16.14 64.71
CA GLU D 127 -56.27 -15.38 63.51
C GLU D 127 -57.69 -15.62 63.02
N PRO D 128 -58.20 -16.87 62.93
CA PRO D 128 -59.58 -17.03 62.44
C PRO D 128 -60.63 -16.37 63.33
N GLY D 129 -60.60 -16.61 64.63
CA GLY D 129 -61.68 -16.14 65.49
C GLY D 129 -61.30 -15.14 66.56
N LEU D 130 -60.08 -15.22 67.09
CA LEU D 130 -59.70 -14.35 68.19
C LEU D 130 -59.09 -13.05 67.69
N ASN D 131 -58.00 -13.14 66.93
CA ASN D 131 -57.39 -11.96 66.35
C ASN D 131 -58.31 -11.29 65.34
N GLU D 132 -59.30 -12.02 64.81
CA GLU D 132 -60.31 -11.39 63.97
C GLU D 132 -61.17 -10.43 64.79
N ILE D 133 -61.61 -10.87 65.98
CA ILE D 133 -62.35 -9.98 66.86
C ILE D 133 -61.48 -8.82 67.31
N MET D 134 -60.21 -9.11 67.64
CA MET D 134 -59.30 -8.03 68.03
C MET D 134 -59.08 -7.04 66.90
N ALA D 135 -59.15 -7.49 65.65
CA ALA D 135 -58.81 -6.64 64.51
C ALA D 135 -59.99 -5.79 64.07
N ASN D 136 -61.07 -6.42 63.60
CA ASN D 136 -62.16 -5.70 62.95
C ASN D 136 -63.38 -5.51 63.85
N SER D 137 -63.73 -6.51 64.66
CA SER D 137 -64.89 -6.41 65.53
C SER D 137 -64.64 -5.37 66.61
N LEU D 138 -65.27 -4.20 66.48
CA LEU D 138 -65.08 -3.12 67.43
C LEU D 138 -66.06 -3.32 68.57
N ASP D 139 -65.61 -4.02 69.61
CA ASP D 139 -66.43 -4.28 70.79
C ASP D 139 -65.51 -4.38 71.99
N TYR D 140 -65.75 -3.54 72.99
CA TYR D 140 -64.84 -3.44 74.13
C TYR D 140 -64.74 -4.76 74.88
N ASN D 141 -65.89 -5.34 75.24
CA ASN D 141 -65.88 -6.52 76.10
C ASN D 141 -65.22 -7.72 75.42
N GLU D 142 -65.56 -7.97 74.15
CA GLU D 142 -65.02 -9.13 73.46
C GLU D 142 -63.52 -9.04 73.30
N ARG D 143 -63.03 -7.88 72.85
CA ARG D 143 -61.58 -7.70 72.68
C ARG D 143 -60.87 -7.78 74.02
N LEU D 144 -61.44 -7.16 75.06
CA LEU D 144 -60.82 -7.19 76.37
C LEU D 144 -60.72 -8.62 76.91
N TRP D 145 -61.78 -9.41 76.70
CA TRP D 145 -61.76 -10.80 77.17
C TRP D 145 -60.75 -11.64 76.38
N ALA D 146 -60.74 -11.49 75.05
CA ALA D 146 -59.84 -12.30 74.23
C ALA D 146 -58.37 -11.95 74.50
N TRP D 147 -58.10 -10.65 74.72
CA TRP D 147 -56.72 -10.18 74.92
C TRP D 147 -56.03 -10.87 76.09
N GLU D 148 -56.80 -11.38 77.05
CA GLU D 148 -56.23 -12.16 78.15
C GLU D 148 -56.51 -13.65 78.04
N SER D 149 -57.61 -14.05 77.41
CA SER D 149 -57.89 -15.47 77.25
C SER D 149 -56.85 -16.14 76.37
N TRP D 150 -56.46 -15.50 75.27
CA TRP D 150 -55.45 -16.10 74.39
C TRP D 150 -54.13 -16.28 75.11
N ARG D 151 -53.74 -15.30 75.94
CA ARG D 151 -52.46 -15.39 76.64
C ARG D 151 -52.53 -16.36 77.82
N SER D 152 -53.69 -16.47 78.48
CA SER D 152 -53.81 -17.45 79.55
C SER D 152 -53.89 -18.87 79.02
N GLU D 153 -54.33 -19.04 77.76
CA GLU D 153 -54.37 -20.36 77.16
C GLU D 153 -53.11 -20.69 76.36
N VAL D 154 -52.30 -19.70 76.00
CA VAL D 154 -51.10 -19.94 75.22
C VAL D 154 -49.87 -19.41 75.95
N GLY D 155 -49.84 -18.11 76.21
CA GLY D 155 -48.67 -17.50 76.81
C GLY D 155 -48.43 -17.87 78.26
N LYS D 156 -49.48 -18.28 78.97
CA LYS D 156 -49.34 -18.64 80.37
C LYS D 156 -48.38 -19.81 80.54
N GLN D 157 -48.71 -20.96 79.95
CA GLN D 157 -47.83 -22.12 80.02
C GLN D 157 -46.57 -21.94 79.20
N LEU D 158 -46.57 -21.04 78.22
CA LEU D 158 -45.38 -20.80 77.42
C LEU D 158 -44.37 -19.90 78.11
N ARG D 159 -44.77 -19.18 79.16
CA ARG D 159 -43.84 -18.29 79.85
C ARG D 159 -42.65 -19.04 80.44
N PRO D 160 -42.83 -20.13 81.22
CA PRO D 160 -41.63 -20.89 81.63
C PRO D 160 -40.91 -21.50 80.45
N LEU D 161 -41.65 -21.95 79.43
CA LEU D 161 -41.02 -22.47 78.23
C LEU D 161 -40.22 -21.39 77.51
N TYR D 162 -40.77 -20.18 77.41
CA TYR D 162 -40.03 -19.09 76.78
C TYR D 162 -38.79 -18.72 77.59
N GLU D 163 -38.90 -18.71 78.92
CA GLU D 163 -37.73 -18.42 79.75
C GLU D 163 -36.63 -19.46 79.54
N GLU D 164 -36.99 -20.74 79.56
CA GLU D 164 -36.00 -21.79 79.37
C GLU D 164 -35.41 -21.73 77.97
N TYR D 165 -36.23 -21.40 76.96
CA TYR D 165 -35.71 -21.25 75.61
C TYR D 165 -34.76 -20.07 75.51
N VAL D 166 -35.04 -18.96 76.19
CA VAL D 166 -34.13 -17.83 76.18
C VAL D 166 -32.79 -18.24 76.79
N VAL D 167 -32.83 -18.97 77.91
CA VAL D 167 -31.59 -19.40 78.55
C VAL D 167 -30.81 -20.34 77.62
N LEU D 168 -31.49 -21.30 76.99
CA LEU D 168 -30.81 -22.25 76.11
C LEU D 168 -30.24 -21.56 74.88
N LYS D 169 -30.99 -20.64 74.29
CA LYS D 169 -30.51 -19.91 73.11
C LYS D 169 -29.34 -19.02 73.47
N ASN D 170 -29.34 -18.42 74.67
CA ASN D 170 -28.18 -17.67 75.12
C ASN D 170 -26.97 -18.58 75.31
N GLU D 171 -27.19 -19.77 75.86
CA GLU D 171 -26.09 -20.72 75.99
C GLU D 171 -25.50 -21.05 74.62
N MET D 172 -26.36 -21.24 73.62
CA MET D 172 -25.87 -21.48 72.26
C MET D 172 -25.13 -20.26 71.72
N ALA D 173 -25.65 -19.06 71.97
CA ALA D 173 -25.11 -17.86 71.34
C ALA D 173 -23.75 -17.49 71.92
N ARG D 174 -23.62 -17.45 73.25
CA ARG D 174 -22.38 -16.94 73.84
C ARG D 174 -21.18 -17.87 73.66
N ALA D 175 -21.37 -19.07 73.11
CA ALA D 175 -20.28 -20.04 73.08
C ALA D 175 -19.19 -19.62 72.10
N ASN D 176 -19.50 -19.58 70.80
CA ASN D 176 -18.48 -19.29 69.80
C ASN D 176 -17.94 -17.87 69.91
N HIS D 177 -18.76 -16.88 69.56
CA HIS D 177 -18.34 -15.48 69.63
C HIS D 177 -19.39 -14.52 70.16
N TYR D 178 -20.68 -14.83 70.07
CA TYR D 178 -21.72 -13.86 70.33
C TYR D 178 -21.80 -13.53 71.82
N GLU D 179 -22.43 -12.40 72.12
CA GLU D 179 -22.70 -12.00 73.50
C GLU D 179 -24.15 -12.25 73.91
N ASP D 180 -25.03 -12.51 72.95
CA ASP D 180 -26.42 -12.84 73.22
C ASP D 180 -27.02 -13.38 71.92
N TYR D 181 -28.25 -13.88 72.01
CA TYR D 181 -28.94 -14.31 70.80
C TYR D 181 -29.39 -13.13 69.94
N GLY D 182 -29.51 -11.94 70.54
CA GLY D 182 -29.80 -10.75 69.76
C GLY D 182 -28.66 -10.33 68.85
N ASP D 183 -27.43 -10.73 69.18
CA ASP D 183 -26.31 -10.48 68.29
C ASP D 183 -26.44 -11.25 66.98
N TYR D 184 -27.12 -12.41 67.02
CA TYR D 184 -27.41 -13.15 65.80
C TYR D 184 -28.29 -12.34 64.87
N TRP D 185 -29.35 -11.74 65.41
CA TRP D 185 -30.29 -10.98 64.58
C TRP D 185 -29.73 -9.61 64.20
N ARG D 186 -28.82 -9.06 65.01
CA ARG D 186 -28.17 -7.81 64.66
C ARG D 186 -27.10 -7.99 63.60
N GLY D 187 -26.72 -9.21 63.28
CA GLY D 187 -25.74 -9.49 62.25
C GLY D 187 -26.27 -9.47 60.84
N ASP D 188 -27.56 -9.24 60.66
CA ASP D 188 -28.13 -9.17 59.31
C ASP D 188 -27.74 -7.89 58.58
N TYR D 189 -27.25 -6.88 59.30
CA TYR D 189 -26.87 -5.61 58.69
C TYR D 189 -25.46 -5.16 59.08
N GLU D 190 -24.66 -6.04 59.69
CA GLU D 190 -23.32 -5.66 60.07
C GLU D 190 -22.41 -5.61 58.85
N VAL D 191 -21.63 -4.54 58.73
CA VAL D 191 -20.71 -4.34 57.61
C VAL D 191 -19.33 -4.05 58.19
N ASN D 192 -18.32 -4.76 57.70
CA ASN D 192 -16.96 -4.60 58.18
C ASN D 192 -15.99 -4.84 57.03
N GLY D 193 -14.77 -4.31 57.20
CA GLY D 193 -13.70 -4.54 56.25
C GLY D 193 -13.59 -3.47 55.17
N VAL D 194 -14.65 -3.31 54.37
CA VAL D 194 -14.61 -2.38 53.25
C VAL D 194 -14.50 -0.95 53.76
N ASP D 195 -13.64 -0.17 53.12
CA ASP D 195 -13.46 1.23 53.51
C ASP D 195 -14.70 2.05 53.17
N GLY D 196 -15.04 2.97 54.06
CA GLY D 196 -16.21 3.81 53.89
C GLY D 196 -17.52 3.17 54.25
N TYR D 197 -17.53 1.87 54.56
CA TYR D 197 -18.75 1.15 54.95
C TYR D 197 -18.38 0.22 56.11
N ASP D 198 -18.53 0.73 57.33
CA ASP D 198 -18.26 -0.03 58.53
C ASP D 198 -19.41 0.16 59.51
N TYR D 199 -19.68 -0.89 60.29
CA TYR D 199 -20.83 -0.87 61.18
C TYR D 199 -20.52 -1.67 62.44
N SER D 200 -21.27 -1.38 63.50
CA SER D 200 -21.18 -2.10 64.75
C SER D 200 -22.59 -2.50 65.19
N ARG D 201 -22.70 -3.71 65.75
CA ARG D 201 -24.01 -4.21 66.17
C ARG D 201 -24.58 -3.38 67.31
N GLY D 202 -23.73 -2.91 68.22
CA GLY D 202 -24.21 -2.07 69.30
C GLY D 202 -24.76 -0.75 68.80
N GLN D 203 -24.16 -0.19 67.75
CA GLN D 203 -24.64 1.07 67.19
C GLN D 203 -26.00 0.92 66.50
N LEU D 204 -26.37 -0.30 66.09
CA LEU D 204 -27.68 -0.52 65.50
C LEU D 204 -28.80 -0.22 66.49
N ILE D 205 -28.61 -0.62 67.75
CA ILE D 205 -29.60 -0.32 68.78
C ILE D 205 -29.73 1.18 68.98
N GLU D 206 -28.61 1.89 68.97
CA GLU D 206 -28.64 3.35 69.07
C GLU D 206 -29.38 3.97 67.89
N ASP D 207 -29.16 3.44 66.69
CA ASP D 207 -29.88 3.94 65.51
C ASP D 207 -31.37 3.71 65.65
N VAL D 208 -31.77 2.53 66.13
CA VAL D 208 -33.20 2.25 66.31
C VAL D 208 -33.81 3.19 67.35
N GLU D 209 -33.08 3.43 68.45
CA GLU D 209 -33.57 4.36 69.46
C GLU D 209 -33.70 5.77 68.90
N HIS D 210 -32.73 6.20 68.09
CA HIS D 210 -32.79 7.53 67.49
C HIS D 210 -33.97 7.64 66.52
N THR D 211 -34.23 6.59 65.75
CA THR D 211 -35.39 6.60 64.86
C THR D 211 -36.69 6.66 65.64
N PHE D 212 -36.76 5.94 66.77
CA PHE D 212 -37.94 6.01 67.61
C PHE D 212 -38.12 7.42 68.16
N GLU D 213 -37.03 8.07 68.58
CA GLU D 213 -37.12 9.44 69.05
C GLU D 213 -37.57 10.38 67.94
N GLU D 214 -37.10 10.14 66.71
CA GLU D 214 -37.52 10.95 65.57
C GLU D 214 -39.00 10.79 65.28
N ILE D 215 -39.52 9.57 65.38
CA ILE D 215 -40.94 9.33 65.13
C ILE D 215 -41.82 9.72 66.30
N LYS D 216 -41.24 9.92 67.49
CA LYS D 216 -42.01 10.30 68.66
C LYS D 216 -42.87 11.54 68.48
N PRO D 217 -42.39 12.66 67.88
CA PRO D 217 -43.27 13.82 67.72
C PRO D 217 -44.52 13.53 66.90
N LEU D 218 -44.42 12.69 65.86
CA LEU D 218 -45.60 12.32 65.10
C LEU D 218 -46.46 11.31 65.87
N TYR D 219 -45.80 10.38 66.56
CA TYR D 219 -46.53 9.32 67.25
C TYR D 219 -47.33 9.85 68.43
N GLU D 220 -46.83 10.87 69.12
CA GLU D 220 -47.60 11.44 70.23
C GLU D 220 -48.87 12.11 69.73
N HIS D 221 -48.81 12.82 68.60
CA HIS D 221 -50.00 13.41 68.01
C HIS D 221 -50.98 12.33 67.55
N LEU D 222 -50.45 11.26 66.95
CA LEU D 222 -51.32 10.15 66.55
C LEU D 222 -51.98 9.51 67.77
N HIS D 223 -51.23 9.37 68.86
CA HIS D 223 -51.78 8.85 70.10
C HIS D 223 -52.87 9.77 70.66
N ALA D 224 -52.65 11.08 70.57
CA ALA D 224 -53.67 12.03 71.03
C ALA D 224 -54.96 11.88 70.23
N TYR D 225 -54.83 11.77 68.90
CA TYR D 225 -56.03 11.58 68.07
C TYR D 225 -56.74 10.28 68.41
N VAL D 226 -55.98 9.19 68.55
CA VAL D 226 -56.58 7.90 68.85
C VAL D 226 -57.28 7.93 70.21
N ARG D 227 -56.64 8.55 71.21
CA ARG D 227 -57.24 8.65 72.53
C ARG D 227 -58.50 9.50 72.51
N ALA D 228 -58.50 10.60 71.75
CA ALA D 228 -59.69 11.42 71.65
C ALA D 228 -60.84 10.64 71.01
N LYS D 229 -60.55 9.90 69.94
CA LYS D 229 -61.59 9.11 69.29
C LYS D 229 -62.09 7.99 70.20
N LEU D 230 -61.19 7.36 70.95
CA LEU D 230 -61.61 6.32 71.88
C LEU D 230 -62.48 6.89 73.00
N MET D 231 -62.12 8.06 73.52
CA MET D 231 -62.94 8.70 74.54
C MET D 231 -64.31 9.06 73.99
N ASN D 232 -64.36 9.53 72.73
CA ASN D 232 -65.65 9.80 72.10
C ASN D 232 -66.46 8.52 71.96
N ALA D 233 -65.82 7.41 71.61
CA ALA D 233 -66.53 6.16 71.40
C ALA D 233 -66.79 5.44 72.73
N TYR D 234 -65.77 5.32 73.58
CA TYR D 234 -65.87 4.61 74.85
C TYR D 234 -65.36 5.50 75.97
N PRO D 235 -66.17 6.45 76.45
CA PRO D 235 -65.75 7.29 77.58
C PRO D 235 -65.82 6.58 78.92
N SER D 236 -66.34 5.36 78.97
CA SER D 236 -66.51 4.66 80.25
C SER D 236 -65.16 4.35 80.89
N TYR D 237 -64.20 3.89 80.11
CA TYR D 237 -62.91 3.47 80.63
C TYR D 237 -61.76 4.38 80.22
N ILE D 238 -61.68 4.75 78.94
CA ILE D 238 -60.57 5.56 78.46
C ILE D 238 -60.64 6.94 79.07
N SER D 239 -59.51 7.41 79.62
CA SER D 239 -59.39 8.74 80.18
C SER D 239 -58.78 9.69 79.15
N PRO D 240 -59.14 10.98 79.19
CA PRO D 240 -58.59 11.93 78.21
C PRO D 240 -57.11 12.24 78.41
N ILE D 241 -56.50 11.75 79.48
CA ILE D 241 -55.09 12.01 79.77
C ILE D 241 -54.26 10.74 79.84
N GLY D 242 -54.87 9.57 79.66
CA GLY D 242 -54.18 8.31 79.79
C GLY D 242 -53.64 7.79 78.47
N CYS D 243 -53.27 6.51 78.47
CA CYS D 243 -52.73 5.85 77.31
C CYS D 243 -53.84 5.17 76.52
N LEU D 244 -53.48 4.35 75.54
CA LEU D 244 -54.45 3.63 74.72
C LEU D 244 -54.57 2.20 75.21
N PRO D 245 -55.76 1.71 75.55
CA PRO D 245 -55.92 0.29 75.88
C PRO D 245 -55.48 -0.58 74.72
N ALA D 246 -54.74 -1.65 75.04
CA ALA D 246 -54.12 -2.47 73.99
C ALA D 246 -55.15 -3.13 73.10
N HIS D 247 -56.32 -3.48 73.64
CA HIS D 247 -57.34 -4.14 72.83
C HIS D 247 -57.94 -3.21 71.79
N LEU D 248 -57.96 -1.90 72.05
CA LEU D 248 -58.55 -0.93 71.15
C LEU D 248 -57.50 -0.36 70.20
N LEU D 249 -56.78 -1.27 69.52
CA LEU D 249 -55.77 -0.90 68.54
C LEU D 249 -55.97 -1.60 67.21
N GLY D 250 -57.13 -2.20 66.98
CA GLY D 250 -57.37 -2.90 65.74
C GLY D 250 -56.61 -4.19 65.58
N ASP D 251 -56.16 -4.78 66.69
CA ASP D 251 -55.45 -6.06 66.72
C ASP D 251 -55.16 -6.37 68.18
N MET D 252 -54.63 -7.59 68.42
CA MET D 252 -54.27 -7.97 69.78
C MET D 252 -53.05 -7.19 70.25
N TRP D 253 -51.93 -7.35 69.55
CA TRP D 253 -50.75 -6.52 69.76
C TRP D 253 -50.70 -5.49 68.64
N GLY D 254 -50.68 -4.21 69.01
CA GLY D 254 -50.87 -3.15 68.03
C GLY D 254 -49.75 -3.00 67.02
N ARG D 255 -50.01 -3.45 65.79
CA ARG D 255 -49.12 -3.21 64.67
C ARG D 255 -49.79 -2.43 63.55
N PHE D 256 -50.93 -2.90 63.06
CA PHE D 256 -51.64 -2.27 61.95
C PHE D 256 -53.01 -1.85 62.44
N TRP D 257 -53.17 -0.56 62.71
CA TRP D 257 -54.44 -0.03 63.23
C TRP D 257 -55.36 0.41 62.09
N THR D 258 -55.59 -0.50 61.14
CA THR D 258 -56.40 -0.16 59.98
C THR D 258 -57.89 -0.06 60.33
N ASN D 259 -58.37 -0.93 61.22
CA ASN D 259 -59.75 -0.82 61.68
C ASN D 259 -59.89 0.30 62.70
N LEU D 260 -58.86 0.53 63.52
CA LEU D 260 -58.85 1.70 64.39
C LEU D 260 -58.85 2.99 63.58
N TYR D 261 -58.32 2.94 62.35
CA TYR D 261 -58.41 4.08 61.45
C TYR D 261 -59.85 4.44 61.12
N SER D 262 -60.73 3.43 61.00
CA SER D 262 -62.13 3.70 60.67
C SER D 262 -62.79 4.57 61.72
N LEU D 263 -62.54 4.30 63.00
CA LEU D 263 -63.06 5.15 64.06
C LEU D 263 -62.46 6.55 64.00
N THR D 264 -61.16 6.63 63.72
CA THR D 264 -60.46 7.92 63.63
C THR D 264 -60.48 8.46 62.20
N VAL D 265 -61.67 8.55 61.62
CA VAL D 265 -61.83 9.02 60.24
C VAL D 265 -61.70 10.53 60.20
N PRO D 266 -60.79 11.07 59.38
CA PRO D 266 -60.66 12.53 59.28
C PRO D 266 -61.84 13.19 58.59
N PHE D 267 -62.27 12.63 57.46
CA PHE D 267 -63.35 13.19 56.67
C PHE D 267 -64.35 12.11 56.31
N GLY D 268 -65.63 12.37 56.60
CA GLY D 268 -66.69 11.44 56.27
C GLY D 268 -67.14 11.46 54.82
N GLN D 269 -66.74 12.46 54.06
CA GLN D 269 -67.07 12.58 52.64
C GLN D 269 -65.94 12.11 51.75
N LYS D 270 -65.22 11.08 52.19
CA LYS D 270 -64.06 10.61 51.43
C LYS D 270 -64.49 9.99 50.12
N PRO D 271 -63.93 10.42 48.98
CA PRO D 271 -64.28 9.79 47.69
C PRO D 271 -63.77 8.36 47.58
N ASN D 272 -63.98 7.74 46.42
CA ASN D 272 -63.67 6.33 46.23
C ASN D 272 -62.24 6.17 45.74
N ILE D 273 -61.37 5.65 46.60
CA ILE D 273 -60.06 5.16 46.17
C ILE D 273 -60.02 3.66 46.00
N ASP D 274 -61.12 2.96 46.28
CA ASP D 274 -61.16 1.51 46.20
C ASP D 274 -61.38 1.07 44.75
N VAL D 275 -60.47 0.23 44.26
CA VAL D 275 -60.61 -0.39 42.94
C VAL D 275 -61.01 -1.84 43.04
N THR D 276 -61.38 -2.31 44.23
CA THR D 276 -61.89 -3.67 44.38
C THR D 276 -63.14 -3.88 43.55
N ASP D 277 -64.04 -2.89 43.55
CA ASP D 277 -65.21 -2.95 42.68
C ASP D 277 -64.79 -2.97 41.21
N ALA D 278 -63.77 -2.19 40.86
CA ALA D 278 -63.29 -2.16 39.48
C ALA D 278 -62.75 -3.51 39.03
N MET D 279 -62.32 -4.36 39.96
CA MET D 279 -61.89 -5.71 39.58
C MET D 279 -63.04 -6.49 38.95
N VAL D 280 -64.23 -6.41 39.56
CA VAL D 280 -65.41 -7.01 38.96
C VAL D 280 -65.85 -6.24 37.73
N ASP D 281 -65.75 -4.90 37.78
CA ASP D 281 -66.23 -4.08 36.67
C ASP D 281 -65.41 -4.32 35.41
N GLN D 282 -64.09 -4.42 35.54
CA GLN D 282 -63.19 -4.53 34.39
C GLN D 282 -62.75 -5.97 34.13
N ALA D 283 -63.45 -6.95 34.70
CA ALA D 283 -63.20 -8.37 34.45
C ALA D 283 -61.76 -8.75 34.81
N TRP D 284 -61.45 -8.63 36.11
CA TRP D 284 -60.13 -8.97 36.63
C TRP D 284 -60.18 -10.38 37.22
N ASP D 285 -59.23 -11.22 36.78
CA ASP D 285 -59.11 -12.57 37.33
C ASP D 285 -57.69 -12.81 37.81
N ALA D 286 -57.37 -14.06 38.17
CA ALA D 286 -56.07 -14.35 38.75
C ALA D 286 -54.94 -14.03 37.79
N GLN D 287 -55.12 -14.36 36.51
CA GLN D 287 -54.06 -14.13 35.53
C GLN D 287 -53.84 -12.64 35.30
N ARG D 288 -54.92 -11.88 35.13
CA ARG D 288 -54.77 -10.46 34.82
C ARG D 288 -54.15 -9.69 35.97
N ILE D 289 -54.49 -10.06 37.21
CA ILE D 289 -53.97 -9.33 38.36
C ILE D 289 -52.44 -9.35 38.35
N PHE D 290 -51.84 -10.41 37.82
CA PHE D 290 -50.40 -10.45 37.59
C PHE D 290 -49.99 -9.93 36.21
N LYS D 291 -50.88 -9.96 35.22
CA LYS D 291 -50.51 -9.53 33.88
C LYS D 291 -50.30 -8.03 33.81
N GLU D 292 -51.25 -7.23 34.33
CA GLU D 292 -50.95 -5.80 34.37
C GLU D 292 -49.80 -5.47 35.32
N ALA D 293 -49.58 -6.28 36.36
CA ALA D 293 -48.38 -6.08 37.18
C ALA D 293 -47.10 -6.28 36.37
N GLU D 294 -47.07 -7.31 35.52
CA GLU D 294 -45.93 -7.53 34.65
C GLU D 294 -45.78 -6.41 33.63
N LYS D 295 -46.89 -5.89 33.13
CA LYS D 295 -46.82 -4.75 32.21
C LYS D 295 -46.20 -3.53 32.90
N PHE D 296 -46.60 -3.26 34.14
CA PHE D 296 -46.01 -2.16 34.89
C PHE D 296 -44.52 -2.40 35.14
N PHE D 297 -44.15 -3.65 35.45
CA PHE D 297 -42.74 -3.97 35.67
C PHE D 297 -41.93 -3.78 34.40
N VAL D 298 -42.48 -4.14 33.25
CA VAL D 298 -41.79 -3.96 31.98
C VAL D 298 -41.66 -2.50 31.64
N SER D 299 -42.70 -1.71 31.93
CA SER D 299 -42.66 -0.28 31.67
C SER D 299 -41.58 0.43 32.48
N VAL D 300 -41.14 -0.17 33.60
CA VAL D 300 -40.03 0.38 34.38
C VAL D 300 -38.73 -0.35 34.11
N GLY D 301 -38.71 -1.27 33.15
CA GLY D 301 -37.50 -1.93 32.72
C GLY D 301 -37.31 -3.35 33.23
N LEU D 302 -38.13 -3.80 34.17
CA LEU D 302 -37.99 -5.14 34.72
C LEU D 302 -38.62 -6.16 33.78
N PRO D 303 -37.87 -7.15 33.30
CA PRO D 303 -38.45 -8.14 32.39
C PRO D 303 -39.46 -9.05 33.10
N ASN D 304 -40.39 -9.58 32.32
CA ASN D 304 -41.44 -10.43 32.86
C ASN D 304 -40.90 -11.83 33.15
N MET D 305 -41.77 -12.69 33.66
CA MET D 305 -41.43 -14.08 33.91
C MET D 305 -41.69 -14.92 32.67
N THR D 306 -41.11 -16.12 32.65
CA THR D 306 -41.30 -17.04 31.55
C THR D 306 -42.64 -17.74 31.65
N GLN D 307 -43.05 -18.36 30.55
CA GLN D 307 -44.29 -19.13 30.55
C GLN D 307 -44.19 -20.35 31.45
N GLY D 308 -42.98 -20.90 31.61
CA GLY D 308 -42.81 -22.00 32.55
C GLY D 308 -43.11 -21.62 33.97
N PHE D 309 -42.81 -20.37 34.36
CA PHE D 309 -43.19 -19.89 35.69
C PHE D 309 -44.70 -19.91 35.86
N TRP D 310 -45.43 -19.44 34.84
CA TRP D 310 -46.88 -19.41 34.91
C TRP D 310 -47.49 -20.80 34.85
N GLU D 311 -46.81 -21.76 34.25
CA GLU D 311 -47.28 -23.14 34.21
C GLU D 311 -46.89 -23.93 35.45
N ASN D 312 -46.15 -23.33 36.39
CA ASN D 312 -45.82 -23.96 37.65
C ASN D 312 -46.20 -23.11 38.85
N SER D 313 -46.96 -22.04 38.65
CA SER D 313 -47.35 -21.12 39.71
C SER D 313 -48.81 -21.33 40.07
N MET D 314 -49.09 -21.37 41.37
CA MET D 314 -50.45 -21.54 41.88
C MET D 314 -50.96 -20.17 42.33
N LEU D 315 -51.71 -19.51 41.46
CA LEU D 315 -52.28 -18.21 41.75
C LEU D 315 -53.64 -18.29 42.44
N THR D 316 -54.23 -19.47 42.54
CA THR D 316 -55.52 -19.67 43.16
C THR D 316 -55.45 -20.90 44.07
N ASP D 317 -56.04 -20.79 45.25
CA ASP D 317 -56.05 -21.91 46.18
C ASP D 317 -56.79 -23.09 45.56
N PRO D 318 -56.19 -24.28 45.53
CA PRO D 318 -56.88 -25.42 44.88
C PRO D 318 -58.17 -25.82 45.58
N GLY D 319 -58.15 -25.93 46.90
CA GLY D 319 -59.33 -26.38 47.62
C GLY D 319 -59.71 -27.78 47.19
N ASN D 320 -61.00 -27.95 46.87
CA ASN D 320 -61.53 -29.22 46.38
C ASN D 320 -61.21 -30.36 47.34
N VAL D 321 -60.37 -31.28 46.91
CA VAL D 321 -59.92 -32.39 47.75
C VAL D 321 -58.52 -32.14 48.28
N GLN D 322 -57.63 -31.60 47.45
CA GLN D 322 -56.25 -31.30 47.84
C GLN D 322 -56.19 -29.85 48.29
N LYS D 323 -56.39 -29.63 49.59
CA LYS D 323 -56.34 -28.29 50.13
C LYS D 323 -54.89 -27.80 50.23
N ALA D 324 -54.74 -26.49 50.35
CA ALA D 324 -53.43 -25.86 50.40
C ALA D 324 -53.53 -24.64 51.30
N VAL D 325 -52.53 -23.77 51.23
CA VAL D 325 -52.44 -22.58 52.07
C VAL D 325 -52.59 -21.34 51.19
N CYS D 326 -53.50 -20.45 51.60
CA CYS D 326 -53.75 -19.21 50.88
C CYS D 326 -52.79 -18.08 51.28
N HIS D 327 -51.87 -18.35 52.21
CA HIS D 327 -50.94 -17.33 52.65
C HIS D 327 -50.05 -16.90 51.49
N PRO D 328 -49.86 -15.59 51.26
CA PRO D 328 -49.05 -15.14 50.13
C PRO D 328 -47.59 -15.55 50.28
N THR D 329 -47.08 -16.31 49.31
CA THR D 329 -45.70 -16.77 49.33
C THR D 329 -45.24 -16.98 47.90
N ALA D 330 -44.18 -16.28 47.51
CA ALA D 330 -43.56 -16.47 46.20
C ALA D 330 -42.46 -17.52 46.32
N TRP D 331 -42.46 -18.48 45.40
CA TRP D 331 -41.59 -19.65 45.48
C TRP D 331 -40.52 -19.58 44.40
N ASP D 332 -39.25 -19.74 44.82
CA ASP D 332 -38.12 -19.91 43.91
C ASP D 332 -37.61 -21.33 44.11
N LEU D 333 -37.95 -22.22 43.19
CA LEU D 333 -37.60 -23.63 43.36
C LEU D 333 -36.13 -23.86 43.09
N GLY D 334 -35.52 -23.05 42.25
CA GLY D 334 -34.11 -23.20 41.91
C GLY D 334 -33.93 -23.56 40.45
N LYS D 335 -32.79 -23.13 39.90
CA LYS D 335 -32.47 -23.36 38.48
C LYS D 335 -33.55 -22.81 37.56
N GLY D 336 -34.01 -21.61 37.86
CA GLY D 336 -35.02 -20.96 37.05
C GLY D 336 -36.36 -21.66 37.04
N ASP D 337 -36.84 -22.04 38.22
CA ASP D 337 -38.11 -22.75 38.39
C ASP D 337 -39.01 -22.02 39.37
N PHE D 338 -39.13 -20.71 39.18
CA PHE D 338 -39.90 -19.88 40.11
C PHE D 338 -41.37 -20.29 40.11
N ARG D 339 -41.99 -20.22 41.28
CA ARG D 339 -43.38 -20.61 41.46
C ARG D 339 -44.05 -19.59 42.39
N ILE D 340 -45.30 -19.87 42.75
CA ILE D 340 -46.04 -19.01 43.69
C ILE D 340 -47.19 -19.82 44.26
N LEU D 341 -47.64 -19.44 45.45
CA LEU D 341 -48.78 -20.10 46.09
C LEU D 341 -49.51 -19.04 46.92
N MET D 342 -50.55 -18.46 46.35
CA MET D 342 -51.31 -17.41 47.00
C MET D 342 -52.67 -17.29 46.30
N CYS D 343 -53.44 -16.26 46.65
CA CYS D 343 -54.79 -16.08 46.16
C CYS D 343 -54.99 -14.65 45.68
N THR D 344 -55.58 -14.50 44.49
CA THR D 344 -55.93 -13.20 43.93
C THR D 344 -57.24 -13.36 43.17
N LYS D 345 -58.35 -12.93 43.77
CA LYS D 345 -59.64 -13.12 43.12
C LYS D 345 -60.34 -11.82 42.72
N VAL D 346 -60.73 -10.97 43.68
CA VAL D 346 -61.59 -9.83 43.33
C VAL D 346 -61.21 -8.53 44.02
N THR D 347 -60.06 -8.47 44.69
CA THR D 347 -59.80 -7.35 45.58
C THR D 347 -58.57 -6.56 45.15
N MET D 348 -58.55 -5.29 45.58
CA MET D 348 -57.37 -4.44 45.39
C MET D 348 -56.19 -4.92 46.20
N ASP D 349 -56.45 -5.49 47.39
CA ASP D 349 -55.38 -6.10 48.16
C ASP D 349 -54.71 -7.21 47.37
N ASP D 350 -55.47 -7.92 46.54
CA ASP D 350 -54.86 -8.90 45.64
C ASP D 350 -53.91 -8.23 44.67
N PHE D 351 -54.27 -7.06 44.15
CA PHE D 351 -53.40 -6.32 43.25
C PHE D 351 -52.11 -5.91 43.96
N LEU D 352 -52.23 -5.37 45.18
CA LEU D 352 -51.06 -4.96 45.93
C LEU D 352 -50.16 -6.15 46.28
N THR D 353 -50.76 -7.27 46.69
CA THR D 353 -49.97 -8.45 47.00
C THR D 353 -49.33 -9.03 45.75
N ALA D 354 -49.99 -8.93 44.61
CA ALA D 354 -49.40 -9.37 43.35
C ALA D 354 -48.16 -8.54 43.03
N HIS D 355 -48.25 -7.22 43.22
CA HIS D 355 -47.05 -6.39 43.04
C HIS D 355 -45.96 -6.76 44.03
N HIS D 356 -46.34 -7.03 45.28
CA HIS D 356 -45.38 -7.45 46.30
C HIS D 356 -44.62 -8.70 45.85
N GLU D 357 -45.37 -9.74 45.47
CA GLU D 357 -44.75 -11.00 45.06
C GLU D 357 -43.95 -10.84 43.78
N MET D 358 -44.45 -10.05 42.83
CA MET D 358 -43.73 -9.83 41.59
C MET D 358 -42.41 -9.11 41.83
N GLY D 359 -42.41 -8.11 42.71
CA GLY D 359 -41.17 -7.46 43.07
C GLY D 359 -40.17 -8.41 43.71
N HIS D 360 -40.66 -9.27 44.61
CA HIS D 360 -39.76 -10.26 45.22
C HIS D 360 -39.20 -11.21 44.18
N ILE D 361 -40.04 -11.68 43.26
CA ILE D 361 -39.59 -12.62 42.23
C ILE D 361 -38.56 -11.97 41.31
N GLN D 362 -38.81 -10.71 40.91
CA GLN D 362 -37.86 -10.01 40.07
C GLN D 362 -36.54 -9.77 40.79
N TYR D 363 -36.60 -9.43 42.08
CA TYR D 363 -35.38 -9.25 42.85
C TYR D 363 -34.57 -10.54 42.89
N ASP D 364 -35.24 -11.68 43.12
CA ASP D 364 -34.52 -12.95 43.14
C ASP D 364 -34.00 -13.31 41.76
N MET D 365 -34.74 -12.97 40.71
CA MET D 365 -34.31 -13.27 39.34
C MET D 365 -33.09 -12.47 38.94
N ALA D 366 -32.97 -11.23 39.42
CA ALA D 366 -31.93 -10.33 38.94
C ALA D 366 -30.53 -10.88 39.23
N TYR D 367 -30.31 -11.43 40.42
CA TYR D 367 -28.99 -11.94 40.79
C TYR D 367 -28.83 -13.42 40.49
N ALA D 368 -29.51 -13.93 39.47
CA ALA D 368 -29.37 -15.34 39.10
C ALA D 368 -27.96 -15.67 38.65
N ALA D 369 -27.27 -14.71 38.03
CA ALA D 369 -25.89 -14.93 37.60
C ALA D 369 -24.92 -15.01 38.76
N GLN D 370 -25.32 -14.57 39.95
CA GLN D 370 -24.45 -14.66 41.12
C GLN D 370 -24.30 -16.11 41.56
N PRO D 371 -23.22 -16.44 42.26
CA PRO D 371 -23.04 -17.81 42.75
C PRO D 371 -24.13 -18.19 43.73
N PHE D 372 -24.34 -19.51 43.85
CA PHE D 372 -25.42 -20.03 44.68
C PHE D 372 -25.29 -19.58 46.12
N LEU D 373 -24.09 -19.74 46.70
CA LEU D 373 -23.88 -19.32 48.09
C LEU D 373 -23.97 -17.81 48.25
N LEU D 374 -23.85 -17.05 47.17
CA LEU D 374 -24.05 -15.61 47.20
C LEU D 374 -25.46 -15.21 46.78
N ARG D 375 -26.35 -16.18 46.57
CA ARG D 375 -27.74 -15.85 46.27
C ARG D 375 -28.48 -15.27 47.47
N ASN D 376 -27.79 -15.05 48.60
CA ASN D 376 -28.37 -14.44 49.77
C ASN D 376 -28.30 -12.92 49.74
N GLY D 377 -28.19 -12.33 48.55
CA GLY D 377 -28.29 -10.88 48.42
C GLY D 377 -29.66 -10.34 48.76
N ALA D 378 -30.63 -11.23 48.95
CA ALA D 378 -31.98 -10.84 49.35
C ALA D 378 -31.95 -10.45 50.82
N ASN D 379 -31.43 -9.25 51.08
CA ASN D 379 -31.50 -8.69 52.42
C ASN D 379 -32.96 -8.53 52.82
N GLU D 380 -33.33 -9.13 53.94
CA GLU D 380 -34.74 -9.21 54.32
C GLU D 380 -35.38 -7.83 54.38
N GLY D 381 -34.68 -6.88 54.99
CA GLY D 381 -35.16 -5.50 54.98
C GLY D 381 -35.28 -4.95 53.58
N PHE D 382 -34.22 -5.11 52.78
CA PHE D 382 -34.24 -4.61 51.39
C PHE D 382 -35.27 -5.36 50.55
N HIS D 383 -35.37 -6.68 50.75
CA HIS D 383 -36.30 -7.48 49.97
C HIS D 383 -37.74 -7.07 50.24
N GLU D 384 -38.11 -6.97 51.52
CA GLU D 384 -39.46 -6.52 51.86
C GLU D 384 -39.68 -5.07 51.45
N ALA D 385 -38.63 -4.24 51.52
CA ALA D 385 -38.76 -2.85 51.10
C ALA D 385 -39.08 -2.75 49.62
N VAL D 386 -38.40 -3.54 48.79
CA VAL D 386 -38.69 -3.55 47.36
C VAL D 386 -40.12 -4.03 47.12
N GLY D 387 -40.51 -5.11 47.81
CA GLY D 387 -41.87 -5.61 47.65
C GLY D 387 -42.92 -4.59 48.02
N GLU D 388 -42.66 -3.81 49.07
CA GLU D 388 -43.61 -2.79 49.50
C GLU D 388 -43.61 -1.59 48.57
N ILE D 389 -42.44 -1.14 48.11
CA ILE D 389 -42.38 0.05 47.27
C ILE D 389 -43.03 -0.21 45.91
N MET D 390 -42.92 -1.42 45.38
CA MET D 390 -43.54 -1.68 44.08
C MET D 390 -45.06 -1.52 44.19
N SER D 391 -45.65 -2.08 45.25
CA SER D 391 -47.08 -1.91 45.49
C SER D 391 -47.44 -0.46 45.78
N LEU D 392 -46.58 0.25 46.52
CA LEU D 392 -46.86 1.65 46.83
C LEU D 392 -46.88 2.50 45.56
N SER D 393 -45.92 2.28 44.67
CA SER D 393 -45.87 3.03 43.42
C SER D 393 -47.04 2.66 42.52
N ALA D 394 -47.39 1.38 42.46
CA ALA D 394 -48.51 0.97 41.61
C ALA D 394 -49.86 1.34 42.20
N ALA D 395 -49.93 1.66 43.49
CA ALA D 395 -51.18 2.02 44.14
C ALA D 395 -51.55 3.49 43.98
N THR D 396 -50.68 4.29 43.35
CA THR D 396 -51.00 5.69 43.13
C THR D 396 -52.22 5.81 42.21
N PRO D 397 -53.17 6.70 42.51
CA PRO D 397 -54.36 6.81 41.68
C PRO D 397 -54.09 7.17 40.23
N LYS D 398 -52.98 7.85 39.93
CA LYS D 398 -52.66 8.18 38.54
C LYS D 398 -52.45 6.92 37.71
N HIS D 399 -51.71 5.95 38.25
CA HIS D 399 -51.48 4.70 37.53
C HIS D 399 -52.79 3.94 37.31
N LEU D 400 -53.64 3.90 38.33
CA LEU D 400 -54.92 3.22 38.20
C LEU D 400 -55.82 3.89 37.16
N LYS D 401 -55.83 5.23 37.15
CA LYS D 401 -56.63 5.95 36.15
C LYS D 401 -56.10 5.70 34.75
N SER D 402 -54.77 5.69 34.59
CA SER D 402 -54.19 5.42 33.28
C SER D 402 -54.52 4.00 32.81
N ILE D 403 -54.40 3.03 33.71
CA ILE D 403 -54.72 1.64 33.34
C ILE D 403 -56.23 1.48 33.17
N GLY D 404 -57.01 2.04 34.09
CA GLY D 404 -58.45 1.93 34.02
C GLY D 404 -59.10 1.49 35.33
N LEU D 405 -58.28 1.22 36.34
CA LEU D 405 -58.81 0.83 37.64
C LEU D 405 -59.61 1.96 38.29
N LEU D 406 -59.22 3.20 38.03
CA LEU D 406 -59.93 4.37 38.51
C LEU D 406 -60.35 5.24 37.31
N SER D 407 -60.90 6.41 37.60
CA SER D 407 -61.37 7.30 36.56
C SER D 407 -60.80 8.70 36.78
N PRO D 408 -60.59 9.45 35.69
CA PRO D 408 -60.09 10.83 35.84
C PRO D 408 -61.05 11.75 36.58
N ASP D 409 -62.34 11.39 36.66
CA ASP D 409 -63.29 12.24 37.37
C ASP D 409 -62.92 12.38 38.85
N PHE D 410 -62.53 11.28 39.49
CA PHE D 410 -62.09 11.33 40.87
C PHE D 410 -60.78 12.10 40.97
N GLN D 411 -60.70 13.02 41.93
CA GLN D 411 -59.56 13.91 42.07
C GLN D 411 -58.94 13.76 43.46
N GLU D 412 -57.67 14.13 43.56
CA GLU D 412 -56.91 14.04 44.81
C GLU D 412 -57.05 15.36 45.58
N ASP D 413 -58.24 15.54 46.15
CA ASP D 413 -58.51 16.71 46.98
C ASP D 413 -57.88 16.51 48.36
N ASN D 414 -58.07 17.50 49.24
CA ASN D 414 -57.48 17.43 50.57
C ASN D 414 -58.05 16.25 51.36
N GLU D 415 -59.36 16.01 51.25
CA GLU D 415 -59.96 14.90 51.99
C GLU D 415 -59.32 13.57 51.61
N THR D 416 -59.16 13.32 50.31
CA THR D 416 -58.62 12.04 49.87
C THR D 416 -57.19 11.85 50.36
N GLU D 417 -56.33 12.85 50.15
CA GLU D 417 -54.93 12.71 50.54
C GLU D 417 -54.80 12.53 52.04
N ILE D 418 -55.54 13.32 52.82
CA ILE D 418 -55.50 13.17 54.27
C ILE D 418 -55.96 11.77 54.66
N ASN D 419 -57.04 11.28 54.03
CA ASN D 419 -57.59 9.98 54.39
C ASN D 419 -56.58 8.86 54.14
N PHE D 420 -56.03 8.76 52.94
CA PHE D 420 -55.18 7.58 52.74
C PHE D 420 -53.81 7.75 53.40
N LEU D 421 -53.30 8.98 53.49
CA LEU D 421 -52.05 9.18 54.21
C LEU D 421 -52.19 8.82 55.68
N LEU D 422 -53.32 9.19 56.30
CA LEU D 422 -53.52 8.86 57.71
C LEU D 422 -53.83 7.38 57.88
N LYS D 423 -54.48 6.76 56.90
CA LYS D 423 -54.68 5.31 56.95
C LYS D 423 -53.36 4.57 56.92
N GLN D 424 -52.43 5.00 56.06
CA GLN D 424 -51.09 4.41 56.05
C GLN D 424 -50.32 4.72 57.32
N ALA D 425 -50.51 5.92 57.88
CA ALA D 425 -49.82 6.29 59.11
C ALA D 425 -50.26 5.40 60.27
N LEU D 426 -51.57 5.14 60.37
CA LEU D 426 -52.07 4.30 61.47
C LEU D 426 -51.52 2.88 61.43
N THR D 427 -50.96 2.45 60.31
CA THR D 427 -50.31 1.15 60.22
C THR D 427 -48.79 1.23 60.32
N ILE D 428 -48.19 2.35 59.92
CA ILE D 428 -46.74 2.50 59.96
C ILE D 428 -46.30 3.00 61.33
N VAL D 429 -46.75 4.21 61.70
CA VAL D 429 -46.46 4.76 63.00
C VAL D 429 -47.20 3.97 64.08
N GLY D 430 -48.24 3.23 63.71
CA GLY D 430 -48.89 2.34 64.67
C GLY D 430 -47.98 1.22 65.13
N THR D 431 -47.14 0.71 64.23
CA THR D 431 -46.26 -0.40 64.57
C THR D 431 -44.84 0.04 64.94
N LEU D 432 -44.42 1.24 64.55
CA LEU D 432 -43.03 1.64 64.80
C LEU D 432 -42.65 1.62 66.27
N PRO D 433 -43.37 2.29 67.19
CA PRO D 433 -42.95 2.22 68.59
C PRO D 433 -43.08 0.84 69.19
N PHE D 434 -44.14 0.10 68.83
CA PHE D 434 -44.28 -1.26 69.35
C PHE D 434 -43.16 -2.17 68.83
N THR D 435 -42.80 -2.02 67.55
CA THR D 435 -41.71 -2.82 67.00
C THR D 435 -40.39 -2.49 67.69
N TYR D 436 -40.12 -1.20 67.90
CA TYR D 436 -38.89 -0.82 68.59
C TYR D 436 -38.87 -1.36 70.01
N MET D 437 -39.99 -1.25 70.73
CA MET D 437 -40.05 -1.74 72.09
C MET D 437 -39.85 -3.25 72.15
N LEU D 438 -40.49 -3.99 71.24
CA LEU D 438 -40.31 -5.44 71.21
C LEU D 438 -38.88 -5.82 70.91
N GLU D 439 -38.27 -5.14 69.93
CA GLU D 439 -36.88 -5.45 69.57
C GLU D 439 -35.94 -5.18 70.74
N LYS D 440 -36.08 -4.01 71.39
CA LYS D 440 -35.22 -3.69 72.52
C LYS D 440 -35.45 -4.64 73.69
N TRP D 441 -36.72 -4.97 73.97
CA TRP D 441 -37.03 -5.87 75.06
C TRP D 441 -36.42 -7.24 74.84
N ARG D 442 -36.56 -7.79 73.63
CA ARG D 442 -36.00 -9.10 73.35
C ARG D 442 -34.48 -9.08 73.34
N TRP D 443 -33.89 -7.97 72.87
CA TRP D 443 -32.44 -7.83 72.93
C TRP D 443 -31.95 -7.86 74.38
N MET D 444 -32.64 -7.12 75.25
CA MET D 444 -32.25 -7.11 76.66
C MET D 444 -32.48 -8.47 77.32
N VAL D 445 -33.55 -9.16 76.95
CA VAL D 445 -33.83 -10.47 77.51
C VAL D 445 -32.74 -11.46 77.11
N PHE D 446 -32.39 -11.48 75.82
CA PHE D 446 -31.33 -12.37 75.36
C PHE D 446 -29.97 -11.96 75.93
N LYS D 447 -29.80 -10.68 76.28
CA LYS D 447 -28.61 -10.25 77.02
C LYS D 447 -28.70 -10.58 78.49
N GLY D 448 -29.87 -10.99 78.98
CA GLY D 448 -30.06 -11.32 80.38
C GLY D 448 -30.33 -10.14 81.29
N GLU D 449 -30.49 -8.93 80.74
CA GLU D 449 -30.70 -7.75 81.58
C GLU D 449 -32.04 -7.82 82.29
N ILE D 450 -33.10 -8.22 81.58
CA ILE D 450 -34.44 -8.28 82.16
C ILE D 450 -34.52 -9.49 83.09
N PRO D 451 -34.90 -9.30 84.35
CA PRO D 451 -35.05 -10.45 85.25
C PRO D 451 -36.16 -11.37 84.78
N LYS D 452 -35.96 -12.68 85.00
CA LYS D 452 -36.94 -13.66 84.57
C LYS D 452 -38.27 -13.53 85.32
N ASP D 453 -38.26 -12.88 86.48
CA ASP D 453 -39.47 -12.63 87.24
C ASP D 453 -40.03 -11.23 87.02
N GLN D 454 -39.42 -10.44 86.13
CA GLN D 454 -39.87 -9.08 85.86
C GLN D 454 -39.91 -8.79 84.37
N TRP D 455 -40.22 -9.81 83.56
CA TRP D 455 -40.35 -9.59 82.12
C TRP D 455 -41.50 -8.65 81.82
N MET D 456 -42.69 -8.97 82.33
CA MET D 456 -43.86 -8.14 82.07
C MET D 456 -43.75 -6.79 82.77
N LYS D 457 -43.04 -6.71 83.89
CA LYS D 457 -42.86 -5.43 84.57
C LYS D 457 -42.14 -4.44 83.66
N LYS D 458 -40.99 -4.83 83.12
CA LYS D 458 -40.27 -3.97 82.18
C LYS D 458 -41.06 -3.78 80.89
N TRP D 459 -41.75 -4.84 80.44
CA TRP D 459 -42.55 -4.74 79.23
C TRP D 459 -43.59 -3.64 79.34
N TRP D 460 -44.35 -3.63 80.44
CA TRP D 460 -45.38 -2.61 80.62
C TRP D 460 -44.78 -1.26 80.97
N GLU D 461 -43.64 -1.22 81.66
CA GLU D 461 -42.98 0.05 81.93
C GLU D 461 -42.60 0.74 80.63
N MET D 462 -42.10 -0.03 79.65
CA MET D 462 -41.82 0.54 78.34
C MET D 462 -43.09 0.80 77.53
N LYS D 463 -44.10 -0.05 77.67
CA LYS D 463 -45.34 0.13 76.91
C LYS D 463 -46.04 1.42 77.28
N ARG D 464 -46.09 1.73 78.58
CA ARG D 464 -46.79 2.94 79.01
C ARG D 464 -46.07 4.21 78.59
N GLU D 465 -44.73 4.19 78.53
CA GLU D 465 -43.96 5.38 78.20
C GLU D 465 -43.48 5.39 76.75
N ILE D 466 -42.73 4.37 76.35
CA ILE D 466 -42.20 4.33 74.99
C ILE D 466 -43.31 4.14 73.97
N VAL D 467 -44.21 3.19 74.23
CA VAL D 467 -45.31 2.93 73.31
C VAL D 467 -46.55 3.76 73.64
N GLY D 468 -46.69 4.21 74.88
CA GLY D 468 -47.90 4.93 75.27
C GLY D 468 -49.14 4.09 75.19
N VAL D 469 -49.03 2.79 75.46
CA VAL D 469 -50.17 1.87 75.45
C VAL D 469 -50.12 1.08 76.75
N VAL D 470 -51.24 1.09 77.47
CA VAL D 470 -51.35 0.42 78.76
C VAL D 470 -52.34 -0.74 78.62
N GLU D 471 -52.03 -1.84 79.30
CA GLU D 471 -52.82 -3.05 79.18
C GLU D 471 -54.25 -2.82 79.68
N PRO D 472 -55.28 -3.25 78.93
CA PRO D 472 -56.66 -3.08 79.39
C PRO D 472 -57.02 -3.96 80.58
N VAL D 473 -56.23 -4.99 80.87
CA VAL D 473 -56.46 -5.89 81.99
C VAL D 473 -55.14 -5.98 82.75
N PRO D 474 -55.13 -6.13 84.08
CA PRO D 474 -53.85 -6.17 84.79
C PRO D 474 -53.02 -7.40 84.45
N HIS D 475 -52.42 -7.39 83.27
CA HIS D 475 -51.49 -8.44 82.87
C HIS D 475 -50.26 -8.40 83.77
N ASP D 476 -49.77 -9.58 84.13
CA ASP D 476 -48.66 -9.69 85.06
C ASP D 476 -47.71 -10.77 84.56
N GLU D 477 -46.77 -11.17 85.42
CA GLU D 477 -45.70 -12.07 85.05
C GLU D 477 -46.19 -13.49 84.76
N THR D 478 -47.43 -13.81 85.11
CA THR D 478 -47.93 -15.17 84.92
C THR D 478 -47.96 -15.56 83.45
N TYR D 479 -48.43 -14.66 82.59
CA TYR D 479 -48.52 -14.94 81.17
C TYR D 479 -47.27 -14.41 80.46
N CYS D 480 -47.27 -14.46 79.13
CA CYS D 480 -46.15 -13.94 78.34
C CYS D 480 -46.70 -13.58 76.96
N ASP D 481 -46.93 -12.28 76.74
CA ASP D 481 -47.41 -11.82 75.45
C ASP D 481 -46.45 -12.13 74.30
N PRO D 482 -45.14 -11.86 74.40
CA PRO D 482 -44.25 -12.24 73.29
C PRO D 482 -44.25 -13.72 72.99
N ALA D 483 -44.33 -14.57 74.02
CA ALA D 483 -44.32 -16.01 73.81
C ALA D 483 -45.53 -16.51 73.04
N SER D 484 -46.63 -15.76 73.07
CA SER D 484 -47.84 -16.12 72.35
C SER D 484 -47.86 -15.59 70.93
N LEU D 485 -46.69 -15.31 70.35
CA LEU D 485 -46.58 -14.79 69.00
C LEU D 485 -46.02 -15.85 68.06
N PHE D 486 -46.42 -15.77 66.79
CA PHE D 486 -45.98 -16.75 65.81
C PHE D 486 -44.48 -16.68 65.57
N HIS D 487 -43.96 -15.47 65.33
CA HIS D 487 -42.53 -15.32 65.03
C HIS D 487 -41.67 -15.70 66.22
N VAL D 488 -42.08 -15.34 67.44
CA VAL D 488 -41.30 -15.65 68.62
C VAL D 488 -41.29 -17.16 68.87
N SER D 489 -42.46 -17.79 68.79
CA SER D 489 -42.53 -19.24 69.00
C SER D 489 -41.73 -19.99 67.94
N ASN D 490 -41.79 -19.53 66.70
CA ASN D 490 -40.99 -20.10 65.63
C ASN D 490 -39.56 -19.56 65.60
N ASP D 491 -39.20 -18.73 66.57
CA ASP D 491 -37.85 -18.15 66.69
C ASP D 491 -37.49 -17.35 65.43
N TYR D 492 -38.26 -16.29 65.20
CA TYR D 492 -38.07 -15.41 64.06
C TYR D 492 -37.78 -13.99 64.54
N SER D 493 -36.86 -13.33 63.86
CA SER D 493 -36.54 -11.94 64.19
C SER D 493 -37.66 -11.01 63.74
N PHE D 494 -37.75 -9.85 64.40
CA PHE D 494 -38.73 -8.84 64.06
C PHE D 494 -38.09 -7.50 63.70
N ILE D 495 -36.77 -7.40 63.74
CA ILE D 495 -36.09 -6.20 63.28
C ILE D 495 -36.28 -6.00 61.78
N ARG D 496 -36.70 -7.06 61.08
CA ARG D 496 -36.98 -6.95 59.65
C ARG D 496 -38.04 -5.88 59.37
N TYR D 497 -39.11 -5.88 60.17
CA TYR D 497 -40.19 -4.92 59.97
C TYR D 497 -39.71 -3.49 60.21
N TYR D 498 -38.99 -3.28 61.33
CA TYR D 498 -38.51 -1.94 61.65
C TYR D 498 -37.54 -1.43 60.58
N THR D 499 -36.64 -2.29 60.11
CA THR D 499 -35.70 -1.88 59.08
C THR D 499 -36.42 -1.56 57.78
N ARG D 500 -37.32 -2.45 57.34
CA ARG D 500 -38.02 -2.22 56.08
C ARG D 500 -38.92 -1.00 56.13
N THR D 501 -39.39 -0.62 57.33
CA THR D 501 -40.26 0.55 57.44
C THR D 501 -39.59 1.81 56.91
N LEU D 502 -38.32 2.01 57.26
CA LEU D 502 -37.56 3.13 56.71
C LEU D 502 -36.91 2.81 55.37
N TYR D 503 -36.59 1.54 55.12
CA TYR D 503 -35.96 1.16 53.85
C TYR D 503 -36.90 1.42 52.68
N GLN D 504 -38.19 1.12 52.85
CA GLN D 504 -39.13 1.34 51.76
C GLN D 504 -39.26 2.82 51.43
N PHE D 505 -39.30 3.68 52.44
CA PHE D 505 -39.40 5.11 52.18
C PHE D 505 -38.12 5.66 51.54
N GLN D 506 -36.96 5.14 51.99
CA GLN D 506 -35.70 5.52 51.33
C GLN D 506 -35.69 5.10 49.87
N PHE D 507 -36.15 3.89 49.59
CA PHE D 507 -36.22 3.42 48.21
C PHE D 507 -37.19 4.25 47.39
N GLN D 508 -38.34 4.61 47.97
CA GLN D 508 -39.33 5.40 47.26
C GLN D 508 -38.77 6.78 46.90
N GLU D 509 -38.13 7.45 47.87
CA GLU D 509 -37.58 8.77 47.59
C GLU D 509 -36.44 8.68 46.58
N ALA D 510 -35.62 7.63 46.67
CA ALA D 510 -34.56 7.45 45.69
C ALA D 510 -35.12 7.23 44.29
N LEU D 511 -36.19 6.45 44.18
CA LEU D 511 -36.81 6.22 42.87
C LEU D 511 -37.39 7.51 42.30
N CYS D 512 -38.08 8.29 43.14
CA CYS D 512 -38.64 9.55 42.68
C CYS D 512 -37.55 10.54 42.28
N GLN D 513 -36.43 10.55 43.01
CA GLN D 513 -35.33 11.44 42.66
C GLN D 513 -34.67 11.02 41.36
N ALA D 514 -34.40 9.72 41.21
CA ALA D 514 -33.74 9.24 39.99
C ALA D 514 -34.61 9.45 38.76
N ALA D 515 -35.91 9.16 38.88
CA ALA D 515 -36.82 9.35 37.77
C ALA D 515 -37.22 10.81 37.57
N LYS D 516 -36.88 11.69 38.52
CA LYS D 516 -37.24 13.10 38.46
C LYS D 516 -38.75 13.28 38.29
N HIS D 517 -39.52 12.45 38.99
CA HIS D 517 -40.97 12.52 38.91
C HIS D 517 -41.48 13.83 39.51
N GLU D 518 -42.51 14.39 38.89
CA GLU D 518 -43.12 15.63 39.34
C GLU D 518 -44.32 15.29 40.22
N GLY D 519 -44.18 15.49 41.52
CA GLY D 519 -45.25 15.20 42.46
C GLY D 519 -44.73 14.87 43.84
N PRO D 520 -45.64 14.78 44.81
CA PRO D 520 -45.24 14.47 46.19
C PRO D 520 -44.92 12.99 46.34
N LEU D 521 -44.31 12.66 47.49
CA LEU D 521 -43.96 11.28 47.78
C LEU D 521 -45.18 10.40 47.98
N HIS D 522 -46.35 10.98 48.23
CA HIS D 522 -47.58 10.21 48.36
C HIS D 522 -48.32 10.06 47.04
N LYS D 523 -47.81 10.67 45.97
CA LYS D 523 -48.40 10.54 44.64
C LYS D 523 -47.31 10.36 43.59
N CYS D 524 -46.31 9.54 43.90
CA CYS D 524 -45.18 9.30 43.00
C CYS D 524 -45.53 8.14 42.07
N ASP D 525 -45.80 8.46 40.80
CA ASP D 525 -46.15 7.47 39.78
C ASP D 525 -45.00 7.39 38.79
N ILE D 526 -44.35 6.23 38.73
CA ILE D 526 -43.19 6.03 37.88
C ILE D 526 -43.49 4.88 36.92
N SER D 527 -44.76 4.75 36.52
CA SER D 527 -45.18 3.63 35.69
C SER D 527 -44.41 3.59 34.37
N ASN D 528 -44.57 4.61 33.54
CA ASN D 528 -43.97 4.62 32.22
C ASN D 528 -42.55 5.20 32.21
N SER D 529 -42.01 5.56 33.37
CA SER D 529 -40.65 6.08 33.48
C SER D 529 -39.74 4.96 33.97
N THR D 530 -38.77 4.59 33.15
CA THR D 530 -37.83 3.52 33.47
C THR D 530 -36.45 4.04 33.86
N GLU D 531 -36.29 5.35 34.00
CA GLU D 531 -34.98 5.90 34.33
C GLU D 531 -34.53 5.45 35.72
N ALA D 532 -35.42 5.54 36.71
CA ALA D 532 -35.10 4.98 38.02
C ALA D 532 -35.07 3.46 37.97
N GLY D 533 -35.78 2.85 37.02
CA GLY D 533 -35.76 1.41 36.88
C GLY D 533 -34.40 0.86 36.54
N GLN D 534 -33.59 1.62 35.81
CA GLN D 534 -32.24 1.18 35.49
C GLN D 534 -31.39 1.03 36.74
N LYS D 535 -31.39 2.06 37.60
CA LYS D 535 -30.64 1.97 38.85
C LYS D 535 -31.23 0.91 39.77
N LEU D 536 -32.56 0.77 39.77
CA LEU D 536 -33.18 -0.27 40.56
C LEU D 536 -32.73 -1.66 40.10
N PHE D 537 -32.64 -1.87 38.79
CA PHE D 537 -32.18 -3.15 38.28
C PHE D 537 -30.70 -3.37 38.61
N ASN D 538 -29.90 -2.31 38.57
CA ASN D 538 -28.51 -2.44 38.99
C ASN D 538 -28.41 -2.91 40.44
N MET D 539 -29.17 -2.27 41.33
CA MET D 539 -29.18 -2.68 42.73
C MET D 539 -29.68 -4.11 42.88
N LEU D 540 -30.71 -4.47 42.09
CA LEU D 540 -31.25 -5.83 42.14
C LEU D 540 -30.20 -6.86 41.75
N ARG D 541 -29.45 -6.59 40.68
CA ARG D 541 -28.43 -7.53 40.21
C ARG D 541 -27.14 -7.45 41.01
N LEU D 542 -27.00 -6.47 41.91
CA LEU D 542 -25.81 -6.41 42.74
C LEU D 542 -25.64 -7.68 43.57
N GLY D 543 -26.73 -8.16 44.17
CA GLY D 543 -26.67 -9.41 44.93
C GLY D 543 -25.85 -9.27 46.20
N LYS D 544 -25.40 -10.41 46.71
CA LYS D 544 -24.53 -10.44 47.88
C LYS D 544 -23.06 -10.40 47.49
N SER D 545 -22.71 -9.43 46.64
CA SER D 545 -21.32 -9.20 46.27
C SER D 545 -20.78 -7.88 46.78
N GLU D 546 -21.65 -6.97 47.19
CA GLU D 546 -21.29 -5.68 47.78
C GLU D 546 -22.10 -5.47 49.04
N PRO D 547 -21.58 -4.68 49.99
CA PRO D 547 -22.36 -4.37 51.19
C PRO D 547 -23.62 -3.61 50.85
N TRP D 548 -24.68 -3.88 51.62
CA TRP D 548 -25.95 -3.19 51.41
C TRP D 548 -25.82 -1.69 51.63
N THR D 549 -24.88 -1.28 52.48
CA THR D 549 -24.64 0.16 52.67
C THR D 549 -24.11 0.80 51.38
N LEU D 550 -23.25 0.08 50.65
CA LEU D 550 -22.75 0.61 49.39
C LEU D 550 -23.88 0.77 48.38
N ALA D 551 -24.78 -0.22 48.29
CA ALA D 551 -25.92 -0.11 47.39
C ALA D 551 -26.84 1.03 47.80
N LEU D 552 -27.06 1.21 49.10
CA LEU D 552 -27.88 2.32 49.57
C LEU D 552 -27.25 3.66 49.22
N GLU D 553 -25.93 3.77 49.36
CA GLU D 553 -25.24 5.00 48.99
C GLU D 553 -25.36 5.26 47.49
N ASN D 554 -25.23 4.20 46.67
CA ASN D 554 -25.34 4.38 45.23
C ASN D 554 -26.76 4.73 44.80
N VAL D 555 -27.77 4.29 45.55
CA VAL D 555 -29.16 4.53 45.17
C VAL D 555 -29.74 5.67 46.00
N VAL D 556 -29.79 5.48 47.32
CA VAL D 556 -30.38 6.49 48.21
C VAL D 556 -29.36 7.58 48.50
N GLY D 557 -28.16 7.20 48.92
CA GLY D 557 -27.14 8.16 49.28
C GLY D 557 -26.73 8.08 50.73
N ALA D 558 -27.70 7.86 51.62
CA ALA D 558 -27.43 7.75 53.04
C ALA D 558 -27.13 6.29 53.37
N LYS D 559 -25.98 6.05 54.01
CA LYS D 559 -25.61 4.69 54.38
C LYS D 559 -26.59 4.10 55.40
N ASN D 560 -27.00 4.90 56.37
CA ASN D 560 -27.94 4.48 57.40
C ASN D 560 -29.36 4.89 57.01
N MET D 561 -30.33 4.23 57.64
CA MET D 561 -31.73 4.55 57.38
C MET D 561 -32.06 5.95 57.85
N ASN D 562 -32.97 6.61 57.13
CA ASN D 562 -33.35 7.98 57.43
C ASN D 562 -34.87 8.09 57.47
N VAL D 563 -35.38 8.92 58.38
CA VAL D 563 -36.81 9.13 58.53
C VAL D 563 -37.31 10.28 57.67
N ARG D 564 -36.41 11.10 57.11
CA ARG D 564 -36.83 12.22 56.27
C ARG D 564 -37.74 11.81 55.11
N PRO D 565 -37.50 10.71 54.40
CA PRO D 565 -38.51 10.27 53.41
C PRO D 565 -39.88 10.05 54.02
N LEU D 566 -39.94 9.48 55.22
CA LEU D 566 -41.21 9.37 55.92
C LEU D 566 -41.74 10.74 56.31
N LEU D 567 -40.84 11.65 56.69
CA LEU D 567 -41.27 12.97 57.15
C LEU D 567 -41.94 13.77 56.03
N ASN D 568 -41.29 13.85 54.87
CA ASN D 568 -41.89 14.59 53.76
C ASN D 568 -42.92 13.78 53.00
N TYR D 569 -42.97 12.46 53.20
CA TYR D 569 -44.07 11.67 52.64
C TYR D 569 -45.37 11.94 53.38
N PHE D 570 -45.27 12.19 54.70
CA PHE D 570 -46.44 12.45 55.54
C PHE D 570 -46.68 13.93 55.77
N GLU D 571 -45.89 14.81 55.15
CA GLU D 571 -46.04 16.25 55.40
C GLU D 571 -47.42 16.79 55.02
N PRO D 572 -47.97 16.48 53.84
CA PRO D 572 -49.36 16.91 53.58
C PRO D 572 -50.34 16.35 54.60
N LEU D 573 -50.12 15.11 55.04
CA LEU D 573 -50.88 14.60 56.17
C LEU D 573 -50.56 15.36 57.45
N PHE D 574 -49.29 15.67 57.66
CA PHE D 574 -48.86 16.35 58.88
C PHE D 574 -49.56 17.70 59.06
N THR D 575 -49.87 18.37 57.95
CA THR D 575 -50.55 19.67 58.03
C THR D 575 -51.88 19.55 58.75
N TRP D 576 -52.70 18.57 58.35
CA TRP D 576 -53.98 18.34 59.04
C TRP D 576 -53.78 17.65 60.38
N LEU D 577 -52.71 16.86 60.51
CA LEU D 577 -52.45 16.13 61.75
C LEU D 577 -52.17 17.09 62.90
N LYS D 578 -51.44 18.18 62.63
CA LYS D 578 -51.13 19.14 63.67
C LYS D 578 -52.39 19.80 64.23
N ASP D 579 -53.34 20.14 63.35
CA ASP D 579 -54.52 20.91 63.77
C ASP D 579 -55.39 20.13 64.75
N GLN D 580 -55.58 18.84 64.51
CA GLN D 580 -56.54 18.04 65.26
C GLN D 580 -55.94 17.36 66.49
N ASN D 581 -54.67 17.61 66.80
CA ASN D 581 -54.01 16.91 67.89
C ASN D 581 -53.52 17.81 69.02
N LYS D 582 -53.19 19.07 68.73
CA LYS D 582 -52.78 19.97 69.80
C LYS D 582 -53.92 20.31 70.75
N ASN D 583 -55.17 20.12 70.32
CA ASN D 583 -56.31 20.36 71.20
C ASN D 583 -56.32 19.40 72.38
N SER D 584 -56.04 18.13 72.12
CA SER D 584 -56.00 17.12 73.17
C SER D 584 -54.63 17.08 73.84
N PHE D 585 -54.55 16.35 74.95
CA PHE D 585 -53.29 16.21 75.67
C PHE D 585 -52.30 15.41 74.84
N VAL D 586 -51.14 16.02 74.55
CA VAL D 586 -50.15 15.35 73.70
C VAL D 586 -49.54 14.16 74.43
N GLY D 587 -49.47 14.21 75.75
CA GLY D 587 -48.89 13.12 76.54
C GLY D 587 -49.92 12.08 76.92
N TRP D 588 -49.49 11.18 77.80
CA TRP D 588 -50.36 10.12 78.29
C TRP D 588 -49.98 9.81 79.73
N SER D 589 -50.93 9.24 80.47
CA SER D 589 -50.76 8.90 81.88
C SER D 589 -50.34 7.44 81.98
N THR D 590 -49.08 7.21 82.34
CA THR D 590 -48.59 5.85 82.51
C THR D 590 -49.28 5.16 83.69
N ASP D 591 -49.51 5.90 84.78
CA ASP D 591 -50.12 5.30 85.96
C ASP D 591 -51.57 4.90 85.71
N TRP D 592 -52.29 5.65 84.88
CA TRP D 592 -53.69 5.34 84.62
C TRP D 592 -53.81 4.01 83.88
N SER D 593 -54.88 3.28 84.20
CA SER D 593 -55.16 1.99 83.59
C SER D 593 -56.60 1.96 83.08
N PRO D 594 -56.84 1.27 81.96
CA PRO D 594 -58.22 1.18 81.44
C PRO D 594 -59.17 0.47 82.40
N TYR D 595 -58.67 -0.50 83.17
CA TYR D 595 -59.51 -1.24 84.11
C TYR D 595 -59.71 -0.44 85.39
N ALA D 596 -60.26 0.76 85.23
CA ALA D 596 -60.52 1.69 86.32
C ALA D 596 -59.25 1.98 87.12
#